data_8A7E
#
_entry.id   8A7E
#
_cell.length_a   1.00
_cell.length_b   1.00
_cell.length_c   1.00
_cell.angle_alpha   90.00
_cell.angle_beta   90.00
_cell.angle_gamma   90.00
#
_symmetry.space_group_name_H-M   'P 1'
#
loop_
_entity.id
_entity.type
_entity.pdbx_description
1 polymer Stanniocalcin-2
2 polymer Pappalysin-1
3 non-polymer 'ZINC ION'
4 non-polymer 'CALCIUM ION'
#
loop_
_entity_poly.entity_id
_entity_poly.type
_entity_poly.pdbx_seq_one_letter_code
_entity_poly.pdbx_strand_id
1 'polypeptide(L)'
;RLSLQNTAEIQHCLVNAGDVGCGVFECFENNSCEIRGLHGICMTFLHNAGKFDAQGKSFIKDALKCKAHALRHRFGCISR
KCPAIREMVSQLQRECYLKHDLCAAAQENTRVIVEMIHFKDLLLHEPYVDLVNLLLTCGEEVKEAITHSVQVQCEQNWGS
LCSILSFC
;
P,A
2 'polypeptide(L)'
;EARGATEEPSPPSRALYFSGRGEQLRLRADLELPRDAFTLQVWLRAEGGQRSPAVITGLYDKCSYISRDRGWVVGIHTIS
DQDNKDPRYFFSLKTDRARQVTTINAHRSYLPGQWVYLAATYDGQFMKLYVNGAQVATSGEQVGGIFSPLTQKCKVLMLG
GSALNHNYRGYIEHFSLWKVARTQREILSDMETHGAHTALPQLLLQENWDNVKHAWSPMKDGSSPKVEFSNAHGFLLDTS
LEPPLCGQTLCDNTEVIASYNQLSSFRQPKVVRYRVVNLYEDDHKNPTVTREQVDFQHHQLAEAFKQYNISWELDVLEVS
NSSLRRRLILANCDISKIGDENCDPECNHTLTGHDGGDCRHLRHPAFVKKQHNGVCDMDCNYERFNFDGGECCDPEITNV
TQTCFDPDSPHRAYLDVNELKNILKLDGSTHLNIFFAKSSEEELAGVATWPWDKEALMHLGGIVLNPSFYGMPGHTHTMI
HQIGHSLGLYHVFRGISEIQSCSDPCMETEPSFETGDLCNDTNPAPKHKSCGDPGPGNDTCGFHSFFNTPYNNFMSYADD
DCTDSFTPNQVARMHCYLDLVYQGWQPSRKPAPVALAPQVLGHTTDSVTLEWFPPIDGHFFERELGSACHLCLEGRILVQ
YASNASSPMPCSPSGHWSPREAEGHPDVEQPCKSSVRTWSPNSAVNPHTVPPACPEPQGCYLELEFLYPLVPESLTIWVT
FVSTDWDSSGAVNDIKLLAVSGKNISLGPQNVFCDVPLTIRLWDVGEEVYGIQIYTLDEHLEIDAAMLTSTADTPLCLQC
KPLKYKVVRDPPLQMDVASILHLNRKFVDMDLNLGSVYQYWVITISGTEESEPSPAVTYIHGSGYCGDGIIQKDQGEQCD
DMNKINGDGCSLFCRQEVSFNCIDEPSRCYFHDGDGVCEEFEQKTSIKDCGVYTPQGFLDQWASNASVSHQDQQCPGWVI
IGQPAASQVCRTKVIDLSEGISQHAWYPCTISYPYSQLAQTTFWLRAYFSQPMVAAAVIVHLVTDGTYYGDQKQETISVQ
LLDTKDQSHDLGLHVLSCRNNPLIIPVVHDLSQPFYHSQAVRVSFSSPLVAISGVALRSFDNFDPVTLSSCQRGETYSPA
EQSCVHFACEKTDCPELAVENASLNCSSSDRYHGAQCTVSCRTGYVLQIRRDDELIKSQTGPSVTVTCTEGKWNKQVACE
PVDCSIPDHHQVYAASFSCPEGTTFGSQCSFQCRHPAQLKGNNSLLTCMEDGLWSFPEALCELMCLAPPPVPNADLQTAR
CRENKHKVGSFCKYKCKPGYHVPGSSRKSKKRAFKTQCTQDGSWQEGACVPVTCDPPPPKFHGLYQCTNGFQFNSECRIK
CEDSDASQGLGSNVIHCRKDGTWNGSFHVCQEMQGQCSVPNELNSNLKLQCPDGYAIGSECATSCLDHNSESIILPMNVT
VRDIPHWLNPTRVERVVCTAGLKWYPHPALIHCVKGCEPFMGDNYCDAINNRAFCNYDGGDCCTSTVKTKKVTPFPMSCD
LQGDCACRDPQAQEHS
;
C,Q
#
# COMPACT_ATOMS: atom_id res chain seq x y z
N ARG A 1 -21.27 -9.03 -23.16
CA ARG A 1 -20.10 -9.27 -22.33
C ARG A 1 -20.11 -8.37 -21.10
N LEU A 2 -21.27 -7.80 -20.79
CA LEU A 2 -21.37 -6.92 -19.63
C LEU A 2 -21.20 -7.71 -18.34
N SER A 3 -20.48 -7.10 -17.39
CA SER A 3 -20.20 -7.78 -16.12
C SER A 3 -21.48 -7.96 -15.32
N LEU A 4 -21.58 -9.12 -14.66
CA LEU A 4 -22.77 -9.43 -13.88
C LEU A 4 -22.91 -8.50 -12.68
N GLN A 5 -21.80 -8.26 -11.97
CA GLN A 5 -21.84 -7.31 -10.86
C GLN A 5 -22.15 -5.90 -11.37
N ASN A 6 -21.68 -5.58 -12.58
CA ASN A 6 -22.06 -4.30 -13.19
C ASN A 6 -23.57 -4.25 -13.43
N THR A 7 -24.16 -5.36 -13.87
CA THR A 7 -25.60 -5.42 -14.04
C THR A 7 -26.31 -5.20 -12.71
N ALA A 8 -25.81 -5.84 -11.65
CA ALA A 8 -26.43 -5.69 -10.33
C ALA A 8 -26.36 -4.24 -9.85
N GLU A 9 -25.20 -3.61 -9.99
CA GLU A 9 -25.07 -2.24 -9.52
C GLU A 9 -25.88 -1.26 -10.37
N ILE A 10 -25.98 -1.51 -11.67
CA ILE A 10 -26.77 -0.60 -12.50
C ILE A 10 -28.26 -0.77 -12.22
N GLN A 11 -28.73 -1.99 -11.96
CA GLN A 11 -30.14 -2.12 -11.59
C GLN A 11 -30.40 -1.55 -10.20
N HIS A 12 -29.40 -1.58 -9.32
CA HIS A 12 -29.53 -0.88 -8.05
C HIS A 12 -29.68 0.62 -8.26
N CYS A 13 -28.87 1.19 -9.16
CA CYS A 13 -29.11 2.56 -9.62
C CYS A 13 -30.56 2.78 -10.02
N LEU A 14 -31.01 2.00 -11.01
CA LEU A 14 -32.32 2.27 -11.60
C LEU A 14 -33.45 2.12 -10.57
N VAL A 15 -33.32 1.16 -9.65
CA VAL A 15 -34.34 1.00 -8.62
C VAL A 15 -34.24 2.09 -7.55
N ASN A 16 -33.06 2.67 -7.34
CA ASN A 16 -32.88 3.70 -6.33
C ASN A 16 -32.87 5.11 -6.91
N ALA A 17 -32.02 5.38 -7.90
CA ALA A 17 -31.90 6.72 -8.43
C ALA A 17 -33.16 7.12 -9.20
N GLY A 18 -33.71 8.29 -8.87
CA GLY A 18 -34.91 8.74 -9.52
C GLY A 18 -34.65 9.24 -10.92
N ASP A 19 -35.70 9.22 -11.75
CA ASP A 19 -35.56 9.60 -13.15
C ASP A 19 -35.15 11.06 -13.29
N VAL A 20 -35.74 11.96 -12.50
CA VAL A 20 -35.37 13.36 -12.56
C VAL A 20 -33.95 13.51 -12.01
N GLY A 21 -33.08 14.17 -12.76
CA GLY A 21 -31.69 14.28 -12.40
C GLY A 21 -30.81 13.33 -13.19
N CYS A 22 -29.52 13.65 -13.21
CA CYS A 22 -28.55 12.91 -13.99
C CYS A 22 -27.97 11.69 -13.27
N GLY A 23 -28.34 11.45 -12.01
CA GLY A 23 -27.70 10.39 -11.23
C GLY A 23 -27.81 9.02 -11.88
N VAL A 24 -28.97 8.71 -12.44
CA VAL A 24 -29.13 7.48 -13.21
C VAL A 24 -28.07 7.44 -14.32
N PHE A 25 -28.03 8.49 -15.13
CA PHE A 25 -26.99 8.61 -16.15
C PHE A 25 -25.61 8.86 -15.55
N GLU A 26 -25.53 9.39 -14.33
CA GLU A 26 -24.23 9.45 -13.66
C GLU A 26 -23.62 8.07 -13.50
N CYS A 27 -24.41 7.10 -13.06
CA CYS A 27 -23.85 5.78 -12.79
C CYS A 27 -23.99 4.82 -13.97
N PHE A 28 -24.66 5.21 -15.06
CA PHE A 28 -24.50 4.44 -16.28
C PHE A 28 -23.07 4.48 -16.79
N GLU A 29 -22.30 5.49 -16.42
CA GLU A 29 -20.94 5.56 -16.91
C GLU A 29 -20.07 4.54 -16.17
N ASN A 30 -18.81 4.46 -16.60
CA ASN A 30 -17.83 3.52 -16.07
C ASN A 30 -18.25 2.07 -16.24
N ASN A 31 -19.08 1.79 -17.24
CA ASN A 31 -19.53 0.43 -17.49
C ASN A 31 -18.51 -0.33 -18.34
N SER A 32 -18.67 -1.66 -18.36
CA SER A 32 -17.77 -2.49 -19.16
C SER A 32 -17.96 -2.26 -20.64
N CYS A 33 -19.16 -1.85 -21.06
CA CYS A 33 -19.45 -1.64 -22.47
C CYS A 33 -18.78 -0.41 -23.05
N GLU A 34 -18.18 0.45 -22.22
CA GLU A 34 -17.45 1.63 -22.64
C GLU A 34 -18.34 2.61 -23.41
N ILE A 35 -19.66 2.52 -23.24
CA ILE A 35 -20.58 3.49 -23.83
C ILE A 35 -20.60 4.70 -22.89
N ARG A 36 -19.70 5.65 -23.14
CA ARG A 36 -19.45 6.75 -22.23
C ARG A 36 -20.11 8.03 -22.74
N GLY A 37 -19.94 9.10 -21.98
CA GLY A 37 -20.47 10.40 -22.35
C GLY A 37 -21.85 10.72 -21.80
N LEU A 38 -22.56 9.74 -21.26
CA LEU A 38 -23.87 10.03 -20.66
C LEU A 38 -23.74 11.02 -19.51
N HIS A 39 -22.71 10.85 -18.68
CA HIS A 39 -22.31 11.91 -17.76
C HIS A 39 -22.13 13.23 -18.49
N GLY A 40 -21.29 13.23 -19.53
CA GLY A 40 -21.07 14.45 -20.29
C GLY A 40 -22.34 14.96 -20.95
N ILE A 41 -23.14 14.05 -21.50
CA ILE A 41 -24.39 14.44 -22.14
C ILE A 41 -25.26 15.22 -21.16
N CYS A 42 -25.52 14.63 -20.00
CA CYS A 42 -26.48 15.22 -19.09
C CYS A 42 -25.91 16.50 -18.47
N MET A 43 -24.65 16.45 -18.03
CA MET A 43 -24.01 17.67 -17.51
C MET A 43 -24.02 18.80 -18.51
N THR A 44 -23.57 18.54 -19.75
CA THR A 44 -23.48 19.61 -20.74
C THR A 44 -24.85 20.19 -21.06
N PHE A 45 -25.84 19.32 -21.29
CA PHE A 45 -27.14 19.81 -21.68
C PHE A 45 -27.85 20.54 -20.54
N LEU A 46 -27.71 20.07 -19.30
CA LEU A 46 -28.33 20.79 -18.19
C LEU A 46 -27.59 22.06 -17.86
N HIS A 47 -26.27 22.11 -18.11
CA HIS A 47 -25.55 23.37 -18.00
C HIS A 47 -26.05 24.38 -19.03
N ASN A 48 -26.27 23.92 -20.25
CA ASN A 48 -26.71 24.78 -21.34
C ASN A 48 -28.23 24.81 -21.50
N ALA A 49 -28.96 24.18 -20.59
CA ALA A 49 -30.42 24.22 -20.66
C ALA A 49 -30.93 25.65 -20.49
N GLY A 50 -30.25 26.44 -19.65
CA GLY A 50 -30.62 27.85 -19.52
C GLY A 50 -30.44 28.61 -20.82
N LYS A 51 -29.37 28.32 -21.56
CA LYS A 51 -29.17 28.95 -22.86
C LYS A 51 -30.26 28.55 -23.84
N PHE A 52 -30.80 27.33 -23.71
CA PHE A 52 -31.96 26.95 -24.50
C PHE A 52 -33.14 27.82 -24.13
N ASP A 53 -33.97 28.13 -25.12
CA ASP A 53 -35.14 28.96 -24.90
C ASP A 53 -36.20 28.16 -24.14
N ALA A 54 -37.38 28.78 -23.96
CA ALA A 54 -38.45 28.11 -23.22
C ALA A 54 -38.87 26.81 -23.88
N GLN A 55 -39.02 26.83 -25.21
CA GLN A 55 -39.29 25.59 -25.93
C GLN A 55 -38.11 24.64 -25.81
N GLY A 56 -36.89 25.17 -25.83
CA GLY A 56 -35.72 24.33 -25.63
C GLY A 56 -35.69 23.69 -24.25
N LYS A 57 -36.04 24.46 -23.23
CA LYS A 57 -36.10 23.90 -21.87
C LYS A 57 -37.18 22.83 -21.76
N SER A 58 -38.35 23.08 -22.35
CA SER A 58 -39.41 22.07 -22.33
C SER A 58 -38.96 20.80 -23.04
N PHE A 59 -38.31 20.95 -24.20
CA PHE A 59 -37.84 19.79 -24.93
C PHE A 59 -36.78 19.03 -24.14
N ILE A 60 -35.85 19.74 -23.50
CA ILE A 60 -34.78 19.06 -22.79
C ILE A 60 -35.33 18.33 -21.57
N LYS A 61 -36.30 18.92 -20.88
CA LYS A 61 -36.94 18.23 -19.76
C LYS A 61 -37.66 16.97 -20.25
N ASP A 62 -38.42 17.09 -21.33
CA ASP A 62 -39.14 15.94 -21.86
C ASP A 62 -38.18 14.86 -22.31
N ALA A 63 -37.10 15.24 -22.98
CA ALA A 63 -36.13 14.26 -23.48
C ALA A 63 -35.41 13.56 -22.34
N LEU A 64 -35.03 14.31 -21.30
CA LEU A 64 -34.38 13.68 -20.16
C LEU A 64 -35.33 12.71 -19.45
N LYS A 65 -36.59 13.12 -19.28
CA LYS A 65 -37.56 12.22 -18.67
C LYS A 65 -37.75 10.96 -19.52
N CYS A 66 -37.86 11.13 -20.83
CA CYS A 66 -38.02 9.98 -21.71
C CYS A 66 -36.82 9.05 -21.64
N LYS A 67 -35.62 9.63 -21.67
CA LYS A 67 -34.41 8.80 -21.63
C LYS A 67 -34.34 8.01 -20.33
N ALA A 68 -34.56 8.67 -19.20
CA ALA A 68 -34.51 7.98 -17.92
C ALA A 68 -35.57 6.88 -17.85
N HIS A 69 -36.81 7.22 -18.18
CA HIS A 69 -37.92 6.26 -18.04
C HIS A 69 -37.74 5.08 -18.98
N ALA A 70 -37.41 5.34 -20.25
CA ALA A 70 -37.27 4.26 -21.22
C ALA A 70 -36.05 3.39 -20.91
N LEU A 71 -34.93 4.00 -20.49
CA LEU A 71 -33.77 3.20 -20.18
C LEU A 71 -33.96 2.42 -18.88
N ARG A 72 -34.85 2.88 -18.01
CA ARG A 72 -35.21 2.09 -16.83
C ARG A 72 -36.10 0.91 -17.21
N HIS A 73 -37.10 1.15 -18.06
CA HIS A 73 -38.10 0.12 -18.33
C HIS A 73 -37.57 -0.92 -19.30
N ARG A 74 -36.98 -0.48 -20.41
CA ARG A 74 -36.52 -1.37 -21.47
C ARG A 74 -35.23 -2.09 -21.13
N PHE A 75 -34.62 -1.79 -19.99
CA PHE A 75 -33.45 -2.54 -19.53
C PHE A 75 -33.87 -3.85 -18.88
N GLY A 76 -34.45 -4.74 -19.66
CA GLY A 76 -34.94 -6.01 -19.18
C GLY A 76 -34.23 -7.19 -19.80
N CYS A 77 -34.82 -7.74 -20.85
CA CYS A 77 -34.32 -8.93 -21.52
C CYS A 77 -33.19 -8.65 -22.48
N ILE A 78 -32.59 -7.47 -22.40
CA ILE A 78 -31.52 -7.16 -23.34
C ILE A 78 -30.35 -8.09 -23.05
N SER A 79 -29.75 -8.60 -24.13
CA SER A 79 -28.69 -9.58 -24.00
C SER A 79 -27.45 -8.94 -23.37
N ARG A 80 -26.57 -9.80 -22.85
CA ARG A 80 -25.34 -9.36 -22.21
C ARG A 80 -24.37 -8.70 -23.19
N LYS A 81 -24.59 -8.85 -24.49
CA LYS A 81 -23.66 -8.31 -25.47
C LYS A 81 -23.67 -6.79 -25.46
N CYS A 82 -22.48 -6.20 -25.33
CA CYS A 82 -22.36 -4.75 -25.34
C CYS A 82 -22.83 -4.10 -26.64
N PRO A 83 -22.54 -4.65 -27.84
CA PRO A 83 -23.13 -4.05 -29.04
C PRO A 83 -24.65 -3.98 -29.00
N ALA A 84 -25.30 -4.99 -28.43
CA ALA A 84 -26.75 -4.95 -28.26
C ALA A 84 -27.15 -3.83 -27.31
N ILE A 85 -26.37 -3.61 -26.25
CA ILE A 85 -26.64 -2.52 -25.32
C ILE A 85 -26.58 -1.18 -26.06
N ARG A 86 -25.52 -0.98 -26.85
CA ARG A 86 -25.38 0.25 -27.61
C ARG A 86 -26.51 0.42 -28.62
N GLU A 87 -26.91 -0.69 -29.25
CA GLU A 87 -27.98 -0.66 -30.24
C GLU A 87 -29.31 -0.24 -29.63
N MET A 88 -29.66 -0.83 -28.48
CA MET A 88 -30.91 -0.46 -27.83
C MET A 88 -30.85 0.96 -27.27
N VAL A 89 -29.67 1.37 -26.80
CA VAL A 89 -29.50 2.76 -26.36
C VAL A 89 -29.71 3.71 -27.52
N SER A 90 -29.22 3.35 -28.71
CA SER A 90 -29.42 4.17 -29.88
C SER A 90 -30.90 4.29 -30.22
N GLN A 91 -31.64 3.17 -30.16
CA GLN A 91 -33.08 3.25 -30.40
C GLN A 91 -33.77 4.14 -29.36
N LEU A 92 -33.38 4.03 -28.09
CA LEU A 92 -33.99 4.89 -27.08
C LEU A 92 -33.70 6.35 -27.35
N GLN A 93 -32.46 6.68 -27.71
CA GLN A 93 -32.12 8.06 -28.07
C GLN A 93 -32.98 8.54 -29.23
N ARG A 94 -33.05 7.73 -30.29
CA ARG A 94 -33.81 8.13 -31.48
C ARG A 94 -35.26 8.39 -31.13
N GLU A 95 -35.89 7.48 -30.38
CA GLU A 95 -37.29 7.64 -30.04
C GLU A 95 -37.52 8.89 -29.19
N CYS A 96 -36.71 9.06 -28.14
CA CYS A 96 -36.90 10.22 -27.26
C CYS A 96 -36.71 11.52 -28.02
N TYR A 97 -35.77 11.55 -28.96
CA TYR A 97 -35.54 12.79 -29.71
C TYR A 97 -36.64 13.03 -30.73
N LEU A 98 -37.12 11.98 -31.40
CA LEU A 98 -38.09 12.18 -32.47
C LEU A 98 -39.46 12.54 -31.92
N LYS A 99 -39.91 11.86 -30.87
CA LYS A 99 -41.25 12.14 -30.37
C LYS A 99 -41.30 13.34 -29.44
N HIS A 100 -40.16 13.96 -29.15
CA HIS A 100 -40.12 15.18 -28.36
C HIS A 100 -39.66 16.38 -29.17
N ASP A 101 -39.58 16.25 -30.50
CA ASP A 101 -39.38 17.37 -31.42
C ASP A 101 -38.05 18.08 -31.13
N LEU A 102 -36.97 17.33 -31.36
CA LEU A 102 -35.62 17.88 -31.21
C LEU A 102 -35.31 18.87 -32.32
N CYS A 103 -35.80 18.62 -33.54
CA CYS A 103 -35.38 19.41 -34.69
C CYS A 103 -35.83 20.87 -34.57
N ALA A 104 -37.03 21.10 -34.02
CA ALA A 104 -37.48 22.47 -33.86
C ALA A 104 -36.62 23.22 -32.85
N ALA A 105 -36.25 22.56 -31.74
CA ALA A 105 -35.30 23.15 -30.81
C ALA A 105 -33.96 23.40 -31.48
N ALA A 106 -33.60 22.57 -32.46
CA ALA A 106 -32.38 22.79 -33.22
C ALA A 106 -32.47 24.07 -34.04
N GLN A 107 -33.60 24.29 -34.72
CA GLN A 107 -33.80 25.56 -35.41
C GLN A 107 -33.76 26.74 -34.46
N GLU A 108 -34.43 26.62 -33.31
CA GLU A 108 -34.52 27.75 -32.40
C GLU A 108 -33.20 28.08 -31.72
N ASN A 109 -32.28 27.12 -31.63
CA ASN A 109 -31.01 27.32 -30.93
C ASN A 109 -29.87 26.74 -31.75
N THR A 110 -29.79 27.12 -33.03
CA THR A 110 -28.70 26.67 -33.88
C THR A 110 -27.35 27.04 -33.28
N ARG A 111 -27.21 28.30 -32.85
CA ARG A 111 -25.95 28.73 -32.26
C ARG A 111 -25.64 27.95 -30.98
N VAL A 112 -26.66 27.68 -30.17
CA VAL A 112 -26.44 26.99 -28.90
C VAL A 112 -25.98 25.55 -29.17
N ILE A 113 -26.68 24.84 -30.06
CA ILE A 113 -26.31 23.46 -30.36
C ILE A 113 -24.95 23.39 -31.03
N VAL A 114 -24.59 24.41 -31.81
CA VAL A 114 -23.22 24.52 -32.28
C VAL A 114 -22.26 24.70 -31.10
N GLU A 115 -22.69 25.42 -30.07
CA GLU A 115 -21.80 25.69 -28.95
C GLU A 115 -21.49 24.41 -28.17
N MET A 116 -22.50 23.58 -27.87
CA MET A 116 -22.22 22.39 -27.09
C MET A 116 -21.31 21.42 -27.81
N ILE A 117 -21.52 21.21 -29.11
CA ILE A 117 -20.83 20.12 -29.80
C ILE A 117 -19.33 20.44 -29.87
N HIS A 118 -18.52 19.55 -29.31
CA HIS A 118 -17.07 19.64 -29.34
C HIS A 118 -16.52 18.41 -30.03
N PHE A 119 -15.57 18.62 -30.95
CA PHE A 119 -15.13 17.54 -31.82
C PHE A 119 -14.56 16.36 -31.02
N LYS A 120 -13.85 16.65 -29.93
CA LYS A 120 -13.29 15.57 -29.11
C LYS A 120 -14.40 14.71 -28.53
N ASP A 121 -15.47 15.33 -28.02
CA ASP A 121 -16.57 14.58 -27.42
C ASP A 121 -17.35 13.82 -28.48
N LEU A 122 -17.50 14.39 -29.68
CA LEU A 122 -18.13 13.66 -30.77
C LEU A 122 -17.33 12.43 -31.15
N LEU A 123 -16.00 12.55 -31.20
CA LEU A 123 -15.16 11.41 -31.50
C LEU A 123 -15.23 10.35 -30.42
N LEU A 124 -15.25 10.77 -29.15
CA LEU A 124 -15.11 9.82 -28.06
C LEU A 124 -16.36 8.96 -27.87
N HIS A 125 -17.54 9.54 -27.93
CA HIS A 125 -18.75 8.89 -27.45
C HIS A 125 -19.79 8.74 -28.55
N GLU A 126 -20.44 7.58 -28.57
CA GLU A 126 -21.50 7.30 -29.55
C GLU A 126 -22.73 8.21 -29.42
N PRO A 127 -23.25 8.51 -28.22
CA PRO A 127 -24.49 9.32 -28.16
C PRO A 127 -24.38 10.66 -28.85
N TYR A 128 -23.22 11.32 -28.77
CA TYR A 128 -23.02 12.56 -29.51
C TYR A 128 -23.06 12.30 -31.01
N VAL A 129 -22.54 11.15 -31.45
CA VAL A 129 -22.62 10.78 -32.86
C VAL A 129 -24.08 10.62 -33.29
N ASP A 130 -24.89 9.97 -32.45
CA ASP A 130 -26.31 9.84 -32.76
C ASP A 130 -26.98 11.21 -32.82
N LEU A 131 -26.63 12.08 -31.89
CA LEU A 131 -27.20 13.43 -31.87
C LEU A 131 -26.88 14.18 -33.16
N VAL A 132 -25.62 14.15 -33.59
CA VAL A 132 -25.26 14.89 -34.80
C VAL A 132 -25.85 14.22 -36.03
N ASN A 133 -25.98 12.88 -36.03
CA ASN A 133 -26.63 12.20 -37.14
C ASN A 133 -28.08 12.66 -37.29
N LEU A 134 -28.79 12.78 -36.18
CA LEU A 134 -30.16 13.29 -36.26
C LEU A 134 -30.18 14.78 -36.58
N LEU A 135 -29.17 15.52 -36.14
CA LEU A 135 -29.09 16.95 -36.44
C LEU A 135 -28.97 17.19 -37.93
N LEU A 136 -28.17 16.36 -38.61
CA LEU A 136 -28.01 16.54 -40.06
C LEU A 136 -29.27 16.19 -40.83
N THR A 137 -30.27 15.60 -40.19
CA THR A 137 -31.57 15.37 -40.80
C THR A 137 -32.69 16.11 -40.03
N CYS A 138 -32.34 17.22 -39.40
CA CYS A 138 -33.29 18.08 -38.68
C CYS A 138 -33.19 19.51 -39.16
N GLY A 139 -33.22 19.71 -40.48
CA GLY A 139 -33.28 21.09 -40.97
C GLY A 139 -32.10 21.43 -41.86
N GLU A 140 -32.42 21.99 -43.03
CA GLU A 140 -31.38 22.31 -44.01
C GLU A 140 -30.41 23.37 -43.47
N GLU A 141 -30.96 24.46 -42.92
CA GLU A 141 -30.08 25.47 -42.33
C GLU A 141 -29.36 24.92 -41.10
N VAL A 142 -30.06 24.12 -40.30
CA VAL A 142 -29.44 23.55 -39.10
C VAL A 142 -28.38 22.53 -39.50
N LYS A 143 -28.66 21.67 -40.48
CA LYS A 143 -27.65 20.72 -40.90
C LYS A 143 -26.45 21.42 -41.53
N GLU A 144 -26.69 22.51 -42.25
CA GLU A 144 -25.58 23.28 -42.83
C GLU A 144 -24.73 23.90 -41.73
N ALA A 145 -25.36 24.48 -40.71
CA ALA A 145 -24.61 25.06 -39.60
C ALA A 145 -23.84 23.99 -38.84
N ILE A 146 -24.45 22.83 -38.64
CA ILE A 146 -23.77 21.73 -37.94
C ILE A 146 -22.58 21.25 -38.75
N THR A 147 -22.73 21.11 -40.07
CA THR A 147 -21.62 20.71 -40.91
C THR A 147 -20.50 21.73 -40.87
N HIS A 148 -20.84 23.02 -40.92
CA HIS A 148 -19.82 24.06 -40.84
C HIS A 148 -19.08 23.99 -39.51
N SER A 149 -19.82 23.83 -38.41
CA SER A 149 -19.19 23.77 -37.09
C SER A 149 -18.29 22.55 -36.97
N VAL A 150 -18.77 21.39 -37.40
CA VAL A 150 -17.98 20.17 -37.26
C VAL A 150 -16.75 20.24 -38.16
N GLN A 151 -16.88 20.87 -39.33
CA GLN A 151 -15.71 21.09 -40.17
C GLN A 151 -14.71 22.01 -39.48
N VAL A 152 -15.19 23.07 -38.83
CA VAL A 152 -14.29 24.00 -38.17
C VAL A 152 -13.51 23.32 -37.05
N GLN A 153 -14.23 22.63 -36.15
CA GLN A 153 -13.54 21.97 -35.05
C GLN A 153 -12.68 20.81 -35.53
N CYS A 154 -13.18 20.05 -36.50
CA CYS A 154 -12.43 18.96 -37.10
C CYS A 154 -11.10 19.44 -37.67
N GLU A 155 -11.14 20.52 -38.45
CA GLU A 155 -9.90 21.08 -39.01
C GLU A 155 -8.98 21.57 -37.89
N GLN A 156 -9.52 22.41 -36.98
CA GLN A 156 -8.67 23.02 -35.95
C GLN A 156 -8.10 21.99 -34.99
N ASN A 157 -8.66 20.78 -34.93
CA ASN A 157 -8.14 19.76 -34.04
C ASN A 157 -7.36 18.66 -34.77
N TRP A 158 -7.50 18.53 -36.09
CA TRP A 158 -6.90 17.42 -36.80
C TRP A 158 -5.96 17.84 -37.93
N GLY A 159 -5.80 19.15 -38.19
CA GLY A 159 -4.91 19.55 -39.27
C GLY A 159 -5.46 19.12 -40.62
N SER A 160 -4.58 18.56 -41.45
CA SER A 160 -4.97 18.09 -42.78
C SER A 160 -5.83 16.83 -42.72
N LEU A 161 -5.93 16.19 -41.55
CA LEU A 161 -6.78 15.01 -41.42
C LEU A 161 -8.21 15.30 -41.84
N CYS A 162 -8.69 16.51 -41.55
CA CYS A 162 -10.09 16.82 -41.82
C CYS A 162 -10.36 16.83 -43.32
N SER A 163 -9.47 17.44 -44.10
CA SER A 163 -9.60 17.38 -45.55
C SER A 163 -9.34 15.98 -46.07
N ILE A 164 -8.50 15.21 -45.37
CA ILE A 164 -8.25 13.83 -45.77
C ILE A 164 -9.53 13.01 -45.68
N LEU A 165 -10.27 13.16 -44.58
CA LEU A 165 -11.55 12.48 -44.46
C LEU A 165 -12.60 13.09 -45.37
N SER A 166 -12.60 14.42 -45.51
CA SER A 166 -13.59 15.11 -46.32
C SER A 166 -13.04 15.28 -47.73
N PHE A 167 -13.23 14.23 -48.54
CA PHE A 167 -12.85 14.29 -49.95
C PHE A 167 -13.72 15.25 -50.74
N CYS A 168 -14.84 15.68 -50.17
CA CYS A 168 -15.90 16.33 -50.92
C CYS A 168 -16.92 16.98 -49.99
N SER B 13 67.64 19.82 -0.24
CA SER B 13 67.71 18.47 -0.81
C SER B 13 67.08 18.43 -2.19
N ARG B 14 66.48 17.28 -2.53
CA ARG B 14 65.85 17.09 -3.83
C ARG B 14 64.54 16.33 -3.65
N ALA B 15 63.66 16.48 -4.62
CA ALA B 15 62.37 15.82 -4.61
C ALA B 15 62.06 15.28 -6.00
N LEU B 16 61.12 14.34 -6.05
CA LEU B 16 60.71 13.71 -7.29
C LEU B 16 59.27 14.09 -7.62
N TYR B 17 59.07 14.64 -8.81
CA TYR B 17 57.77 15.04 -9.31
C TYR B 17 57.25 13.97 -10.25
N PHE B 18 56.10 13.40 -9.91
CA PHE B 18 55.43 12.40 -10.73
C PHE B 18 54.23 13.06 -11.40
N SER B 19 54.12 12.89 -12.72
CA SER B 19 53.00 13.45 -13.47
C SER B 19 51.77 12.55 -13.43
N GLY B 20 51.89 11.34 -12.87
CA GLY B 20 50.74 10.47 -12.77
C GLY B 20 50.41 9.68 -14.02
N ARG B 21 51.25 9.73 -15.05
CA ARG B 21 51.01 9.01 -16.28
C ARG B 21 51.75 7.67 -16.35
N GLY B 22 52.47 7.30 -15.30
CA GLY B 22 53.18 6.04 -15.28
C GLY B 22 54.66 6.18 -15.03
N GLU B 23 55.08 7.32 -14.48
CA GLU B 23 56.48 7.57 -14.16
C GLU B 23 56.86 6.82 -12.88
N GLN B 24 56.80 5.51 -12.97
CA GLN B 24 56.96 4.61 -11.84
C GLN B 24 58.38 4.05 -11.79
N LEU B 25 58.76 3.55 -10.61
CA LEU B 25 60.09 3.00 -10.40
C LEU B 25 60.01 1.73 -9.57
N ARG B 26 60.91 0.79 -9.87
CA ARG B 26 61.05 -0.45 -9.13
C ARG B 26 62.32 -0.40 -8.27
N LEU B 27 62.20 -0.83 -7.01
CA LEU B 27 63.36 -0.93 -6.17
C LEU B 27 64.28 -2.03 -6.68
N ARG B 28 65.57 -1.71 -6.80
CA ARG B 28 66.53 -2.69 -7.28
C ARG B 28 66.70 -3.81 -6.26
N ALA B 29 66.94 -5.02 -6.77
CA ALA B 29 67.05 -6.20 -5.92
C ALA B 29 68.30 -6.21 -5.06
N ASP B 30 69.19 -5.22 -5.20
CA ASP B 30 70.40 -5.15 -4.39
C ASP B 30 70.13 -4.95 -2.91
N LEU B 31 68.90 -4.56 -2.54
CA LEU B 31 68.54 -4.27 -1.16
C LEU B 31 67.47 -5.25 -0.71
N GLU B 32 67.65 -5.80 0.48
CA GLU B 32 66.72 -6.77 1.03
C GLU B 32 65.40 -6.11 1.41
N LEU B 33 64.36 -6.94 1.52
CA LEU B 33 63.03 -6.48 1.86
C LEU B 33 62.59 -7.12 3.18
N PRO B 34 62.09 -6.34 4.14
CA PRO B 34 61.76 -6.90 5.45
C PRO B 34 60.60 -7.89 5.37
N ARG B 35 60.63 -8.87 6.29
CA ARG B 35 59.64 -9.93 6.31
C ARG B 35 58.68 -9.86 7.49
N ASP B 36 59.06 -9.22 8.58
CA ASP B 36 58.22 -9.16 9.77
C ASP B 36 57.84 -7.74 10.17
N ALA B 37 58.79 -6.81 10.21
CA ALA B 37 58.54 -5.46 10.67
C ALA B 37 59.18 -4.46 9.71
N PHE B 38 58.60 -3.27 9.64
CA PHE B 38 59.14 -2.19 8.81
C PHE B 38 58.42 -0.91 9.19
N THR B 39 58.98 0.20 8.71
CA THR B 39 58.39 1.53 8.94
C THR B 39 58.72 2.40 7.74
N LEU B 40 57.71 2.70 6.93
CA LEU B 40 57.87 3.63 5.83
C LEU B 40 57.58 5.04 6.29
N GLN B 41 58.39 6.00 5.84
CA GLN B 41 58.19 7.40 6.18
C GLN B 41 58.68 8.25 5.01
N VAL B 42 57.80 9.11 4.52
CA VAL B 42 58.09 9.95 3.35
C VAL B 42 57.43 11.31 3.54
N TRP B 43 58.12 12.36 3.10
CA TRP B 43 57.46 13.64 2.89
C TRP B 43 56.81 13.63 1.52
N LEU B 44 55.66 14.30 1.42
CA LEU B 44 54.97 14.29 0.13
C LEU B 44 54.07 15.51 0.02
N ARG B 45 53.71 15.80 -1.22
CA ARG B 45 52.76 16.87 -1.55
C ARG B 45 51.90 16.35 -2.70
N ALA B 46 50.67 15.96 -2.40
CA ALA B 46 49.83 15.24 -3.34
C ALA B 46 48.91 16.20 -4.06
N GLU B 47 49.01 16.24 -5.39
CA GLU B 47 48.10 17.04 -6.19
C GLU B 47 46.71 16.38 -6.21
N GLY B 48 45.69 17.22 -6.33
CA GLY B 48 44.34 16.72 -6.32
C GLY B 48 43.96 15.99 -7.61
N GLY B 49 42.81 15.33 -7.56
CA GLY B 49 42.30 14.63 -8.71
C GLY B 49 43.13 13.43 -9.14
N GLN B 50 43.55 12.61 -8.18
CA GLN B 50 44.28 11.39 -8.50
C GLN B 50 43.33 10.33 -9.05
N ARG B 51 43.88 9.44 -9.87
CA ARG B 51 43.11 8.33 -10.42
C ARG B 51 42.78 7.35 -9.30
N SER B 52 41.54 7.36 -8.85
CA SER B 52 41.14 6.50 -7.73
C SER B 52 40.86 5.09 -8.23
N PRO B 53 41.42 4.05 -7.59
CA PRO B 53 42.35 4.11 -6.45
C PRO B 53 43.75 4.45 -6.92
N ALA B 54 44.50 5.23 -6.15
CA ALA B 54 45.81 5.71 -6.54
C ALA B 54 46.87 5.17 -5.60
N VAL B 55 47.96 4.68 -6.18
CA VAL B 55 49.07 4.08 -5.44
C VAL B 55 50.27 5.01 -5.52
N ILE B 56 51.04 5.06 -4.43
CA ILE B 56 52.31 5.77 -4.43
C ILE B 56 53.50 4.81 -4.30
N THR B 57 53.36 3.71 -3.56
CA THR B 57 54.44 2.75 -3.39
C THR B 57 53.82 1.43 -2.98
N GLY B 58 54.44 0.32 -3.39
CA GLY B 58 53.89 -0.97 -3.04
C GLY B 58 54.81 -2.16 -3.24
N LEU B 59 54.68 -3.15 -2.37
CA LEU B 59 55.40 -4.41 -2.49
C LEU B 59 54.46 -5.45 -3.10
N TYR B 60 54.95 -6.14 -4.13
CA TYR B 60 54.12 -7.08 -4.88
C TYR B 60 54.85 -8.40 -5.05
N ASP B 61 54.10 -9.50 -4.93
CA ASP B 61 54.62 -10.84 -5.22
C ASP B 61 54.43 -11.09 -6.70
N LYS B 62 55.46 -10.79 -7.48
CA LYS B 62 55.36 -10.83 -8.93
C LYS B 62 55.22 -12.25 -9.47
N CYS B 63 55.46 -13.25 -8.62
CA CYS B 63 55.32 -14.64 -9.02
C CYS B 63 54.00 -15.26 -8.57
N SER B 64 53.24 -14.59 -7.71
CA SER B 64 51.93 -15.09 -7.33
C SER B 64 50.92 -14.81 -8.44
N TYR B 65 50.71 -15.79 -9.32
CA TYR B 65 49.90 -15.58 -10.52
C TYR B 65 48.45 -15.27 -10.17
N ILE B 66 47.87 -16.00 -9.20
CA ILE B 66 46.45 -15.87 -8.92
C ILE B 66 46.18 -14.82 -7.87
N SER B 67 46.98 -14.77 -6.81
CA SER B 67 46.78 -13.85 -5.69
C SER B 67 47.89 -12.80 -5.72
N ARG B 68 47.68 -11.75 -6.51
CA ARG B 68 48.61 -10.63 -6.53
C ARG B 68 48.39 -9.69 -5.36
N ASP B 69 47.31 -9.85 -4.61
CA ASP B 69 47.01 -8.97 -3.49
C ASP B 69 47.98 -9.13 -2.33
N ARG B 70 48.76 -10.21 -2.32
CA ARG B 70 49.76 -10.40 -1.28
C ARG B 70 50.81 -9.30 -1.38
N GLY B 71 51.13 -8.70 -0.24
CA GLY B 71 52.04 -7.57 -0.17
C GLY B 71 51.39 -6.37 0.48
N TRP B 72 52.05 -5.23 0.36
CA TRP B 72 51.57 -4.00 0.97
C TRP B 72 51.56 -2.88 -0.06
N VAL B 73 50.59 -1.99 0.07
CA VAL B 73 50.40 -0.87 -0.85
C VAL B 73 50.02 0.38 -0.06
N VAL B 74 50.65 1.51 -0.37
CA VAL B 74 50.29 2.79 0.21
C VAL B 74 49.82 3.72 -0.90
N GLY B 75 48.95 4.66 -0.54
CA GLY B 75 48.52 5.63 -1.54
C GLY B 75 47.35 6.46 -1.05
N ILE B 76 46.50 6.85 -2.00
CA ILE B 76 45.29 7.61 -1.73
C ILE B 76 44.15 6.98 -2.51
N HIS B 77 43.02 6.72 -1.86
CA HIS B 77 41.83 6.34 -2.62
C HIS B 77 40.62 6.95 -1.94
N THR B 78 39.44 6.66 -2.50
CA THR B 78 38.20 7.18 -1.96
C THR B 78 37.52 6.13 -1.09
N ILE B 79 37.20 6.51 0.14
CA ILE B 79 36.25 5.75 0.95
C ILE B 79 34.88 5.88 0.32
N SER B 80 34.07 4.81 0.44
CA SER B 80 32.79 4.71 -0.26
C SER B 80 33.00 4.81 -1.77
N ASP B 81 33.63 3.74 -2.29
CA ASP B 81 34.05 3.67 -3.69
C ASP B 81 32.99 4.19 -4.66
N GLN B 82 31.73 3.82 -4.46
CA GLN B 82 30.67 4.32 -5.32
C GLN B 82 30.57 5.84 -5.20
N ASP B 83 30.34 6.49 -6.34
CA ASP B 83 30.24 7.95 -6.47
C ASP B 83 31.27 8.67 -5.58
N ASN B 84 32.54 8.40 -5.88
CA ASN B 84 33.69 8.79 -5.07
C ASN B 84 33.54 10.18 -4.45
N LYS B 85 33.67 10.23 -3.12
CA LYS B 85 33.52 11.48 -2.39
C LYS B 85 34.60 11.73 -1.34
N ASP B 86 35.36 10.73 -0.91
CA ASP B 86 36.24 10.84 0.25
C ASP B 86 37.66 10.41 -0.13
N PRO B 87 38.43 11.29 -0.79
CA PRO B 87 39.82 10.96 -1.10
C PRO B 87 40.72 11.09 0.12
N ARG B 88 41.26 9.98 0.60
CA ARG B 88 42.09 9.95 1.79
C ARG B 88 43.27 9.02 1.58
N TYR B 89 44.34 9.26 2.35
CA TYR B 89 45.49 8.36 2.36
C TYR B 89 45.08 7.00 2.91
N PHE B 90 45.75 5.96 2.43
CA PHE B 90 45.43 4.61 2.85
C PHE B 90 46.68 3.75 2.78
N PHE B 91 46.65 2.68 3.57
CA PHE B 91 47.64 1.63 3.52
C PHE B 91 46.94 0.29 3.64
N SER B 92 47.31 -0.65 2.79
CA SER B 92 46.74 -1.98 2.75
C SER B 92 47.85 -3.02 2.87
N LEU B 93 47.56 -4.10 3.59
CA LEU B 93 48.54 -5.13 3.89
C LEU B 93 47.92 -6.51 3.78
N LYS B 94 48.67 -7.45 3.24
CA LYS B 94 48.29 -8.86 3.22
C LYS B 94 49.59 -9.67 3.34
N THR B 95 49.81 -10.26 4.51
CA THR B 95 50.93 -11.18 4.66
C THR B 95 50.65 -12.47 3.91
N ASP B 96 51.73 -13.13 3.47
CA ASP B 96 51.57 -14.38 2.73
C ASP B 96 50.90 -15.45 3.59
N ARG B 97 51.16 -15.44 4.90
CA ARG B 97 50.47 -16.36 5.79
C ARG B 97 48.99 -16.01 5.91
N ALA B 98 48.66 -14.72 5.89
CA ALA B 98 47.26 -14.31 5.96
C ALA B 98 46.53 -14.68 4.68
N ARG B 99 45.22 -14.92 4.81
CA ARG B 99 44.42 -15.38 3.69
C ARG B 99 43.80 -14.25 2.89
N GLN B 100 43.88 -13.01 3.35
CA GLN B 100 43.24 -11.90 2.65
C GLN B 100 43.95 -10.60 3.00
N VAL B 101 43.42 -9.51 2.45
CA VAL B 101 43.99 -8.18 2.61
C VAL B 101 43.19 -7.41 3.65
N THR B 102 43.89 -6.78 4.59
CA THR B 102 43.28 -5.73 5.39
C THR B 102 43.75 -4.38 4.86
N THR B 103 43.00 -3.34 5.20
CA THR B 103 43.37 -2.00 4.76
C THR B 103 42.81 -0.99 5.75
N ILE B 104 43.42 0.20 5.74
CA ILE B 104 42.96 1.30 6.57
C ILE B 104 43.22 2.59 5.81
N ASN B 105 42.46 3.63 6.17
CA ASN B 105 42.48 4.89 5.45
C ASN B 105 42.73 6.03 6.43
N ALA B 106 42.93 7.22 5.87
CA ALA B 106 43.21 8.40 6.69
C ALA B 106 41.95 8.83 7.45
N HIS B 107 42.17 9.66 8.47
CA HIS B 107 41.06 10.13 9.30
C HIS B 107 40.24 11.19 8.60
N ARG B 108 40.85 12.00 7.73
CA ARG B 108 40.15 13.08 7.05
C ARG B 108 40.58 13.13 5.60
N SER B 109 39.74 13.76 4.78
CA SER B 109 40.09 13.97 3.37
C SER B 109 41.37 14.77 3.27
N TYR B 110 42.34 14.23 2.53
CA TYR B 110 43.66 14.84 2.47
C TYR B 110 43.59 16.21 1.81
N LEU B 111 44.40 17.13 2.32
CA LEU B 111 44.46 18.48 1.78
C LEU B 111 45.55 18.55 0.72
N PRO B 112 45.22 18.80 -0.54
CA PRO B 112 46.25 18.83 -1.58
C PRO B 112 47.13 20.06 -1.45
N GLY B 113 48.32 19.94 -2.03
CA GLY B 113 49.26 21.05 -2.06
C GLY B 113 49.93 21.34 -0.73
N GLN B 114 49.89 20.42 0.22
CA GLN B 114 50.51 20.61 1.53
C GLN B 114 51.60 19.58 1.72
N TRP B 115 52.73 20.01 2.28
CA TRP B 115 53.83 19.10 2.56
C TRP B 115 53.52 18.34 3.85
N VAL B 116 53.29 17.03 3.73
CA VAL B 116 52.88 16.20 4.85
C VAL B 116 53.87 15.05 4.99
N TYR B 117 54.09 14.63 6.23
CA TYR B 117 54.96 13.50 6.53
C TYR B 117 54.09 12.30 6.85
N LEU B 118 54.19 11.25 6.04
CA LEU B 118 53.37 10.06 6.18
C LEU B 118 54.23 8.87 6.57
N ALA B 119 53.73 8.07 7.52
CA ALA B 119 54.46 6.92 8.01
C ALA B 119 53.50 5.74 8.18
N ALA B 120 54.07 4.54 8.10
CA ALA B 120 53.33 3.31 8.27
C ALA B 120 54.25 2.28 8.92
N THR B 121 53.81 1.72 10.05
CA THR B 121 54.63 0.83 10.85
C THR B 121 53.93 -0.52 10.98
N TYR B 122 54.68 -1.60 10.76
CA TYR B 122 54.17 -2.94 10.98
C TYR B 122 55.20 -3.74 11.78
N ASP B 123 54.78 -4.25 12.93
CA ASP B 123 55.65 -5.05 13.80
C ASP B 123 55.39 -6.54 13.67
N GLY B 124 54.61 -6.96 12.69
CA GLY B 124 54.24 -8.35 12.52
C GLY B 124 52.88 -8.70 13.09
N GLN B 125 52.36 -7.90 14.01
CA GLN B 125 51.01 -8.10 14.51
C GLN B 125 50.20 -6.82 14.65
N PHE B 126 50.81 -5.64 14.53
CA PHE B 126 50.10 -4.38 14.62
C PHE B 126 50.44 -3.52 13.41
N MET B 127 49.43 -3.18 12.63
CA MET B 127 49.56 -2.37 11.43
C MET B 127 49.07 -0.95 11.74
N LYS B 128 49.92 0.04 11.53
CA LYS B 128 49.65 1.40 11.96
C LYS B 128 49.95 2.37 10.83
N LEU B 129 49.04 3.33 10.60
CA LEU B 129 49.18 4.35 9.59
C LEU B 129 49.04 5.72 10.24
N TYR B 130 50.09 6.53 10.15
CA TYR B 130 50.18 7.80 10.86
C TYR B 130 50.44 8.91 9.87
N VAL B 131 49.60 9.95 9.90
CA VAL B 131 49.77 11.11 9.01
C VAL B 131 50.33 12.26 9.84
N ASN B 132 51.19 13.06 9.19
CA ASN B 132 51.77 14.26 9.77
C ASN B 132 52.46 14.00 11.10
N GLY B 133 52.88 12.75 11.34
CA GLY B 133 53.43 12.38 12.62
C GLY B 133 52.41 12.10 13.70
N ALA B 134 51.12 12.17 13.38
CA ALA B 134 50.06 11.94 14.34
C ALA B 134 49.35 10.64 14.03
N GLN B 135 49.02 9.88 15.08
CA GLN B 135 48.39 8.58 14.89
C GLN B 135 46.95 8.75 14.42
N VAL B 136 46.60 8.08 13.33
CA VAL B 136 45.24 8.16 12.79
C VAL B 136 44.69 6.78 12.48
N ALA B 137 45.55 5.76 12.45
CA ALA B 137 45.04 4.42 12.14
C ALA B 137 45.88 3.36 12.82
N THR B 138 45.20 2.42 13.51
CA THR B 138 45.83 1.25 14.08
C THR B 138 44.92 0.05 13.89
N SER B 139 45.53 -1.12 13.72
CA SER B 139 44.80 -2.36 13.56
C SER B 139 45.72 -3.51 13.93
N GLY B 140 45.14 -4.70 14.09
CA GLY B 140 45.91 -5.88 14.43
C GLY B 140 45.42 -7.14 13.76
N GLU B 141 44.66 -6.98 12.67
CA GLU B 141 44.07 -8.13 12.01
C GLU B 141 45.14 -9.03 11.39
N GLN B 142 46.07 -8.44 10.64
CA GLN B 142 47.15 -9.21 10.05
C GLN B 142 48.18 -9.54 11.12
N VAL B 143 48.59 -10.81 11.18
CA VAL B 143 49.49 -11.30 12.21
C VAL B 143 50.64 -12.04 11.55
N GLY B 144 51.77 -12.10 12.28
CA GLY B 144 52.93 -12.83 11.82
C GLY B 144 53.73 -12.07 10.78
N GLY B 145 54.76 -12.74 10.28
CA GLY B 145 55.60 -12.13 9.26
C GLY B 145 54.87 -11.94 7.95
N ILE B 146 55.31 -10.95 7.19
CA ILE B 146 54.66 -10.64 5.92
C ILE B 146 54.83 -11.80 4.94
N PHE B 147 56.05 -12.33 4.83
CA PHE B 147 56.29 -13.43 3.92
C PHE B 147 57.50 -14.22 4.40
N SER B 148 57.55 -15.49 4.00
CA SER B 148 58.69 -16.33 4.28
C SER B 148 59.88 -15.89 3.43
N PRO B 149 61.10 -16.10 3.90
CA PRO B 149 62.28 -15.74 3.08
C PRO B 149 62.33 -16.46 1.74
N LEU B 150 61.64 -17.60 1.61
CA LEU B 150 61.66 -18.36 0.37
C LEU B 150 61.17 -17.52 -0.80
N THR B 151 60.07 -16.78 -0.62
CA THR B 151 59.53 -15.92 -1.65
C THR B 151 60.17 -14.54 -1.67
N GLN B 152 61.33 -14.39 -1.01
CA GLN B 152 61.98 -13.08 -0.92
C GLN B 152 62.31 -12.53 -2.30
N LYS B 153 62.81 -13.37 -3.19
CA LYS B 153 63.09 -12.92 -4.56
C LYS B 153 61.82 -12.52 -5.29
N CYS B 154 60.69 -13.18 -4.98
CA CYS B 154 59.44 -12.84 -5.64
C CYS B 154 58.97 -11.43 -5.29
N LYS B 155 59.16 -11.02 -4.03
CA LYS B 155 58.74 -9.69 -3.61
C LYS B 155 59.55 -8.63 -4.35
N VAL B 156 58.84 -7.66 -4.93
CA VAL B 156 59.46 -6.52 -5.59
C VAL B 156 58.77 -5.26 -5.11
N LEU B 157 59.57 -4.25 -4.76
CA LEU B 157 59.05 -2.97 -4.30
C LEU B 157 59.06 -2.00 -5.46
N MET B 158 57.90 -1.40 -5.74
CA MET B 158 57.74 -0.57 -6.92
C MET B 158 56.93 0.66 -6.55
N LEU B 159 57.41 1.82 -6.95
CA LEU B 159 56.97 3.10 -6.41
C LEU B 159 56.40 3.99 -7.50
N GLY B 160 55.50 4.89 -7.11
CA GLY B 160 54.90 5.84 -8.00
C GLY B 160 53.49 5.49 -8.46
N GLY B 161 53.05 4.27 -8.19
CA GLY B 161 51.75 3.81 -8.65
C GLY B 161 51.78 2.33 -8.96
N SER B 162 50.63 1.65 -8.84
CA SER B 162 50.59 0.23 -9.13
C SER B 162 50.80 -0.02 -10.62
N ALA B 163 51.04 -1.29 -10.96
CA ALA B 163 51.14 -1.69 -12.35
C ALA B 163 49.81 -1.53 -13.09
N LEU B 164 48.72 -1.35 -12.35
CA LEU B 164 47.41 -1.07 -12.90
C LEU B 164 47.22 0.39 -13.28
N ASN B 165 48.31 1.13 -13.43
CA ASN B 165 48.31 2.55 -13.75
C ASN B 165 47.61 3.38 -12.67
N HIS B 166 47.68 2.93 -11.42
CA HIS B 166 47.17 3.69 -10.28
C HIS B 166 48.26 4.66 -9.79
N ASN B 167 48.67 5.53 -10.70
CA ASN B 167 49.84 6.37 -10.47
C ASN B 167 49.53 7.45 -9.43
N TYR B 168 50.55 8.24 -9.11
CA TYR B 168 50.44 9.36 -8.19
C TYR B 168 50.90 10.62 -8.89
N ARG B 169 50.21 11.73 -8.64
CA ARG B 169 50.55 13.02 -9.21
C ARG B 169 50.98 13.95 -8.08
N GLY B 170 52.22 14.44 -8.15
CA GLY B 170 52.72 15.34 -7.13
C GLY B 170 54.18 15.17 -6.81
N TYR B 171 54.57 15.44 -5.56
CA TYR B 171 55.96 15.45 -5.15
C TYR B 171 56.20 14.47 -4.01
N ILE B 172 57.35 13.78 -4.08
CA ILE B 172 57.79 12.84 -3.05
C ILE B 172 59.20 13.22 -2.63
N GLU B 173 59.47 13.12 -1.33
CA GLU B 173 60.76 13.53 -0.78
C GLU B 173 61.13 12.62 0.39
N HIS B 174 62.43 12.40 0.53
CA HIS B 174 63.03 11.65 1.65
C HIS B 174 62.32 10.31 1.87
N PHE B 175 62.45 9.46 0.86
CA PHE B 175 61.95 8.10 0.95
C PHE B 175 62.78 7.33 1.98
N SER B 176 62.21 7.10 3.16
CA SER B 176 62.93 6.42 4.23
C SER B 176 62.15 5.20 4.68
N LEU B 177 62.88 4.16 5.08
CA LEU B 177 62.26 2.88 5.43
C LEU B 177 63.14 2.16 6.45
N TRP B 178 62.56 1.84 7.59
CA TRP B 178 63.16 0.99 8.61
C TRP B 178 62.67 -0.44 8.47
N LYS B 179 63.45 -1.36 9.06
CA LYS B 179 63.07 -2.76 9.13
C LYS B 179 62.38 -3.11 10.45
N VAL B 180 61.98 -2.10 11.22
CA VAL B 180 61.26 -2.31 12.47
C VAL B 180 60.09 -1.34 12.51
N ALA B 181 59.10 -1.65 13.35
CA ALA B 181 57.95 -0.77 13.55
C ALA B 181 58.32 0.27 14.59
N ARG B 182 58.66 1.47 14.15
CA ARG B 182 59.08 2.52 15.06
C ARG B 182 57.90 3.01 15.90
N THR B 183 58.22 3.56 17.06
CA THR B 183 57.22 4.11 17.96
C THR B 183 56.84 5.53 17.55
N GLN B 184 55.81 6.06 18.20
CA GLN B 184 55.38 7.42 17.92
C GLN B 184 56.49 8.42 18.28
N ARG B 185 57.20 8.17 19.38
CA ARG B 185 58.37 8.96 19.71
C ARG B 185 59.39 8.92 18.59
N GLU B 186 59.69 7.72 18.07
CA GLU B 186 60.69 7.57 17.03
C GLU B 186 60.28 8.30 15.75
N ILE B 187 59.02 8.15 15.33
CA ILE B 187 58.59 8.78 14.10
C ILE B 187 58.56 10.29 14.24
N LEU B 188 58.19 10.79 15.43
CA LEU B 188 58.20 12.24 15.63
C LEU B 188 59.62 12.77 15.64
N SER B 189 60.56 12.00 16.19
CA SER B 189 61.98 12.39 16.11
C SER B 189 62.43 12.45 14.65
N ASP B 190 62.06 11.43 13.87
CA ASP B 190 62.42 11.43 12.45
C ASP B 190 61.78 12.60 11.72
N MET B 191 60.56 12.97 12.11
CA MET B 191 59.89 14.11 11.49
C MET B 191 60.61 15.41 11.81
N GLU B 192 60.99 15.60 13.08
CA GLU B 192 61.68 16.84 13.43
C GLU B 192 63.10 16.88 12.86
N THR B 193 63.69 15.73 12.53
CA THR B 193 64.92 15.76 11.75
C THR B 193 64.67 16.34 10.37
N HIS B 194 63.52 15.99 9.77
CA HIS B 194 63.06 16.49 8.48
C HIS B 194 64.19 16.52 7.43
N GLY B 195 64.75 15.35 7.18
CA GLY B 195 65.74 15.18 6.14
C GLY B 195 67.15 14.88 6.59
N ALA B 196 67.37 14.61 7.87
CA ALA B 196 68.70 14.24 8.33
C ALA B 196 69.08 12.87 7.76
N HIS B 197 70.26 12.80 7.15
CA HIS B 197 70.71 11.59 6.48
C HIS B 197 71.84 10.96 7.28
N THR B 198 71.62 9.74 7.74
CA THR B 198 72.61 8.97 8.48
C THR B 198 72.18 7.52 8.49
N ALA B 199 73.16 6.62 8.62
CA ALA B 199 72.91 5.19 8.54
C ALA B 199 72.64 4.63 9.93
N LEU B 200 71.59 3.83 10.06
CA LEU B 200 71.22 3.16 11.30
C LEU B 200 71.01 1.69 11.02
N PRO B 201 71.24 0.82 12.01
CA PRO B 201 71.08 -0.62 11.77
C PRO B 201 69.66 -1.01 11.37
N GLN B 202 68.64 -0.33 11.89
CA GLN B 202 67.27 -0.65 11.54
C GLN B 202 66.79 0.04 10.27
N LEU B 203 67.50 1.07 9.82
CA LEU B 203 67.08 1.83 8.64
C LEU B 203 67.43 1.04 7.38
N LEU B 204 66.41 0.47 6.73
CA LEU B 204 66.65 -0.25 5.49
C LEU B 204 67.14 0.70 4.38
N LEU B 205 66.54 1.87 4.29
CA LEU B 205 66.88 2.80 3.22
C LEU B 205 66.59 4.23 3.67
N GLN B 206 67.37 5.16 3.12
CA GLN B 206 67.16 6.59 3.36
C GLN B 206 67.58 7.32 2.09
N GLU B 207 66.60 7.62 1.24
CA GLU B 207 66.86 8.16 -0.09
C GLU B 207 66.89 9.69 -0.04
N ASN B 208 67.98 10.26 -0.51
CA ASN B 208 68.11 11.71 -0.68
C ASN B 208 67.76 12.16 -2.10
N TRP B 209 67.42 11.23 -2.98
CA TRP B 209 67.10 11.48 -4.39
C TRP B 209 68.27 12.06 -5.17
N ASP B 210 69.48 12.08 -4.58
CA ASP B 210 70.64 12.56 -5.30
C ASP B 210 71.01 11.62 -6.44
N ASN B 211 71.04 10.32 -6.18
CA ASN B 211 71.29 9.30 -7.19
C ASN B 211 70.17 8.27 -7.05
N VAL B 212 69.04 8.53 -7.71
CA VAL B 212 67.90 7.64 -7.63
C VAL B 212 68.21 6.32 -8.33
N LYS B 213 68.91 6.38 -9.46
CA LYS B 213 69.15 5.19 -10.26
C LYS B 213 70.08 4.20 -9.56
N HIS B 214 70.80 4.63 -8.52
CA HIS B 214 71.68 3.72 -7.80
C HIS B 214 70.89 2.61 -7.13
N ALA B 215 69.73 2.93 -6.56
CA ALA B 215 68.91 1.95 -5.86
C ALA B 215 67.55 1.72 -6.52
N TRP B 216 67.25 2.41 -7.62
CA TRP B 216 65.94 2.29 -8.26
C TRP B 216 66.14 2.19 -9.77
N SER B 217 65.14 1.60 -10.43
CA SER B 217 65.16 1.42 -11.87
C SER B 217 63.85 1.94 -12.44
N PRO B 218 63.87 2.52 -13.64
CA PRO B 218 62.62 3.05 -14.22
C PRO B 218 61.78 1.95 -14.83
N MET B 219 60.58 2.33 -15.26
CA MET B 219 59.71 1.41 -15.98
C MET B 219 60.25 1.18 -17.39
N LYS B 220 59.53 0.35 -18.14
CA LYS B 220 59.88 0.14 -19.54
C LYS B 220 59.63 1.41 -20.34
N ASP B 221 60.34 1.52 -21.47
CA ASP B 221 60.26 2.68 -22.37
C ASP B 221 60.73 3.96 -21.69
N GLY B 222 61.50 3.84 -20.61
CA GLY B 222 62.05 5.01 -19.94
C GLY B 222 61.02 5.95 -19.35
N SER B 223 60.00 5.40 -18.68
CA SER B 223 58.97 6.22 -18.04
C SER B 223 59.55 6.78 -16.74
N SER B 224 60.33 7.86 -16.89
CA SER B 224 61.04 8.45 -15.77
C SER B 224 60.38 9.76 -15.35
N PRO B 225 60.20 9.99 -14.05
CA PRO B 225 59.62 11.25 -13.59
C PRO B 225 60.64 12.39 -13.58
N LYS B 226 60.25 13.55 -13.06
CA LYS B 226 61.14 14.70 -13.01
C LYS B 226 61.80 14.81 -11.65
N VAL B 227 62.98 15.43 -11.62
CA VAL B 227 63.73 15.65 -10.40
C VAL B 227 63.88 17.15 -10.18
N GLU B 228 63.53 17.61 -8.99
CA GLU B 228 63.63 19.03 -8.64
C GLU B 228 64.25 19.13 -7.25
N PHE B 229 64.19 20.33 -6.69
CA PHE B 229 64.73 20.59 -5.35
C PHE B 229 63.58 20.78 -4.36
N SER B 230 63.74 20.20 -3.18
CA SER B 230 62.73 20.32 -2.13
C SER B 230 62.67 21.76 -1.66
N ASN B 231 61.54 22.43 -1.92
CA ASN B 231 61.38 23.82 -1.51
C ASN B 231 61.46 23.96 0.01
N ALA B 232 60.78 23.09 0.74
CA ALA B 232 60.80 23.10 2.20
C ALA B 232 60.25 21.79 2.74
N HIS B 233 61.03 21.09 3.58
CA HIS B 233 60.52 19.89 4.22
C HIS B 233 59.35 20.20 5.12
N GLY B 234 59.43 21.31 5.86
CA GLY B 234 58.32 21.75 6.68
C GLY B 234 58.40 23.25 6.89
N PHE B 235 57.24 23.84 7.18
CA PHE B 235 57.12 25.26 7.43
C PHE B 235 56.50 25.46 8.81
N LEU B 236 57.21 26.15 9.70
CA LEU B 236 56.71 26.35 11.06
C LEU B 236 55.58 27.37 11.07
N LEU B 237 54.85 27.39 12.18
CA LEU B 237 53.80 28.39 12.46
C LEU B 237 52.85 28.54 11.27
N ASP B 238 52.13 27.46 11.01
CA ASP B 238 51.16 27.41 9.92
C ASP B 238 50.22 28.59 9.95
N THR B 239 50.28 29.41 8.90
CA THR B 239 49.42 30.59 8.80
C THR B 239 48.04 30.27 8.25
N SER B 240 47.79 29.03 7.83
CA SER B 240 46.50 28.63 7.28
C SER B 240 45.49 28.46 8.43
N LEU B 241 45.12 29.59 9.01
CA LEU B 241 44.14 29.61 10.10
C LEU B 241 42.76 29.42 9.50
N GLU B 242 42.38 28.15 9.33
CA GLU B 242 41.13 27.83 8.69
C GLU B 242 39.95 28.29 9.55
N PRO B 243 38.95 28.93 8.95
CA PRO B 243 37.82 29.44 9.74
C PRO B 243 36.92 28.30 10.21
N PRO B 244 36.16 28.51 11.27
CA PRO B 244 35.36 27.41 11.84
C PRO B 244 34.28 26.89 10.90
N LEU B 245 33.52 25.88 11.36
CA LEU B 245 32.50 25.27 10.54
C LEU B 245 31.54 26.30 9.97
N CYS B 246 31.03 27.19 10.83
CA CYS B 246 30.24 28.31 10.36
C CYS B 246 31.08 29.48 9.89
N GLY B 247 32.40 29.44 10.14
CA GLY B 247 33.26 30.53 9.71
C GLY B 247 33.61 30.42 8.24
N GLN B 248 33.68 31.57 7.58
CA GLN B 248 34.04 31.64 6.18
C GLN B 248 35.29 32.45 5.89
N THR B 249 35.71 33.33 6.80
CA THR B 249 36.88 34.16 6.61
C THR B 249 37.69 34.20 7.90
N LEU B 250 38.85 34.86 7.83
CA LEU B 250 39.68 35.03 9.02
C LEU B 250 38.99 35.86 10.09
N CYS B 251 38.01 36.70 9.70
CA CYS B 251 37.25 37.46 10.69
C CYS B 251 36.52 36.57 11.67
N ASP B 252 36.25 35.33 11.30
CA ASP B 252 35.53 34.38 12.14
C ASP B 252 36.44 33.68 13.14
N ASN B 253 37.75 33.92 13.11
CA ASN B 253 38.65 33.32 14.08
C ASN B 253 38.41 33.90 15.46
N THR B 254 38.45 33.03 16.47
CA THR B 254 38.24 33.48 17.85
C THR B 254 39.40 34.34 18.32
N GLU B 255 40.63 34.00 17.92
CA GLU B 255 41.79 34.74 18.40
C GLU B 255 41.79 36.17 17.90
N VAL B 256 41.56 36.37 16.59
CA VAL B 256 41.56 37.71 16.05
C VAL B 256 40.37 38.52 16.56
N ILE B 257 39.21 37.88 16.74
CA ILE B 257 38.06 38.62 17.24
C ILE B 257 38.29 39.03 18.70
N ALA B 258 38.95 38.18 19.49
CA ALA B 258 39.30 38.56 20.84
C ALA B 258 40.32 39.70 20.85
N SER B 259 41.31 39.65 19.95
CA SER B 259 42.29 40.72 19.87
C SER B 259 41.62 42.04 19.51
N TYR B 260 40.68 42.02 18.58
CA TYR B 260 39.94 43.24 18.24
C TYR B 260 39.05 43.68 19.39
N ASN B 261 38.51 42.73 20.16
CA ASN B 261 37.73 43.08 21.34
C ASN B 261 38.57 43.78 22.40
N GLN B 262 39.84 43.39 22.54
CA GLN B 262 40.69 43.99 23.56
C GLN B 262 41.34 45.29 23.11
N LEU B 263 41.57 45.47 21.80
CA LEU B 263 42.31 46.63 21.29
C LEU B 263 41.31 47.69 20.83
N SER B 264 41.17 48.75 21.62
CA SER B 264 40.41 49.92 21.18
C SER B 264 41.19 50.76 20.18
N SER B 265 42.52 50.67 20.20
CA SER B 265 43.31 51.32 19.15
C SER B 265 42.99 50.74 17.79
N PHE B 266 42.78 49.42 17.74
CA PHE B 266 42.31 48.79 16.52
C PHE B 266 40.92 49.30 16.13
N ARG B 267 40.14 49.75 17.11
CA ARG B 267 38.79 50.25 16.88
C ARG B 267 38.72 51.76 17.08
N GLN B 268 39.73 52.48 16.63
CA GLN B 268 39.63 53.93 16.55
C GLN B 268 38.45 54.28 15.65
N PRO B 269 37.80 55.45 15.87
CA PRO B 269 36.54 55.73 15.17
C PRO B 269 36.60 55.40 13.69
N LYS B 270 35.83 54.39 13.30
CA LYS B 270 35.94 53.78 11.98
C LYS B 270 35.18 54.62 10.98
N VAL B 271 35.91 55.45 10.23
CA VAL B 271 35.31 56.22 9.15
C VAL B 271 35.16 55.30 7.95
N VAL B 272 33.91 55.08 7.53
CA VAL B 272 33.62 54.21 6.40
C VAL B 272 32.92 55.05 5.33
N ARG B 273 33.45 55.03 4.12
CA ARG B 273 32.90 55.81 3.01
C ARG B 273 31.84 54.97 2.32
N TYR B 274 30.58 55.29 2.55
CA TYR B 274 29.47 54.53 1.97
C TYR B 274 28.73 55.40 0.98
N ARG B 275 28.42 54.84 -0.18
CA ARG B 275 27.84 55.57 -1.30
C ARG B 275 26.42 55.09 -1.57
N VAL B 276 25.50 56.03 -1.67
CA VAL B 276 24.10 55.75 -2.01
C VAL B 276 23.89 56.16 -3.46
N VAL B 277 23.37 55.22 -4.27
CA VAL B 277 23.16 55.44 -5.70
C VAL B 277 21.70 55.78 -5.92
N ASN B 278 21.45 56.89 -6.61
CA ASN B 278 20.10 57.36 -6.91
C ASN B 278 19.92 57.49 -8.41
N LEU B 279 18.71 57.23 -8.87
CA LEU B 279 18.36 57.28 -10.28
C LEU B 279 17.31 58.36 -10.53
N TYR B 280 17.57 59.18 -11.55
CA TYR B 280 16.67 60.23 -11.99
C TYR B 280 16.22 59.93 -13.42
N GLU B 281 15.41 60.82 -13.97
CA GLU B 281 15.07 60.77 -15.38
C GLU B 281 16.18 61.46 -16.17
N ASP B 282 15.97 61.65 -17.47
CA ASP B 282 16.98 62.32 -18.29
C ASP B 282 17.17 63.77 -17.86
N ASP B 283 16.08 64.44 -17.48
CA ASP B 283 16.14 65.83 -17.04
C ASP B 283 16.39 65.97 -15.54
N HIS B 284 16.97 64.94 -14.91
CA HIS B 284 17.31 64.96 -13.48
C HIS B 284 16.08 65.20 -12.62
N LYS B 285 15.04 64.40 -12.86
CA LYS B 285 13.81 64.45 -12.07
C LYS B 285 13.42 63.04 -11.67
N ASN B 286 12.42 62.95 -10.77
CA ASN B 286 11.89 61.70 -10.27
C ASN B 286 12.99 60.85 -9.63
N PRO B 287 13.53 61.26 -8.49
CA PRO B 287 14.55 60.45 -7.82
C PRO B 287 13.95 59.14 -7.29
N THR B 288 14.79 58.10 -7.27
CA THR B 288 14.38 56.86 -6.64
C THR B 288 14.13 57.06 -5.14
N VAL B 289 14.99 57.83 -4.49
CA VAL B 289 14.81 58.21 -3.10
C VAL B 289 15.11 59.70 -2.96
N THR B 290 14.29 60.40 -2.19
CA THR B 290 14.48 61.83 -2.01
C THR B 290 15.70 62.09 -1.12
N ARG B 291 16.26 63.30 -1.27
CA ARG B 291 17.42 63.68 -0.46
C ARG B 291 17.07 63.72 1.03
N GLU B 292 15.83 64.08 1.37
CA GLU B 292 15.42 64.05 2.77
C GLU B 292 15.47 62.64 3.33
N GLN B 293 15.04 61.65 2.53
CA GLN B 293 15.16 60.26 2.96
C GLN B 293 16.61 59.87 3.19
N VAL B 294 17.49 60.27 2.28
CA VAL B 294 18.91 59.94 2.41
C VAL B 294 19.48 60.55 3.68
N ASP B 295 19.18 61.83 3.94
CA ASP B 295 19.71 62.49 5.12
C ASP B 295 19.14 61.88 6.40
N PHE B 296 17.84 61.58 6.43
CA PHE B 296 17.26 60.99 7.63
C PHE B 296 17.83 59.59 7.90
N GLN B 297 18.00 58.79 6.84
CA GLN B 297 18.56 57.46 7.02
C GLN B 297 20.03 57.54 7.45
N HIS B 298 20.79 58.49 6.91
CA HIS B 298 22.16 58.68 7.32
C HIS B 298 22.24 59.08 8.79
N HIS B 299 21.33 59.96 9.23
CA HIS B 299 21.31 60.37 10.63
C HIS B 299 20.93 59.21 11.55
N GLN B 300 19.98 58.37 11.13
CA GLN B 300 19.65 57.19 11.92
C GLN B 300 20.85 56.26 12.02
N LEU B 301 21.56 56.07 10.90
CA LEU B 301 22.76 55.24 10.90
C LEU B 301 23.82 55.80 11.84
N ALA B 302 24.01 57.12 11.81
CA ALA B 302 24.97 57.76 12.70
C ALA B 302 24.59 57.56 14.17
N GLU B 303 23.32 57.78 14.51
CA GLU B 303 22.89 57.58 15.89
C GLU B 303 23.07 56.13 16.30
N ALA B 304 22.87 55.21 15.36
CA ALA B 304 23.02 53.79 15.67
C ALA B 304 24.47 53.39 15.87
N PHE B 305 25.42 54.03 15.18
CA PHE B 305 26.80 53.54 15.17
C PHE B 305 27.88 54.49 15.70
N LYS B 306 27.55 55.65 16.26
CA LYS B 306 28.58 56.39 17.00
C LYS B 306 29.03 55.64 18.24
N GLN B 307 28.12 54.98 18.95
CA GLN B 307 28.53 54.29 20.17
C GLN B 307 29.42 53.09 19.89
N TYR B 308 29.55 52.67 18.63
CA TYR B 308 30.40 51.55 18.24
C TYR B 308 31.67 52.03 17.51
N ASN B 309 32.05 53.29 17.73
CA ASN B 309 33.23 53.88 17.11
C ASN B 309 33.16 53.79 15.58
N ILE B 310 31.97 54.03 15.02
CA ILE B 310 31.75 53.94 13.59
C ILE B 310 31.12 55.24 13.11
N SER B 311 31.71 55.86 12.09
CA SER B 311 31.17 57.04 11.45
C SER B 311 31.07 56.77 9.95
N TRP B 312 30.08 57.38 9.31
CA TRP B 312 29.74 57.08 7.92
C TRP B 312 29.91 58.33 7.08
N GLU B 313 30.93 58.34 6.24
CA GLU B 313 31.08 59.37 5.22
C GLU B 313 30.10 59.07 4.10
N LEU B 314 29.06 59.90 3.99
CA LEU B 314 27.98 59.67 3.04
C LEU B 314 28.36 60.28 1.69
N ASP B 315 28.61 59.42 0.71
CA ASP B 315 28.79 59.84 -0.67
C ASP B 315 27.50 59.55 -1.42
N VAL B 316 27.11 60.47 -2.30
CA VAL B 316 25.89 60.34 -3.08
C VAL B 316 26.26 60.30 -4.55
N LEU B 317 25.90 59.21 -5.22
CA LEU B 317 26.11 59.07 -6.66
C LEU B 317 24.77 59.14 -7.37
N GLU B 318 24.74 59.87 -8.49
CA GLU B 318 23.52 60.07 -9.25
C GLU B 318 23.70 59.55 -10.67
N VAL B 319 22.66 58.90 -11.18
CA VAL B 319 22.62 58.45 -12.57
C VAL B 319 21.30 58.89 -13.17
N SER B 320 21.34 59.36 -14.42
CA SER B 320 20.18 59.91 -15.09
C SER B 320 19.90 59.10 -16.34
N ASN B 321 18.72 58.47 -16.38
CA ASN B 321 18.30 57.73 -17.57
C ASN B 321 16.78 57.60 -17.52
N SER B 322 16.09 58.34 -18.38
CA SER B 322 14.63 58.28 -18.41
C SER B 322 14.16 56.92 -18.90
N SER B 323 14.91 56.30 -19.80
CA SER B 323 14.52 54.98 -20.33
C SER B 323 14.57 53.89 -19.28
N LEU B 324 15.18 54.14 -18.12
CA LEU B 324 15.22 53.18 -17.02
C LEU B 324 14.34 53.58 -15.84
N ARG B 325 14.11 54.88 -15.63
CA ARG B 325 13.31 55.31 -14.49
C ARG B 325 11.86 54.86 -14.62
N ARG B 326 11.32 54.82 -15.85
CA ARG B 326 9.94 54.42 -16.04
C ARG B 326 9.74 52.94 -15.71
N ARG B 327 10.72 52.11 -16.04
CA ARG B 327 10.58 50.67 -15.90
C ARG B 327 10.61 50.27 -14.42
N LEU B 328 10.40 48.98 -14.18
CA LEU B 328 10.27 48.44 -12.83
C LEU B 328 11.51 47.62 -12.48
N ILE B 329 12.15 47.97 -11.37
CA ILE B 329 13.36 47.29 -10.92
C ILE B 329 12.92 46.21 -9.92
N LEU B 330 12.64 45.03 -10.44
CA LEU B 330 12.20 43.92 -9.60
C LEU B 330 13.35 43.43 -8.72
N ALA B 331 13.01 43.01 -7.51
CA ALA B 331 13.96 42.41 -6.57
C ALA B 331 13.57 40.96 -6.33
N ASN B 332 14.58 40.08 -6.32
CA ASN B 332 14.40 38.64 -6.13
C ASN B 332 13.46 38.03 -7.17
N CYS B 333 13.36 38.65 -8.35
CA CYS B 333 12.50 38.18 -9.43
C CYS B 333 13.41 37.89 -10.63
N ASP B 334 13.76 36.63 -10.82
CA ASP B 334 14.64 36.24 -11.91
C ASP B 334 13.94 36.41 -13.25
N ILE B 335 14.70 36.87 -14.25
CA ILE B 335 14.16 37.01 -15.59
C ILE B 335 13.82 35.63 -16.17
N SER B 336 14.63 34.63 -15.85
CA SER B 336 14.35 33.27 -16.31
C SER B 336 13.04 32.75 -15.74
N LYS B 337 12.59 33.30 -14.62
CA LYS B 337 11.32 32.92 -14.03
C LYS B 337 10.19 33.62 -14.79
N ILE B 338 8.97 33.58 -14.23
CA ILE B 338 7.76 34.15 -14.82
C ILE B 338 7.37 33.34 -16.05
N GLY B 339 6.13 32.89 -16.09
CA GLY B 339 5.67 32.04 -17.17
C GLY B 339 6.03 30.58 -17.01
N ASP B 340 6.47 30.16 -15.83
CA ASP B 340 6.87 28.78 -15.59
C ASP B 340 5.73 27.90 -15.11
N GLU B 341 4.48 28.30 -15.37
CA GLU B 341 3.27 27.54 -15.03
C GLU B 341 3.12 27.29 -13.53
N ASN B 342 3.94 27.94 -12.70
CA ASN B 342 3.87 27.77 -11.25
C ASN B 342 3.87 29.15 -10.61
N CYS B 343 2.96 29.36 -9.67
CA CYS B 343 2.82 30.67 -9.05
C CYS B 343 4.04 31.01 -8.21
N ASP B 344 4.59 32.20 -8.42
CA ASP B 344 5.74 32.69 -7.67
C ASP B 344 5.33 33.97 -6.94
N PRO B 345 5.05 33.89 -5.63
CA PRO B 345 4.63 35.11 -4.91
C PRO B 345 5.64 36.23 -4.96
N GLU B 346 6.93 35.91 -4.90
CA GLU B 346 7.96 36.94 -5.01
C GLU B 346 8.02 37.53 -6.41
N CYS B 347 7.52 36.83 -7.42
CA CYS B 347 7.42 37.34 -8.78
C CYS B 347 6.01 37.71 -9.18
N ASN B 348 5.01 37.43 -8.34
CA ASN B 348 3.64 37.76 -8.65
C ASN B 348 3.43 39.27 -8.56
N HIS B 349 3.14 39.90 -9.70
CA HIS B 349 2.93 41.34 -9.74
C HIS B 349 2.18 41.67 -11.02
N THR B 350 1.45 42.79 -10.98
CA THR B 350 0.70 43.21 -12.16
C THR B 350 1.63 43.62 -13.29
N LEU B 351 2.77 44.24 -12.97
CA LEU B 351 3.76 44.57 -13.98
C LEU B 351 4.52 43.35 -14.47
N THR B 352 4.42 42.23 -13.76
CA THR B 352 4.93 40.95 -14.23
C THR B 352 3.84 40.09 -14.88
N GLY B 353 2.64 40.63 -15.03
CA GLY B 353 1.52 39.85 -15.54
C GLY B 353 1.09 38.74 -14.61
N HIS B 354 1.12 38.98 -13.31
CA HIS B 354 0.83 37.97 -12.29
C HIS B 354 1.69 36.74 -12.51
N ASP B 355 3.01 36.95 -12.42
CA ASP B 355 4.01 35.92 -12.74
C ASP B 355 3.86 35.44 -14.17
N GLY B 356 3.46 36.33 -15.07
CA GLY B 356 3.26 35.97 -16.46
C GLY B 356 2.15 34.96 -16.68
N GLY B 357 1.09 35.03 -15.87
CA GLY B 357 -0.03 34.13 -16.00
C GLY B 357 0.00 32.92 -15.10
N ASP B 358 1.15 32.62 -14.50
CA ASP B 358 1.22 31.49 -13.57
C ASP B 358 0.38 31.74 -12.33
N CYS B 359 0.41 32.97 -11.80
CA CYS B 359 -0.36 33.34 -10.63
C CYS B 359 -1.73 33.93 -10.99
N ARG B 360 -2.24 33.63 -12.18
CA ARG B 360 -3.54 34.14 -12.62
C ARG B 360 -4.15 33.10 -13.54
N HIS B 361 -5.03 32.28 -13.00
CA HIS B 361 -5.72 31.24 -13.77
C HIS B 361 -7.11 31.73 -14.17
N LEU B 362 -7.44 31.55 -15.44
CA LEU B 362 -8.71 32.00 -15.97
C LEU B 362 -9.04 31.18 -17.21
N ARG B 363 -10.26 31.39 -17.73
CA ARG B 363 -10.76 30.66 -18.89
C ARG B 363 -10.06 31.23 -20.13
N HIS B 364 -8.83 30.78 -20.35
CA HIS B 364 -7.97 31.34 -21.39
C HIS B 364 -8.50 31.11 -22.81
N PRO B 365 -8.89 29.90 -23.23
CA PRO B 365 -9.13 29.66 -24.66
C PRO B 365 -10.25 30.51 -25.27
N ALA B 366 -10.95 31.33 -24.50
CA ALA B 366 -11.92 32.25 -25.08
C ALA B 366 -11.27 33.44 -25.76
N PHE B 367 -9.96 33.65 -25.55
CA PHE B 367 -9.26 34.80 -26.12
C PHE B 367 -8.27 34.39 -27.20
N VAL B 368 -8.47 33.22 -27.82
CA VAL B 368 -7.64 32.81 -28.95
C VAL B 368 -7.86 33.75 -30.13
N LYS B 369 -9.10 34.22 -30.31
CA LYS B 369 -9.39 35.18 -31.38
C LYS B 369 -8.59 36.47 -31.21
N LYS B 370 -8.30 36.85 -29.96
CA LYS B 370 -7.53 38.06 -29.73
C LYS B 370 -6.10 37.94 -30.27
N GLN B 371 -5.63 36.72 -30.48
CA GLN B 371 -4.32 36.53 -31.09
C GLN B 371 -4.34 36.93 -32.56
N HIS B 372 -3.16 37.20 -33.10
CA HIS B 372 -2.90 37.57 -34.49
C HIS B 372 -3.53 38.90 -34.88
N ASN B 373 -4.09 39.65 -33.92
CA ASN B 373 -4.71 40.93 -34.25
C ASN B 373 -3.69 42.03 -34.51
N GLY B 374 -2.45 41.85 -34.08
CA GLY B 374 -1.44 42.88 -34.21
C GLY B 374 -1.52 43.98 -33.18
N VAL B 375 -2.41 43.86 -32.20
CA VAL B 375 -2.57 44.86 -31.15
C VAL B 375 -2.50 44.13 -29.81
N CYS B 376 -1.82 44.75 -28.84
CA CYS B 376 -1.64 44.13 -27.54
C CYS B 376 -2.98 43.84 -26.87
N ASP B 377 -3.11 42.63 -26.33
CA ASP B 377 -4.29 42.23 -25.59
C ASP B 377 -3.87 41.69 -24.23
N MET B 378 -4.55 42.14 -23.18
CA MET B 378 -4.18 41.74 -21.83
C MET B 378 -4.32 40.24 -21.64
N ASP B 379 -5.41 39.65 -22.14
CA ASP B 379 -5.57 38.20 -22.06
C ASP B 379 -4.49 37.49 -22.87
N CYS B 380 -4.14 38.03 -24.03
CA CYS B 380 -3.03 37.47 -24.81
C CYS B 380 -1.68 37.73 -24.17
N ASN B 381 -1.60 38.70 -23.26
CA ASN B 381 -0.33 39.07 -22.63
C ASN B 381 -0.02 38.12 -21.46
N TYR B 382 0.04 36.83 -21.80
CA TYR B 382 0.34 35.80 -20.83
C TYR B 382 1.18 34.72 -21.52
N GLU B 383 1.73 33.82 -20.70
CA GLU B 383 2.61 32.77 -21.23
C GLU B 383 1.85 31.85 -22.19
N ARG B 384 0.59 31.53 -21.86
CA ARG B 384 -0.16 30.60 -22.69
C ARG B 384 -0.32 31.10 -24.11
N PHE B 385 -0.58 32.40 -24.26
CA PHE B 385 -0.68 33.04 -25.57
C PHE B 385 0.63 33.70 -25.98
N ASN B 386 1.75 33.22 -25.43
CA ASN B 386 3.09 33.71 -25.79
C ASN B 386 3.21 35.22 -25.60
N PHE B 387 2.48 35.77 -24.64
CA PHE B 387 2.41 37.21 -24.40
C PHE B 387 2.08 37.93 -25.70
N ASP B 388 0.98 37.49 -26.32
CA ASP B 388 0.48 38.02 -27.60
C ASP B 388 1.52 37.87 -28.70
N GLY B 389 2.45 36.93 -28.56
CA GLY B 389 3.54 36.82 -29.51
C GLY B 389 4.42 38.04 -29.56
N GLY B 390 4.63 38.71 -28.42
CA GLY B 390 5.46 39.88 -28.37
C GLY B 390 4.80 41.17 -28.82
N GLU B 391 3.51 41.14 -29.15
CA GLU B 391 2.83 42.37 -29.56
C GLU B 391 2.80 43.39 -28.43
N CYS B 392 2.55 42.92 -27.19
CA CYS B 392 2.57 43.82 -26.06
C CYS B 392 3.97 44.33 -25.76
N CYS B 393 5.00 43.56 -26.10
CA CYS B 393 6.38 44.00 -25.97
C CYS B 393 6.88 44.81 -27.14
N ASP B 394 6.08 44.94 -28.21
CA ASP B 394 6.48 45.77 -29.34
C ASP B 394 6.21 47.23 -29.02
N PRO B 395 7.22 48.09 -29.01
CA PRO B 395 6.98 49.51 -28.71
C PRO B 395 6.05 50.19 -29.70
N GLU B 396 6.08 49.78 -30.98
CA GLU B 396 5.23 50.42 -31.98
C GLU B 396 3.76 50.06 -31.77
N ILE B 397 3.48 48.79 -31.40
CA ILE B 397 2.10 48.37 -31.20
C ILE B 397 1.50 49.07 -29.99
N THR B 398 2.24 49.13 -28.89
CA THR B 398 1.75 49.76 -27.66
C THR B 398 2.95 50.09 -26.78
N ASN B 399 2.66 50.81 -25.70
CA ASN B 399 3.70 51.15 -24.73
C ASN B 399 4.23 49.88 -24.06
N VAL B 400 5.55 49.86 -23.82
CA VAL B 400 6.21 48.69 -23.24
C VAL B 400 6.38 48.79 -21.74
N THR B 401 6.13 49.96 -21.14
CA THR B 401 6.31 50.15 -19.70
C THR B 401 5.24 49.43 -18.88
N GLN B 402 4.09 49.13 -19.46
CA GLN B 402 3.01 48.48 -18.73
C GLN B 402 2.45 47.24 -19.42
N THR B 403 2.96 46.87 -20.59
CA THR B 403 2.44 45.74 -21.34
C THR B 403 3.46 44.65 -21.60
N CYS B 404 4.75 44.98 -21.65
CA CYS B 404 5.79 44.01 -22.00
C CYS B 404 6.02 43.08 -20.82
N PHE B 405 5.20 42.03 -20.74
CA PHE B 405 5.36 41.00 -19.73
C PHE B 405 6.13 39.79 -20.26
N ASP B 406 6.51 39.79 -21.53
CA ASP B 406 7.29 38.70 -22.10
C ASP B 406 8.77 38.89 -21.75
N PRO B 407 9.41 37.91 -21.10
CA PRO B 407 10.79 38.08 -20.63
C PRO B 407 11.85 37.80 -21.71
N ASP B 408 11.64 38.36 -22.90
CA ASP B 408 12.61 38.21 -23.98
C ASP B 408 12.96 39.56 -24.60
N SER B 409 11.99 40.47 -24.64
CA SER B 409 12.19 41.75 -25.32
C SER B 409 13.22 42.59 -24.56
N PRO B 410 14.19 43.19 -25.26
CA PRO B 410 15.12 44.11 -24.57
C PRO B 410 14.46 45.35 -24.03
N HIS B 411 13.25 45.69 -24.49
CA HIS B 411 12.51 46.86 -24.04
C HIS B 411 11.48 46.51 -22.98
N ARG B 412 11.83 45.58 -22.10
CA ARG B 412 10.88 45.07 -21.12
C ARG B 412 10.45 46.16 -20.15
N ALA B 413 9.25 45.99 -19.59
CA ALA B 413 8.74 46.87 -18.55
C ALA B 413 9.52 46.76 -17.25
N TYR B 414 10.35 45.72 -17.10
CA TYR B 414 11.02 45.47 -15.84
C TYR B 414 12.39 44.87 -16.10
N LEU B 415 13.27 45.05 -15.12
CA LEU B 415 14.60 44.44 -15.11
C LEU B 415 14.90 43.98 -13.69
N ASP B 416 16.07 43.37 -13.52
CA ASP B 416 16.53 42.94 -12.21
C ASP B 416 17.73 43.77 -11.79
N VAL B 417 18.03 43.72 -10.49
CA VAL B 417 19.09 44.54 -9.93
C VAL B 417 20.45 44.15 -10.51
N ASN B 418 20.66 42.87 -10.78
CA ASN B 418 21.95 42.41 -11.27
C ASN B 418 22.27 42.99 -12.64
N GLU B 419 21.28 43.06 -13.53
CA GLU B 419 21.50 43.66 -14.83
C GLU B 419 21.82 45.15 -14.71
N LEU B 420 21.15 45.83 -13.78
CA LEU B 420 21.49 47.23 -13.52
C LEU B 420 22.92 47.38 -13.04
N LYS B 421 23.36 46.47 -12.15
CA LYS B 421 24.75 46.50 -11.71
C LYS B 421 25.71 46.27 -12.87
N ASN B 422 25.37 45.35 -13.76
CA ASN B 422 26.18 45.14 -14.96
C ASN B 422 26.27 46.41 -15.79
N ILE B 423 25.17 47.14 -15.90
CA ILE B 423 25.19 48.41 -16.63
C ILE B 423 26.10 49.41 -15.93
N LEU B 424 26.00 49.49 -14.61
CA LEU B 424 26.60 50.61 -13.88
C LEU B 424 28.13 50.58 -13.93
N LYS B 425 28.74 49.43 -13.62
CA LYS B 425 30.19 49.31 -13.48
C LYS B 425 30.73 50.33 -12.48
N LEU B 426 30.27 50.21 -11.24
CA LEU B 426 30.58 51.17 -10.19
C LEU B 426 31.92 50.84 -9.53
N ASP B 427 32.34 51.74 -8.64
CA ASP B 427 33.57 51.55 -7.87
C ASP B 427 33.22 50.99 -6.49
N GLY B 428 32.85 49.70 -6.48
CA GLY B 428 32.54 49.03 -5.23
C GLY B 428 33.73 48.78 -4.34
N SER B 429 34.94 48.83 -4.91
CA SER B 429 36.15 48.60 -4.12
C SER B 429 36.42 49.73 -3.13
N THR B 430 35.82 50.90 -3.33
CA THR B 430 36.05 52.04 -2.45
C THR B 430 34.80 52.52 -1.74
N HIS B 431 33.63 51.93 -2.02
CA HIS B 431 32.39 52.37 -1.42
C HIS B 431 31.39 51.22 -1.38
N LEU B 432 30.50 51.25 -0.39
CA LEU B 432 29.39 50.31 -0.30
C LEU B 432 28.25 50.89 -1.11
N ASN B 433 28.17 50.47 -2.37
CA ASN B 433 27.15 50.99 -3.27
C ASN B 433 25.76 50.53 -2.81
N ILE B 434 24.83 51.47 -2.73
CA ILE B 434 23.48 51.21 -2.24
C ILE B 434 22.51 51.37 -3.41
N PHE B 435 21.74 50.33 -3.68
CA PHE B 435 20.76 50.33 -4.76
C PHE B 435 19.36 50.20 -4.17
N PHE B 436 18.36 50.39 -5.04
CA PHE B 436 16.97 50.38 -4.62
C PHE B 436 16.12 49.57 -5.58
N ALA B 437 15.17 48.83 -5.05
CA ALA B 437 14.26 48.01 -5.83
C ALA B 437 12.95 47.91 -5.07
N LYS B 438 12.10 46.96 -5.45
CA LYS B 438 10.83 46.73 -4.78
C LYS B 438 10.95 45.51 -3.87
N SER B 439 10.78 45.73 -2.57
CA SER B 439 10.89 44.66 -1.58
C SER B 439 9.57 43.91 -1.52
N SER B 440 9.39 42.98 -2.46
CA SER B 440 8.18 42.16 -2.48
C SER B 440 8.09 41.30 -1.24
N GLU B 441 9.22 40.75 -0.80
CA GLU B 441 9.24 39.94 0.41
C GLU B 441 8.96 40.80 1.64
N GLU B 442 8.38 40.17 2.67
CA GLU B 442 8.00 40.87 3.89
C GLU B 442 8.99 40.68 5.02
N GLU B 443 9.78 39.60 5.00
CA GLU B 443 10.74 39.35 6.07
C GLU B 443 11.96 40.24 5.99
N LEU B 444 12.24 40.82 4.83
CA LEU B 444 13.44 41.63 4.64
C LEU B 444 13.14 42.75 3.65
N ALA B 445 14.01 43.76 3.65
CA ALA B 445 13.92 44.86 2.70
C ALA B 445 14.82 44.67 1.48
N GLY B 446 15.54 43.56 1.40
CA GLY B 446 16.40 43.31 0.26
C GLY B 446 17.41 42.25 0.59
N VAL B 447 18.21 41.91 -0.43
CA VAL B 447 19.27 40.93 -0.32
C VAL B 447 20.60 41.63 -0.56
N ALA B 448 21.54 41.48 0.37
CA ALA B 448 22.82 42.15 0.31
C ALA B 448 23.95 41.13 0.24
N THR B 449 25.04 41.52 -0.41
CA THR B 449 26.20 40.67 -0.51
C THR B 449 26.90 40.52 0.83
N TRP B 450 27.42 39.33 1.09
CA TRP B 450 28.23 39.09 2.27
C TRP B 450 29.65 39.57 2.05
N PRO B 451 30.36 39.93 3.12
CA PRO B 451 31.78 40.30 2.94
C PRO B 451 32.62 39.19 2.34
N TRP B 452 32.32 37.94 2.69
CA TRP B 452 33.04 36.80 2.12
C TRP B 452 32.58 36.46 0.71
N ASP B 453 31.52 37.10 0.22
CA ASP B 453 31.03 36.83 -1.13
C ASP B 453 31.99 37.39 -2.17
N LYS B 454 31.85 36.91 -3.39
CA LYS B 454 32.71 37.35 -4.49
C LYS B 454 32.50 38.82 -4.81
N GLU B 455 31.24 39.28 -4.81
CA GLU B 455 30.90 40.60 -5.31
C GLU B 455 31.03 41.70 -4.26
N ALA B 456 31.44 41.37 -3.04
CA ALA B 456 31.56 42.38 -2.00
C ALA B 456 32.54 43.48 -2.40
N LEU B 457 33.72 43.09 -2.88
CA LEU B 457 34.68 44.05 -3.41
C LEU B 457 34.54 44.27 -4.90
N MET B 458 33.68 43.51 -5.57
CA MET B 458 33.47 43.63 -7.01
C MET B 458 32.33 44.61 -7.26
N HIS B 459 32.19 45.06 -8.51
CA HIS B 459 31.18 46.06 -8.81
C HIS B 459 29.77 45.47 -8.87
N LEU B 460 29.57 44.23 -8.45
CA LEU B 460 28.25 43.61 -8.41
C LEU B 460 27.61 43.65 -7.03
N GLY B 461 28.39 43.84 -5.97
CA GLY B 461 27.83 43.85 -4.64
C GLY B 461 27.10 45.12 -4.30
N GLY B 462 26.37 45.07 -3.20
CA GLY B 462 25.62 46.23 -2.74
C GLY B 462 24.41 45.79 -1.94
N ILE B 463 23.65 46.79 -1.52
CA ILE B 463 22.44 46.57 -0.73
C ILE B 463 21.26 47.12 -1.52
N VAL B 464 20.26 46.29 -1.74
CA VAL B 464 19.03 46.70 -2.40
C VAL B 464 17.97 46.96 -1.35
N LEU B 465 17.19 48.02 -1.56
CA LEU B 465 16.21 48.45 -0.57
C LEU B 465 14.95 48.94 -1.27
N ASN B 466 13.86 49.01 -0.51
CA ASN B 466 12.60 49.55 -1.01
C ASN B 466 12.51 51.02 -0.66
N PRO B 467 12.37 51.92 -1.64
CA PRO B 467 12.22 53.35 -1.31
C PRO B 467 10.99 53.64 -0.48
N SER B 468 9.99 52.76 -0.48
CA SER B 468 8.81 52.97 0.34
C SER B 468 9.14 52.97 1.83
N PHE B 469 10.26 52.37 2.24
CA PHE B 469 10.68 52.35 3.62
C PHE B 469 11.97 53.11 3.87
N TYR B 470 12.74 53.44 2.83
CA TYR B 470 13.99 54.16 3.01
C TYR B 470 13.70 55.58 3.49
N GLY B 471 14.40 56.00 4.54
CA GLY B 471 14.20 57.32 5.09
C GLY B 471 12.84 57.54 5.71
N MET B 472 12.11 56.46 6.01
CA MET B 472 10.79 56.56 6.61
C MET B 472 10.89 56.35 8.12
N PRO B 473 10.43 57.30 8.93
CA PRO B 473 10.41 57.07 10.38
C PRO B 473 9.55 55.85 10.72
N GLY B 474 10.00 55.09 11.72
CA GLY B 474 9.39 53.83 12.07
C GLY B 474 9.98 52.64 11.34
N HIS B 475 10.51 52.86 10.13
CA HIS B 475 11.22 51.82 9.37
C HIS B 475 12.57 52.41 8.95
N THR B 476 13.54 52.34 9.87
CA THR B 476 14.89 52.81 9.61
C THR B 476 15.96 51.82 10.04
N HIS B 477 15.66 50.92 10.97
CA HIS B 477 16.64 49.94 11.44
C HIS B 477 16.65 48.68 10.59
N THR B 478 15.72 48.54 9.64
CA THR B 478 15.81 47.43 8.69
C THR B 478 16.96 47.64 7.71
N MET B 479 17.23 48.89 7.33
CA MET B 479 18.43 49.16 6.55
C MET B 479 19.68 48.90 7.37
N ILE B 480 19.62 49.18 8.67
CA ILE B 480 20.71 48.82 9.57
C ILE B 480 20.91 47.31 9.58
N HIS B 481 19.80 46.56 9.55
CA HIS B 481 19.89 45.10 9.50
C HIS B 481 20.52 44.64 8.18
N GLN B 482 20.17 45.29 7.08
CA GLN B 482 20.80 44.97 5.79
C GLN B 482 22.30 45.26 5.83
N ILE B 483 22.68 46.38 6.45
CA ILE B 483 24.11 46.68 6.60
C ILE B 483 24.78 45.64 7.49
N GLY B 484 24.08 45.16 8.51
CA GLY B 484 24.60 44.07 9.31
C GLY B 484 24.83 42.81 8.50
N HIS B 485 23.91 42.53 7.58
CA HIS B 485 24.15 41.46 6.60
C HIS B 485 25.43 41.73 5.83
N SER B 486 25.59 42.95 5.34
CA SER B 486 26.76 43.32 4.54
C SER B 486 28.04 43.36 5.35
N LEU B 487 27.97 43.31 6.68
CA LEU B 487 29.13 43.31 7.55
C LEU B 487 29.40 41.94 8.16
N GLY B 488 28.83 40.88 7.59
CA GLY B 488 29.09 39.53 8.05
C GLY B 488 28.36 39.14 9.32
N LEU B 489 27.47 39.98 9.82
CA LEU B 489 26.73 39.65 11.04
C LEU B 489 25.64 38.64 10.72
N TYR B 490 25.70 37.49 11.37
CA TYR B 490 24.64 36.50 11.21
C TYR B 490 23.42 36.90 12.01
N HIS B 491 22.28 36.32 11.66
CA HIS B 491 21.04 36.58 12.37
C HIS B 491 21.14 36.08 13.81
N VAL B 492 20.68 36.91 14.74
CA VAL B 492 20.73 36.53 16.16
C VAL B 492 19.87 35.31 16.43
N PHE B 493 18.92 35.01 15.55
CA PHE B 493 18.09 33.82 15.68
C PHE B 493 18.66 32.63 14.91
N ARG B 494 19.80 32.78 14.27
CA ARG B 494 20.44 31.65 13.60
C ARG B 494 20.82 30.59 14.62
N GLY B 495 20.77 29.33 14.20
CA GLY B 495 20.91 28.22 15.10
C GLY B 495 19.60 27.63 15.56
N ILE B 496 18.48 28.30 15.30
CA ILE B 496 17.16 27.79 15.63
C ILE B 496 16.26 27.83 14.40
N SER B 497 16.18 28.99 13.74
CA SER B 497 15.31 29.19 12.59
C SER B 497 16.03 29.07 11.26
N GLU B 498 17.29 29.49 11.18
CA GLU B 498 18.04 29.45 9.93
C GLU B 498 18.72 28.10 9.70
N ILE B 499 18.55 27.15 10.61
CA ILE B 499 19.16 25.83 10.44
C ILE B 499 18.51 25.09 9.29
N GLN B 500 19.31 24.24 8.63
CA GLN B 500 18.75 23.35 7.62
C GLN B 500 17.77 22.35 8.25
N SER B 501 18.14 21.80 9.40
CA SER B 501 17.29 20.90 10.15
C SER B 501 17.79 20.90 11.59
N CYS B 502 17.10 20.15 12.46
CA CYS B 502 17.45 20.12 13.87
C CYS B 502 18.80 19.45 14.12
N SER B 503 19.36 18.77 13.11
CA SER B 503 20.69 18.15 13.22
C SER B 503 21.79 19.05 12.67
N ASP B 504 21.49 20.31 12.41
CA ASP B 504 22.49 21.24 11.91
C ASP B 504 23.57 21.43 12.97
N PRO B 505 24.85 21.25 12.63
CA PRO B 505 25.92 21.39 13.63
C PRO B 505 26.08 22.79 14.21
N CYS B 506 25.21 23.71 13.82
CA CYS B 506 25.23 25.08 14.34
C CYS B 506 24.14 25.32 15.39
N MET B 507 23.74 24.28 16.12
CA MET B 507 22.75 24.41 17.18
C MET B 507 23.15 25.48 18.19
N GLU B 508 22.42 26.58 18.23
CA GLU B 508 22.64 27.62 19.23
C GLU B 508 21.63 27.48 20.36
N THR B 509 21.81 26.41 21.14
CA THR B 509 21.04 26.27 22.37
C THR B 509 21.43 27.33 23.39
N GLU B 510 22.68 27.80 23.32
CA GLU B 510 23.21 28.84 24.19
C GLU B 510 24.06 29.80 23.37
N PRO B 511 24.11 31.07 23.76
CA PRO B 511 24.87 32.06 22.97
C PRO B 511 26.35 31.74 22.95
N SER B 512 26.89 31.60 21.74
CA SER B 512 28.28 31.19 21.58
C SER B 512 28.87 31.81 20.33
N PHE B 513 30.21 31.77 20.25
CA PHE B 513 30.95 32.34 19.14
C PHE B 513 30.98 31.45 17.90
N GLU B 514 30.55 30.19 18.00
CA GLU B 514 30.60 29.28 16.86
C GLU B 514 29.26 28.68 16.48
N THR B 515 28.19 28.98 17.20
CA THR B 515 26.86 28.45 16.90
C THR B 515 25.94 29.58 16.47
N GLY B 516 25.22 29.37 15.38
CA GLY B 516 24.24 30.33 14.90
C GLY B 516 24.81 31.68 14.54
N ASP B 517 24.47 32.69 15.34
CA ASP B 517 24.92 34.06 15.08
C ASP B 517 26.41 34.25 15.35
N LEU B 518 27.08 33.27 15.95
CA LEU B 518 28.50 33.34 16.26
C LEU B 518 28.83 34.47 17.22
N CYS B 519 27.88 34.81 18.10
CA CYS B 519 28.07 35.84 19.11
C CYS B 519 27.70 35.27 20.47
N ASN B 520 28.60 35.41 21.43
CA ASN B 520 28.36 34.88 22.78
C ASN B 520 27.40 35.74 23.58
N ASP B 521 27.09 36.96 23.13
CA ASP B 521 26.24 37.88 23.85
C ASP B 521 24.86 38.03 23.24
N THR B 522 24.49 37.17 22.29
CA THR B 522 23.19 37.22 21.62
C THR B 522 22.41 35.97 22.02
N ASN B 523 21.33 36.16 22.77
CA ASN B 523 20.56 35.03 23.26
C ASN B 523 19.88 34.28 22.11
N PRO B 524 19.69 32.97 22.27
CA PRO B 524 18.99 32.20 21.23
C PRO B 524 17.57 32.71 21.04
N ALA B 525 17.11 32.68 19.80
CA ALA B 525 15.79 33.18 19.45
C ALA B 525 15.33 32.49 18.19
N PRO B 526 14.01 32.43 17.95
CA PRO B 526 13.51 31.98 16.64
C PRO B 526 13.33 33.14 15.68
N LYS B 527 12.82 32.86 14.48
CA LYS B 527 12.53 33.93 13.53
C LYS B 527 11.29 34.69 14.01
N HIS B 528 11.51 35.70 14.86
CA HIS B 528 10.43 36.41 15.54
C HIS B 528 10.33 37.81 14.96
N LYS B 529 9.15 38.13 14.39
CA LYS B 529 8.96 39.44 13.78
C LYS B 529 8.74 40.53 14.84
N SER B 530 8.00 40.22 15.91
CA SER B 530 7.73 41.20 16.93
C SER B 530 8.97 41.42 17.81
N CYS B 531 8.91 42.46 18.64
CA CYS B 531 10.03 42.84 19.49
C CYS B 531 9.82 42.41 20.94
N GLY B 532 9.01 41.38 21.17
CA GLY B 532 8.84 40.79 22.49
C GLY B 532 9.45 39.40 22.54
N ASP B 533 9.57 38.90 23.76
CA ASP B 533 10.07 37.54 23.95
C ASP B 533 9.09 36.54 23.37
N PRO B 534 9.52 35.65 22.49
CA PRO B 534 8.60 34.68 21.88
C PRO B 534 8.01 33.75 22.94
N GLY B 535 6.74 33.39 22.74
CA GLY B 535 6.06 32.50 23.65
C GLY B 535 6.29 31.05 23.31
N PRO B 536 5.60 30.17 24.04
CA PRO B 536 5.72 28.73 23.76
C PRO B 536 5.20 28.39 22.37
N GLY B 537 5.81 27.38 21.77
CA GLY B 537 5.46 26.96 20.43
C GLY B 537 6.16 27.72 19.32
N ASN B 538 6.95 28.74 19.64
CA ASN B 538 7.68 29.48 18.63
C ASN B 538 8.98 28.80 18.21
N ASP B 539 9.34 27.69 18.86
CA ASP B 539 10.57 26.99 18.52
C ASP B 539 10.36 26.12 17.29
N THR B 540 11.25 26.26 16.30
CA THR B 540 11.16 25.43 15.11
C THR B 540 11.38 23.96 15.44
N CYS B 541 12.39 23.66 16.24
CA CYS B 541 12.60 22.29 16.71
C CYS B 541 11.63 21.92 17.81
N GLY B 542 11.18 22.88 18.62
CA GLY B 542 10.27 22.64 19.70
C GLY B 542 10.90 22.13 20.97
N PHE B 543 12.22 21.98 21.01
CA PHE B 543 12.87 21.39 22.18
C PHE B 543 12.93 22.36 23.36
N HIS B 544 13.26 23.62 23.11
CA HIS B 544 13.51 24.57 24.18
C HIS B 544 12.81 25.89 23.90
N SER B 545 12.56 26.64 24.97
CA SER B 545 11.98 27.97 24.88
C SER B 545 13.10 28.99 24.65
N PHE B 546 12.76 30.27 24.77
CA PHE B 546 13.70 31.36 24.51
C PHE B 546 13.64 32.36 25.65
N PHE B 547 14.81 32.80 26.11
CA PHE B 547 14.92 33.72 27.24
C PHE B 547 15.79 34.92 26.85
N ASN B 548 15.29 36.12 27.14
CA ASN B 548 16.05 37.36 26.95
C ASN B 548 16.56 37.50 25.53
N THR B 549 15.68 37.19 24.57
CA THR B 549 16.06 37.27 23.17
C THR B 549 16.43 38.71 22.81
N PRO B 550 17.49 38.93 22.02
CA PRO B 550 17.93 40.30 21.69
C PRO B 550 17.05 40.95 20.63
N TYR B 551 15.79 41.19 20.99
CA TYR B 551 14.93 41.96 20.10
C TYR B 551 15.36 43.42 20.03
N ASN B 552 15.93 43.94 21.12
CA ASN B 552 16.48 45.29 21.10
C ASN B 552 17.71 45.39 20.21
N ASN B 553 18.35 44.27 19.89
CA ASN B 553 19.46 44.28 18.97
C ASN B 553 18.99 44.69 17.58
N PHE B 554 19.80 45.52 16.91
CA PHE B 554 19.45 45.97 15.57
C PHE B 554 19.34 44.80 14.59
N MET B 555 20.04 43.69 14.87
CA MET B 555 20.14 42.59 13.93
C MET B 555 18.86 41.75 13.87
N SER B 556 18.12 41.64 14.96
CA SER B 556 16.95 40.79 15.00
C SER B 556 15.86 41.29 14.06
N TYR B 557 14.98 40.37 13.64
CA TYR B 557 13.78 40.72 12.87
C TYR B 557 12.74 41.45 13.69
N ALA B 558 13.04 41.82 14.93
CA ALA B 558 12.12 42.62 15.71
C ALA B 558 11.81 43.94 15.00
N ASP B 559 10.72 44.57 15.41
CA ASP B 559 10.30 45.82 14.78
C ASP B 559 11.38 46.88 14.93
N ASP B 560 11.50 47.72 13.91
CA ASP B 560 12.61 48.66 13.83
C ASP B 560 12.64 49.61 15.02
N ASP B 561 11.47 49.91 15.61
CA ASP B 561 11.45 50.77 16.79
C ASP B 561 12.14 50.11 17.98
N CYS B 562 11.90 48.82 18.18
CA CYS B 562 12.47 48.12 19.33
C CYS B 562 13.94 47.78 19.11
N THR B 563 14.33 47.44 17.88
CA THR B 563 15.72 47.15 17.58
C THR B 563 16.57 48.41 17.76
N ASP B 564 17.36 48.46 18.82
CA ASP B 564 18.01 49.72 19.19
C ASP B 564 19.47 49.56 19.62
N SER B 565 20.11 48.43 19.37
CA SER B 565 21.46 48.22 19.87
C SER B 565 22.18 47.16 19.06
N PHE B 566 23.49 47.05 19.28
CA PHE B 566 24.31 45.97 18.76
C PHE B 566 25.16 45.42 19.89
N THR B 567 25.22 44.09 20.01
CA THR B 567 26.01 43.46 21.05
C THR B 567 27.49 43.65 20.78
N PRO B 568 28.33 43.69 21.83
CA PRO B 568 29.76 43.94 21.63
C PRO B 568 30.44 42.94 20.70
N ASN B 569 30.01 41.67 20.71
CA ASN B 569 30.56 40.72 19.75
C ASN B 569 30.27 41.14 18.32
N GLN B 570 29.05 41.63 18.08
CA GLN B 570 28.72 42.16 16.76
C GLN B 570 29.56 43.38 16.42
N VAL B 571 29.84 44.22 17.42
CA VAL B 571 30.69 45.38 17.20
C VAL B 571 32.09 44.94 16.76
N ALA B 572 32.65 43.97 17.46
CA ALA B 572 33.98 43.47 17.10
C ALA B 572 33.97 42.81 15.72
N ARG B 573 32.89 42.08 15.40
CA ARG B 573 32.78 41.46 14.09
C ARG B 573 32.75 42.52 12.99
N MET B 574 31.98 43.58 13.19
CA MET B 574 31.93 44.66 12.21
C MET B 574 33.29 45.32 12.08
N HIS B 575 33.99 45.54 13.20
CA HIS B 575 35.32 46.12 13.14
C HIS B 575 36.26 45.26 12.31
N CYS B 576 36.27 43.95 12.58
CA CYS B 576 37.16 43.05 11.86
C CYS B 576 36.82 43.00 10.37
N TYR B 577 35.53 42.95 10.04
CA TYR B 577 35.14 42.87 8.63
C TYR B 577 35.45 44.16 7.89
N LEU B 578 35.32 45.31 8.56
CA LEU B 578 35.79 46.56 7.95
C LEU B 578 37.29 46.52 7.73
N ASP B 579 38.03 45.99 8.71
CA ASP B 579 39.49 46.02 8.64
C ASP B 579 40.03 45.07 7.57
N LEU B 580 39.35 43.96 7.31
CA LEU B 580 39.85 42.97 6.36
C LEU B 580 39.19 43.10 4.99
N VAL B 581 37.87 42.95 4.93
CA VAL B 581 37.19 42.92 3.64
C VAL B 581 37.17 44.30 3.00
N TYR B 582 36.97 45.34 3.80
CA TYR B 582 36.69 46.68 3.32
C TYR B 582 37.90 47.60 3.45
N GLN B 583 39.09 47.07 3.15
CA GLN B 583 40.30 47.88 3.22
C GLN B 583 40.24 49.08 2.29
N GLY B 584 39.74 48.87 1.06
CA GLY B 584 39.66 49.97 0.11
C GLY B 584 38.51 50.92 0.35
N TRP B 585 37.54 50.53 1.17
CA TRP B 585 36.39 51.39 1.42
C TRP B 585 36.74 52.56 2.32
N GLN B 586 37.55 52.32 3.35
CA GLN B 586 37.86 53.36 4.31
C GLN B 586 38.75 54.43 3.68
N PRO B 587 38.64 55.68 4.15
CA PRO B 587 39.54 56.73 3.64
C PRO B 587 40.96 56.54 4.13
N SER B 588 41.86 57.44 3.73
CA SER B 588 43.27 57.39 4.10
C SER B 588 43.94 56.13 3.56
N ARG B 589 45.26 56.03 3.74
CA ARG B 589 46.02 54.89 3.25
C ARG B 589 46.87 54.28 4.37
N LYS B 590 46.32 54.20 5.57
CA LYS B 590 47.06 53.59 6.67
C LYS B 590 47.28 52.11 6.39
N PRO B 591 48.49 51.60 6.61
CA PRO B 591 48.75 50.18 6.31
C PRO B 591 48.02 49.26 7.27
N ALA B 592 47.76 48.05 6.78
CA ALA B 592 47.04 47.07 7.58
C ALA B 592 47.92 46.53 8.69
N PRO B 593 47.42 46.47 9.93
CA PRO B 593 48.20 45.90 11.03
C PRO B 593 48.20 44.38 10.99
N VAL B 594 49.09 43.79 11.78
CA VAL B 594 49.15 42.34 11.90
C VAL B 594 47.94 41.86 12.71
N ALA B 595 47.22 40.89 12.18
CA ALA B 595 45.95 40.48 12.77
C ALA B 595 46.12 39.88 14.15
N LEU B 596 47.12 39.03 14.33
CA LEU B 596 47.30 38.28 15.58
C LEU B 596 48.65 38.58 16.20
N ALA B 597 48.75 38.26 17.48
CA ALA B 597 49.97 38.55 18.23
C ALA B 597 51.12 37.68 17.73
N PRO B 598 52.35 38.21 17.71
CA PRO B 598 53.49 37.40 17.30
C PRO B 598 53.74 36.28 18.30
N GLN B 599 54.32 35.19 17.79
CA GLN B 599 54.53 33.98 18.58
C GLN B 599 56.01 33.79 18.86
N VAL B 600 56.32 33.29 20.05
CA VAL B 600 57.70 33.04 20.46
C VAL B 600 58.07 31.63 20.00
N LEU B 601 58.93 31.54 18.99
CA LEU B 601 59.36 30.24 18.48
C LEU B 601 60.21 29.52 19.51
N GLY B 602 61.35 30.10 19.87
CA GLY B 602 62.24 29.52 20.84
C GLY B 602 63.31 30.49 21.30
N HIS B 603 63.80 30.29 22.53
CA HIS B 603 64.76 31.21 23.13
C HIS B 603 66.04 30.45 23.46
N THR B 604 67.18 31.03 23.06
CA THR B 604 68.48 30.53 23.49
C THR B 604 68.86 31.18 24.81
N THR B 605 70.13 31.09 25.21
CA THR B 605 70.56 31.69 26.46
C THR B 605 70.33 33.21 26.45
N ASP B 606 70.61 33.86 25.32
CA ASP B 606 70.46 35.30 25.22
C ASP B 606 69.70 35.76 23.99
N SER B 607 69.22 34.84 23.14
CA SER B 607 68.53 35.19 21.91
C SER B 607 67.23 34.42 21.81
N VAL B 608 66.18 35.10 21.38
CA VAL B 608 64.87 34.49 21.18
C VAL B 608 64.36 34.87 19.79
N THR B 609 63.78 33.90 19.09
CA THR B 609 63.28 34.12 17.75
C THR B 609 61.81 34.51 17.78
N LEU B 610 61.47 35.58 17.06
CA LEU B 610 60.11 36.09 16.99
C LEU B 610 59.66 36.17 15.54
N GLU B 611 58.46 35.64 15.28
CA GLU B 611 57.78 35.75 14.01
C GLU B 611 56.35 36.21 14.27
N TRP B 612 55.72 36.73 13.21
CA TRP B 612 54.35 37.21 13.33
C TRP B 612 53.59 36.83 12.06
N PHE B 613 52.39 37.37 11.92
CA PHE B 613 51.47 37.06 10.85
C PHE B 613 51.55 38.12 9.75
N PRO B 614 51.16 37.77 8.54
CA PRO B 614 51.07 38.76 7.47
C PRO B 614 49.91 39.71 7.72
N PRO B 615 49.78 40.78 6.93
CA PRO B 615 48.62 41.65 7.08
C PRO B 615 47.33 40.90 6.81
N ILE B 616 46.25 41.37 7.43
CA ILE B 616 44.98 40.65 7.37
C ILE B 616 44.50 40.50 5.92
N ASP B 617 44.70 41.53 5.11
CA ASP B 617 44.34 41.42 3.70
C ASP B 617 45.31 40.52 2.95
N GLY B 618 46.52 40.33 3.46
CA GLY B 618 47.51 39.48 2.85
C GLY B 618 48.43 40.17 1.87
N HIS B 619 48.20 41.46 1.58
CA HIS B 619 49.04 42.17 0.62
C HIS B 619 50.41 42.46 1.22
N PHE B 620 51.40 41.65 0.87
CA PHE B 620 52.74 41.80 1.41
C PHE B 620 53.50 42.98 0.82
N PHE B 621 53.05 43.52 -0.31
CA PHE B 621 53.73 44.59 -1.00
C PHE B 621 52.91 45.87 -0.94
N GLU B 622 53.45 46.93 -1.54
CA GLU B 622 52.79 48.22 -1.52
C GLU B 622 51.47 48.15 -2.28
N ARG B 623 50.52 48.98 -1.88
CA ARG B 623 49.20 49.01 -2.48
C ARG B 623 49.11 50.11 -3.54
N GLU B 624 49.91 49.96 -4.59
CA GLU B 624 49.88 50.89 -5.70
C GLU B 624 48.78 50.50 -6.68
N LEU B 625 48.15 51.50 -7.28
CA LEU B 625 47.04 51.27 -8.19
C LEU B 625 47.54 51.01 -9.60
N GLY B 626 46.79 50.20 -10.34
CA GLY B 626 47.13 49.88 -11.71
C GLY B 626 48.03 48.66 -11.84
N SER B 627 49.19 48.71 -11.19
CA SER B 627 50.13 47.60 -11.26
C SER B 627 49.55 46.37 -10.58
N ALA B 628 49.85 45.19 -11.16
CA ALA B 628 49.29 43.94 -10.67
C ALA B 628 49.85 43.52 -9.31
N CYS B 629 50.89 44.20 -8.82
CA CYS B 629 51.52 43.78 -7.56
C CYS B 629 50.56 43.84 -6.39
N HIS B 630 49.45 44.58 -6.50
CA HIS B 630 48.46 44.58 -5.44
C HIS B 630 47.86 43.19 -5.19
N LEU B 631 48.14 42.22 -6.05
CA LEU B 631 47.81 40.82 -5.80
C LEU B 631 49.05 39.92 -5.73
N CYS B 632 50.25 40.51 -5.69
CA CYS B 632 51.47 39.72 -5.57
C CYS B 632 51.57 39.12 -4.17
N LEU B 633 52.24 37.98 -4.07
CA LEU B 633 52.40 37.27 -2.81
C LEU B 633 53.88 37.10 -2.47
N GLU B 634 54.15 36.38 -1.39
CA GLU B 634 55.50 36.19 -0.89
C GLU B 634 56.34 35.40 -1.89
N GLY B 635 57.65 35.64 -1.85
CA GLY B 635 58.51 35.12 -2.88
C GLY B 635 58.34 35.83 -4.21
N ARG B 636 57.72 37.00 -4.20
CA ARG B 636 57.45 37.77 -5.42
C ARG B 636 56.69 36.94 -6.44
N ILE B 637 55.66 36.22 -5.97
CA ILE B 637 54.78 35.45 -6.84
C ILE B 637 53.43 36.17 -6.88
N LEU B 638 52.56 35.69 -7.76
CA LEU B 638 51.21 36.23 -7.87
C LEU B 638 50.22 35.08 -7.97
N VAL B 639 49.08 35.25 -7.29
CA VAL B 639 47.97 34.31 -7.34
C VAL B 639 46.71 35.08 -7.68
N GLN B 640 45.98 34.58 -8.68
CA GLN B 640 44.79 35.28 -9.15
C GLN B 640 43.64 34.29 -9.33
N TYR B 641 42.43 34.83 -9.34
CA TYR B 641 41.21 34.08 -9.57
C TYR B 641 40.71 34.31 -10.99
N ALA B 642 39.67 33.56 -11.35
CA ALA B 642 39.08 33.64 -12.69
C ALA B 642 38.45 35.00 -12.93
N SER B 643 38.96 35.74 -13.91
CA SER B 643 38.47 37.10 -14.16
C SER B 643 37.21 37.10 -15.00
N ASN B 644 37.30 36.59 -16.23
CA ASN B 644 36.19 36.62 -17.18
C ASN B 644 35.91 35.20 -17.66
N ALA B 645 34.64 34.93 -17.98
CA ALA B 645 34.23 33.61 -18.45
C ALA B 645 33.34 33.76 -19.67
N SER B 646 33.34 32.73 -20.52
CA SER B 646 32.50 32.71 -21.70
C SER B 646 32.41 31.28 -22.22
N SER B 647 31.42 31.03 -23.07
CA SER B 647 31.24 29.73 -23.70
C SER B 647 30.33 29.91 -24.91
N PRO B 648 30.36 28.97 -25.86
CA PRO B 648 29.46 29.07 -27.02
C PRO B 648 28.03 28.72 -26.65
N MET B 649 27.09 29.47 -27.22
CA MET B 649 25.68 29.09 -27.12
C MET B 649 25.43 27.79 -27.87
N PRO B 650 24.62 26.89 -27.32
CA PRO B 650 24.22 25.70 -28.08
C PRO B 650 23.38 26.08 -29.28
N CYS B 651 23.48 25.25 -30.32
CA CYS B 651 22.74 25.41 -31.58
C CYS B 651 22.84 26.83 -32.12
N SER B 652 23.95 27.51 -31.83
CA SER B 652 24.13 28.89 -32.25
C SER B 652 25.61 29.15 -32.51
N PRO B 653 25.93 29.89 -33.56
CA PRO B 653 27.34 30.21 -33.83
C PRO B 653 27.90 31.17 -32.81
N SER B 654 29.23 31.15 -32.70
CA SER B 654 29.97 31.99 -31.76
C SER B 654 29.51 31.74 -30.33
N GLY B 655 28.60 32.57 -29.83
CA GLY B 655 28.02 32.35 -28.52
C GLY B 655 28.30 33.44 -27.52
N HIS B 656 29.51 34.01 -27.57
CA HIS B 656 29.95 35.04 -26.62
C HIS B 656 29.77 34.54 -25.19
N TRP B 657 28.68 34.95 -24.53
CA TRP B 657 28.31 34.51 -23.19
C TRP B 657 29.26 35.05 -22.13
N SER B 658 28.78 35.14 -20.89
CA SER B 658 29.61 35.63 -19.79
C SER B 658 29.08 35.13 -18.46
N PRO B 659 29.37 33.89 -18.07
CA PRO B 659 28.89 33.35 -16.80
C PRO B 659 29.72 33.87 -15.64
N ARG B 660 29.12 34.76 -14.84
CA ARG B 660 29.83 35.33 -13.71
C ARG B 660 30.09 34.30 -12.61
N GLU B 661 29.30 33.23 -12.59
CA GLU B 661 29.49 32.19 -11.58
C GLU B 661 30.86 31.53 -11.72
N ALA B 662 31.28 31.25 -12.95
CA ALA B 662 32.54 30.58 -13.20
C ALA B 662 33.75 31.48 -12.96
N GLU B 663 33.54 32.74 -12.62
CA GLU B 663 34.63 33.68 -12.43
C GLU B 663 34.91 33.85 -10.94
N GLY B 664 36.05 34.49 -10.64
CA GLY B 664 36.39 34.84 -9.28
C GLY B 664 36.82 33.66 -8.44
N HIS B 665 36.65 33.82 -7.13
CA HIS B 665 37.04 32.81 -6.16
C HIS B 665 35.98 31.73 -6.04
N PRO B 666 36.35 30.54 -5.55
CA PRO B 666 35.33 29.51 -5.29
C PRO B 666 34.37 29.96 -4.20
N ASP B 667 33.07 29.88 -4.51
CA ASP B 667 32.04 30.37 -3.61
C ASP B 667 31.06 29.32 -3.12
N VAL B 668 31.12 28.10 -3.64
CA VAL B 668 30.14 27.09 -3.28
C VAL B 668 30.31 26.70 -1.82
N GLU B 669 29.19 26.59 -1.11
CA GLU B 669 29.22 26.24 0.31
C GLU B 669 29.53 24.76 0.52
N GLN B 670 29.15 23.90 -0.41
CA GLN B 670 29.35 22.47 -0.24
C GLN B 670 29.56 21.79 -1.58
N PRO B 671 30.73 21.19 -1.80
CA PRO B 671 30.98 20.50 -3.08
C PRO B 671 30.22 19.18 -3.18
N CYS B 672 30.49 18.43 -4.26
CA CYS B 672 29.82 17.16 -4.53
C CYS B 672 28.31 17.33 -4.64
N LYS B 673 27.86 18.46 -5.17
CA LYS B 673 26.44 18.72 -5.36
C LYS B 673 26.29 19.77 -6.45
N SER B 674 25.17 19.69 -7.17
CA SER B 674 24.89 20.66 -8.24
C SER B 674 24.43 21.97 -7.63
N SER B 675 25.30 22.99 -7.67
CA SER B 675 25.03 24.28 -7.06
C SER B 675 24.89 25.35 -8.14
N VAL B 676 24.00 26.31 -7.90
CA VAL B 676 23.67 27.33 -8.90
C VAL B 676 24.80 28.33 -9.09
N ARG B 677 25.78 28.37 -8.18
CA ARG B 677 26.85 29.36 -8.26
C ARG B 677 27.98 28.87 -9.15
N THR B 678 27.68 27.93 -10.05
CA THR B 678 28.67 27.32 -10.91
C THR B 678 28.18 27.34 -12.35
N TRP B 679 29.13 27.40 -13.28
CA TRP B 679 28.80 27.22 -14.69
C TRP B 679 28.46 25.77 -14.96
N SER B 680 27.53 25.57 -15.89
CA SER B 680 27.16 24.24 -16.32
C SER B 680 26.90 24.26 -17.82
N PRO B 681 27.14 23.15 -18.51
CA PRO B 681 26.63 23.04 -19.89
C PRO B 681 25.12 23.14 -19.95
N ASN B 682 24.42 22.70 -18.91
CA ASN B 682 22.97 22.83 -18.88
C ASN B 682 22.57 24.28 -18.61
N SER B 683 23.33 24.98 -17.77
CA SER B 683 23.00 26.35 -17.38
C SER B 683 23.22 27.37 -18.48
N ALA B 684 23.57 26.96 -19.70
CA ALA B 684 23.78 27.88 -20.81
C ALA B 684 22.63 27.85 -21.82
N VAL B 685 21.46 27.36 -21.42
CA VAL B 685 20.31 27.25 -22.30
C VAL B 685 19.13 27.96 -21.66
N ASN B 686 18.07 28.10 -22.44
CA ASN B 686 16.81 28.61 -21.93
C ASN B 686 16.15 27.54 -21.07
N PRO B 687 15.82 27.83 -19.81
CA PRO B 687 15.13 26.82 -18.99
C PRO B 687 13.84 26.30 -19.62
N HIS B 688 13.08 27.17 -20.28
CA HIS B 688 11.87 26.74 -20.96
C HIS B 688 12.20 26.29 -22.38
N THR B 689 13.17 25.38 -22.49
CA THR B 689 13.67 24.90 -23.78
C THR B 689 14.50 23.65 -23.53
N VAL B 690 14.37 22.67 -24.42
CA VAL B 690 15.16 21.46 -24.28
C VAL B 690 16.64 21.80 -24.34
N PRO B 691 17.46 21.36 -23.38
CA PRO B 691 18.89 21.66 -23.45
C PRO B 691 19.60 20.75 -24.45
N PRO B 692 20.23 21.31 -25.46
CA PRO B 692 20.94 20.48 -26.43
C PRO B 692 22.09 19.73 -25.76
N ALA B 693 22.30 18.50 -26.20
CA ALA B 693 23.44 17.72 -25.71
C ALA B 693 24.74 18.32 -26.23
N CYS B 694 25.75 18.35 -25.38
CA CYS B 694 27.04 18.88 -25.79
C CYS B 694 27.65 17.99 -26.86
N PRO B 695 28.40 18.56 -27.80
CA PRO B 695 28.77 17.84 -29.03
C PRO B 695 29.69 16.65 -28.81
N GLU B 696 30.00 15.98 -29.91
CA GLU B 696 30.84 14.78 -29.93
C GLU B 696 32.28 15.19 -29.62
N PRO B 697 33.24 14.23 -29.51
CA PRO B 697 34.48 14.54 -28.78
C PRO B 697 35.38 15.57 -29.46
N GLN B 698 34.80 16.74 -29.76
CA GLN B 698 35.59 17.96 -29.91
C GLN B 698 35.73 18.68 -28.57
N GLY B 699 34.69 18.62 -27.74
CA GLY B 699 34.75 19.17 -26.40
C GLY B 699 33.84 20.35 -26.17
N CYS B 700 32.70 20.11 -25.52
CA CYS B 700 31.87 21.19 -25.03
C CYS B 700 32.69 22.04 -24.06
N TYR B 701 33.01 23.27 -24.46
CA TYR B 701 34.09 23.99 -23.80
C TYR B 701 33.63 25.30 -23.20
N LEU B 702 34.22 25.62 -22.06
CA LEU B 702 34.07 26.90 -21.37
C LEU B 702 35.45 27.53 -21.27
N GLU B 703 35.57 28.76 -21.76
CA GLU B 703 36.86 29.45 -21.75
C GLU B 703 36.85 30.55 -20.71
N LEU B 704 38.01 30.74 -20.09
CA LEU B 704 38.21 31.73 -19.03
C LEU B 704 39.39 32.61 -19.39
N GLU B 705 39.35 33.83 -18.88
CA GLU B 705 40.41 34.81 -19.08
C GLU B 705 40.78 35.42 -17.74
N PHE B 706 42.04 35.83 -17.62
CA PHE B 706 42.57 36.37 -16.39
C PHE B 706 42.82 37.86 -16.53
N LEU B 707 42.76 38.58 -15.41
CA LEU B 707 43.01 40.02 -15.42
C LEU B 707 44.42 40.37 -15.84
N TYR B 708 45.41 39.54 -15.50
CA TYR B 708 46.80 39.85 -15.80
C TYR B 708 47.49 38.65 -16.41
N PRO B 709 47.88 38.72 -17.68
CA PRO B 709 48.71 37.64 -18.24
C PRO B 709 50.02 37.54 -17.49
N LEU B 710 50.50 36.31 -17.34
CA LEU B 710 51.69 36.07 -16.52
C LEU B 710 52.20 34.67 -16.81
N VAL B 711 53.49 34.47 -16.54
CA VAL B 711 54.08 33.14 -16.68
C VAL B 711 53.61 32.32 -15.49
N PRO B 712 52.89 31.22 -15.72
CA PRO B 712 52.27 30.50 -14.61
C PRO B 712 53.16 29.41 -14.03
N GLU B 713 52.79 28.97 -12.84
CA GLU B 713 53.43 27.83 -12.19
C GLU B 713 52.46 26.72 -11.87
N SER B 714 51.23 27.05 -11.48
CA SER B 714 50.24 26.04 -11.18
C SER B 714 48.84 26.59 -11.43
N LEU B 715 47.91 25.68 -11.66
CA LEU B 715 46.52 26.01 -11.96
C LEU B 715 45.61 25.12 -11.12
N THR B 716 44.45 25.66 -10.76
CA THR B 716 43.51 24.93 -9.94
C THR B 716 42.08 25.25 -10.39
N ILE B 717 41.26 24.22 -10.47
CA ILE B 717 39.86 24.32 -10.88
C ILE B 717 38.99 23.76 -9.77
N TRP B 718 38.05 24.57 -9.29
CA TRP B 718 37.13 24.13 -8.23
C TRP B 718 35.88 23.52 -8.84
N VAL B 719 36.01 22.25 -9.22
CA VAL B 719 34.85 21.49 -9.64
C VAL B 719 33.92 21.28 -8.45
N THR B 720 32.61 21.33 -8.71
CA THR B 720 31.63 21.13 -7.66
C THR B 720 30.80 19.87 -7.85
N PHE B 721 30.55 19.46 -9.09
CA PHE B 721 29.80 18.24 -9.37
C PHE B 721 30.31 17.64 -10.66
N VAL B 722 30.09 16.33 -10.81
CA VAL B 722 30.55 15.60 -11.98
C VAL B 722 29.65 14.39 -12.17
N SER B 723 29.51 13.98 -13.43
CA SER B 723 28.77 12.75 -13.74
C SER B 723 29.48 11.55 -13.13
N THR B 724 28.70 10.67 -12.49
CA THR B 724 29.28 9.56 -11.75
C THR B 724 29.40 8.29 -12.59
N ASP B 725 28.93 8.32 -13.84
CA ASP B 725 28.74 7.08 -14.59
C ASP B 725 30.02 6.60 -15.26
N TRP B 726 30.57 7.38 -16.19
CA TRP B 726 31.51 6.86 -17.16
C TRP B 726 32.96 6.98 -16.68
N ASP B 727 33.67 5.86 -16.76
CA ASP B 727 35.13 5.71 -16.70
C ASP B 727 35.75 6.57 -15.60
N SER B 728 36.98 7.06 -15.85
CA SER B 728 37.69 7.93 -14.93
C SER B 728 38.30 9.13 -15.65
N SER B 729 37.82 9.45 -16.85
CA SER B 729 38.29 10.60 -17.61
C SER B 729 37.86 11.92 -17.01
N GLY B 730 37.24 11.88 -15.83
CA GLY B 730 36.87 13.06 -15.10
C GLY B 730 35.81 13.91 -15.77
N ALA B 731 35.16 13.35 -16.78
CA ALA B 731 34.17 14.02 -17.63
C ALA B 731 34.78 15.21 -18.36
N VAL B 732 36.07 15.46 -18.21
CA VAL B 732 36.73 16.59 -18.85
C VAL B 732 37.46 16.07 -20.09
N ASN B 733 37.13 16.65 -21.25
CA ASN B 733 37.76 16.20 -22.49
C ASN B 733 39.21 16.62 -22.56
N ASP B 734 39.48 17.89 -22.28
CA ASP B 734 40.83 18.44 -22.42
C ASP B 734 40.86 19.82 -21.78
N ILE B 735 42.07 20.27 -21.43
CA ILE B 735 42.31 21.61 -20.94
C ILE B 735 43.22 22.31 -21.94
N LYS B 736 42.77 23.45 -22.45
CA LYS B 736 43.49 24.18 -23.50
C LYS B 736 43.97 25.51 -22.93
N LEU B 737 45.25 25.54 -22.53
CA LEU B 737 45.87 26.76 -22.04
C LEU B 737 45.99 27.80 -23.15
N LEU B 738 45.73 29.05 -22.77
CA LEU B 738 45.78 30.20 -23.69
C LEU B 738 46.89 31.14 -23.22
N ALA B 739 48.04 31.07 -23.88
CA ALA B 739 49.14 31.98 -23.64
C ALA B 739 49.00 33.22 -24.53
N VAL B 740 49.80 34.24 -24.24
CA VAL B 740 49.77 35.45 -25.05
C VAL B 740 50.28 35.20 -26.46
N SER B 741 51.04 34.12 -26.66
CA SER B 741 51.55 33.78 -27.98
C SER B 741 50.44 33.34 -28.94
N GLY B 742 49.24 33.09 -28.42
CA GLY B 742 48.15 32.61 -29.23
C GLY B 742 48.10 31.11 -29.39
N LYS B 743 49.09 30.39 -28.90
CA LYS B 743 49.09 28.94 -29.00
C LYS B 743 48.09 28.33 -28.02
N ASN B 744 47.45 27.25 -28.46
CA ASN B 744 46.50 26.51 -27.64
C ASN B 744 47.22 25.26 -27.11
N ILE B 745 47.57 25.29 -25.83
CA ILE B 745 48.35 24.22 -25.23
C ILE B 745 47.38 23.16 -24.70
N SER B 746 47.35 22.01 -25.35
CA SER B 746 46.46 20.94 -24.93
C SER B 746 47.06 20.19 -23.75
N LEU B 747 46.21 19.82 -22.79
CA LEU B 747 46.63 19.07 -21.61
C LEU B 747 45.99 17.70 -21.51
N GLY B 748 45.00 17.41 -22.35
CA GLY B 748 44.35 16.11 -22.32
C GLY B 748 43.34 16.00 -21.20
N PRO B 749 42.62 14.88 -21.17
CA PRO B 749 41.66 14.66 -20.08
C PRO B 749 42.37 14.47 -18.75
N GLN B 750 41.71 14.92 -17.68
CA GLN B 750 42.23 14.80 -16.33
C GLN B 750 41.24 14.02 -15.47
N ASN B 751 41.59 13.82 -14.20
CA ASN B 751 40.78 13.07 -13.27
C ASN B 751 40.21 14.01 -12.21
N VAL B 752 38.96 13.77 -11.82
CA VAL B 752 38.20 14.72 -11.01
C VAL B 752 37.87 14.08 -9.68
N PHE B 753 37.70 14.94 -8.66
CA PHE B 753 37.10 14.56 -7.40
C PHE B 753 36.02 15.58 -7.05
N CYS B 754 34.88 15.10 -6.55
CA CYS B 754 33.72 15.96 -6.39
C CYS B 754 33.97 17.11 -5.42
N ASP B 755 34.97 16.99 -4.54
CA ASP B 755 35.27 18.04 -3.57
C ASP B 755 36.64 18.65 -3.79
N VAL B 756 37.68 17.84 -3.89
CA VAL B 756 39.03 18.37 -4.03
C VAL B 756 39.18 19.03 -5.38
N PRO B 757 39.60 20.29 -5.45
CA PRO B 757 39.80 20.94 -6.75
C PRO B 757 40.96 20.32 -7.51
N LEU B 758 40.84 20.31 -8.83
CA LEU B 758 41.92 19.78 -9.67
C LEU B 758 43.10 20.74 -9.65
N THR B 759 44.29 20.20 -9.39
CA THR B 759 45.52 20.98 -9.36
C THR B 759 46.50 20.43 -10.39
N ILE B 760 47.11 21.34 -11.15
CA ILE B 760 48.04 20.97 -12.21
C ILE B 760 49.26 21.86 -12.13
N ARG B 761 50.45 21.26 -12.20
CA ARG B 761 51.68 22.03 -12.24
C ARG B 761 51.95 22.48 -13.67
N LEU B 762 52.48 23.70 -13.80
CA LEU B 762 52.67 24.32 -15.11
C LEU B 762 54.15 24.65 -15.34
N TRP B 763 55.03 23.69 -15.06
CA TRP B 763 56.46 23.92 -15.18
C TRP B 763 56.87 24.23 -16.62
N ASP B 764 56.33 23.47 -17.58
CA ASP B 764 56.76 23.60 -18.96
C ASP B 764 56.29 24.91 -19.60
N VAL B 765 55.32 25.59 -19.00
CA VAL B 765 54.78 26.83 -19.56
C VAL B 765 55.63 27.98 -19.04
N GLY B 766 56.63 28.39 -19.83
CA GLY B 766 57.47 29.51 -19.47
C GLY B 766 57.08 30.79 -20.18
N GLU B 767 55.85 30.83 -20.70
CA GLU B 767 55.37 31.94 -21.51
C GLU B 767 54.25 32.66 -20.78
N GLU B 768 54.00 33.91 -21.18
CA GLU B 768 52.94 34.72 -20.59
C GLU B 768 51.59 34.10 -20.96
N VAL B 769 50.72 33.91 -19.96
CA VAL B 769 49.48 33.18 -20.14
C VAL B 769 48.31 34.04 -19.65
N TYR B 770 47.28 34.19 -20.47
CA TYR B 770 46.15 35.04 -20.13
C TYR B 770 44.86 34.28 -19.88
N GLY B 771 44.69 33.10 -20.47
CA GLY B 771 43.43 32.39 -20.33
C GLY B 771 43.54 30.88 -20.30
N ILE B 772 42.39 30.22 -20.43
CA ILE B 772 42.30 28.78 -20.32
C ILE B 772 41.03 28.35 -21.04
N GLN B 773 40.96 27.08 -21.45
CA GLN B 773 39.79 26.54 -22.14
C GLN B 773 39.55 25.13 -21.64
N ILE B 774 38.57 24.97 -20.77
CA ILE B 774 38.21 23.66 -20.24
C ILE B 774 37.22 22.99 -21.18
N TYR B 775 37.57 21.80 -21.65
CA TYR B 775 36.73 21.05 -22.57
C TYR B 775 36.19 19.82 -21.85
N THR B 776 34.87 19.66 -21.85
CA THR B 776 34.21 18.53 -21.23
C THR B 776 33.14 17.98 -22.16
N LEU B 777 32.91 16.67 -22.04
CA LEU B 777 31.82 16.00 -22.73
C LEU B 777 30.63 15.76 -21.83
N ASP B 778 30.65 16.31 -20.62
CA ASP B 778 29.59 16.07 -19.65
C ASP B 778 28.36 16.90 -19.97
N GLU B 779 27.20 16.34 -19.62
CA GLU B 779 25.92 17.04 -19.71
C GLU B 779 25.35 17.36 -18.34
N HIS B 780 26.14 17.18 -17.28
CA HIS B 780 25.71 17.52 -15.93
C HIS B 780 26.81 18.17 -15.09
N LEU B 781 28.01 18.37 -15.63
CA LEU B 781 29.14 18.85 -14.85
C LEU B 781 28.95 20.31 -14.45
N GLU B 782 29.63 20.70 -13.38
CA GLU B 782 29.60 22.07 -12.89
C GLU B 782 31.01 22.52 -12.55
N ILE B 783 31.32 23.78 -12.85
CA ILE B 783 32.60 24.40 -12.53
C ILE B 783 32.32 25.65 -11.71
N ASP B 784 32.91 25.72 -10.52
CA ASP B 784 32.69 26.89 -9.66
C ASP B 784 33.61 28.04 -10.03
N ALA B 785 34.92 27.82 -9.93
CA ALA B 785 35.87 28.91 -10.13
C ALA B 785 37.22 28.33 -10.51
N ALA B 786 38.17 29.22 -10.77
CA ALA B 786 39.51 28.87 -11.17
C ALA B 786 40.52 29.76 -10.44
N MET B 787 41.77 29.31 -10.43
CA MET B 787 42.82 30.09 -9.77
C MET B 787 44.16 29.68 -10.36
N LEU B 788 45.09 30.63 -10.39
CA LEU B 788 46.41 30.41 -10.94
C LEU B 788 47.48 30.99 -10.02
N THR B 789 48.59 30.27 -9.90
CA THR B 789 49.75 30.69 -9.13
C THR B 789 50.96 30.80 -10.05
N SER B 790 51.73 31.87 -9.85
CA SER B 790 52.86 32.22 -10.67
C SER B 790 54.15 31.58 -10.14
N THR B 791 55.18 31.60 -10.99
CA THR B 791 56.49 31.10 -10.62
C THR B 791 57.17 32.04 -9.64
N ALA B 792 58.28 31.57 -9.06
CA ALA B 792 59.00 32.35 -8.07
C ALA B 792 59.64 33.58 -8.71
N ASP B 793 59.48 34.73 -8.07
CA ASP B 793 60.07 35.99 -8.51
C ASP B 793 59.63 36.34 -9.94
N THR B 794 58.33 36.27 -10.18
CA THR B 794 57.81 36.67 -11.48
C THR B 794 58.00 38.16 -11.69
N PRO B 795 58.26 38.58 -12.93
CA PRO B 795 58.58 40.00 -13.18
C PRO B 795 57.48 40.96 -12.78
N LEU B 796 56.22 40.50 -12.69
CA LEU B 796 55.14 41.37 -12.26
C LEU B 796 55.26 41.78 -10.80
N CYS B 797 56.14 41.14 -10.02
CA CYS B 797 56.30 41.45 -8.62
C CYS B 797 57.64 42.08 -8.29
N LEU B 798 58.57 42.17 -9.25
CA LEU B 798 59.89 42.70 -8.95
C LEU B 798 59.88 44.21 -8.76
N GLN B 799 59.08 44.91 -9.56
CA GLN B 799 59.14 46.37 -9.56
C GLN B 799 58.60 46.98 -8.27
N CYS B 800 57.82 46.23 -7.52
CA CYS B 800 57.11 46.75 -6.36
C CYS B 800 57.84 46.42 -5.06
N LYS B 801 57.55 47.21 -4.02
CA LYS B 801 58.28 47.17 -2.77
C LYS B 801 57.50 46.38 -1.72
N PRO B 802 58.08 45.35 -1.11
CA PRO B 802 57.37 44.62 -0.06
C PRO B 802 57.34 45.38 1.26
N LEU B 803 56.23 45.21 1.97
CA LEU B 803 56.04 45.87 3.26
C LEU B 803 57.05 45.36 4.29
N LYS B 804 57.37 46.23 5.24
CA LYS B 804 58.34 45.93 6.29
C LYS B 804 57.68 46.01 7.65
N TYR B 805 58.46 45.77 8.70
CA TYR B 805 57.93 45.77 10.06
C TYR B 805 58.94 46.39 11.01
N LYS B 806 58.43 46.87 12.14
CA LYS B 806 59.27 47.37 13.24
C LYS B 806 58.79 46.75 14.53
N VAL B 807 59.69 46.10 15.26
CA VAL B 807 59.37 45.42 16.51
C VAL B 807 59.70 46.35 17.67
N VAL B 808 58.71 46.60 18.53
CA VAL B 808 58.87 47.45 19.70
C VAL B 808 58.57 46.62 20.94
N ARG B 809 59.40 46.79 21.97
CA ARG B 809 59.36 46.00 23.18
C ARG B 809 59.23 46.89 24.40
N ASP B 810 58.60 46.36 25.44
CA ASP B 810 58.59 46.95 26.77
C ASP B 810 59.36 46.03 27.70
N PRO B 811 60.55 46.43 28.19
CA PRO B 811 61.25 47.70 27.95
C PRO B 811 61.78 47.81 26.52
N PRO B 812 62.07 49.02 26.03
CA PRO B 812 62.56 49.17 24.66
C PRO B 812 63.90 48.47 24.45
N LEU B 813 64.31 48.42 23.19
CA LEU B 813 65.56 47.78 22.83
C LEU B 813 66.73 48.47 23.54
N GLN B 814 67.60 47.66 24.14
CA GLN B 814 68.76 48.22 24.84
C GLN B 814 69.67 48.94 23.86
N MET B 815 70.03 48.28 22.76
CA MET B 815 70.75 48.95 21.69
C MET B 815 69.78 49.82 20.90
N ASP B 816 70.27 50.98 20.46
CA ASP B 816 69.42 51.91 19.73
C ASP B 816 69.15 51.39 18.32
N VAL B 817 68.40 50.30 18.22
CA VAL B 817 68.09 49.68 16.94
C VAL B 817 66.78 50.23 16.42
N ALA B 818 66.75 50.61 15.15
CA ALA B 818 65.53 51.03 14.47
C ALA B 818 64.75 49.84 13.92
N SER B 819 64.97 48.64 14.48
CA SER B 819 64.38 47.37 14.07
C SER B 819 64.92 46.88 12.73
N ILE B 820 65.88 47.60 12.12
CA ILE B 820 66.53 47.28 10.85
C ILE B 820 65.56 46.71 9.83
N LEU B 821 64.28 47.12 9.91
CA LEU B 821 63.21 46.65 9.04
C LEU B 821 63.01 45.15 9.15
N HIS B 822 61.90 44.64 8.58
CA HIS B 822 61.62 43.21 8.64
C HIS B 822 60.89 42.84 7.34
N LEU B 823 61.65 42.26 6.40
CA LEU B 823 61.06 41.75 5.17
C LEU B 823 60.82 40.26 5.19
N ASN B 824 61.46 39.53 6.11
CA ASN B 824 61.25 38.10 6.27
C ASN B 824 60.29 37.76 7.39
N ARG B 825 59.67 38.77 8.02
CA ARG B 825 58.80 38.60 9.18
C ARG B 825 59.50 37.92 10.34
N LYS B 826 60.82 38.06 10.42
CA LYS B 826 61.65 37.35 11.38
C LYS B 826 62.50 38.33 12.17
N PHE B 827 62.69 38.03 13.45
CA PHE B 827 63.64 38.79 14.26
C PHE B 827 64.22 37.88 15.33
N VAL B 828 65.41 38.25 15.81
CA VAL B 828 66.04 37.58 16.94
C VAL B 828 66.47 38.67 17.93
N ASP B 829 66.08 38.50 19.19
CA ASP B 829 66.30 39.51 20.22
C ASP B 829 67.61 39.19 20.95
N MET B 830 68.67 39.94 20.62
CA MET B 830 69.93 39.79 21.35
C MET B 830 69.78 40.22 22.80
N ASP B 831 68.94 41.21 23.07
CA ASP B 831 68.78 41.76 24.42
C ASP B 831 67.82 40.87 25.20
N LEU B 832 68.37 39.99 26.03
CA LEU B 832 67.58 39.12 26.90
C LEU B 832 68.23 39.04 28.26
N ASN B 833 67.41 38.83 29.28
CA ASN B 833 67.87 38.64 30.65
C ASN B 833 67.03 37.56 31.30
N LEU B 834 67.69 36.60 31.97
CA LEU B 834 66.98 35.49 32.58
C LEU B 834 66.01 35.99 33.64
N GLY B 835 64.78 35.46 33.59
CA GLY B 835 63.74 35.86 34.51
C GLY B 835 63.05 37.18 34.19
N SER B 836 63.69 38.04 33.41
CA SER B 836 63.09 39.32 33.06
C SER B 836 61.87 39.12 32.17
N VAL B 837 60.85 39.95 32.39
CA VAL B 837 59.60 39.87 31.64
C VAL B 837 59.59 40.97 30.58
N TYR B 838 59.23 40.60 29.35
CA TYR B 838 59.20 41.53 28.24
C TYR B 838 57.87 41.45 27.51
N GLN B 839 57.41 42.59 27.02
CA GLN B 839 56.22 42.69 26.19
C GLN B 839 56.64 43.01 24.77
N TYR B 840 56.10 42.28 23.81
CA TYR B 840 56.50 42.42 22.41
C TYR B 840 55.32 42.86 21.56
N TRP B 841 55.59 43.72 20.57
CA TRP B 841 54.58 44.02 19.56
C TRP B 841 55.29 44.50 18.30
N VAL B 842 54.56 44.53 17.20
CA VAL B 842 55.13 44.90 15.91
C VAL B 842 54.18 45.87 15.20
N ILE B 843 54.78 46.74 14.38
CA ILE B 843 54.05 47.71 13.58
C ILE B 843 54.41 47.48 12.12
N THR B 844 53.40 47.39 11.27
CA THR B 844 53.59 47.15 9.84
C THR B 844 53.85 48.48 9.15
N ILE B 845 55.04 48.64 8.58
CA ILE B 845 55.43 49.86 7.91
C ILE B 845 55.33 49.63 6.41
N SER B 846 54.43 50.38 5.76
CA SER B 846 54.30 50.36 4.30
C SER B 846 55.04 51.57 3.76
N GLY B 847 56.37 51.54 3.86
CA GLY B 847 57.18 52.66 3.45
C GLY B 847 57.38 53.66 4.56
N THR B 848 56.58 54.72 4.57
CA THR B 848 56.60 55.71 5.63
C THR B 848 55.36 55.68 6.51
N GLU B 849 54.24 55.17 6.01
CA GLU B 849 53.01 55.13 6.79
C GLU B 849 53.11 54.11 7.92
N GLU B 850 52.36 54.37 8.99
CA GLU B 850 52.43 53.58 10.21
C GLU B 850 51.10 52.88 10.45
N SER B 851 51.16 51.60 10.81
CA SER B 851 49.98 50.80 11.07
C SER B 851 49.73 50.66 12.58
N GLU B 852 48.60 50.05 12.91
CA GLU B 852 48.28 49.80 14.31
C GLU B 852 49.27 48.80 14.89
N PRO B 853 49.87 49.09 16.04
CA PRO B 853 50.80 48.12 16.65
C PRO B 853 50.07 46.83 17.00
N SER B 854 50.78 45.71 16.82
CA SER B 854 50.20 44.41 17.09
C SER B 854 49.95 44.24 18.59
N PRO B 855 49.05 43.34 18.98
CA PRO B 855 48.87 43.05 20.40
C PRO B 855 50.17 42.57 21.03
N ALA B 856 50.42 43.01 22.25
CA ALA B 856 51.66 42.67 22.93
C ALA B 856 51.61 41.23 23.45
N VAL B 857 52.80 40.64 23.57
CA VAL B 857 52.97 39.30 24.11
C VAL B 857 53.91 39.39 25.30
N THR B 858 53.49 38.82 26.42
CA THR B 858 54.27 38.83 27.66
C THR B 858 55.04 37.54 27.76
N TYR B 859 56.37 37.65 27.83
CA TYR B 859 57.24 36.49 27.87
C TYR B 859 58.27 36.64 28.98
N ILE B 860 58.54 35.53 29.67
CA ILE B 860 59.56 35.48 30.71
C ILE B 860 60.70 34.61 30.19
N HIS B 861 61.91 35.16 30.18
CA HIS B 861 63.06 34.42 29.69
C HIS B 861 63.37 33.25 30.61
N GLY B 862 63.71 32.11 30.02
CA GLY B 862 63.97 30.91 30.80
C GLY B 862 62.75 30.40 31.53
N SER B 863 61.58 30.50 30.91
CA SER B 863 60.33 30.05 31.51
C SER B 863 59.55 29.23 30.48
N GLY B 864 58.75 28.29 30.99
CA GLY B 864 57.93 27.45 30.15
C GLY B 864 56.96 28.23 29.30
N TYR B 865 56.95 27.95 28.00
CA TYR B 865 56.07 28.63 27.06
C TYR B 865 55.34 27.60 26.20
N CYS B 866 54.20 28.01 25.66
CA CYS B 866 53.41 27.14 24.80
C CYS B 866 54.21 26.75 23.56
N GLY B 867 54.60 25.50 23.47
CA GLY B 867 55.39 25.00 22.36
C GLY B 867 56.80 24.55 22.71
N ASP B 868 57.09 24.28 23.98
CA ASP B 868 58.41 23.83 24.40
C ASP B 868 58.46 22.33 24.66
N GLY B 869 57.41 21.60 24.29
CA GLY B 869 57.36 20.19 24.57
C GLY B 869 56.98 19.82 25.99
N ILE B 870 56.65 20.81 26.81
CA ILE B 870 56.25 20.59 28.20
C ILE B 870 54.96 21.35 28.45
N ILE B 871 53.97 20.66 29.01
CA ILE B 871 52.69 21.31 29.28
C ILE B 871 52.85 22.29 30.44
N GLN B 872 52.25 23.47 30.30
CA GLN B 872 52.19 24.47 31.36
C GLN B 872 50.72 24.81 31.55
N LYS B 873 50.06 24.05 32.44
CA LYS B 873 48.62 24.20 32.62
C LYS B 873 48.25 25.59 33.13
N ASP B 874 49.18 26.26 33.81
CA ASP B 874 48.92 27.62 34.26
C ASP B 874 48.66 28.56 33.09
N GLN B 875 49.25 28.28 31.93
CA GLN B 875 48.99 29.03 30.71
C GLN B 875 47.75 28.54 29.98
N GLY B 876 46.97 27.64 30.59
CA GLY B 876 45.83 27.05 29.90
C GLY B 876 46.19 26.00 28.89
N GLU B 877 47.43 25.51 28.90
CA GLU B 877 47.89 24.55 27.89
C GLU B 877 47.25 23.20 28.12
N GLN B 878 46.69 22.62 27.06
CA GLN B 878 46.16 21.26 27.09
C GLN B 878 47.06 20.24 26.43
N CYS B 879 47.96 20.67 25.56
CA CYS B 879 48.95 19.80 24.93
C CYS B 879 50.12 20.66 24.48
N ASP B 880 51.33 20.11 24.57
CA ASP B 880 52.53 20.81 24.13
C ASP B 880 53.33 19.86 23.24
N ASP B 881 53.01 19.86 21.95
CA ASP B 881 53.71 19.01 20.99
C ASP B 881 55.05 19.59 20.58
N MET B 882 55.46 20.73 21.15
CA MET B 882 56.65 21.47 20.71
C MET B 882 56.55 21.88 19.25
N ASN B 883 55.35 21.88 18.71
CA ASN B 883 55.10 22.18 17.31
C ASN B 883 54.03 23.25 17.19
N LYS B 884 54.21 24.17 16.25
CA LYS B 884 53.30 25.28 16.04
C LYS B 884 52.47 25.09 14.77
N ILE B 885 52.11 23.84 14.49
CA ILE B 885 51.31 23.48 13.32
C ILE B 885 50.03 22.83 13.80
N ASN B 886 48.90 23.30 13.28
CA ASN B 886 47.63 22.66 13.56
C ASN B 886 47.48 21.41 12.70
N GLY B 887 46.54 20.54 13.10
CA GLY B 887 46.27 19.32 12.37
C GLY B 887 47.05 18.11 12.84
N ASP B 888 48.01 18.28 13.75
CA ASP B 888 48.76 17.17 14.31
C ASP B 888 48.17 16.67 15.62
N GLY B 889 46.94 17.06 15.94
CA GLY B 889 46.30 16.71 17.19
C GLY B 889 46.42 17.77 18.27
N CYS B 890 47.36 18.70 18.13
CA CYS B 890 47.55 19.79 19.09
C CYS B 890 47.44 21.10 18.32
N SER B 891 46.54 21.97 18.76
CA SER B 891 46.30 23.23 18.05
C SER B 891 47.51 24.17 18.19
N LEU B 892 47.38 25.33 17.55
CA LEU B 892 48.47 26.30 17.56
C LEU B 892 48.74 26.85 18.96
N PHE B 893 47.72 26.89 19.81
CA PHE B 893 47.89 27.51 21.12
C PHE B 893 47.67 26.52 22.25
N CYS B 894 48.27 25.34 22.13
CA CYS B 894 48.35 24.36 23.21
C CYS B 894 46.98 23.93 23.70
N ARG B 895 46.06 23.70 22.76
CA ARG B 895 44.76 23.12 23.06
C ARG B 895 44.57 21.89 22.19
N GLN B 896 44.19 20.78 22.81
CA GLN B 896 44.03 19.54 22.07
C GLN B 896 42.94 19.69 21.01
N GLU B 897 43.25 19.27 19.79
CA GLU B 897 42.29 19.37 18.70
C GLU B 897 41.15 18.39 18.92
N VAL B 898 40.07 18.61 18.15
CA VAL B 898 38.86 17.82 18.34
C VAL B 898 39.14 16.35 18.02
N SER B 899 38.55 15.47 18.83
CA SER B 899 38.63 14.02 18.65
C SER B 899 40.07 13.50 18.70
N PHE B 900 40.98 14.22 19.36
CA PHE B 900 42.38 13.80 19.46
C PHE B 900 42.81 13.91 20.92
N ASN B 901 42.57 12.85 21.69
CA ASN B 901 43.05 12.79 23.06
C ASN B 901 44.51 12.32 23.07
N CYS B 902 45.28 12.85 24.01
CA CYS B 902 46.69 12.50 24.10
C CYS B 902 47.27 12.96 25.43
N ILE B 903 48.43 12.41 25.76
CA ILE B 903 49.14 12.64 27.01
C ILE B 903 50.62 12.83 26.72
N ASP B 904 51.43 12.90 27.78
CA ASP B 904 52.90 12.87 27.70
C ASP B 904 53.47 14.21 27.23
N GLU B 905 54.72 14.47 27.56
CA GLU B 905 55.39 15.71 27.19
C GLU B 905 56.65 15.41 26.39
N PRO B 906 56.73 15.79 25.11
CA PRO B 906 55.68 16.46 24.32
C PRO B 906 54.53 15.52 23.98
N SER B 907 53.36 16.08 23.70
CA SER B 907 52.13 15.30 23.53
C SER B 907 52.16 14.57 22.21
N ARG B 908 52.38 13.25 22.27
CA ARG B 908 52.22 12.38 21.10
C ARG B 908 50.73 12.07 20.97
N CYS B 909 50.07 12.66 19.98
CA CYS B 909 48.62 12.65 19.94
C CYS B 909 48.09 11.76 18.83
N TYR B 910 46.88 11.25 19.06
CA TYR B 910 46.31 10.21 18.21
C TYR B 910 44.85 10.51 17.95
N PHE B 911 44.34 10.01 16.83
CA PHE B 911 42.92 10.01 16.56
C PHE B 911 42.27 8.95 17.44
N HIS B 912 41.63 9.38 18.53
CA HIS B 912 41.12 8.45 19.51
C HIS B 912 40.04 7.54 18.91
N ASP B 913 39.18 8.09 18.06
CA ASP B 913 38.14 7.29 17.44
C ASP B 913 38.72 6.39 16.36
N GLY B 914 38.13 5.19 16.24
CA GLY B 914 38.46 4.28 15.17
C GLY B 914 39.78 3.55 15.31
N ASP B 915 40.60 3.87 16.30
CA ASP B 915 41.88 3.18 16.46
C ASP B 915 41.67 1.73 16.89
N GLY B 916 40.67 1.46 17.72
CA GLY B 916 40.39 0.12 18.16
C GLY B 916 40.14 0.00 19.65
N VAL B 917 40.38 1.07 20.39
CA VAL B 917 40.21 1.11 21.83
C VAL B 917 39.02 2.00 22.17
N CYS B 918 38.22 1.55 23.13
CA CYS B 918 37.02 2.26 23.55
C CYS B 918 37.21 2.84 24.95
N GLU B 919 36.68 4.03 25.17
CA GLU B 919 36.81 4.72 26.45
C GLU B 919 35.46 5.31 26.85
N GLU B 920 35.47 6.08 27.94
CA GLU B 920 34.22 6.51 28.57
C GLU B 920 33.41 7.44 27.67
N PHE B 921 34.07 8.40 27.03
CA PHE B 921 33.35 9.32 26.15
C PHE B 921 33.18 8.77 24.74
N GLU B 922 33.83 7.64 24.42
CA GLU B 922 33.59 6.97 23.16
C GLU B 922 32.35 6.09 23.19
N GLN B 923 31.80 5.83 24.38
CA GLN B 923 30.64 4.96 24.48
C GLN B 923 29.45 5.55 23.71
N LYS B 924 29.22 6.84 23.84
CA LYS B 924 28.12 7.51 23.16
C LYS B 924 28.48 7.96 21.74
N THR B 925 29.75 7.90 21.36
CA THR B 925 30.19 8.38 20.05
C THR B 925 30.70 7.25 19.16
N SER B 926 31.68 6.49 19.63
CA SER B 926 32.38 5.51 18.77
C SER B 926 31.63 4.19 18.77
N ILE B 927 30.66 4.08 17.86
CA ILE B 927 30.02 2.79 17.62
C ILE B 927 31.02 1.82 16.99
N LYS B 928 31.95 2.33 16.19
CA LYS B 928 32.99 1.48 15.63
C LYS B 928 33.84 0.84 16.71
N ASP B 929 34.17 1.61 17.75
CA ASP B 929 35.02 1.11 18.82
C ASP B 929 34.24 0.51 19.99
N CYS B 930 33.01 0.97 20.23
CA CYS B 930 32.24 0.52 21.39
C CYS B 930 30.92 -0.15 21.03
N GLY B 931 30.45 -0.03 19.79
CA GLY B 931 29.16 -0.59 19.41
C GLY B 931 28.01 0.33 19.77
N VAL B 932 26.82 -0.08 19.35
CA VAL B 932 25.63 0.68 19.68
C VAL B 932 25.33 0.54 21.17
N TYR B 933 24.65 1.54 21.75
CA TYR B 933 24.58 1.64 23.20
C TYR B 933 23.16 1.87 23.73
N THR B 934 22.14 1.76 22.88
CA THR B 934 20.78 1.89 23.39
C THR B 934 20.41 0.65 24.20
N PRO B 935 19.40 0.74 25.07
CA PRO B 935 19.14 -0.35 26.01
C PRO B 935 18.50 -1.60 25.39
N GLN B 936 18.53 -1.72 24.07
CA GLN B 936 18.02 -2.90 23.39
C GLN B 936 19.13 -3.86 22.95
N GLY B 937 20.34 -3.68 23.47
CA GLY B 937 21.44 -4.56 23.13
C GLY B 937 22.66 -4.36 24.02
N PHE B 938 23.86 -4.62 23.48
CA PHE B 938 24.10 -5.05 22.11
C PHE B 938 25.16 -6.13 21.99
N LEU B 939 25.29 -6.97 23.01
CA LEU B 939 26.25 -8.08 22.94
C LEU B 939 25.72 -9.12 21.97
N ASP B 940 26.22 -9.09 20.74
CA ASP B 940 25.66 -9.86 19.65
C ASP B 940 26.04 -11.33 19.78
N GLN B 941 25.05 -12.21 19.57
CA GLN B 941 25.31 -13.63 19.48
C GLN B 941 25.77 -13.98 18.07
N TRP B 942 26.76 -14.86 17.97
CA TRP B 942 27.29 -15.26 16.67
C TRP B 942 27.01 -16.74 16.43
N ALA B 943 27.02 -17.11 15.16
CA ALA B 943 26.60 -18.45 14.76
C ALA B 943 27.53 -19.52 15.32
N SER B 944 26.93 -20.62 15.76
CA SER B 944 27.67 -21.80 16.20
C SER B 944 27.57 -22.96 15.23
N ASN B 945 26.47 -23.06 14.49
CA ASN B 945 26.31 -24.04 13.42
C ASN B 945 25.76 -23.33 12.19
N ALA B 946 26.15 -23.82 11.02
CA ALA B 946 25.76 -23.19 9.77
C ALA B 946 25.52 -24.25 8.71
N SER B 947 24.27 -24.39 8.27
CA SER B 947 23.92 -25.23 7.14
C SER B 947 23.47 -24.35 5.99
N VAL B 948 23.93 -24.68 4.78
CA VAL B 948 23.69 -23.85 3.60
C VAL B 948 23.10 -24.70 2.49
N SER B 949 22.47 -24.03 1.53
CA SER B 949 21.86 -24.73 0.41
C SER B 949 22.90 -25.46 -0.44
N HIS B 950 24.03 -24.81 -0.69
CA HIS B 950 25.09 -25.36 -1.53
C HIS B 950 26.35 -25.45 -0.68
N GLN B 951 26.51 -26.58 0.02
CA GLN B 951 27.66 -26.83 0.87
C GLN B 951 28.68 -27.68 0.12
N ASP B 952 29.94 -27.28 0.20
CA ASP B 952 31.02 -27.97 -0.49
C ASP B 952 32.32 -27.76 0.27
N GLN B 953 33.29 -28.63 0.00
CA GLN B 953 34.61 -28.48 0.60
C GLN B 953 35.28 -27.19 0.13
N GLN B 954 35.12 -26.85 -1.15
CA GLN B 954 35.69 -25.63 -1.68
C GLN B 954 35.07 -24.39 -1.04
N CYS B 955 33.74 -24.40 -0.89
CA CYS B 955 33.00 -23.25 -0.36
C CYS B 955 32.11 -23.72 0.79
N PRO B 956 32.70 -23.98 1.96
CA PRO B 956 31.91 -24.50 3.08
C PRO B 956 30.98 -23.44 3.65
N GLY B 957 29.88 -23.90 4.24
CA GLY B 957 28.97 -23.01 4.92
C GLY B 957 29.34 -22.73 6.37
N TRP B 958 30.11 -23.62 6.99
CA TRP B 958 30.47 -23.44 8.40
C TRP B 958 31.41 -22.26 8.62
N VAL B 959 31.85 -21.59 7.57
CA VAL B 959 32.57 -20.33 7.74
C VAL B 959 31.64 -19.27 8.32
N ILE B 960 30.33 -19.42 8.11
CA ILE B 960 29.36 -18.51 8.72
C ILE B 960 29.36 -18.63 10.24
N ILE B 961 29.77 -19.79 10.77
CA ILE B 961 29.82 -20.00 12.21
C ILE B 961 30.72 -18.96 12.84
N GLY B 962 30.18 -18.23 13.82
CA GLY B 962 30.96 -17.23 14.55
C GLY B 962 31.17 -15.96 13.74
N GLN B 963 31.88 -15.03 14.36
CA GLN B 963 32.23 -13.79 13.70
C GLN B 963 33.36 -14.04 12.71
N PRO B 964 33.19 -13.71 11.43
CA PRO B 964 34.29 -13.92 10.48
C PRO B 964 35.38 -12.89 10.67
N ALA B 965 36.50 -13.11 9.98
CA ALA B 965 37.63 -12.21 10.07
C ALA B 965 37.25 -10.83 9.55
N ALA B 966 37.43 -9.80 10.40
CA ALA B 966 37.10 -8.44 10.00
C ALA B 966 38.00 -7.92 8.89
N SER B 967 39.13 -8.58 8.64
CA SER B 967 39.99 -8.20 7.52
C SER B 967 39.29 -8.39 6.18
N GLN B 968 38.28 -9.27 6.12
CA GLN B 968 37.49 -9.40 4.91
C GLN B 968 36.72 -8.11 4.64
N VAL B 969 36.77 -7.63 3.40
CA VAL B 969 36.14 -6.38 3.01
C VAL B 969 35.24 -6.64 1.82
N CYS B 970 34.02 -6.10 1.88
CA CYS B 970 33.05 -6.31 0.82
C CYS B 970 33.57 -5.76 -0.50
N ARG B 971 33.49 -6.58 -1.55
CA ARG B 971 33.89 -6.18 -2.89
C ARG B 971 32.63 -5.86 -3.69
N THR B 972 32.53 -4.61 -4.16
CA THR B 972 31.37 -4.18 -4.92
C THR B 972 31.57 -4.46 -6.40
N LYS B 973 30.50 -4.95 -7.05
CA LYS B 973 30.50 -5.24 -8.48
C LYS B 973 31.60 -6.24 -8.84
N VAL B 974 31.47 -7.44 -8.27
CA VAL B 974 32.47 -8.49 -8.49
C VAL B 974 32.33 -9.07 -9.89
N ILE B 975 33.46 -9.25 -10.57
CA ILE B 975 33.45 -9.94 -11.85
C ILE B 975 33.10 -11.41 -11.65
N ASP B 976 33.76 -12.06 -10.69
CA ASP B 976 33.47 -13.45 -10.36
C ASP B 976 34.01 -13.73 -8.96
N LEU B 977 33.54 -14.82 -8.38
CA LEU B 977 33.90 -15.18 -7.01
C LEU B 977 35.04 -16.19 -7.06
N SER B 978 36.24 -15.76 -6.70
CA SER B 978 37.40 -16.64 -6.68
C SER B 978 37.37 -17.54 -5.45
N GLU B 979 38.29 -18.51 -5.43
CA GLU B 979 38.37 -19.43 -4.30
C GLU B 979 38.83 -18.74 -3.02
N GLY B 980 39.49 -17.59 -3.12
CA GLY B 980 39.87 -16.87 -1.91
C GLY B 980 38.67 -16.40 -1.11
N ILE B 981 37.60 -16.03 -1.80
CA ILE B 981 36.37 -15.64 -1.12
C ILE B 981 35.78 -16.82 -0.37
N SER B 982 35.81 -18.00 -0.98
CA SER B 982 35.22 -19.18 -0.36
C SER B 982 35.92 -19.58 0.93
N GLN B 983 37.18 -19.18 1.11
CA GLN B 983 37.92 -19.53 2.32
C GLN B 983 37.44 -18.79 3.56
N HIS B 984 36.59 -17.77 3.39
CA HIS B 984 36.09 -17.01 4.54
C HIS B 984 34.56 -16.92 4.51
N ALA B 985 33.97 -16.95 3.31
CA ALA B 985 32.54 -16.81 3.14
C ALA B 985 32.00 -17.96 2.30
N TRP B 986 30.71 -18.23 2.47
CA TRP B 986 30.05 -19.26 1.68
C TRP B 986 29.32 -18.63 0.50
N TYR B 987 29.56 -19.17 -0.69
CA TYR B 987 28.79 -18.85 -1.88
C TYR B 987 28.62 -20.14 -2.67
N PRO B 988 27.57 -20.23 -3.49
CA PRO B 988 27.33 -21.49 -4.23
C PRO B 988 28.37 -21.74 -5.30
N CYS B 989 29.56 -22.18 -4.88
CA CYS B 989 30.60 -22.52 -5.84
C CYS B 989 30.32 -23.86 -6.52
N THR B 990 29.53 -24.72 -5.89
CA THR B 990 29.23 -26.02 -6.47
C THR B 990 28.41 -25.89 -7.75
N ILE B 991 27.40 -25.02 -7.74
CA ILE B 991 26.52 -24.89 -8.89
C ILE B 991 27.27 -24.25 -10.05
N SER B 992 26.87 -24.61 -11.27
CA SER B 992 27.44 -24.02 -12.47
C SER B 992 26.86 -22.62 -12.67
N TYR B 993 27.09 -22.04 -13.84
CA TYR B 993 26.63 -20.69 -14.15
C TYR B 993 25.86 -20.69 -15.47
N PRO B 994 24.65 -21.30 -15.48
CA PRO B 994 23.79 -21.17 -16.66
C PRO B 994 22.92 -19.93 -16.56
N TYR B 995 23.07 -18.99 -17.50
CA TYR B 995 22.36 -17.73 -17.42
C TYR B 995 20.86 -17.89 -17.57
N SER B 996 20.38 -19.04 -18.02
CA SER B 996 18.95 -19.32 -18.08
C SER B 996 18.42 -20.00 -16.83
N GLN B 997 19.29 -20.31 -15.86
CA GLN B 997 18.84 -21.00 -14.65
C GLN B 997 19.48 -20.45 -13.39
N LEU B 998 20.29 -19.39 -13.47
CA LEU B 998 20.94 -18.84 -12.28
C LEU B 998 20.00 -18.03 -11.41
N ALA B 999 18.88 -17.56 -11.96
CA ALA B 999 17.93 -16.72 -11.22
C ALA B 999 16.85 -17.51 -10.51
N GLN B 1000 16.83 -18.83 -10.67
CA GLN B 1000 15.79 -19.65 -10.05
C GLN B 1000 16.27 -20.43 -8.83
N THR B 1001 17.55 -20.82 -8.79
CA THR B 1001 18.09 -21.56 -7.65
C THR B 1001 18.26 -20.60 -6.48
N THR B 1002 17.30 -20.61 -5.57
CA THR B 1002 17.32 -19.71 -4.41
C THR B 1002 18.32 -20.25 -3.40
N PHE B 1003 19.59 -19.87 -3.59
CA PHE B 1003 20.63 -20.22 -2.64
C PHE B 1003 20.31 -19.62 -1.28
N TRP B 1004 20.39 -20.44 -0.23
CA TRP B 1004 20.05 -19.98 1.10
C TRP B 1004 21.08 -20.50 2.10
N LEU B 1005 21.21 -19.78 3.20
CA LEU B 1005 22.07 -20.17 4.30
C LEU B 1005 21.28 -20.08 5.60
N ARG B 1006 21.44 -21.10 6.44
CA ARG B 1006 20.81 -21.16 7.75
C ARG B 1006 21.90 -21.09 8.81
N ALA B 1007 22.08 -19.92 9.40
CA ALA B 1007 23.04 -19.72 10.48
C ALA B 1007 22.37 -20.05 11.80
N TYR B 1008 22.72 -21.18 12.39
CA TYR B 1008 22.25 -21.57 13.71
C TYR B 1008 23.17 -20.99 14.77
N PHE B 1009 22.63 -20.85 15.98
CA PHE B 1009 23.36 -20.23 17.08
C PHE B 1009 23.45 -21.20 18.25
N SER B 1010 24.40 -20.92 19.14
CA SER B 1010 24.67 -21.82 20.26
C SER B 1010 23.46 -21.98 21.16
N GLN B 1011 22.77 -20.87 21.45
CA GLN B 1011 21.55 -20.92 22.25
C GLN B 1011 20.53 -20.00 21.60
N PRO B 1012 19.33 -20.51 21.31
CA PRO B 1012 18.33 -19.68 20.62
C PRO B 1012 17.94 -18.47 21.46
N MET B 1013 17.83 -17.32 20.79
CA MET B 1013 17.31 -16.13 21.45
C MET B 1013 16.94 -15.08 20.39
N VAL B 1014 15.99 -14.22 20.77
CA VAL B 1014 15.54 -13.12 19.93
C VAL B 1014 16.67 -12.11 19.80
N ALA B 1015 16.63 -11.31 18.73
CA ALA B 1015 17.63 -10.29 18.48
C ALA B 1015 16.97 -8.96 18.15
N ALA B 1016 17.59 -7.87 18.60
CA ALA B 1016 17.13 -6.54 18.23
C ALA B 1016 17.24 -6.31 16.73
N ALA B 1017 18.37 -6.72 16.14
CA ALA B 1017 18.60 -6.60 14.71
C ALA B 1017 19.38 -7.82 14.23
N VAL B 1018 19.69 -7.83 12.95
CA VAL B 1018 20.45 -8.91 12.33
C VAL B 1018 21.67 -8.32 11.65
N ILE B 1019 22.85 -8.87 11.95
CA ILE B 1019 24.10 -8.47 11.32
C ILE B 1019 24.41 -9.48 10.22
N VAL B 1020 24.57 -9.00 9.00
CA VAL B 1020 24.91 -9.83 7.86
C VAL B 1020 26.27 -9.40 7.36
N HIS B 1021 27.27 -10.27 7.50
CA HIS B 1021 28.63 -9.99 7.07
C HIS B 1021 28.77 -10.43 5.61
N LEU B 1022 28.75 -9.46 4.70
CA LEU B 1022 28.82 -9.73 3.27
C LEU B 1022 30.24 -9.55 2.77
N VAL B 1023 30.84 -10.65 2.30
CA VAL B 1023 32.13 -10.54 1.64
C VAL B 1023 31.96 -10.07 0.19
N THR B 1024 30.94 -10.59 -0.50
CA THR B 1024 30.54 -10.09 -1.80
C THR B 1024 29.04 -9.82 -1.76
N ASP B 1025 28.66 -8.60 -2.14
CA ASP B 1025 27.24 -8.23 -2.14
C ASP B 1025 26.44 -8.98 -3.19
N GLY B 1026 27.11 -9.64 -4.15
CA GLY B 1026 26.43 -10.35 -5.21
C GLY B 1026 26.17 -9.54 -6.45
N THR B 1027 26.34 -8.22 -6.39
CA THR B 1027 26.11 -7.38 -7.56
C THR B 1027 27.18 -7.63 -8.62
N TYR B 1028 26.74 -7.79 -9.86
CA TYR B 1028 27.66 -7.97 -10.97
C TYR B 1028 28.14 -6.62 -11.47
N TYR B 1029 29.35 -6.61 -12.04
CA TYR B 1029 29.92 -5.35 -12.53
C TYR B 1029 29.10 -4.79 -13.68
N GLY B 1030 28.65 -5.65 -14.60
CA GLY B 1030 27.87 -5.22 -15.74
C GLY B 1030 26.39 -5.06 -15.48
N ASP B 1031 25.93 -5.28 -14.26
CA ASP B 1031 24.51 -5.19 -13.92
C ASP B 1031 24.31 -4.16 -12.81
N GLN B 1032 23.31 -3.31 -12.98
CA GLN B 1032 22.96 -2.32 -11.98
C GLN B 1032 22.04 -2.86 -10.90
N LYS B 1033 21.59 -4.11 -11.03
CA LYS B 1033 20.67 -4.69 -10.06
C LYS B 1033 21.41 -5.04 -8.78
N GLN B 1034 20.85 -4.64 -7.64
CA GLN B 1034 21.35 -5.04 -6.34
C GLN B 1034 20.54 -6.24 -5.86
N GLU B 1035 21.25 -7.31 -5.47
CA GLU B 1035 20.60 -8.56 -5.15
C GLU B 1035 19.72 -8.43 -3.90
N THR B 1036 18.60 -9.15 -3.91
CA THR B 1036 17.64 -9.12 -2.82
C THR B 1036 17.68 -10.44 -2.07
N ILE B 1037 17.66 -10.35 -0.75
CA ILE B 1037 17.69 -11.53 0.12
C ILE B 1037 16.41 -11.57 0.94
N SER B 1038 15.83 -12.76 1.06
CA SER B 1038 14.62 -12.96 1.86
C SER B 1038 15.05 -13.46 3.23
N VAL B 1039 15.16 -12.53 4.17
CA VAL B 1039 15.56 -12.86 5.54
C VAL B 1039 14.34 -13.37 6.29
N GLN B 1040 14.51 -14.53 6.94
CA GLN B 1040 13.50 -15.15 7.79
C GLN B 1040 14.14 -15.53 9.12
N LEU B 1041 13.35 -15.48 10.18
CA LEU B 1041 13.81 -15.80 11.53
C LEU B 1041 13.25 -17.15 11.94
N LEU B 1042 14.15 -18.11 12.15
CA LEU B 1042 13.76 -19.46 12.59
C LEU B 1042 13.90 -19.53 14.11
N ASP B 1043 12.79 -19.82 14.79
CA ASP B 1043 12.75 -19.81 16.23
C ASP B 1043 12.80 -21.23 16.80
N THR B 1044 12.59 -21.34 18.12
CA THR B 1044 12.65 -22.65 18.77
C THR B 1044 11.60 -23.60 18.21
N LYS B 1045 10.38 -23.11 17.97
CA LYS B 1045 9.36 -23.92 17.32
C LYS B 1045 9.58 -24.02 15.81
N ASP B 1046 10.73 -23.57 15.32
CA ASP B 1046 11.15 -23.66 13.93
C ASP B 1046 10.22 -22.93 12.98
N GLN B 1047 9.42 -21.98 13.47
CA GLN B 1047 8.58 -21.19 12.59
C GLN B 1047 9.43 -20.22 11.79
N SER B 1048 9.25 -20.23 10.47
CA SER B 1048 10.03 -19.38 9.57
C SER B 1048 9.38 -18.00 9.50
N HIS B 1049 9.71 -17.17 10.49
CA HIS B 1049 9.22 -15.80 10.49
C HIS B 1049 9.94 -14.99 9.43
N ASP B 1050 9.34 -14.91 8.24
CA ASP B 1050 9.96 -14.23 7.11
C ASP B 1050 9.92 -12.73 7.35
N LEU B 1051 11.06 -12.17 7.75
CA LEU B 1051 11.15 -10.72 7.90
C LEU B 1051 10.93 -10.02 6.57
N GLY B 1052 11.37 -10.63 5.47
CA GLY B 1052 11.03 -10.15 4.15
C GLY B 1052 12.26 -9.95 3.27
N LEU B 1053 12.04 -9.28 2.15
CA LEU B 1053 13.08 -9.08 1.14
C LEU B 1053 13.78 -7.75 1.38
N HIS B 1054 15.11 -7.77 1.36
CA HIS B 1054 15.92 -6.58 1.57
C HIS B 1054 17.03 -6.53 0.52
N VAL B 1055 17.48 -5.32 0.22
CA VAL B 1055 18.45 -5.06 -0.83
C VAL B 1055 19.83 -5.01 -0.22
N LEU B 1056 20.77 -5.76 -0.81
CA LEU B 1056 22.14 -5.81 -0.34
C LEU B 1056 22.96 -4.65 -0.89
N SER B 1057 24.08 -4.36 -0.21
CA SER B 1057 25.01 -3.31 -0.63
C SER B 1057 26.29 -3.47 0.17
N CYS B 1058 27.43 -3.35 -0.51
CA CYS B 1058 28.72 -3.41 0.18
C CYS B 1058 28.93 -2.21 1.09
N ARG B 1059 28.33 -1.07 0.75
CA ARG B 1059 28.47 0.12 1.59
C ARG B 1059 27.85 -0.10 2.97
N ASN B 1060 26.70 -0.76 3.02
CA ASN B 1060 26.04 -1.03 4.29
C ASN B 1060 26.62 -2.23 5.02
N ASN B 1061 27.51 -3.00 4.38
CA ASN B 1061 28.10 -4.16 5.02
C ASN B 1061 29.03 -3.72 6.15
N PRO B 1062 28.93 -4.32 7.35
CA PRO B 1062 28.00 -5.40 7.75
C PRO B 1062 26.56 -4.90 7.84
N LEU B 1063 25.66 -5.48 7.04
CA LEU B 1063 24.30 -5.01 6.95
C LEU B 1063 23.58 -5.18 8.28
N ILE B 1064 22.95 -4.12 8.75
CA ILE B 1064 22.17 -4.13 9.99
C ILE B 1064 20.70 -4.06 9.61
N ILE B 1065 19.96 -5.12 9.88
CA ILE B 1065 18.56 -5.22 9.50
C ILE B 1065 17.72 -5.16 10.79
N PRO B 1066 16.91 -4.12 10.98
CA PRO B 1066 16.03 -4.08 12.16
C PRO B 1066 14.96 -5.15 12.09
N VAL B 1067 14.48 -5.55 13.26
CA VAL B 1067 13.55 -6.65 13.41
C VAL B 1067 12.28 -6.13 14.07
N VAL B 1068 11.12 -6.38 13.45
CA VAL B 1068 9.83 -5.92 13.93
C VAL B 1068 8.83 -7.06 13.87
N HIS B 1069 8.00 -7.16 14.91
CA HIS B 1069 6.89 -8.11 14.93
C HIS B 1069 5.68 -7.40 15.55
N ASP B 1070 4.66 -8.18 15.90
CA ASP B 1070 3.43 -7.65 16.47
C ASP B 1070 3.52 -7.63 17.99
N LEU B 1071 3.00 -6.54 18.59
CA LEU B 1071 2.99 -6.43 20.05
C LEU B 1071 2.02 -7.40 20.68
N SER B 1072 0.89 -7.67 20.02
CA SER B 1072 -0.09 -8.60 20.57
C SER B 1072 0.47 -10.01 20.70
N GLN B 1073 1.52 -10.34 19.95
CA GLN B 1073 2.22 -11.60 20.04
C GLN B 1073 3.52 -11.44 20.82
N PRO B 1074 3.98 -12.47 21.50
CA PRO B 1074 5.28 -12.40 22.17
C PRO B 1074 6.42 -12.49 21.18
N PHE B 1075 7.65 -12.56 21.68
CA PHE B 1075 8.83 -12.75 20.83
C PHE B 1075 8.88 -14.21 20.39
N TYR B 1076 10.02 -14.61 19.83
CA TYR B 1076 10.28 -16.02 19.56
C TYR B 1076 11.79 -16.22 19.55
N HIS B 1077 12.28 -17.11 20.43
CA HIS B 1077 13.72 -17.30 20.58
C HIS B 1077 14.32 -17.84 19.29
N SER B 1078 15.05 -16.99 18.57
CA SER B 1078 15.56 -17.33 17.25
C SER B 1078 16.77 -18.25 17.39
N GLN B 1079 16.59 -19.52 17.04
CA GLN B 1079 17.72 -20.44 16.99
C GLN B 1079 18.59 -20.20 15.77
N ALA B 1080 17.97 -19.95 14.62
CA ALA B 1080 18.70 -19.81 13.37
C ALA B 1080 18.08 -18.68 12.54
N VAL B 1081 18.91 -18.15 11.65
CA VAL B 1081 18.49 -17.14 10.68
C VAL B 1081 18.70 -17.72 9.28
N ARG B 1082 17.65 -17.71 8.48
CA ARG B 1082 17.72 -18.19 7.10
C ARG B 1082 17.72 -16.98 6.16
N VAL B 1083 18.75 -16.89 5.33
CA VAL B 1083 18.86 -15.86 4.30
C VAL B 1083 18.79 -16.56 2.96
N SER B 1084 17.79 -16.21 2.16
CA SER B 1084 17.56 -16.82 0.86
C SER B 1084 17.64 -15.75 -0.23
N PHE B 1085 18.31 -16.08 -1.33
CA PHE B 1085 18.52 -15.13 -2.40
C PHE B 1085 18.63 -15.87 -3.72
N SER B 1086 18.47 -15.13 -4.81
CA SER B 1086 18.58 -15.69 -6.16
C SER B 1086 19.90 -15.35 -6.83
N SER B 1087 20.89 -14.88 -6.06
CA SER B 1087 22.15 -14.43 -6.61
C SER B 1087 23.25 -15.44 -6.33
N PRO B 1088 23.85 -16.05 -7.36
CA PRO B 1088 25.01 -16.93 -7.11
C PRO B 1088 26.25 -16.18 -6.66
N LEU B 1089 26.31 -14.86 -6.87
CA LEU B 1089 27.48 -14.08 -6.52
C LEU B 1089 27.47 -13.59 -5.09
N VAL B 1090 26.43 -13.90 -4.32
CA VAL B 1090 26.34 -13.46 -2.93
C VAL B 1090 27.16 -14.41 -2.07
N ALA B 1091 28.11 -13.86 -1.32
CA ALA B 1091 28.91 -14.62 -0.37
C ALA B 1091 28.79 -13.96 1.01
N ILE B 1092 28.34 -14.72 1.99
CA ILE B 1092 28.16 -14.23 3.36
C ILE B 1092 29.06 -15.03 4.28
N SER B 1093 29.89 -14.32 5.05
CA SER B 1093 30.87 -14.96 5.91
C SER B 1093 30.38 -15.13 7.35
N GLY B 1094 29.17 -14.67 7.66
CA GLY B 1094 28.67 -14.81 9.01
C GLY B 1094 27.41 -13.99 9.28
N VAL B 1095 26.50 -14.55 10.07
CA VAL B 1095 25.26 -13.89 10.45
C VAL B 1095 25.20 -13.82 11.97
N ALA B 1096 24.92 -12.64 12.50
CA ALA B 1096 24.90 -12.41 13.94
C ALA B 1096 23.53 -11.93 14.38
N LEU B 1097 23.05 -12.51 15.49
CA LEU B 1097 21.82 -12.05 16.12
C LEU B 1097 22.17 -10.89 17.06
N ARG B 1098 21.77 -9.69 16.70
CA ARG B 1098 21.98 -8.54 17.57
C ARG B 1098 20.98 -8.63 18.72
N SER B 1099 21.36 -9.38 19.76
CA SER B 1099 20.39 -9.83 20.76
C SER B 1099 19.78 -8.66 21.50
N PHE B 1100 18.49 -8.79 21.82
CA PHE B 1100 17.83 -7.85 22.71
C PHE B 1100 18.50 -7.88 24.07
N ASP B 1101 18.65 -6.70 24.68
CA ASP B 1101 19.42 -6.60 25.92
C ASP B 1101 18.80 -7.39 27.06
N ASN B 1102 17.66 -6.94 27.58
CA ASN B 1102 17.14 -7.49 28.83
C ASN B 1102 15.62 -7.63 28.80
N PHE B 1103 15.04 -8.15 27.72
CA PHE B 1103 13.60 -8.34 27.71
C PHE B 1103 13.21 -9.44 26.72
N ASP B 1104 12.25 -10.27 27.13
CA ASP B 1104 11.73 -11.36 26.31
C ASP B 1104 10.33 -11.78 26.73
N PRO B 1105 9.29 -11.37 25.99
CA PRO B 1105 7.92 -11.78 26.33
C PRO B 1105 7.64 -13.27 26.15
N VAL B 1106 8.57 -14.06 25.62
CA VAL B 1106 8.28 -15.47 25.33
C VAL B 1106 7.93 -16.22 26.61
N THR B 1107 8.89 -16.32 27.53
CA THR B 1107 8.65 -17.01 28.78
C THR B 1107 8.04 -16.10 29.83
N LEU B 1108 8.06 -14.78 29.60
CA LEU B 1108 7.38 -13.85 30.49
C LEU B 1108 5.87 -14.06 30.45
N SER B 1109 5.35 -14.59 29.35
CA SER B 1109 3.91 -14.84 29.25
C SER B 1109 3.45 -15.90 30.23
N SER B 1110 4.37 -16.64 30.83
CA SER B 1110 4.05 -17.64 31.85
C SER B 1110 4.94 -17.37 33.06
N CYS B 1111 4.49 -16.47 33.94
CA CYS B 1111 5.17 -16.21 35.20
C CYS B 1111 4.14 -16.09 36.31
N GLN B 1112 4.52 -16.50 37.50
CA GLN B 1112 3.65 -16.45 38.67
C GLN B 1112 4.47 -16.00 39.88
N ARG B 1113 3.76 -15.58 40.92
CA ARG B 1113 4.43 -15.19 42.16
C ARG B 1113 5.14 -16.39 42.77
N GLY B 1114 6.39 -16.18 43.18
CA GLY B 1114 7.25 -17.24 43.65
C GLY B 1114 8.33 -17.65 42.67
N GLU B 1115 8.20 -17.24 41.41
CA GLU B 1115 9.22 -17.49 40.40
C GLU B 1115 9.60 -16.17 39.74
N THR B 1116 10.85 -16.08 39.32
CA THR B 1116 11.41 -14.82 38.83
C THR B 1116 11.63 -14.92 37.32
N TYR B 1117 12.08 -13.80 36.74
CA TYR B 1117 12.41 -13.72 35.33
C TYR B 1117 13.75 -13.00 35.20
N SER B 1118 14.74 -13.67 34.63
CA SER B 1118 16.05 -13.05 34.47
C SER B 1118 15.98 -11.99 33.39
N PRO B 1119 16.26 -10.72 33.70
CA PRO B 1119 16.16 -9.67 32.66
C PRO B 1119 17.10 -9.92 31.49
N ALA B 1120 18.40 -9.95 31.76
CA ALA B 1120 19.38 -10.13 30.68
C ALA B 1120 19.25 -11.49 30.03
N GLU B 1121 19.05 -12.54 30.84
CA GLU B 1121 18.92 -13.89 30.30
C GLU B 1121 17.54 -14.16 29.72
N GLN B 1122 16.57 -13.28 29.96
CA GLN B 1122 15.38 -13.20 29.13
C GLN B 1122 14.57 -14.49 29.15
N SER B 1123 14.40 -15.07 30.34
CA SER B 1123 13.54 -16.23 30.53
C SER B 1123 13.06 -16.28 31.97
N CYS B 1124 11.91 -16.91 32.16
CA CYS B 1124 11.21 -16.95 33.45
C CYS B 1124 11.41 -18.33 34.05
N VAL B 1125 12.02 -18.36 35.24
CA VAL B 1125 12.38 -19.61 35.91
C VAL B 1125 11.93 -19.55 37.36
N HIS B 1126 11.63 -20.73 37.92
CA HIS B 1126 11.28 -20.82 39.33
C HIS B 1126 12.48 -20.41 40.19
N PHE B 1127 12.19 -19.77 41.32
CA PHE B 1127 13.23 -19.22 42.17
C PHE B 1127 13.01 -19.62 43.62
N ALA B 1128 14.08 -19.55 44.42
CA ALA B 1128 14.05 -19.97 45.81
C ALA B 1128 13.85 -18.78 46.76
N CYS B 1129 14.70 -17.76 46.65
CA CYS B 1129 14.60 -16.59 47.52
C CYS B 1129 13.53 -15.63 47.03
N GLU B 1130 13.62 -14.38 47.50
CA GLU B 1130 12.80 -13.20 47.24
C GLU B 1130 11.46 -13.35 47.96
N LYS B 1131 10.55 -12.38 47.75
CA LYS B 1131 9.27 -12.28 48.43
C LYS B 1131 9.39 -12.54 49.93
N THR B 1132 10.08 -11.66 50.66
CA THR B 1132 10.17 -11.72 52.11
C THR B 1132 9.86 -10.36 52.72
N ASP B 1133 8.57 -10.05 52.90
CA ASP B 1133 8.15 -8.87 53.66
C ASP B 1133 6.71 -9.06 54.14
N CYS B 1134 6.54 -9.46 55.41
CA CYS B 1134 5.23 -9.56 56.04
C CYS B 1134 5.21 -8.87 57.39
N PRO B 1135 4.88 -7.57 57.41
CA PRO B 1135 4.48 -6.94 58.69
C PRO B 1135 3.03 -7.30 59.00
N GLU B 1136 2.47 -6.71 60.05
CA GLU B 1136 1.07 -6.96 60.36
C GLU B 1136 0.19 -6.39 59.24
N LEU B 1137 -0.73 -7.22 58.74
CA LEU B 1137 -1.57 -6.85 57.61
C LEU B 1137 -2.73 -6.01 58.11
N ALA B 1138 -2.67 -4.70 57.87
CA ALA B 1138 -3.72 -3.77 58.26
C ALA B 1138 -4.33 -3.19 56.99
N VAL B 1139 -5.63 -3.41 56.80
CA VAL B 1139 -6.36 -2.92 55.63
C VAL B 1139 -7.57 -2.15 56.12
N GLU B 1140 -7.74 -0.94 55.61
CA GLU B 1140 -8.85 -0.08 56.03
C GLU B 1140 -10.16 -0.56 55.41
N ASN B 1141 -11.24 -0.43 56.17
CA ASN B 1141 -12.59 -0.76 55.71
C ASN B 1141 -12.67 -2.16 55.12
N ALA B 1142 -11.98 -3.10 55.77
CA ALA B 1142 -11.90 -4.46 55.27
C ALA B 1142 -11.91 -5.45 56.43
N SER B 1143 -12.39 -6.66 56.15
CA SER B 1143 -12.37 -7.75 57.10
C SER B 1143 -11.25 -8.71 56.74
N LEU B 1144 -10.49 -9.13 57.74
CA LEU B 1144 -9.34 -10.00 57.55
C LEU B 1144 -9.63 -11.37 58.16
N ASN B 1145 -9.55 -12.41 57.33
CA ASN B 1145 -9.68 -13.80 57.76
C ASN B 1145 -8.33 -14.46 57.52
N CYS B 1146 -7.48 -14.48 58.54
CA CYS B 1146 -6.14 -15.01 58.40
C CYS B 1146 -6.14 -16.52 58.61
N SER B 1147 -5.47 -17.24 57.71
CA SER B 1147 -5.37 -18.69 57.86
C SER B 1147 -4.60 -19.06 59.11
N SER B 1148 -3.52 -18.32 59.40
CA SER B 1148 -2.74 -18.53 60.61
C SER B 1148 -2.50 -17.18 61.28
N SER B 1149 -2.57 -17.16 62.62
CA SER B 1149 -2.33 -15.93 63.36
C SER B 1149 -0.90 -15.44 63.16
N ASP B 1150 0.07 -16.35 63.17
CA ASP B 1150 1.45 -15.98 62.98
C ASP B 1150 1.70 -15.50 61.55
N ARG B 1151 2.71 -14.64 61.40
CA ARG B 1151 3.07 -14.06 60.10
C ARG B 1151 4.25 -14.77 59.48
N TYR B 1152 4.35 -16.09 59.64
CA TYR B 1152 5.48 -16.84 59.13
C TYR B 1152 5.38 -16.99 57.61
N HIS B 1153 6.31 -17.74 57.05
CA HIS B 1153 6.38 -17.94 55.60
C HIS B 1153 5.28 -18.90 55.17
N GLY B 1154 4.37 -18.41 54.32
CA GLY B 1154 3.25 -19.19 53.86
C GLY B 1154 1.92 -18.85 54.50
N ALA B 1155 1.90 -17.88 55.42
CA ALA B 1155 0.65 -17.48 56.06
C ALA B 1155 -0.28 -16.81 55.06
N GLN B 1156 -1.56 -17.15 55.13
CA GLN B 1156 -2.57 -16.61 54.24
C GLN B 1156 -3.58 -15.78 55.03
N CYS B 1157 -4.02 -14.68 54.43
CA CYS B 1157 -5.05 -13.84 55.03
C CYS B 1157 -5.95 -13.33 53.91
N THR B 1158 -7.24 -13.62 54.01
CA THR B 1158 -8.22 -13.17 53.03
C THR B 1158 -8.74 -11.80 53.46
N VAL B 1159 -8.49 -10.79 52.63
CA VAL B 1159 -8.99 -9.44 52.83
C VAL B 1159 -10.25 -9.28 52.01
N SER B 1160 -11.34 -8.86 52.66
CA SER B 1160 -12.64 -8.71 52.02
C SER B 1160 -13.13 -7.29 52.26
N CYS B 1161 -13.42 -6.57 51.18
CA CYS B 1161 -14.01 -5.24 51.32
C CYS B 1161 -15.44 -5.35 51.80
N ARG B 1162 -15.87 -4.39 52.62
CA ARG B 1162 -17.18 -4.42 53.24
C ARG B 1162 -18.23 -3.87 52.29
N THR B 1163 -19.43 -3.61 52.82
CA THR B 1163 -20.54 -3.15 52.01
C THR B 1163 -20.22 -1.82 51.32
N GLY B 1164 -20.52 -1.74 50.04
CA GLY B 1164 -20.26 -0.53 49.27
C GLY B 1164 -18.78 -0.18 49.17
N TYR B 1165 -17.94 -1.18 48.91
CA TYR B 1165 -16.50 -0.95 48.82
C TYR B 1165 -15.94 -1.68 47.61
N VAL B 1166 -14.84 -1.15 47.09
CA VAL B 1166 -14.16 -1.68 45.91
C VAL B 1166 -12.75 -2.07 46.32
N LEU B 1167 -12.34 -3.28 45.92
CA LEU B 1167 -11.04 -3.83 46.30
C LEU B 1167 -10.00 -3.40 45.27
N GLN B 1168 -9.05 -2.58 45.70
CA GLN B 1168 -7.96 -2.11 44.86
C GLN B 1168 -6.67 -2.83 45.23
N ILE B 1169 -5.97 -3.34 44.22
CA ILE B 1169 -4.73 -4.09 44.40
C ILE B 1169 -3.59 -3.28 43.80
N ARG B 1170 -2.57 -3.03 44.60
CA ARG B 1170 -1.37 -2.31 44.19
C ARG B 1170 -0.16 -3.14 44.54
N ARG B 1171 0.93 -2.90 43.81
CA ARG B 1171 2.18 -3.61 44.01
C ARG B 1171 3.32 -2.65 43.64
N ASP B 1172 4.50 -3.22 43.37
CA ASP B 1172 5.74 -2.47 43.25
C ASP B 1172 5.79 -1.51 42.07
N ASP B 1173 4.87 -1.60 41.11
CA ASP B 1173 5.01 -0.84 39.87
C ASP B 1173 3.66 -0.25 39.49
N GLU B 1174 3.54 0.16 38.23
CA GLU B 1174 2.53 1.12 37.77
C GLU B 1174 1.36 0.45 37.06
N LEU B 1175 0.87 -0.69 37.55
CA LEU B 1175 -0.33 -1.33 37.00
C LEU B 1175 -1.32 -1.58 38.13
N ILE B 1176 -2.34 -0.74 38.22
CA ILE B 1176 -3.44 -0.95 39.15
C ILE B 1176 -4.59 -1.60 38.41
N LYS B 1177 -5.01 -2.78 38.87
CA LYS B 1177 -6.13 -3.52 38.29
C LYS B 1177 -6.99 -4.01 39.45
N SER B 1178 -8.02 -3.22 39.80
CA SER B 1178 -8.91 -3.57 40.89
C SER B 1178 -9.61 -4.90 40.63
N GLN B 1179 -9.33 -5.90 41.46
CA GLN B 1179 -9.93 -7.21 41.28
C GLN B 1179 -11.43 -7.15 41.49
N THR B 1180 -12.17 -7.81 40.60
CA THR B 1180 -13.64 -7.80 40.71
C THR B 1180 -14.10 -8.46 41.99
N GLY B 1181 -13.48 -9.58 42.36
CA GLY B 1181 -13.81 -10.27 43.58
C GLY B 1181 -13.58 -9.41 44.81
N PRO B 1182 -14.59 -9.30 45.67
CA PRO B 1182 -14.45 -8.48 46.87
C PRO B 1182 -13.41 -9.00 47.85
N SER B 1183 -13.05 -10.28 47.76
CA SER B 1183 -12.10 -10.88 48.68
C SER B 1183 -10.91 -11.44 47.92
N VAL B 1184 -9.71 -11.18 48.44
CA VAL B 1184 -8.48 -11.73 47.89
C VAL B 1184 -7.64 -12.27 49.04
N THR B 1185 -7.09 -13.47 48.85
CA THR B 1185 -6.28 -14.11 49.89
C THR B 1185 -4.82 -13.80 49.62
N VAL B 1186 -4.29 -12.80 50.32
CA VAL B 1186 -2.86 -12.49 50.23
C VAL B 1186 -2.09 -13.48 51.09
N THR B 1187 -1.12 -14.15 50.48
CA THR B 1187 -0.36 -15.19 51.15
C THR B 1187 1.05 -14.70 51.44
N CYS B 1188 1.52 -14.92 52.66
CA CYS B 1188 2.91 -14.61 53.00
C CYS B 1188 3.82 -15.64 52.34
N THR B 1189 3.85 -15.65 51.00
CA THR B 1189 4.67 -16.62 50.27
C THR B 1189 6.13 -16.37 50.58
N GLU B 1190 6.73 -17.27 51.35
CA GLU B 1190 8.07 -17.07 51.91
C GLU B 1190 8.14 -15.75 52.69
N GLY B 1191 7.02 -15.40 53.32
CA GLY B 1191 6.96 -14.22 54.16
C GLY B 1191 6.83 -12.89 53.45
N LYS B 1192 6.01 -12.81 52.41
CA LYS B 1192 5.69 -11.54 51.77
C LYS B 1192 4.23 -11.54 51.34
N TRP B 1193 3.49 -10.50 51.75
CA TRP B 1193 2.16 -10.28 51.22
C TRP B 1193 2.27 -10.03 49.72
N ASN B 1194 1.80 -10.99 48.92
CA ASN B 1194 1.98 -10.90 47.47
C ASN B 1194 1.32 -9.69 46.85
N LYS B 1195 0.26 -9.16 47.48
CA LYS B 1195 -0.44 -8.00 46.97
C LYS B 1195 -0.67 -7.01 48.09
N GLN B 1196 -0.68 -5.73 47.74
CA GLN B 1196 -1.12 -4.67 48.64
C GLN B 1196 -2.59 -4.38 48.34
N VAL B 1197 -3.42 -4.40 49.38
CA VAL B 1197 -4.87 -4.37 49.20
C VAL B 1197 -5.44 -3.17 49.93
N ALA B 1198 -6.44 -2.54 49.32
CA ALA B 1198 -7.14 -1.41 49.92
C ALA B 1198 -8.61 -1.47 49.52
N CYS B 1199 -9.44 -0.78 50.30
CA CYS B 1199 -10.87 -0.68 50.03
C CYS B 1199 -11.24 0.78 49.80
N GLU B 1200 -11.95 1.03 48.71
CA GLU B 1200 -12.38 2.37 48.32
C GLU B 1200 -13.90 2.48 48.41
N PRO B 1201 -14.43 3.67 48.70
CA PRO B 1201 -15.89 3.81 48.78
C PRO B 1201 -16.56 3.79 47.41
N VAL B 1202 -17.89 3.93 47.39
CA VAL B 1202 -18.65 3.93 46.16
C VAL B 1202 -19.56 5.16 46.14
N ASP B 1203 -20.01 5.52 44.94
CA ASP B 1203 -20.84 6.69 44.75
C ASP B 1203 -22.04 6.35 43.86
N CYS B 1204 -23.12 7.10 44.04
CA CYS B 1204 -24.35 6.92 43.30
C CYS B 1204 -24.52 7.91 42.16
N SER B 1205 -23.49 8.71 41.88
CA SER B 1205 -23.52 9.72 40.83
C SER B 1205 -24.60 10.78 41.08
N ILE B 1206 -24.67 11.78 40.22
CA ILE B 1206 -25.62 12.89 40.39
C ILE B 1206 -27.01 12.43 39.96
N PRO B 1207 -28.05 12.70 40.77
CA PRO B 1207 -29.42 12.41 40.34
C PRO B 1207 -29.88 13.45 39.33
N ASP B 1208 -30.35 12.99 38.18
CA ASP B 1208 -30.80 13.86 37.11
C ASP B 1208 -32.33 13.91 37.08
N HIS B 1209 -32.86 14.68 36.12
CA HIS B 1209 -34.30 14.92 36.07
C HIS B 1209 -35.09 13.66 35.81
N HIS B 1210 -34.46 12.60 35.30
CA HIS B 1210 -35.16 11.33 35.15
C HIS B 1210 -35.56 10.75 36.50
N GLN B 1211 -34.70 10.94 37.52
CA GLN B 1211 -35.03 10.44 38.86
C GLN B 1211 -36.29 11.10 39.39
N VAL B 1212 -36.37 12.42 39.30
CA VAL B 1212 -37.58 13.17 39.65
C VAL B 1212 -37.80 14.22 38.58
N TYR B 1213 -38.90 14.10 37.85
CA TYR B 1213 -39.19 15.03 36.76
C TYR B 1213 -39.58 16.40 37.30
N ALA B 1214 -39.26 17.43 36.52
CA ALA B 1214 -39.59 18.82 36.85
C ALA B 1214 -39.03 19.22 38.21
N ALA B 1215 -37.76 18.89 38.45
CA ALA B 1215 -37.12 19.22 39.71
C ALA B 1215 -35.63 19.44 39.48
N SER B 1216 -35.02 20.19 40.39
CA SER B 1216 -33.59 20.42 40.39
C SER B 1216 -32.97 19.77 41.63
N PHE B 1217 -31.80 19.18 41.44
CA PHE B 1217 -31.16 18.33 42.45
C PHE B 1217 -29.92 19.03 42.99
N SER B 1218 -29.79 19.04 44.32
CA SER B 1218 -28.63 19.57 45.00
C SER B 1218 -28.02 18.48 45.87
N CYS B 1219 -26.69 18.43 45.91
CA CYS B 1219 -25.97 17.38 46.63
C CYS B 1219 -24.93 18.00 47.55
N PRO B 1220 -25.38 18.56 48.68
CA PRO B 1220 -24.41 19.05 49.68
C PRO B 1220 -23.54 17.94 50.24
N GLU B 1221 -24.08 16.73 50.37
CA GLU B 1221 -23.32 15.58 50.87
C GLU B 1221 -22.56 14.85 49.78
N GLY B 1222 -22.65 15.31 48.53
CA GLY B 1222 -22.02 14.60 47.44
C GLY B 1222 -22.87 13.42 46.98
N THR B 1223 -22.23 12.51 46.26
CA THR B 1223 -22.89 11.33 45.74
C THR B 1223 -22.31 10.03 46.28
N THR B 1224 -21.36 10.09 47.20
CA THR B 1224 -20.71 8.88 47.71
C THR B 1224 -21.70 8.05 48.53
N PHE B 1225 -21.23 6.87 48.95
CA PHE B 1225 -22.06 5.95 49.71
C PHE B 1225 -22.57 6.60 51.00
N GLY B 1226 -23.88 6.54 51.20
CA GLY B 1226 -24.51 7.13 52.35
C GLY B 1226 -24.94 8.57 52.18
N SER B 1227 -24.56 9.21 51.08
CA SER B 1227 -24.93 10.60 50.86
C SER B 1227 -26.42 10.72 50.53
N GLN B 1228 -26.97 11.89 50.83
CA GLN B 1228 -28.37 12.18 50.55
C GLN B 1228 -28.45 13.48 49.76
N CYS B 1229 -29.12 13.42 48.61
CA CYS B 1229 -29.28 14.57 47.74
C CYS B 1229 -30.74 15.02 47.75
N SER B 1230 -30.95 16.33 47.81
CA SER B 1230 -32.29 16.90 47.94
C SER B 1230 -32.74 17.46 46.60
N PHE B 1231 -33.94 17.07 46.17
CA PHE B 1231 -34.55 17.62 44.97
C PHE B 1231 -35.64 18.61 45.37
N GLN B 1232 -35.69 19.72 44.64
CA GLN B 1232 -36.71 20.75 44.84
C GLN B 1232 -37.50 20.90 43.54
N CYS B 1233 -38.82 20.92 43.65
CA CYS B 1233 -39.69 20.97 42.48
C CYS B 1233 -39.63 22.36 41.87
N ARG B 1234 -39.08 22.44 40.65
CA ARG B 1234 -39.09 23.70 39.92
C ARG B 1234 -40.52 24.08 39.57
N HIS B 1235 -40.77 25.39 39.50
CA HIS B 1235 -42.10 25.86 39.18
C HIS B 1235 -42.50 25.41 37.77
N PRO B 1236 -43.78 25.07 37.54
CA PRO B 1236 -44.90 25.11 38.48
C PRO B 1236 -45.09 23.79 39.25
N ALA B 1237 -44.12 22.88 39.20
CA ALA B 1237 -44.28 21.60 39.88
C ALA B 1237 -44.29 21.79 41.39
N GLN B 1238 -45.12 21.01 42.07
CA GLN B 1238 -45.26 21.06 43.52
C GLN B 1238 -44.91 19.72 44.14
N LEU B 1239 -44.36 19.76 45.34
CA LEU B 1239 -43.95 18.54 46.02
C LEU B 1239 -45.17 17.72 46.44
N LYS B 1240 -45.06 16.40 46.27
CA LYS B 1240 -46.11 15.47 46.68
C LYS B 1240 -45.42 14.22 47.23
N GLY B 1241 -45.28 14.16 48.55
CA GLY B 1241 -44.64 13.02 49.18
C GLY B 1241 -44.25 13.35 50.60
N ASN B 1242 -43.30 12.57 51.12
CA ASN B 1242 -42.84 12.69 52.50
C ASN B 1242 -41.45 13.27 52.65
N ASN B 1243 -40.50 12.83 51.83
CA ASN B 1243 -39.12 13.29 51.95
C ASN B 1243 -38.56 13.60 50.57
N SER B 1244 -37.84 14.72 50.47
CA SER B 1244 -37.19 15.11 49.23
C SER B 1244 -35.72 14.72 49.18
N LEU B 1245 -35.22 14.02 50.19
CA LEU B 1245 -33.82 13.61 50.25
C LEU B 1245 -33.71 12.14 49.86
N LEU B 1246 -32.94 11.88 48.81
CA LEU B 1246 -32.70 10.52 48.33
C LEU B 1246 -31.33 10.06 48.82
N THR B 1247 -31.30 8.88 49.44
CA THR B 1247 -30.09 8.34 50.01
C THR B 1247 -29.33 7.48 49.00
N CYS B 1248 -28.00 7.59 49.02
CA CYS B 1248 -27.17 6.79 48.14
C CYS B 1248 -27.02 5.39 48.70
N MET B 1249 -27.42 4.39 47.92
CA MET B 1249 -27.27 3.00 48.33
C MET B 1249 -25.86 2.51 48.00
N GLU B 1250 -25.51 1.34 48.57
CA GLU B 1250 -24.24 0.71 48.25
C GLU B 1250 -24.19 0.21 46.81
N ASP B 1251 -25.35 0.12 46.14
CA ASP B 1251 -25.40 -0.29 44.75
C ASP B 1251 -24.89 0.78 43.79
N GLY B 1252 -24.60 1.98 44.29
CA GLY B 1252 -24.27 3.08 43.40
C GLY B 1252 -25.47 3.70 42.73
N LEU B 1253 -26.63 3.65 43.39
CA LEU B 1253 -27.87 4.13 42.81
C LEU B 1253 -28.73 4.74 43.91
N TRP B 1254 -29.53 5.73 43.53
CA TRP B 1254 -30.26 6.52 44.51
C TRP B 1254 -31.58 5.85 44.88
N SER B 1255 -32.01 6.07 46.13
CA SER B 1255 -33.15 5.39 46.70
C SER B 1255 -34.45 5.79 45.99
N PHE B 1256 -35.53 5.14 46.40
CA PHE B 1256 -36.84 5.41 45.81
C PHE B 1256 -37.27 6.84 46.12
N PRO B 1257 -38.01 7.48 45.22
CA PRO B 1257 -38.45 8.85 45.47
C PRO B 1257 -39.52 8.93 46.55
N GLU B 1258 -39.13 9.43 47.73
CA GLU B 1258 -40.09 9.60 48.82
C GLU B 1258 -41.04 10.76 48.59
N ALA B 1259 -40.74 11.64 47.63
CA ALA B 1259 -41.63 12.72 47.25
C ALA B 1259 -41.63 12.84 45.74
N LEU B 1260 -42.70 13.46 45.21
CA LEU B 1260 -42.88 13.56 43.77
C LEU B 1260 -43.31 14.98 43.40
N CYS B 1261 -42.75 15.47 42.30
CA CYS B 1261 -43.17 16.75 41.74
C CYS B 1261 -44.32 16.53 40.75
N GLU B 1262 -45.07 17.60 40.50
CA GLU B 1262 -46.27 17.52 39.67
C GLU B 1262 -46.28 18.71 38.71
N LEU B 1263 -45.74 18.50 37.51
CA LEU B 1263 -45.83 19.49 36.45
C LEU B 1263 -47.29 19.76 36.15
N MET B 1264 -47.75 20.98 36.44
CA MET B 1264 -49.17 21.24 36.56
C MET B 1264 -49.46 22.68 36.16
N CYS B 1265 -50.47 22.87 35.32
CA CYS B 1265 -50.84 24.19 34.81
C CYS B 1265 -51.91 24.82 35.69
N LEU B 1266 -51.70 26.09 36.05
CA LEU B 1266 -52.67 26.81 36.86
C LEU B 1266 -53.95 27.04 36.05
N ALA B 1267 -54.90 27.72 36.67
CA ALA B 1267 -56.16 28.01 36.01
C ALA B 1267 -55.92 28.82 34.74
N PRO B 1268 -56.36 28.35 33.59
CA PRO B 1268 -56.09 29.07 32.34
C PRO B 1268 -56.70 30.46 32.36
N PRO B 1269 -56.01 31.45 31.82
CA PRO B 1269 -56.58 32.80 31.76
C PRO B 1269 -57.81 32.81 30.89
N PRO B 1270 -58.80 33.64 31.22
CA PRO B 1270 -60.01 33.71 30.38
C PRO B 1270 -59.68 34.25 29.00
N VAL B 1271 -59.92 33.42 28.00
CA VAL B 1271 -59.65 33.82 26.60
C VAL B 1271 -60.55 34.99 26.25
N PRO B 1272 -60.03 36.06 25.65
CA PRO B 1272 -60.90 37.19 25.29
C PRO B 1272 -62.01 36.76 24.35
N ASN B 1273 -63.19 37.33 24.56
CA ASN B 1273 -64.39 37.02 23.78
C ASN B 1273 -64.77 35.55 23.89
N ALA B 1274 -64.46 34.93 25.01
CA ALA B 1274 -64.77 33.52 25.22
C ALA B 1274 -64.95 33.26 26.71
N ASP B 1275 -65.82 32.31 27.02
CA ASP B 1275 -66.05 31.88 28.41
C ASP B 1275 -65.66 30.42 28.57
N LEU B 1276 -65.03 30.10 29.70
CA LEU B 1276 -64.64 28.73 29.99
C LEU B 1276 -65.88 27.87 30.20
N GLN B 1277 -65.87 26.68 29.60
CA GLN B 1277 -66.99 25.75 29.72
C GLN B 1277 -66.76 24.64 30.74
N THR B 1278 -65.51 24.34 31.05
CA THR B 1278 -65.18 23.30 32.03
C THR B 1278 -65.09 23.94 33.41
N ALA B 1279 -66.02 23.58 34.29
CA ALA B 1279 -66.03 24.13 35.64
C ALA B 1279 -64.76 23.75 36.40
N ARG B 1280 -64.33 22.49 36.27
CA ARG B 1280 -63.13 22.02 36.96
C ARG B 1280 -61.91 22.86 36.58
N CYS B 1281 -61.88 23.38 35.35
CA CYS B 1281 -60.75 24.19 34.92
C CYS B 1281 -60.68 25.54 35.62
N ARG B 1282 -61.72 25.95 36.34
CA ARG B 1282 -61.62 27.14 37.17
C ARG B 1282 -60.61 26.98 38.29
N GLU B 1283 -60.32 25.74 38.68
CA GLU B 1283 -59.30 25.48 39.68
C GLU B 1283 -57.91 25.67 39.07
N ASN B 1284 -56.92 25.80 39.95
CA ASN B 1284 -55.52 25.87 39.55
C ASN B 1284 -54.79 24.54 39.74
N LYS B 1285 -55.49 23.43 39.51
CA LYS B 1285 -54.93 22.08 39.68
C LYS B 1285 -55.19 21.32 38.39
N HIS B 1286 -54.27 21.44 37.43
CA HIS B 1286 -54.42 20.82 36.11
C HIS B 1286 -53.07 20.28 35.67
N LYS B 1287 -52.92 18.96 35.67
CA LYS B 1287 -51.68 18.34 35.25
C LYS B 1287 -51.53 18.44 33.73
N VAL B 1288 -50.38 17.99 33.24
CA VAL B 1288 -50.10 18.03 31.81
C VAL B 1288 -51.10 17.14 31.09
N GLY B 1289 -51.76 17.70 30.08
CA GLY B 1289 -52.79 17.00 29.34
C GLY B 1289 -54.21 17.39 29.69
N SER B 1290 -54.40 18.22 30.70
CA SER B 1290 -55.74 18.67 31.06
C SER B 1290 -56.32 19.54 29.96
N PHE B 1291 -57.61 19.34 29.66
CA PHE B 1291 -58.29 20.07 28.60
C PHE B 1291 -59.36 20.97 29.19
N CYS B 1292 -59.52 22.15 28.60
CA CYS B 1292 -60.50 23.13 29.02
C CYS B 1292 -61.21 23.68 27.79
N LYS B 1293 -62.53 23.55 27.76
CA LYS B 1293 -63.31 24.02 26.63
C LYS B 1293 -63.76 25.46 26.85
N TYR B 1294 -63.61 26.27 25.81
CA TYR B 1294 -64.07 27.65 25.80
C TYR B 1294 -65.09 27.84 24.68
N LYS B 1295 -66.06 28.71 24.94
CA LYS B 1295 -67.08 29.05 23.95
C LYS B 1295 -66.97 30.52 23.61
N CYS B 1296 -66.98 30.82 22.31
CA CYS B 1296 -66.93 32.20 21.87
C CYS B 1296 -68.24 32.92 22.19
N LYS B 1297 -68.13 34.22 22.48
CA LYS B 1297 -69.30 35.03 22.75
C LYS B 1297 -70.16 35.15 21.49
N PRO B 1298 -71.45 35.45 21.65
CA PRO B 1298 -72.29 35.70 20.47
C PRO B 1298 -71.71 36.81 19.60
N GLY B 1299 -71.70 36.56 18.29
CA GLY B 1299 -71.00 37.45 17.38
C GLY B 1299 -69.50 37.26 17.35
N TYR B 1300 -69.00 36.16 17.90
CA TYR B 1300 -67.57 35.87 17.90
C TYR B 1300 -67.36 34.42 17.52
N HIS B 1301 -66.22 34.14 16.89
CA HIS B 1301 -65.88 32.79 16.48
C HIS B 1301 -64.37 32.63 16.55
N VAL B 1302 -63.93 31.37 16.63
CA VAL B 1302 -62.49 31.07 16.66
C VAL B 1302 -61.87 31.48 15.33
N PRO B 1303 -60.74 32.18 15.32
CA PRO B 1303 -60.12 32.57 14.05
C PRO B 1303 -59.77 31.35 13.21
N GLY B 1304 -59.94 31.48 11.89
CA GLY B 1304 -59.70 30.40 10.97
C GLY B 1304 -60.84 29.41 10.84
N SER B 1305 -61.95 29.64 11.52
CA SER B 1305 -63.08 28.73 11.43
C SER B 1305 -63.72 28.79 10.06
N SER B 1306 -64.33 27.68 9.66
CA SER B 1306 -65.03 27.61 8.38
C SER B 1306 -66.21 28.58 8.38
N ARG B 1307 -66.43 29.24 7.23
CA ARG B 1307 -67.50 30.23 7.15
C ARG B 1307 -68.88 29.58 7.18
N LYS B 1308 -69.01 28.36 6.65
CA LYS B 1308 -70.29 27.68 6.69
C LYS B 1308 -70.72 27.37 8.12
N SER B 1309 -69.81 26.89 8.94
CA SER B 1309 -70.06 26.60 10.35
C SER B 1309 -68.94 27.25 11.16
N LYS B 1310 -69.11 28.52 11.52
CA LYS B 1310 -68.11 29.25 12.26
C LYS B 1310 -68.04 28.70 13.69
N LYS B 1311 -66.92 28.03 14.00
CA LYS B 1311 -66.76 27.37 15.29
C LYS B 1311 -66.78 28.38 16.42
N ARG B 1312 -67.82 28.31 17.26
CA ARG B 1312 -67.92 29.15 18.45
C ARG B 1312 -67.34 28.48 19.68
N ALA B 1313 -66.80 27.27 19.56
CA ALA B 1313 -66.24 26.54 20.68
C ALA B 1313 -64.88 25.98 20.29
N PHE B 1314 -63.90 26.13 21.19
CA PHE B 1314 -62.57 25.59 21.00
C PHE B 1314 -62.08 25.01 22.33
N LYS B 1315 -60.85 24.53 22.35
CA LYS B 1315 -60.29 23.93 23.54
C LYS B 1315 -58.84 24.36 23.72
N THR B 1316 -58.39 24.33 24.97
CA THR B 1316 -57.01 24.59 25.34
C THR B 1316 -56.51 23.43 26.20
N GLN B 1317 -55.20 23.22 26.19
CA GLN B 1317 -54.60 22.08 26.85
C GLN B 1317 -53.38 22.52 27.67
N CYS B 1318 -53.18 21.85 28.79
CA CYS B 1318 -52.00 22.07 29.63
C CYS B 1318 -50.76 21.57 28.90
N THR B 1319 -50.03 22.50 28.29
CA THR B 1319 -48.86 22.15 27.51
C THR B 1319 -47.76 21.59 28.41
N GLN B 1320 -46.82 20.89 27.78
CA GLN B 1320 -45.75 20.24 28.53
C GLN B 1320 -44.83 21.23 29.24
N ASP B 1321 -44.83 22.49 28.81
CA ASP B 1321 -44.00 23.51 29.45
C ASP B 1321 -44.71 24.21 30.61
N GLY B 1322 -45.87 23.73 31.02
CA GLY B 1322 -46.62 24.34 32.10
C GLY B 1322 -47.56 25.45 31.70
N SER B 1323 -47.66 25.74 30.41
CA SER B 1323 -48.56 26.78 29.91
C SER B 1323 -49.82 26.15 29.34
N TRP B 1324 -50.69 26.99 28.80
CA TRP B 1324 -51.95 26.57 28.21
C TRP B 1324 -51.95 26.87 26.71
N GLN B 1325 -52.72 26.08 25.97
CA GLN B 1325 -52.83 26.29 24.54
C GLN B 1325 -53.46 27.65 24.24
N GLU B 1326 -52.93 28.33 23.22
CA GLU B 1326 -53.45 29.63 22.84
C GLU B 1326 -54.87 29.52 22.28
N GLY B 1327 -55.69 30.52 22.58
CA GLY B 1327 -57.06 30.54 22.11
C GLY B 1327 -57.54 31.96 21.92
N ALA B 1328 -58.44 32.14 20.97
CA ALA B 1328 -58.99 33.45 20.67
C ALA B 1328 -60.36 33.29 20.03
N CYS B 1329 -61.11 34.39 20.01
CA CYS B 1329 -62.43 34.44 19.38
C CYS B 1329 -62.53 35.78 18.68
N VAL B 1330 -62.27 35.79 17.37
CA VAL B 1330 -62.30 37.02 16.59
C VAL B 1330 -63.74 37.52 16.50
N PRO B 1331 -63.96 38.82 16.27
CA PRO B 1331 -65.33 39.33 16.27
C PRO B 1331 -66.12 38.99 15.01
N VAL B 1332 -65.65 38.01 14.25
CA VAL B 1332 -66.25 37.58 12.98
C VAL B 1332 -66.05 38.70 11.96
N THR B 1333 -66.18 38.38 10.67
CA THR B 1333 -66.00 39.37 9.62
C THR B 1333 -66.82 38.98 8.41
N CYS B 1334 -67.85 39.78 8.10
CA CYS B 1334 -68.57 39.60 6.85
C CYS B 1334 -67.70 40.03 5.68
N ASP B 1335 -68.15 39.68 4.47
CA ASP B 1335 -67.40 40.03 3.29
C ASP B 1335 -67.41 41.55 3.04
N PRO B 1336 -66.37 42.08 2.38
CA PRO B 1336 -66.38 43.50 2.08
C PRO B 1336 -67.48 43.83 1.08
N PRO B 1337 -67.97 45.07 1.08
CA PRO B 1337 -68.98 45.48 0.09
C PRO B 1337 -68.44 45.36 -1.32
N PRO B 1338 -69.31 45.40 -2.32
CA PRO B 1338 -68.84 45.18 -3.70
C PRO B 1338 -67.80 46.20 -4.09
N PRO B 1339 -66.82 45.80 -4.91
CA PRO B 1339 -65.73 46.72 -5.26
C PRO B 1339 -66.19 47.96 -6.02
N LYS B 1340 -67.36 47.92 -6.64
CA LYS B 1340 -67.85 49.10 -7.37
C LYS B 1340 -68.13 50.28 -6.45
N PHE B 1341 -68.23 50.05 -5.14
CA PHE B 1341 -68.43 51.11 -4.16
C PHE B 1341 -67.16 51.49 -3.41
N HIS B 1342 -66.00 51.04 -3.89
CA HIS B 1342 -64.74 51.30 -3.18
C HIS B 1342 -64.50 52.80 -3.05
N GLY B 1343 -64.07 53.21 -1.86
CA GLY B 1343 -63.84 54.62 -1.61
C GLY B 1343 -65.09 55.45 -1.42
N LEU B 1344 -66.26 54.81 -1.29
CA LEU B 1344 -67.52 55.52 -1.16
C LEU B 1344 -68.26 55.22 0.15
N TYR B 1345 -67.97 54.11 0.81
CA TYR B 1345 -68.64 53.74 2.05
C TYR B 1345 -67.64 53.80 3.21
N GLN B 1346 -68.14 54.24 4.37
CA GLN B 1346 -67.38 54.27 5.61
C GLN B 1346 -67.94 53.22 6.55
N CYS B 1347 -67.06 52.40 7.12
CA CYS B 1347 -67.46 51.31 8.01
C CYS B 1347 -67.00 51.63 9.43
N THR B 1348 -67.85 51.29 10.40
CA THR B 1348 -67.55 51.61 11.79
C THR B 1348 -66.33 50.86 12.29
N ASN B 1349 -66.30 49.54 12.12
CA ASN B 1349 -65.20 48.71 12.58
C ASN B 1349 -64.82 47.70 11.50
N GLY B 1350 -64.70 48.18 10.27
CA GLY B 1350 -64.38 47.29 9.17
C GLY B 1350 -65.58 46.48 8.76
N PHE B 1351 -65.38 45.19 8.51
CA PHE B 1351 -66.45 44.29 8.09
C PHE B 1351 -66.79 43.26 9.18
N GLN B 1352 -66.55 43.59 10.44
CA GLN B 1352 -66.77 42.65 11.53
C GLN B 1352 -68.27 42.41 11.73
N PHE B 1353 -68.59 41.59 12.72
CA PHE B 1353 -69.99 41.33 13.05
C PHE B 1353 -70.66 42.61 13.54
N ASN B 1354 -71.87 42.85 13.07
CA ASN B 1354 -72.63 44.07 13.38
C ASN B 1354 -71.90 45.33 12.94
N SER B 1355 -71.04 45.21 11.93
CA SER B 1355 -70.38 46.38 11.38
C SER B 1355 -71.37 47.20 10.57
N GLU B 1356 -71.35 48.50 10.79
CA GLU B 1356 -72.27 49.43 10.13
C GLU B 1356 -71.49 50.17 9.04
N CYS B 1357 -71.74 49.79 7.79
CA CYS B 1357 -71.10 50.44 6.65
C CYS B 1357 -72.14 51.31 5.94
N ARG B 1358 -71.86 52.61 5.86
CA ARG B 1358 -72.77 53.57 5.26
C ARG B 1358 -72.12 54.13 4.00
N ILE B 1359 -72.81 54.03 2.87
CA ILE B 1359 -72.35 54.62 1.62
C ILE B 1359 -72.87 56.05 1.55
N LYS B 1360 -72.04 56.95 1.04
CA LYS B 1360 -72.36 58.37 1.01
C LYS B 1360 -73.10 58.71 -0.27
N CYS B 1361 -74.30 59.26 -0.13
CA CYS B 1361 -75.11 59.66 -1.28
C CYS B 1361 -75.70 61.04 -1.01
N GLU B 1362 -76.01 61.76 -2.08
CA GLU B 1362 -76.53 63.11 -2.00
C GLU B 1362 -77.75 63.24 -2.90
N ASP B 1363 -78.73 64.04 -2.46
CA ASP B 1363 -79.95 64.29 -3.22
C ASP B 1363 -80.69 62.99 -3.55
N SER B 1364 -80.70 62.07 -2.60
CA SER B 1364 -81.42 60.80 -2.73
C SER B 1364 -82.40 60.73 -1.56
N ASP B 1365 -83.61 61.23 -1.78
CA ASP B 1365 -84.59 61.33 -0.71
C ASP B 1365 -85.02 59.95 -0.21
N ALA B 1366 -85.23 59.84 1.09
CA ALA B 1366 -85.66 58.59 1.71
C ALA B 1366 -87.15 58.35 1.55
N SER B 1367 -87.93 59.36 1.15
CA SER B 1367 -89.35 59.17 0.94
C SER B 1367 -89.67 58.33 -0.29
N GLN B 1368 -88.73 58.23 -1.24
CA GLN B 1368 -88.92 57.40 -2.42
C GLN B 1368 -88.72 55.92 -2.16
N GLY B 1369 -87.96 55.56 -1.12
CA GLY B 1369 -87.76 54.18 -0.76
C GLY B 1369 -87.02 53.34 -1.77
N LEU B 1370 -85.93 53.87 -2.33
CA LEU B 1370 -85.10 53.14 -3.29
C LEU B 1370 -83.80 52.75 -2.61
N GLY B 1371 -83.60 51.44 -2.46
CA GLY B 1371 -82.37 50.92 -1.89
C GLY B 1371 -82.20 51.29 -0.42
N SER B 1372 -80.99 50.99 0.08
CA SER B 1372 -80.60 51.35 1.43
C SER B 1372 -79.13 51.77 1.42
N ASN B 1373 -78.82 52.84 2.15
CA ASN B 1373 -77.46 53.36 2.21
C ASN B 1373 -76.63 52.77 3.34
N VAL B 1374 -77.24 51.95 4.20
CA VAL B 1374 -76.57 51.40 5.37
C VAL B 1374 -76.69 49.88 5.35
N ILE B 1375 -75.58 49.19 5.62
CA ILE B 1375 -75.55 47.74 5.70
C ILE B 1375 -74.95 47.33 7.03
N HIS B 1376 -75.49 46.27 7.63
CA HIS B 1376 -75.05 45.77 8.92
C HIS B 1376 -74.77 44.28 8.81
N CYS B 1377 -73.57 43.87 9.24
CA CYS B 1377 -73.19 42.47 9.20
C CYS B 1377 -73.94 41.68 10.26
N ARG B 1378 -74.34 40.46 9.91
CA ARG B 1378 -75.16 39.61 10.78
C ARG B 1378 -74.31 38.51 11.39
N LYS B 1379 -74.94 37.71 12.26
CA LYS B 1379 -74.26 36.62 12.94
C LYS B 1379 -73.79 35.55 11.96
N ASP B 1380 -74.65 35.18 11.01
CA ASP B 1380 -74.32 34.09 10.10
C ASP B 1380 -73.19 34.43 9.14
N GLY B 1381 -72.88 35.72 8.97
CA GLY B 1381 -71.82 36.12 8.05
C GLY B 1381 -72.35 36.81 6.81
N THR B 1382 -73.46 37.52 6.95
CA THR B 1382 -74.07 38.25 5.85
C THR B 1382 -74.43 39.66 6.32
N TRP B 1383 -74.58 40.56 5.35
CA TRP B 1383 -75.00 41.92 5.63
C TRP B 1383 -76.52 42.02 5.58
N ASN B 1384 -77.09 42.73 6.56
CA ASN B 1384 -78.54 42.84 6.64
C ASN B 1384 -79.12 43.59 5.45
N GLY B 1385 -78.37 44.54 4.90
CA GLY B 1385 -78.81 45.29 3.74
C GLY B 1385 -77.80 45.20 2.61
N SER B 1386 -78.14 45.86 1.50
CA SER B 1386 -77.29 45.89 0.32
C SER B 1386 -77.14 47.32 -0.16
N PHE B 1387 -75.92 47.70 -0.53
CA PHE B 1387 -75.68 49.03 -1.07
C PHE B 1387 -76.34 49.16 -2.43
N HIS B 1388 -76.95 50.32 -2.67
CA HIS B 1388 -77.62 50.61 -3.93
C HIS B 1388 -76.92 51.77 -4.63
N VAL B 1389 -76.84 51.68 -5.96
CA VAL B 1389 -76.21 52.74 -6.74
C VAL B 1389 -77.14 53.94 -6.78
N CYS B 1390 -76.63 55.10 -6.37
CA CYS B 1390 -77.42 56.32 -6.32
C CYS B 1390 -77.39 57.03 -7.68
N GLN B 1391 -78.16 58.12 -7.77
CA GLN B 1391 -78.34 58.80 -9.04
C GLN B 1391 -77.10 59.57 -9.46
N GLU B 1392 -76.28 60.00 -8.50
CA GLU B 1392 -75.13 60.87 -8.79
C GLU B 1392 -73.87 60.06 -9.10
N MET B 1393 -73.97 59.15 -10.06
CA MET B 1393 -72.81 58.36 -10.50
C MET B 1393 -73.01 58.03 -11.97
N GLN B 1394 -72.39 58.83 -12.85
CA GLN B 1394 -72.52 58.64 -14.29
C GLN B 1394 -71.35 59.32 -14.98
N GLY B 1395 -71.14 58.93 -16.24
CA GLY B 1395 -70.12 59.52 -17.09
C GLY B 1395 -69.21 58.47 -17.67
N GLN B 1396 -68.16 58.94 -18.34
CA GLN B 1396 -67.13 58.10 -18.92
C GLN B 1396 -65.83 58.27 -18.14
N CYS B 1397 -64.78 57.62 -18.63
CA CYS B 1397 -63.47 57.69 -18.00
C CYS B 1397 -62.42 58.07 -19.03
N SER B 1398 -61.32 58.65 -18.56
CA SER B 1398 -60.23 59.06 -19.42
C SER B 1398 -59.49 57.84 -19.96
N VAL B 1399 -58.97 57.98 -21.18
CA VAL B 1399 -58.16 56.90 -21.78
C VAL B 1399 -56.89 56.73 -20.96
N PRO B 1400 -56.52 55.51 -20.57
CA PRO B 1400 -55.31 55.32 -19.76
C PRO B 1400 -54.04 55.57 -20.55
N ASN B 1401 -53.75 56.84 -20.84
CA ASN B 1401 -52.54 57.18 -21.59
C ASN B 1401 -51.29 56.80 -20.82
N GLU B 1402 -51.27 57.06 -19.51
CA GLU B 1402 -50.13 56.69 -18.68
C GLU B 1402 -50.16 55.18 -18.44
N LEU B 1403 -49.29 54.46 -19.14
CA LEU B 1403 -49.23 53.00 -19.04
C LEU B 1403 -47.79 52.55 -19.10
N ASN B 1404 -47.48 51.47 -18.40
CA ASN B 1404 -46.15 50.88 -18.47
C ASN B 1404 -45.94 50.22 -19.83
N SER B 1405 -44.66 50.03 -20.18
CA SER B 1405 -44.33 49.44 -21.47
C SER B 1405 -44.90 48.04 -21.60
N ASN B 1406 -44.71 47.21 -20.57
CA ASN B 1406 -45.28 45.86 -20.58
C ASN B 1406 -46.77 45.87 -20.27
N LEU B 1407 -47.22 46.76 -19.40
CA LEU B 1407 -48.61 46.79 -18.95
C LEU B 1407 -49.48 47.41 -20.03
N LYS B 1408 -50.35 46.60 -20.62
CA LYS B 1408 -51.34 47.07 -21.59
C LYS B 1408 -52.73 46.92 -20.99
N LEU B 1409 -53.63 47.80 -21.42
CA LEU B 1409 -55.02 47.78 -20.97
C LEU B 1409 -55.93 47.57 -22.17
N GLN B 1410 -56.62 46.44 -22.19
CA GLN B 1410 -57.56 46.10 -23.25
C GLN B 1410 -58.97 46.46 -22.78
N CYS B 1411 -59.65 47.31 -23.54
CA CYS B 1411 -60.95 47.85 -23.14
C CYS B 1411 -61.97 47.59 -24.24
N PRO B 1412 -62.49 46.36 -24.34
CA PRO B 1412 -63.62 46.12 -25.25
C PRO B 1412 -64.88 46.85 -24.84
N ASP B 1413 -65.00 47.27 -23.58
CA ASP B 1413 -66.16 47.99 -23.07
C ASP B 1413 -65.99 49.50 -23.12
N GLY B 1414 -65.03 49.99 -23.92
CA GLY B 1414 -64.81 51.42 -23.97
C GLY B 1414 -64.14 51.93 -22.71
N TYR B 1415 -64.44 53.19 -22.37
CA TYR B 1415 -63.87 53.86 -21.21
C TYR B 1415 -64.97 54.50 -20.36
N ALA B 1416 -66.02 53.73 -20.09
CA ALA B 1416 -67.12 54.22 -19.27
C ALA B 1416 -66.76 54.15 -17.80
N ILE B 1417 -67.54 54.87 -16.99
CA ILE B 1417 -67.41 54.80 -15.54
C ILE B 1417 -68.03 53.49 -15.08
N GLY B 1418 -67.26 52.69 -14.35
CA GLY B 1418 -67.66 51.36 -13.99
C GLY B 1418 -67.30 50.30 -15.00
N SER B 1419 -66.76 50.69 -16.16
CA SER B 1419 -66.35 49.73 -17.17
C SER B 1419 -65.10 48.99 -16.72
N GLU B 1420 -65.00 47.72 -17.13
CA GLU B 1420 -63.89 46.86 -16.78
C GLU B 1420 -62.90 46.83 -17.93
N CYS B 1421 -61.64 47.17 -17.65
CA CYS B 1421 -60.57 47.11 -18.63
C CYS B 1421 -59.57 46.05 -18.16
N ALA B 1422 -59.32 45.05 -19.02
CA ALA B 1422 -58.43 43.96 -18.65
C ALA B 1422 -56.98 44.43 -18.66
N THR B 1423 -56.23 44.04 -17.63
CA THR B 1423 -54.82 44.38 -17.49
C THR B 1423 -53.99 43.21 -17.98
N SER B 1424 -53.37 43.36 -19.15
CA SER B 1424 -52.54 42.31 -19.73
C SER B 1424 -51.10 42.80 -19.83
N CYS B 1425 -50.22 41.88 -20.25
CA CYS B 1425 -48.81 42.18 -20.40
C CYS B 1425 -48.34 41.70 -21.77
N LEU B 1426 -47.37 42.43 -22.34
CA LEU B 1426 -46.81 42.02 -23.61
C LEU B 1426 -46.12 40.67 -23.51
N ASP B 1427 -45.36 40.46 -22.43
CA ASP B 1427 -44.77 39.16 -22.17
C ASP B 1427 -45.84 38.19 -21.68
N HIS B 1428 -45.92 37.02 -22.30
CA HIS B 1428 -46.97 36.07 -21.96
C HIS B 1428 -46.83 35.55 -20.54
N ASN B 1429 -45.60 35.45 -20.03
CA ASN B 1429 -45.34 35.03 -18.66
C ASN B 1429 -45.14 36.21 -17.72
N SER B 1430 -45.82 37.32 -17.97
CA SER B 1430 -45.79 38.48 -17.10
C SER B 1430 -47.19 38.76 -16.56
N GLU B 1431 -47.25 39.10 -15.28
CA GLU B 1431 -48.52 39.36 -14.60
C GLU B 1431 -48.59 40.82 -14.16
N SER B 1432 -49.76 41.42 -14.34
CA SER B 1432 -49.99 42.81 -13.95
C SER B 1432 -50.37 42.85 -12.47
N ILE B 1433 -49.50 43.45 -11.65
CA ILE B 1433 -49.67 43.49 -10.21
C ILE B 1433 -49.40 44.89 -9.70
N ILE B 1434 -49.77 45.13 -8.45
CA ILE B 1434 -49.44 46.34 -7.72
C ILE B 1434 -48.45 45.96 -6.63
N LEU B 1435 -47.34 46.63 -6.60
CA LEU B 1435 -46.43 46.44 -5.49
C LEU B 1435 -46.68 47.49 -4.42
N PRO B 1436 -46.37 47.20 -3.16
CA PRO B 1436 -46.47 48.23 -2.12
C PRO B 1436 -45.55 49.39 -2.42
N MET B 1437 -45.95 50.58 -1.98
CA MET B 1437 -45.20 51.80 -2.29
C MET B 1437 -43.78 51.75 -1.75
N ASN B 1438 -43.51 50.91 -0.76
CA ASN B 1438 -42.17 50.76 -0.22
C ASN B 1438 -41.32 49.75 -0.98
N VAL B 1439 -41.90 49.06 -1.97
CA VAL B 1439 -41.20 48.02 -2.71
C VAL B 1439 -41.36 48.30 -4.20
N THR B 1440 -40.23 48.40 -4.91
CA THR B 1440 -40.24 48.64 -6.34
C THR B 1440 -40.16 47.30 -7.07
N VAL B 1441 -40.07 47.35 -8.41
CA VAL B 1441 -40.05 46.13 -9.20
C VAL B 1441 -38.85 45.27 -8.84
N ARG B 1442 -37.68 45.89 -8.73
CA ARG B 1442 -36.48 45.15 -8.35
C ARG B 1442 -36.45 44.85 -6.85
N ASP B 1443 -37.10 45.67 -6.04
CA ASP B 1443 -37.01 45.58 -4.59
C ASP B 1443 -37.99 44.57 -3.99
N ILE B 1444 -38.48 43.60 -4.76
CA ILE B 1444 -39.41 42.61 -4.23
C ILE B 1444 -38.67 41.60 -3.36
N PRO B 1445 -39.03 41.47 -2.09
CA PRO B 1445 -38.46 40.40 -1.27
C PRO B 1445 -38.96 39.03 -1.74
N HIS B 1446 -38.16 38.00 -1.45
CA HIS B 1446 -38.53 36.65 -1.84
C HIS B 1446 -39.82 36.21 -1.17
N TRP B 1447 -40.08 36.67 0.05
CA TRP B 1447 -41.27 36.28 0.79
C TRP B 1447 -42.49 37.13 0.45
N LEU B 1448 -42.34 38.21 -0.30
CA LEU B 1448 -43.46 39.07 -0.64
C LEU B 1448 -44.31 38.44 -1.73
N ASN B 1449 -45.63 38.54 -1.58
CA ASN B 1449 -46.58 38.07 -2.58
C ASN B 1449 -47.42 39.24 -3.06
N PRO B 1450 -47.04 39.89 -4.16
CA PRO B 1450 -47.83 41.03 -4.65
C PRO B 1450 -49.23 40.58 -5.08
N THR B 1451 -50.19 41.49 -4.88
CA THR B 1451 -51.57 41.21 -5.26
C THR B 1451 -51.74 41.28 -6.78
N ARG B 1452 -52.52 40.35 -7.31
CA ARG B 1452 -52.76 40.30 -8.75
C ARG B 1452 -53.87 41.26 -9.14
N VAL B 1453 -53.64 41.99 -10.22
CA VAL B 1453 -54.62 42.94 -10.76
C VAL B 1453 -55.01 42.44 -12.14
N GLU B 1454 -56.20 41.87 -12.25
CA GLU B 1454 -56.69 41.34 -13.52
C GLU B 1454 -57.59 42.32 -14.26
N ARG B 1455 -57.98 43.42 -13.63
CA ARG B 1455 -58.89 44.38 -14.25
C ARG B 1455 -58.76 45.72 -13.55
N VAL B 1456 -59.24 46.76 -14.23
CA VAL B 1456 -59.36 48.09 -13.64
C VAL B 1456 -60.77 48.61 -13.93
N VAL B 1457 -61.36 49.27 -12.94
CA VAL B 1457 -62.70 49.83 -13.03
C VAL B 1457 -62.63 51.30 -12.62
N CYS B 1458 -63.02 52.20 -13.50
CA CYS B 1458 -62.95 53.62 -13.23
C CYS B 1458 -64.00 54.04 -12.21
N THR B 1459 -63.64 55.00 -11.37
CA THR B 1459 -64.57 55.58 -10.41
C THR B 1459 -65.35 56.72 -11.07
N ALA B 1460 -66.19 57.39 -10.27
CA ALA B 1460 -66.93 58.54 -10.76
C ALA B 1460 -66.06 59.79 -10.88
N GLY B 1461 -64.83 59.75 -10.37
CA GLY B 1461 -63.96 60.91 -10.40
C GLY B 1461 -63.00 60.92 -11.57
N LEU B 1462 -63.33 60.17 -12.62
CA LEU B 1462 -62.57 60.07 -13.87
C LEU B 1462 -61.23 59.36 -13.70
N LYS B 1463 -60.90 58.90 -12.50
CA LYS B 1463 -59.63 58.22 -12.26
C LYS B 1463 -59.81 56.71 -12.30
N TRP B 1464 -58.92 56.04 -13.01
CA TRP B 1464 -58.96 54.58 -13.07
C TRP B 1464 -58.62 53.98 -11.72
N TYR B 1465 -59.35 52.96 -11.32
CA TYR B 1465 -59.12 52.26 -10.06
C TYR B 1465 -59.00 50.77 -10.31
N PRO B 1466 -57.83 50.17 -10.09
CA PRO B 1466 -56.57 50.80 -9.66
C PRO B 1466 -55.94 51.60 -10.79
N HIS B 1467 -55.22 52.66 -10.46
CA HIS B 1467 -54.63 53.51 -11.49
C HIS B 1467 -53.52 52.75 -12.23
N PRO B 1468 -53.40 52.92 -13.55
CA PRO B 1468 -52.34 52.23 -14.29
C PRO B 1468 -50.94 52.58 -13.83
N ALA B 1469 -50.74 53.77 -13.25
CA ALA B 1469 -49.43 54.11 -12.70
C ALA B 1469 -49.08 53.21 -11.53
N LEU B 1470 -50.04 52.92 -10.66
CA LEU B 1470 -49.80 52.03 -9.53
C LEU B 1470 -49.61 50.58 -9.97
N ILE B 1471 -49.98 50.24 -11.20
CA ILE B 1471 -49.95 48.87 -11.69
C ILE B 1471 -48.77 48.73 -12.64
N HIS B 1472 -48.13 47.57 -12.60
CA HIS B 1472 -47.08 47.27 -13.57
C HIS B 1472 -46.98 45.76 -13.75
N CYS B 1473 -46.40 45.36 -14.88
CA CYS B 1473 -46.28 43.95 -15.23
C CYS B 1473 -44.91 43.44 -14.82
N VAL B 1474 -44.90 42.44 -13.95
CA VAL B 1474 -43.67 41.78 -13.51
C VAL B 1474 -43.66 40.38 -14.11
N LYS B 1475 -42.52 39.97 -14.65
CA LYS B 1475 -42.40 38.67 -15.30
C LYS B 1475 -42.70 37.56 -14.30
N GLY B 1476 -43.78 36.84 -14.54
CA GLY B 1476 -44.16 35.74 -13.66
C GLY B 1476 -43.24 34.55 -13.79
N CYS B 1477 -43.35 33.66 -12.82
CA CYS B 1477 -42.49 32.49 -12.76
C CYS B 1477 -42.91 31.46 -13.82
N GLU B 1478 -41.93 30.67 -14.25
CA GLU B 1478 -42.13 29.71 -15.33
C GLU B 1478 -43.06 28.58 -14.88
N PRO B 1479 -43.70 27.89 -15.85
CA PRO B 1479 -44.55 26.75 -15.48
C PRO B 1479 -43.81 25.56 -14.92
N PHE B 1480 -42.51 25.67 -14.68
CA PHE B 1480 -41.71 24.61 -14.07
C PHE B 1480 -42.02 24.39 -12.60
N MET B 1481 -43.03 24.99 -11.97
CA MET B 1481 -43.30 24.67 -10.57
C MET B 1481 -43.73 23.22 -10.44
N GLY B 1482 -43.23 22.55 -9.41
CA GLY B 1482 -43.57 21.16 -9.17
C GLY B 1482 -42.87 20.16 -10.06
N ASP B 1483 -41.87 20.59 -10.85
CA ASP B 1483 -41.15 19.67 -11.72
C ASP B 1483 -39.90 19.08 -11.07
N ASN B 1484 -39.71 19.33 -9.77
CA ASN B 1484 -38.56 18.86 -9.00
C ASN B 1484 -37.26 19.55 -9.43
N TYR B 1485 -37.35 20.44 -10.41
CA TYR B 1485 -36.19 21.20 -10.86
C TYR B 1485 -36.21 22.55 -10.18
N CYS B 1486 -35.32 22.76 -9.22
CA CYS B 1486 -35.29 23.98 -8.42
C CYS B 1486 -34.63 25.09 -9.24
N ASP B 1487 -35.47 25.87 -9.91
CA ASP B 1487 -35.02 27.06 -10.62
C ASP B 1487 -35.28 28.30 -9.76
N ALA B 1488 -34.42 29.30 -9.93
CA ALA B 1488 -34.46 30.47 -9.06
C ALA B 1488 -35.75 31.26 -9.23
N ILE B 1489 -36.23 31.39 -10.48
CA ILE B 1489 -37.37 32.26 -10.76
C ILE B 1489 -38.63 31.76 -10.06
N ASN B 1490 -38.89 30.45 -10.15
CA ASN B 1490 -40.10 29.91 -9.56
C ASN B 1490 -40.03 29.89 -8.03
N ASN B 1491 -38.83 29.90 -7.46
CA ASN B 1491 -38.68 29.86 -6.00
C ASN B 1491 -39.05 31.21 -5.41
N ARG B 1492 -40.33 31.55 -5.46
CA ARG B 1492 -40.84 32.83 -4.98
C ARG B 1492 -42.14 32.60 -4.24
N ALA B 1493 -42.46 33.53 -3.34
CA ALA B 1493 -43.71 33.44 -2.59
C ALA B 1493 -44.92 33.59 -3.50
N PHE B 1494 -44.75 34.17 -4.69
CA PHE B 1494 -45.89 34.36 -5.59
C PHE B 1494 -46.44 33.03 -6.08
N CYS B 1495 -45.55 32.08 -6.44
CA CYS B 1495 -45.99 30.76 -6.91
C CYS B 1495 -45.34 29.67 -6.07
N ASN B 1496 -45.96 29.41 -4.91
CA ASN B 1496 -45.76 28.20 -4.11
C ASN B 1496 -44.29 27.83 -3.93
N TYR B 1497 -43.41 28.83 -4.02
CA TYR B 1497 -41.96 28.60 -3.96
C TYR B 1497 -41.54 27.45 -4.86
N ASP B 1498 -41.76 27.65 -6.16
CA ASP B 1498 -41.46 26.64 -7.18
C ASP B 1498 -42.30 25.38 -6.99
N GLY B 1499 -43.43 25.48 -6.30
CA GLY B 1499 -44.20 24.31 -5.96
C GLY B 1499 -43.49 23.37 -5.03
N GLY B 1500 -42.48 23.85 -4.32
CA GLY B 1500 -41.73 23.02 -3.40
C GLY B 1500 -40.51 22.33 -3.97
N ASP B 1501 -40.14 22.63 -5.22
CA ASP B 1501 -38.97 21.99 -5.82
C ASP B 1501 -37.68 22.44 -5.14
N CYS B 1502 -37.67 23.63 -4.56
CA CYS B 1502 -36.45 24.19 -3.99
C CYS B 1502 -36.28 23.90 -2.50
N CYS B 1503 -37.20 23.16 -1.90
CA CYS B 1503 -37.09 22.75 -0.50
C CYS B 1503 -37.01 21.23 -0.44
N THR B 1504 -36.02 20.72 0.30
CA THR B 1504 -35.80 19.28 0.35
C THR B 1504 -36.98 18.55 0.97
N SER B 1505 -37.55 19.09 2.05
CA SER B 1505 -38.69 18.44 2.70
C SER B 1505 -39.90 18.43 1.79
N THR B 1506 -40.15 19.54 1.08
CA THR B 1506 -41.37 19.66 0.28
C THR B 1506 -41.28 18.87 -1.02
N VAL B 1507 -40.09 18.79 -1.62
CA VAL B 1507 -39.96 18.15 -2.93
C VAL B 1507 -40.27 16.67 -2.80
N LYS B 1508 -41.04 16.13 -3.74
CA LYS B 1508 -41.47 14.75 -3.67
C LYS B 1508 -40.33 13.77 -3.86
N THR B 1509 -39.27 14.16 -4.56
CA THR B 1509 -38.08 13.33 -4.68
C THR B 1509 -37.19 13.39 -3.45
N LYS B 1510 -37.49 14.27 -2.49
CA LYS B 1510 -36.75 14.43 -1.25
C LYS B 1510 -35.31 14.85 -1.49
N LYS B 1511 -34.99 15.30 -2.70
CA LYS B 1511 -33.69 15.87 -3.03
C LYS B 1511 -33.91 17.08 -3.92
N VAL B 1512 -33.13 18.12 -3.71
CA VAL B 1512 -33.24 19.37 -4.46
C VAL B 1512 -32.15 19.39 -5.51
N THR B 1513 -32.54 19.38 -6.78
CA THR B 1513 -31.60 19.55 -7.87
C THR B 1513 -31.81 20.91 -8.53
N PRO B 1514 -30.85 21.83 -8.42
CA PRO B 1514 -31.02 23.14 -9.03
C PRO B 1514 -31.03 23.05 -10.55
N PHE B 1515 -31.78 23.95 -11.17
CA PHE B 1515 -31.88 24.05 -12.63
C PHE B 1515 -31.38 25.40 -13.08
N PRO B 1516 -30.15 25.50 -13.61
CA PRO B 1516 -29.16 24.42 -13.78
C PRO B 1516 -28.45 24.08 -12.48
N MET B 1517 -27.65 23.01 -12.46
CA MET B 1517 -26.93 22.64 -11.24
C MET B 1517 -25.91 23.69 -10.83
N SER B 1518 -25.54 24.60 -11.74
CA SER B 1518 -24.62 25.67 -11.40
C SER B 1518 -25.21 26.62 -10.34
N CYS B 1519 -26.52 26.65 -10.20
CA CYS B 1519 -27.15 27.48 -9.18
C CYS B 1519 -26.75 27.00 -7.79
N ASP B 1520 -26.39 27.94 -6.93
CA ASP B 1520 -25.96 27.59 -5.58
C ASP B 1520 -27.14 27.06 -4.77
N LEU B 1521 -26.91 25.97 -4.04
CA LEU B 1521 -27.96 25.39 -3.21
C LEU B 1521 -28.36 26.29 -2.06
N GLN B 1522 -27.51 27.24 -1.68
CA GLN B 1522 -27.82 28.19 -0.63
C GLN B 1522 -28.11 29.60 -1.15
N GLY B 1523 -28.01 29.81 -2.46
CA GLY B 1523 -28.28 31.12 -3.03
C GLY B 1523 -29.76 31.30 -3.35
N ASP B 1524 -30.06 31.73 -4.57
CA ASP B 1524 -31.46 31.88 -4.99
C ASP B 1524 -32.18 30.55 -5.06
N CYS B 1525 -31.45 29.44 -5.12
CA CYS B 1525 -32.04 28.11 -5.13
C CYS B 1525 -32.28 27.56 -3.73
N ALA B 1526 -31.94 28.32 -2.69
CA ALA B 1526 -32.15 27.87 -1.32
C ALA B 1526 -33.64 27.80 -1.00
N CYS B 1527 -33.98 26.94 -0.05
CA CYS B 1527 -35.37 26.78 0.38
C CYS B 1527 -35.87 28.09 0.99
N ARG B 1528 -36.81 28.74 0.30
CA ARG B 1528 -37.37 30.01 0.76
C ARG B 1528 -38.73 29.86 1.40
N ASP B 1529 -39.20 28.63 1.61
CA ASP B 1529 -40.53 28.39 2.18
C ASP B 1529 -40.41 28.34 3.70
N PRO B 1530 -40.98 29.31 4.43
CA PRO B 1530 -40.90 29.26 5.89
C PRO B 1530 -41.60 28.06 6.50
N GLN B 1531 -42.65 27.55 5.86
CA GLN B 1531 -43.39 26.42 6.40
C GLN B 1531 -42.61 25.12 6.35
N ALA B 1532 -41.50 25.07 5.62
CA ALA B 1532 -40.68 23.87 5.55
C ALA B 1532 -40.06 23.57 6.91
N GLN B 1533 -39.85 22.27 7.18
CA GLN B 1533 -39.27 21.86 8.45
C GLN B 1533 -37.83 22.36 8.60
N GLU B 1534 -37.12 22.52 7.48
CA GLU B 1534 -35.76 23.06 7.55
C GLU B 1534 -35.76 24.49 8.09
N HIS B 1535 -36.73 25.29 7.66
CA HIS B 1535 -36.90 26.63 8.22
C HIS B 1535 -37.30 26.58 9.70
N SER B 1536 -37.98 25.52 10.12
CA SER B 1536 -38.39 25.38 11.50
C SER B 1536 -37.22 24.93 12.37
N ARG C 1 5.95 22.25 -22.50
CA ARG C 1 5.32 21.74 -21.29
C ARG C 1 5.87 20.37 -20.90
N LEU C 2 6.84 19.89 -21.68
CA LEU C 2 7.47 18.61 -21.37
C LEU C 2 8.28 18.73 -20.09
N SER C 3 8.12 17.74 -19.20
CA SER C 3 8.79 17.78 -17.91
C SER C 3 10.29 17.71 -18.07
N LEU C 4 11.01 18.43 -17.19
CA LEU C 4 12.46 18.47 -17.27
C LEU C 4 13.08 17.11 -17.00
N GLN C 5 12.55 16.38 -16.01
CA GLN C 5 13.02 15.02 -15.77
C GLN C 5 12.74 14.13 -16.97
N ASN C 6 11.60 14.34 -17.62
CA ASN C 6 11.32 13.62 -18.86
C ASN C 6 12.36 13.95 -19.92
N THR C 7 12.73 15.23 -20.04
CA THR C 7 13.75 15.61 -21.00
C THR C 7 15.08 14.91 -20.70
N ALA C 8 15.46 14.88 -19.43
CA ALA C 8 16.71 14.24 -19.05
C ALA C 8 16.70 12.76 -19.36
N GLU C 9 15.59 12.08 -19.03
CA GLU C 9 15.55 10.64 -19.29
C GLU C 9 15.48 10.33 -20.79
N ILE C 10 14.82 11.18 -21.58
CA ILE C 10 14.80 10.95 -23.02
C ILE C 10 16.18 11.16 -23.62
N GLN C 11 16.91 12.20 -23.19
CA GLN C 11 18.24 12.37 -23.75
C GLN C 11 19.18 11.27 -23.28
N HIS C 12 19.00 10.77 -22.05
CA HIS C 12 19.78 9.61 -21.62
C HIS C 12 19.48 8.39 -22.47
N CYS C 13 18.21 8.14 -22.76
CA CYS C 13 17.84 7.03 -23.64
C CYS C 13 18.47 7.20 -25.01
N LEU C 14 18.39 8.40 -25.57
CA LEU C 14 18.89 8.65 -26.92
C LEU C 14 20.40 8.45 -26.99
N VAL C 15 21.14 8.99 -26.01
CA VAL C 15 22.58 8.77 -26.00
C VAL C 15 22.91 7.31 -25.67
N ASN C 16 21.98 6.59 -25.06
CA ASN C 16 22.19 5.18 -24.75
C ASN C 16 21.72 4.27 -25.87
N ALA C 17 20.50 4.46 -26.36
CA ALA C 17 19.96 3.61 -27.41
C ALA C 17 20.69 3.85 -28.73
N GLY C 18 20.96 2.76 -29.45
CA GLY C 18 21.63 2.86 -30.72
C GLY C 18 20.70 3.24 -31.86
N ASP C 19 21.30 3.43 -33.03
CA ASP C 19 20.53 3.82 -34.22
C ASP C 19 19.54 2.73 -34.61
N VAL C 20 19.96 1.47 -34.53
CA VAL C 20 19.09 0.36 -34.93
C VAL C 20 18.17 -0.01 -33.78
N GLY C 21 17.05 -0.65 -34.13
CA GLY C 21 16.13 -1.16 -33.14
C GLY C 21 15.10 -0.14 -32.69
N CYS C 22 14.22 -0.60 -31.79
CA CYS C 22 13.17 0.23 -31.25
C CYS C 22 13.63 1.10 -30.07
N GLY C 23 14.89 0.96 -29.65
CA GLY C 23 15.34 1.60 -28.43
C GLY C 23 15.17 3.11 -28.44
N VAL C 24 15.46 3.75 -29.58
CA VAL C 24 15.31 5.20 -29.67
C VAL C 24 13.86 5.60 -29.48
N PHE C 25 12.96 4.95 -30.22
CA PHE C 25 11.55 5.28 -30.17
C PHE C 25 10.81 4.63 -29.01
N GLU C 26 11.43 3.66 -28.33
CA GLU C 26 10.78 3.05 -27.17
C GLU C 26 10.67 4.05 -26.03
N CYS C 27 11.76 4.74 -25.70
CA CYS C 27 11.72 5.73 -24.63
C CYS C 27 10.86 6.92 -25.02
N PHE C 28 10.77 7.24 -26.30
CA PHE C 28 9.95 8.37 -26.75
C PHE C 28 8.48 8.17 -26.40
N GLU C 29 8.05 6.92 -26.24
CA GLU C 29 6.69 6.68 -25.79
C GLU C 29 6.53 7.06 -24.33
N ASN C 30 5.26 7.15 -23.91
CA ASN C 30 4.89 7.51 -22.53
C ASN C 30 5.38 8.90 -22.16
N ASN C 31 5.58 9.78 -23.14
CA ASN C 31 6.02 11.14 -22.87
C ASN C 31 4.82 12.04 -22.52
N SER C 32 5.12 13.21 -21.98
CA SER C 32 4.08 14.16 -21.63
C SER C 32 3.38 14.73 -22.87
N CYS C 33 4.00 14.63 -24.04
CA CYS C 33 3.43 15.20 -25.26
C CYS C 33 2.43 14.28 -25.93
N GLU C 34 2.27 13.06 -25.45
CA GLU C 34 1.25 12.10 -25.88
C GLU C 34 1.43 11.65 -27.33
N ILE C 35 2.57 11.93 -27.95
CA ILE C 35 2.86 11.40 -29.27
C ILE C 35 3.22 9.92 -29.10
N ARG C 36 2.27 9.04 -29.44
CA ARG C 36 2.41 7.62 -29.18
C ARG C 36 2.51 6.86 -30.50
N GLY C 37 2.76 5.56 -30.38
CA GLY C 37 2.85 4.68 -31.51
C GLY C 37 4.24 4.51 -32.09
N LEU C 38 5.23 5.29 -31.62
CA LEU C 38 6.59 5.15 -32.13
C LEU C 38 7.15 3.76 -31.86
N HIS C 39 7.01 3.30 -30.61
CA HIS C 39 7.34 1.92 -30.31
C HIS C 39 6.45 0.97 -31.13
N GLY C 40 5.18 1.31 -31.26
CA GLY C 40 4.31 0.54 -32.12
C GLY C 40 4.75 0.58 -33.58
N ILE C 41 5.16 1.76 -34.06
CA ILE C 41 5.70 1.87 -35.41
C ILE C 41 6.84 0.89 -35.61
N CYS C 42 7.85 0.97 -34.76
CA CYS C 42 9.01 0.11 -34.91
C CYS C 42 8.62 -1.36 -34.81
N MET C 43 7.78 -1.70 -33.83
CA MET C 43 7.43 -3.08 -33.55
C MET C 43 6.69 -3.69 -34.74
N THR C 44 5.65 -3.00 -35.21
CA THR C 44 4.81 -3.52 -36.28
C THR C 44 5.57 -3.55 -37.61
N PHE C 45 6.27 -2.47 -37.96
CA PHE C 45 6.96 -2.47 -39.24
C PHE C 45 8.19 -3.38 -39.25
N LEU C 46 8.75 -3.71 -38.08
CA LEU C 46 9.81 -4.71 -38.06
C LEU C 46 9.22 -6.11 -38.06
N HIS C 47 7.98 -6.28 -37.57
CA HIS C 47 7.24 -7.50 -37.86
C HIS C 47 7.08 -7.69 -39.36
N ASN C 48 6.59 -6.67 -40.04
CA ASN C 48 6.07 -6.80 -41.40
C ASN C 48 7.08 -6.43 -42.48
N ALA C 49 8.33 -6.09 -42.11
CA ALA C 49 9.34 -5.84 -43.13
C ALA C 49 9.64 -7.11 -43.91
N GLY C 50 9.48 -8.28 -43.29
CA GLY C 50 9.64 -9.53 -44.03
C GLY C 50 8.62 -9.68 -45.13
N LYS C 51 7.37 -9.28 -44.86
CA LYS C 51 6.36 -9.28 -45.91
C LYS C 51 6.69 -8.29 -47.01
N PHE C 52 7.37 -7.19 -46.65
CA PHE C 52 7.85 -6.27 -47.66
C PHE C 52 8.91 -6.93 -48.54
N ASP C 53 8.99 -6.49 -49.80
CA ASP C 53 9.98 -7.04 -50.71
C ASP C 53 11.37 -6.54 -50.31
N ALA C 54 12.38 -6.97 -51.09
CA ALA C 54 13.76 -6.62 -50.77
C ALA C 54 13.97 -5.10 -50.78
N GLN C 55 13.43 -4.43 -51.80
CA GLN C 55 13.47 -2.98 -51.81
C GLN C 55 12.67 -2.39 -50.66
N GLY C 56 11.57 -3.04 -50.28
CA GLY C 56 10.82 -2.61 -49.12
C GLY C 56 11.63 -2.74 -47.84
N LYS C 57 12.36 -3.85 -47.69
CA LYS C 57 13.22 -4.01 -46.51
C LYS C 57 14.33 -2.95 -46.49
N SER C 58 14.94 -2.69 -47.64
CA SER C 58 15.98 -1.67 -47.69
C SER C 58 15.42 -0.31 -47.31
N PHE C 59 14.26 0.04 -47.87
CA PHE C 59 13.65 1.33 -47.54
C PHE C 59 13.28 1.42 -46.08
N ILE C 60 12.73 0.35 -45.50
CA ILE C 60 12.26 0.42 -44.13
C ILE C 60 13.45 0.52 -43.17
N LYS C 61 14.54 -0.21 -43.45
CA LYS C 61 15.73 -0.06 -42.63
C LYS C 61 16.32 1.34 -42.75
N ASP C 62 16.38 1.87 -43.97
CA ASP C 62 16.90 3.21 -44.17
C ASP C 62 16.05 4.25 -43.45
N ALA C 63 14.73 4.10 -43.51
CA ALA C 63 13.83 5.04 -42.86
C ALA C 63 13.96 4.97 -41.34
N LEU C 64 14.07 3.76 -40.80
CA LEU C 64 14.26 3.63 -39.35
C LEU C 64 15.57 4.26 -38.91
N LYS C 65 16.65 4.02 -39.66
CA LYS C 65 17.94 4.63 -39.34
C LYS C 65 17.86 6.15 -39.41
N CYS C 66 17.23 6.67 -40.47
CA CYS C 66 17.10 8.12 -40.63
C CYS C 66 16.31 8.71 -39.48
N LYS C 67 15.19 8.08 -39.12
CA LYS C 67 14.37 8.58 -38.04
C LYS C 67 15.15 8.63 -36.73
N ALA C 68 15.77 7.51 -36.36
CA ALA C 68 16.51 7.47 -35.11
C ALA C 68 17.63 8.51 -35.10
N HIS C 69 18.47 8.51 -36.14
CA HIS C 69 19.64 9.39 -36.19
C HIS C 69 19.22 10.86 -36.17
N ALA C 70 18.31 11.24 -37.07
CA ALA C 70 17.90 12.64 -37.18
C ALA C 70 17.17 13.10 -35.93
N LEU C 71 16.24 12.29 -35.43
CA LEU C 71 15.48 12.67 -34.25
C LEU C 71 16.39 12.77 -33.03
N ARG C 72 17.48 12.01 -33.00
CA ARG C 72 18.44 12.16 -31.91
C ARG C 72 19.26 13.44 -32.07
N HIS C 73 19.73 13.71 -33.29
CA HIS C 73 20.62 14.86 -33.49
C HIS C 73 19.88 16.18 -33.37
N ARG C 74 18.74 16.31 -34.04
CA ARG C 74 18.00 17.56 -34.06
C ARG C 74 17.27 17.84 -32.75
N PHE C 75 17.21 16.87 -31.84
CA PHE C 75 16.59 17.08 -30.53
C PHE C 75 17.53 17.93 -29.68
N GLY C 76 17.61 19.20 -30.05
CA GLY C 76 18.53 20.12 -29.40
C GLY C 76 17.85 21.20 -28.60
N CYS C 77 17.82 22.42 -29.13
CA CYS C 77 17.30 23.59 -28.44
C CYS C 77 15.86 23.90 -28.81
N ILE C 78 15.05 22.88 -29.10
CA ILE C 78 13.64 23.09 -29.35
C ILE C 78 12.94 23.50 -28.06
N SER C 79 11.94 24.36 -28.18
CA SER C 79 11.21 24.84 -27.01
C SER C 79 10.50 23.69 -26.30
N ARG C 80 10.16 23.93 -25.04
CA ARG C 80 9.53 22.90 -24.21
C ARG C 80 8.12 22.55 -24.68
N LYS C 81 7.52 23.37 -25.55
CA LYS C 81 6.13 23.16 -25.93
C LYS C 81 5.98 21.90 -26.78
N CYS C 82 4.98 21.09 -26.45
CA CYS C 82 4.68 19.89 -27.23
C CYS C 82 4.32 20.16 -28.70
N PRO C 83 3.53 21.19 -29.04
CA PRO C 83 3.21 21.37 -30.48
C PRO C 83 4.44 21.48 -31.37
N ALA C 84 5.49 22.16 -30.90
CA ALA C 84 6.73 22.20 -31.66
C ALA C 84 7.34 20.81 -31.79
N ILE C 85 7.26 20.01 -30.73
CA ILE C 85 7.80 18.64 -30.76
C ILE C 85 7.06 17.83 -31.81
N ARG C 86 5.74 17.91 -31.83
CA ARG C 86 4.95 17.18 -32.82
C ARG C 86 5.27 17.66 -34.23
N GLU C 87 5.42 18.97 -34.40
CA GLU C 87 5.75 19.52 -35.72
C GLU C 87 7.08 18.98 -36.21
N MET C 88 8.09 18.99 -35.35
CA MET C 88 9.41 18.52 -35.78
C MET C 88 9.43 17.01 -36.00
N VAL C 89 8.65 16.26 -35.21
CA VAL C 89 8.55 14.82 -35.42
C VAL C 89 7.93 14.55 -36.79
N SER C 90 6.85 15.25 -37.12
CA SER C 90 6.22 15.08 -38.42
C SER C 90 7.17 15.49 -39.55
N GLN C 91 7.91 16.58 -39.36
CA GLN C 91 8.85 17.02 -40.37
C GLN C 91 9.94 15.97 -40.60
N LEU C 92 10.48 15.41 -39.52
CA LEU C 92 11.51 14.38 -39.66
C LEU C 92 10.96 13.13 -40.33
N GLN C 93 9.73 12.72 -39.97
CA GLN C 93 9.10 11.57 -40.59
C GLN C 93 8.98 11.78 -42.09
N ARG C 94 8.39 12.91 -42.49
CA ARG C 94 8.19 13.17 -43.91
C ARG C 94 9.52 13.32 -44.65
N GLU C 95 10.52 13.92 -44.00
CA GLU C 95 11.82 14.08 -44.64
C GLU C 95 12.47 12.74 -44.90
N CYS C 96 12.48 11.85 -43.89
CA CYS C 96 13.05 10.52 -44.10
C CYS C 96 12.29 9.75 -45.16
N TYR C 97 10.95 9.85 -45.15
CA TYR C 97 10.16 9.14 -46.14
C TYR C 97 10.43 9.63 -47.55
N LEU C 98 10.54 10.94 -47.74
CA LEU C 98 10.78 11.46 -49.08
C LEU C 98 12.21 11.17 -49.53
N LYS C 99 13.18 11.23 -48.61
CA LYS C 99 14.56 10.99 -48.99
C LYS C 99 14.85 9.50 -49.19
N HIS C 100 13.98 8.62 -48.70
CA HIS C 100 14.16 7.19 -48.87
C HIS C 100 13.10 6.57 -49.79
N ASP C 101 12.33 7.39 -50.50
CA ASP C 101 11.36 6.94 -51.50
C ASP C 101 10.33 6.00 -50.87
N LEU C 102 9.56 6.58 -49.96
CA LEU C 102 8.42 5.87 -49.38
C LEU C 102 7.39 5.53 -50.46
N CYS C 103 7.20 6.43 -51.42
CA CYS C 103 6.06 6.32 -52.33
C CYS C 103 6.14 5.06 -53.19
N ALA C 104 7.27 4.86 -53.89
CA ALA C 104 7.37 3.72 -54.79
C ALA C 104 7.40 2.40 -54.02
N ALA C 105 8.09 2.37 -52.88
CA ALA C 105 8.11 1.16 -52.06
C ALA C 105 6.72 0.81 -51.56
N ALA C 106 5.94 1.83 -51.18
CA ALA C 106 4.54 1.60 -50.83
C ALA C 106 3.76 1.07 -52.02
N GLN C 107 4.04 1.60 -53.22
CA GLN C 107 3.37 1.14 -54.42
C GLN C 107 3.62 -0.34 -54.68
N GLU C 108 4.85 -0.79 -54.45
CA GLU C 108 5.16 -2.21 -54.65
C GLU C 108 4.49 -3.10 -53.61
N ASN C 109 4.10 -2.56 -52.46
CA ASN C 109 3.51 -3.34 -51.38
C ASN C 109 2.27 -2.64 -50.82
N THR C 110 1.38 -2.23 -51.71
CA THR C 110 0.15 -1.56 -51.26
C THR C 110 -0.68 -2.46 -50.35
N ARG C 111 -0.81 -3.74 -50.73
CA ARG C 111 -1.64 -4.66 -49.94
C ARG C 111 -1.08 -4.84 -48.54
N VAL C 112 0.25 -4.93 -48.42
CA VAL C 112 0.86 -5.12 -47.12
C VAL C 112 0.55 -3.94 -46.21
N ILE C 113 0.77 -2.72 -46.70
CA ILE C 113 0.52 -1.53 -45.90
C ILE C 113 -0.96 -1.41 -45.57
N VAL C 114 -1.83 -1.81 -46.50
CA VAL C 114 -3.26 -1.92 -46.19
C VAL C 114 -3.46 -2.87 -45.02
N GLU C 115 -2.70 -3.97 -44.97
CA GLU C 115 -2.84 -4.91 -43.87
C GLU C 115 -2.42 -4.28 -42.53
N MET C 116 -1.30 -3.56 -42.50
CA MET C 116 -0.87 -2.99 -41.23
C MET C 116 -1.79 -1.88 -40.77
N ILE C 117 -2.23 -1.00 -41.67
CA ILE C 117 -2.98 0.18 -41.25
C ILE C 117 -4.30 -0.25 -40.61
N HIS C 118 -4.62 0.36 -39.48
CA HIS C 118 -5.85 0.07 -38.75
C HIS C 118 -6.55 1.39 -38.44
N PHE C 119 -7.88 1.33 -38.38
CA PHE C 119 -8.65 2.53 -38.09
C PHE C 119 -8.35 3.08 -36.71
N LYS C 120 -8.21 2.19 -35.72
CA LYS C 120 -7.86 2.64 -34.37
C LYS C 120 -6.47 3.28 -34.35
N ASP C 121 -5.53 2.72 -35.11
CA ASP C 121 -4.17 3.24 -35.11
C ASP C 121 -4.12 4.66 -35.65
N LEU C 122 -4.85 4.94 -36.74
CA LEU C 122 -4.90 6.30 -37.26
C LEU C 122 -5.74 7.21 -36.37
N LEU C 123 -6.76 6.65 -35.69
CA LEU C 123 -7.55 7.45 -34.76
C LEU C 123 -6.76 7.86 -33.53
N LEU C 124 -5.73 7.11 -33.16
CA LEU C 124 -5.02 7.34 -31.91
C LEU C 124 -3.76 8.18 -32.06
N HIS C 125 -2.94 7.94 -33.08
CA HIS C 125 -1.61 8.52 -33.16
C HIS C 125 -1.45 9.38 -34.40
N GLU C 126 -0.79 10.52 -34.22
CA GLU C 126 -0.43 11.48 -35.27
C GLU C 126 0.69 11.01 -36.18
N PRO C 127 1.67 10.21 -35.69
CA PRO C 127 2.66 9.64 -36.63
C PRO C 127 2.01 8.89 -37.79
N TYR C 128 1.18 7.89 -37.48
CA TYR C 128 0.49 7.16 -38.55
C TYR C 128 -0.38 8.09 -39.38
N VAL C 129 -0.86 9.18 -38.78
CA VAL C 129 -1.54 10.22 -39.56
C VAL C 129 -0.61 10.78 -40.64
N ASP C 130 0.62 11.11 -40.26
CA ASP C 130 1.56 11.64 -41.24
C ASP C 130 1.87 10.60 -42.31
N LEU C 131 2.06 9.35 -41.89
CA LEU C 131 2.31 8.27 -42.85
C LEU C 131 1.19 8.15 -43.86
N VAL C 132 -0.07 8.10 -43.40
CA VAL C 132 -1.18 7.92 -44.34
C VAL C 132 -1.39 9.18 -45.18
N ASN C 133 -1.12 10.36 -44.63
CA ASN C 133 -1.21 11.59 -45.41
C ASN C 133 -0.23 11.57 -46.56
N LEU C 134 1.00 11.12 -46.30
CA LEU C 134 1.96 10.99 -47.40
C LEU C 134 1.57 9.85 -48.34
N LEU C 135 0.97 8.79 -47.79
CA LEU C 135 0.57 7.65 -48.62
C LEU C 135 -0.47 8.06 -49.65
N LEU C 136 -1.41 8.92 -49.27
CA LEU C 136 -2.40 9.40 -50.23
C LEU C 136 -1.77 10.29 -51.28
N THR C 137 -0.52 10.71 -51.07
CA THR C 137 0.25 11.45 -52.06
C THR C 137 1.33 10.60 -52.72
N CYS C 138 1.18 9.26 -52.71
CA CYS C 138 2.15 8.34 -53.29
C CYS C 138 1.52 7.40 -54.32
N GLY C 139 0.78 7.95 -55.27
CA GLY C 139 0.33 7.10 -56.37
C GLY C 139 -1.18 7.01 -56.39
N GLU C 140 -1.75 7.13 -57.60
CA GLU C 140 -3.20 7.11 -57.73
C GLU C 140 -3.78 5.77 -57.31
N GLU C 141 -3.16 4.67 -57.77
CA GLU C 141 -3.62 3.36 -57.35
C GLU C 141 -3.37 3.14 -55.86
N VAL C 142 -2.23 3.61 -55.36
CA VAL C 142 -1.92 3.44 -53.94
C VAL C 142 -2.88 4.26 -53.08
N LYS C 143 -3.13 5.51 -53.47
CA LYS C 143 -4.06 6.32 -52.70
C LYS C 143 -5.48 5.75 -52.78
N GLU C 144 -5.85 5.19 -53.93
CA GLU C 144 -7.17 4.57 -54.06
C GLU C 144 -7.31 3.36 -53.15
N ALA C 145 -6.28 2.52 -53.10
CA ALA C 145 -6.30 1.36 -52.21
C ALA C 145 -6.35 1.80 -50.75
N ILE C 146 -5.58 2.83 -50.40
CA ILE C 146 -5.58 3.32 -49.02
C ILE C 146 -6.94 3.89 -48.66
N THR C 147 -7.57 4.62 -49.59
CA THR C 147 -8.90 5.15 -49.32
C THR C 147 -9.91 4.03 -49.15
N HIS C 148 -9.85 3.00 -49.99
CA HIS C 148 -10.76 1.88 -49.85
C HIS C 148 -10.59 1.20 -48.50
N SER C 149 -9.33 0.97 -48.10
CA SER C 149 -9.07 0.31 -46.82
C SER C 149 -9.57 1.16 -45.65
N VAL C 150 -9.24 2.46 -45.68
CA VAL C 150 -9.61 3.32 -44.56
C VAL C 150 -11.12 3.43 -44.47
N GLN C 151 -11.81 3.48 -45.62
CA GLN C 151 -13.27 3.46 -45.60
C GLN C 151 -13.78 2.15 -45.00
N VAL C 152 -13.16 1.02 -45.36
CA VAL C 152 -13.63 -0.28 -44.88
C VAL C 152 -13.54 -0.35 -43.36
N GLN C 153 -12.35 -0.06 -42.81
CA GLN C 153 -12.22 -0.17 -41.35
C GLN C 153 -12.95 0.96 -40.63
N CYS C 154 -13.02 2.16 -41.23
CA CYS C 154 -13.72 3.27 -40.60
C CYS C 154 -15.21 2.99 -40.49
N GLU C 155 -15.82 2.40 -41.52
CA GLU C 155 -17.21 1.99 -41.44
C GLU C 155 -17.40 0.76 -40.58
N GLN C 156 -16.40 -0.12 -40.50
CA GLN C 156 -16.48 -1.27 -39.62
C GLN C 156 -16.55 -0.83 -38.16
N ASN C 157 -15.74 0.15 -37.77
CA ASN C 157 -15.67 0.61 -36.40
C ASN C 157 -16.56 1.80 -36.11
N TRP C 158 -17.23 2.36 -37.12
CA TRP C 158 -18.04 3.56 -36.93
C TRP C 158 -19.45 3.37 -37.46
N GLY C 159 -19.61 2.54 -38.49
CA GLY C 159 -20.92 2.36 -39.09
C GLY C 159 -21.35 3.61 -39.83
N SER C 160 -22.56 4.09 -39.51
CA SER C 160 -23.10 5.27 -40.19
C SER C 160 -22.32 6.54 -39.89
N LEU C 161 -21.55 6.56 -38.80
CA LEU C 161 -20.74 7.74 -38.49
C LEU C 161 -19.71 8.00 -39.59
N CYS C 162 -19.06 6.94 -40.07
CA CYS C 162 -18.08 7.10 -41.14
C CYS C 162 -18.74 7.62 -42.41
N SER C 163 -19.90 7.08 -42.76
CA SER C 163 -20.59 7.52 -43.97
C SER C 163 -21.04 8.97 -43.85
N ILE C 164 -21.55 9.37 -42.68
CA ILE C 164 -22.04 10.72 -42.53
C ILE C 164 -20.89 11.72 -42.48
N LEU C 165 -19.72 11.30 -41.98
CA LEU C 165 -18.56 12.19 -42.04
C LEU C 165 -18.00 12.27 -43.45
N SER C 166 -18.00 11.17 -44.19
CA SER C 166 -17.57 11.16 -45.59
C SER C 166 -18.79 11.53 -46.45
N PHE C 167 -19.01 12.84 -46.59
CA PHE C 167 -20.23 13.33 -47.20
C PHE C 167 -20.36 12.87 -48.65
N CYS C 168 -19.28 12.99 -49.42
CA CYS C 168 -19.30 12.65 -50.84
C CYS C 168 -17.90 12.44 -51.40
N SER D 13 -58.71 -27.48 28.28
CA SER D 13 -58.56 -26.06 28.51
C SER D 13 -58.85 -25.26 27.25
N ARG D 14 -58.33 -24.03 27.18
CA ARG D 14 -58.54 -23.16 26.04
C ARG D 14 -57.28 -22.35 25.79
N ALA D 15 -57.15 -21.84 24.57
CA ALA D 15 -56.00 -21.06 24.17
C ALA D 15 -56.45 -19.90 23.29
N LEU D 16 -55.57 -18.92 23.15
CA LEU D 16 -55.84 -17.73 22.35
C LEU D 16 -54.93 -17.75 21.12
N TYR D 17 -55.56 -17.65 19.94
CA TYR D 17 -54.86 -17.61 18.67
C TYR D 17 -54.79 -16.17 18.19
N PHE D 18 -53.59 -15.66 18.02
CA PHE D 18 -53.32 -14.31 17.55
C PHE D 18 -52.83 -14.37 16.11
N SER D 19 -53.48 -13.62 15.22
CA SER D 19 -53.07 -13.57 13.83
C SER D 19 -51.90 -12.64 13.60
N GLY D 20 -51.51 -11.84 14.58
CA GLY D 20 -50.41 -10.93 14.43
C GLY D 20 -50.73 -9.65 13.68
N ARG D 21 -51.98 -9.40 13.35
CA ARG D 21 -52.38 -8.20 12.64
C ARG D 21 -52.80 -7.06 13.55
N GLY D 22 -52.75 -7.25 14.87
CA GLY D 22 -53.12 -6.20 15.79
C GLY D 22 -53.97 -6.69 16.95
N GLU D 23 -54.17 -8.00 17.03
CA GLU D 23 -54.99 -8.58 18.09
C GLU D 23 -54.26 -8.53 19.42
N GLN D 24 -54.54 -7.49 20.21
CA GLN D 24 -53.81 -7.25 21.45
C GLN D 24 -54.80 -7.06 22.60
N LEU D 25 -54.31 -7.28 23.82
CA LEU D 25 -55.11 -7.19 25.03
C LEU D 25 -54.41 -6.30 26.06
N ARG D 26 -55.20 -5.71 26.95
CA ARG D 26 -54.69 -4.95 28.08
C ARG D 26 -55.19 -5.57 29.37
N LEU D 27 -54.31 -5.71 30.35
CA LEU D 27 -54.73 -6.20 31.65
C LEU D 27 -55.55 -5.13 32.36
N ARG D 28 -56.70 -5.52 32.87
CA ARG D 28 -57.55 -4.58 33.60
C ARG D 28 -56.88 -4.16 34.91
N ALA D 29 -57.08 -2.90 35.28
CA ALA D 29 -56.47 -2.35 36.48
C ALA D 29 -57.05 -2.91 37.77
N ASP D 30 -58.00 -3.85 37.67
CA ASP D 30 -58.60 -4.45 38.86
C ASP D 30 -57.61 -5.29 39.66
N LEU D 31 -56.45 -5.61 39.09
CA LEU D 31 -55.46 -6.45 39.76
C LEU D 31 -54.16 -5.67 39.93
N GLU D 32 -53.58 -5.80 41.12
CA GLU D 32 -52.36 -5.07 41.48
C GLU D 32 -51.15 -5.71 40.79
N LEU D 33 -50.14 -4.89 40.53
CA LEU D 33 -48.99 -5.31 39.74
C LEU D 33 -47.73 -5.34 40.59
N PRO D 34 -46.89 -6.37 40.43
CA PRO D 34 -45.72 -6.52 41.31
C PRO D 34 -44.74 -5.35 41.17
N ARG D 35 -44.07 -5.04 42.28
CA ARG D 35 -43.13 -3.94 42.33
C ARG D 35 -41.68 -4.36 42.50
N ASP D 36 -41.42 -5.52 43.12
CA ASP D 36 -40.06 -5.98 43.35
C ASP D 36 -39.77 -7.33 42.71
N ALA D 37 -40.63 -8.32 42.92
CA ALA D 37 -40.40 -9.68 42.43
C ALA D 37 -41.64 -10.19 41.73
N PHE D 38 -41.43 -11.09 40.76
CA PHE D 38 -42.53 -11.68 40.01
C PHE D 38 -41.98 -12.82 39.17
N THR D 39 -42.89 -13.60 38.59
CA THR D 39 -42.53 -14.69 37.69
C THR D 39 -43.69 -14.96 36.74
N LEU D 40 -43.43 -14.84 35.45
CA LEU D 40 -44.43 -15.04 34.41
C LEU D 40 -44.15 -16.36 33.70
N GLN D 41 -45.17 -17.21 33.60
CA GLN D 41 -45.05 -18.46 32.86
C GLN D 41 -46.24 -18.63 31.94
N VAL D 42 -45.97 -19.12 30.72
CA VAL D 42 -46.98 -19.28 29.68
C VAL D 42 -46.62 -20.46 28.81
N TRP D 43 -47.62 -21.26 28.43
CA TRP D 43 -47.47 -22.16 27.31
C TRP D 43 -47.71 -21.40 26.02
N LEU D 44 -46.97 -21.75 24.97
CA LEU D 44 -47.18 -21.04 23.72
C LEU D 44 -46.65 -21.86 22.54
N ARG D 45 -47.19 -21.52 21.37
CA ARG D 45 -46.70 -22.03 20.09
C ARG D 45 -46.52 -20.81 19.19
N ALA D 46 -45.28 -20.46 18.91
CA ALA D 46 -44.96 -19.23 18.19
C ALA D 46 -44.76 -19.55 16.71
N GLU D 47 -45.61 -18.95 15.86
CA GLU D 47 -45.47 -19.10 14.43
C GLU D 47 -44.24 -18.34 13.93
N GLY D 48 -43.60 -18.89 12.90
CA GLY D 48 -42.39 -18.30 12.38
C GLY D 48 -42.65 -17.00 11.63
N GLY D 49 -41.57 -16.26 11.39
CA GLY D 49 -41.65 -15.02 10.66
C GLY D 49 -42.41 -13.92 11.37
N GLN D 50 -42.16 -13.74 12.66
CA GLN D 50 -42.80 -12.67 13.40
C GLN D 50 -42.22 -11.33 13.00
N ARG D 51 -43.00 -10.27 13.22
CA ARG D 51 -42.55 -8.90 12.96
C ARG D 51 -41.49 -8.54 13.99
N SER D 52 -40.23 -8.64 13.61
CA SER D 52 -39.15 -8.38 14.55
C SER D 52 -38.93 -6.88 14.72
N PRO D 53 -38.82 -6.37 15.95
CA PRO D 53 -38.95 -7.11 17.23
C PRO D 53 -40.40 -7.36 17.56
N ALA D 54 -40.74 -8.48 18.18
CA ALA D 54 -42.12 -8.85 18.47
C ALA D 54 -42.29 -9.03 19.97
N VAL D 55 -43.37 -8.47 20.50
CA VAL D 55 -43.66 -8.51 21.93
C VAL D 55 -44.96 -9.28 22.12
N ILE D 56 -44.97 -10.22 23.05
CA ILE D 56 -46.16 -10.99 23.37
C ILE D 56 -46.94 -10.37 24.53
N THR D 57 -46.24 -9.86 25.53
CA THR D 57 -46.85 -9.20 26.67
C THR D 57 -45.80 -8.29 27.30
N GLY D 58 -46.26 -7.17 27.86
CA GLY D 58 -45.32 -6.24 28.45
C GLY D 58 -45.98 -5.29 29.41
N LEU D 59 -45.22 -4.88 30.43
CA LEU D 59 -45.64 -3.84 31.35
C LEU D 59 -45.11 -2.50 30.85
N TYR D 60 -46.02 -1.53 30.71
CA TYR D 60 -45.67 -0.23 30.15
C TYR D 60 -46.05 0.87 31.12
N ASP D 61 -45.18 1.86 31.25
CA ASP D 61 -45.44 3.05 32.05
C ASP D 61 -46.07 4.10 31.14
N LYS D 62 -47.40 4.16 31.15
CA LYS D 62 -48.11 5.08 30.29
C LYS D 62 -48.06 6.53 30.77
N CYS D 63 -47.19 6.84 31.74
CA CYS D 63 -47.04 8.19 32.24
C CYS D 63 -45.68 8.81 31.97
N SER D 64 -44.65 7.99 31.72
CA SER D 64 -43.31 8.49 31.43
C SER D 64 -43.20 8.73 29.93
N TYR D 65 -43.45 9.98 29.53
CA TYR D 65 -43.42 10.31 28.11
C TYR D 65 -42.03 10.12 27.52
N ILE D 66 -41.00 10.56 28.23
CA ILE D 66 -39.64 10.46 27.70
C ILE D 66 -39.13 9.03 27.79
N SER D 67 -39.07 8.49 29.00
CA SER D 67 -38.55 7.15 29.22
C SER D 67 -39.71 6.15 29.28
N ARG D 68 -40.32 5.93 28.12
CA ARG D 68 -41.36 4.91 27.99
C ARG D 68 -40.81 3.51 28.21
N ASP D 69 -39.49 3.34 28.11
CA ASP D 69 -38.88 2.02 28.26
C ASP D 69 -38.98 1.49 29.68
N ARG D 70 -39.37 2.32 30.64
CA ARG D 70 -39.57 1.85 32.00
C ARG D 70 -40.65 0.76 32.02
N GLY D 71 -40.35 -0.32 32.73
CA GLY D 71 -41.21 -1.49 32.74
C GLY D 71 -40.52 -2.68 32.11
N TRP D 72 -41.30 -3.73 31.88
CA TRP D 72 -40.76 -4.97 31.32
C TRP D 72 -41.63 -5.43 30.17
N VAL D 73 -40.98 -6.08 29.19
CA VAL D 73 -41.67 -6.73 28.09
C VAL D 73 -40.99 -8.06 27.79
N VAL D 74 -41.76 -8.99 27.24
CA VAL D 74 -41.28 -10.29 26.81
C VAL D 74 -41.75 -10.56 25.40
N GLY D 75 -41.02 -11.41 24.68
CA GLY D 75 -41.42 -11.76 23.34
C GLY D 75 -40.36 -12.49 22.55
N ILE D 76 -40.33 -12.26 21.24
CA ILE D 76 -39.32 -12.85 20.37
C ILE D 76 -38.73 -11.76 19.50
N HIS D 77 -37.41 -11.66 19.45
CA HIS D 77 -36.75 -10.70 18.58
C HIS D 77 -35.47 -11.31 18.05
N THR D 78 -34.94 -10.71 16.99
CA THR D 78 -33.72 -11.21 16.37
C THR D 78 -32.50 -10.67 17.11
N ILE D 79 -31.60 -11.58 17.49
CA ILE D 79 -30.29 -11.16 17.95
C ILE D 79 -29.44 -10.76 16.74
N SER D 80 -28.46 -9.89 16.98
CA SER D 80 -27.64 -9.31 15.92
C SER D 80 -28.54 -8.59 14.91
N ASP D 81 -29.12 -7.48 15.40
CA ASP D 81 -30.12 -6.71 14.65
C ASP D 81 -29.76 -6.54 13.17
N GLN D 82 -28.52 -6.15 12.88
CA GLN D 82 -28.08 -6.07 11.49
C GLN D 82 -28.07 -7.45 10.88
N ASP D 83 -28.71 -7.59 9.71
CA ASP D 83 -28.87 -8.87 9.04
C ASP D 83 -29.57 -9.87 9.97
N ASN D 84 -30.85 -9.56 10.24
CA ASN D 84 -31.65 -10.36 11.15
C ASN D 84 -31.64 -11.83 10.76
N LYS D 85 -31.06 -12.67 11.61
CA LYS D 85 -30.88 -14.07 11.32
C LYS D 85 -31.44 -15.01 12.38
N ASP D 86 -31.28 -14.67 13.66
CA ASP D 86 -31.61 -15.58 14.75
C ASP D 86 -32.71 -15.00 15.61
N PRO D 87 -33.97 -15.37 15.38
CA PRO D 87 -35.03 -14.97 16.30
C PRO D 87 -35.01 -15.82 17.56
N ARG D 88 -34.99 -15.15 18.71
CA ARG D 88 -34.90 -15.80 20.01
C ARG D 88 -35.94 -15.21 20.95
N TYR D 89 -36.38 -16.05 21.89
CA TYR D 89 -37.17 -15.56 23.00
C TYR D 89 -36.34 -14.59 23.84
N PHE D 90 -36.97 -13.51 24.28
CA PHE D 90 -36.24 -12.46 24.97
C PHE D 90 -37.13 -11.78 26.01
N PHE D 91 -36.46 -11.20 27.00
CA PHE D 91 -37.10 -10.42 28.06
C PHE D 91 -36.25 -9.20 28.33
N SER D 92 -36.87 -8.03 28.34
CA SER D 92 -36.20 -6.79 28.68
C SER D 92 -36.94 -6.12 29.83
N LEU D 93 -36.18 -5.47 30.71
CA LEU D 93 -36.77 -4.81 31.86
C LEU D 93 -35.94 -3.61 32.25
N LYS D 94 -36.60 -2.59 32.78
CA LYS D 94 -35.97 -1.38 33.29
C LYS D 94 -36.77 -0.91 34.50
N THR D 95 -36.17 -0.99 35.68
CA THR D 95 -36.80 -0.41 36.85
C THR D 95 -36.69 1.11 36.81
N ASP D 96 -37.61 1.78 37.49
CA ASP D 96 -37.59 3.24 37.52
C ASP D 96 -36.31 3.76 38.18
N ARG D 97 -35.87 3.09 39.25
CA ARG D 97 -34.65 3.51 39.92
C ARG D 97 -33.43 3.30 39.03
N ALA D 98 -33.39 2.20 38.29
CA ALA D 98 -32.25 1.92 37.42
C ALA D 98 -32.22 2.89 36.23
N ARG D 99 -31.02 3.16 35.75
CA ARG D 99 -30.83 4.19 34.73
C ARG D 99 -31.39 3.74 33.37
N GLN D 100 -31.07 2.52 32.95
CA GLN D 100 -31.40 2.08 31.60
C GLN D 100 -32.02 0.69 31.64
N VAL D 101 -32.37 0.19 30.45
CA VAL D 101 -32.94 -1.14 30.30
C VAL D 101 -31.83 -2.16 30.25
N THR D 102 -32.12 -3.37 30.74
CA THR D 102 -31.28 -4.52 30.42
C THR D 102 -32.17 -5.58 29.80
N THR D 103 -31.64 -6.29 28.81
CA THR D 103 -32.39 -7.30 28.10
C THR D 103 -31.52 -8.54 27.97
N ILE D 104 -32.19 -9.70 27.87
CA ILE D 104 -31.50 -10.95 27.62
C ILE D 104 -32.40 -11.82 26.75
N ASN D 105 -31.78 -12.78 26.07
CA ASN D 105 -32.45 -13.54 25.02
C ASN D 105 -32.33 -15.03 25.31
N ALA D 106 -32.95 -15.82 24.44
CA ALA D 106 -32.93 -17.26 24.57
C ALA D 106 -31.56 -17.82 24.21
N HIS D 107 -31.35 -19.10 24.52
CA HIS D 107 -30.08 -19.75 24.26
C HIS D 107 -29.87 -20.09 22.78
N ARG D 108 -30.95 -20.13 22.00
CA ARG D 108 -30.85 -20.53 20.60
C ARG D 108 -32.06 -19.99 19.85
N SER D 109 -32.15 -20.34 18.57
CA SER D 109 -33.32 -20.01 17.79
C SER D 109 -34.50 -20.84 18.26
N TYR D 110 -35.63 -20.17 18.51
CA TYR D 110 -36.83 -20.87 18.93
C TYR D 110 -37.35 -21.75 17.80
N LEU D 111 -37.87 -22.92 18.17
CA LEU D 111 -38.43 -23.84 17.18
C LEU D 111 -39.92 -23.55 17.02
N PRO D 112 -40.36 -23.06 15.87
CA PRO D 112 -41.77 -22.70 15.72
C PRO D 112 -42.67 -23.92 15.72
N GLY D 113 -43.92 -23.69 16.12
CA GLY D 113 -44.93 -24.74 16.10
C GLY D 113 -44.83 -25.74 17.22
N GLN D 114 -43.99 -25.51 18.22
CA GLN D 114 -43.80 -26.44 19.34
C GLN D 114 -44.36 -25.81 20.61
N TRP D 115 -45.16 -26.58 21.34
CA TRP D 115 -45.70 -26.12 22.61
C TRP D 115 -44.57 -26.01 23.62
N VAL D 116 -44.15 -24.78 23.91
CA VAL D 116 -43.05 -24.54 24.83
C VAL D 116 -43.56 -23.74 26.03
N TYR D 117 -42.86 -23.88 27.15
CA TYR D 117 -43.27 -23.34 28.44
C TYR D 117 -42.23 -22.30 28.85
N LEU D 118 -42.55 -21.02 28.66
CA LEU D 118 -41.60 -19.94 28.90
C LEU D 118 -41.86 -19.30 30.25
N ALA D 119 -40.80 -19.05 31.01
CA ALA D 119 -40.88 -18.46 32.33
C ALA D 119 -39.81 -17.39 32.50
N ALA D 120 -40.19 -16.31 33.17
CA ALA D 120 -39.33 -15.19 33.47
C ALA D 120 -39.45 -14.87 34.95
N THR D 121 -38.31 -14.74 35.62
CA THR D 121 -38.27 -14.50 37.06
C THR D 121 -37.47 -13.24 37.37
N TYR D 122 -37.92 -12.49 38.37
CA TYR D 122 -37.18 -11.36 38.88
C TYR D 122 -37.39 -11.26 40.38
N ASP D 123 -36.30 -11.29 41.14
CA ASP D 123 -36.35 -11.20 42.60
C ASP D 123 -36.02 -9.80 43.10
N GLY D 124 -35.88 -8.83 42.20
CA GLY D 124 -35.46 -7.49 42.55
C GLY D 124 -33.99 -7.23 42.33
N GLN D 125 -33.18 -8.28 42.23
CA GLN D 125 -31.76 -8.11 41.93
C GLN D 125 -31.22 -9.10 40.90
N PHE D 126 -31.98 -10.13 40.53
CA PHE D 126 -31.56 -11.09 39.51
C PHE D 126 -32.74 -11.39 38.61
N MET D 127 -32.57 -11.22 37.30
CA MET D 127 -33.58 -11.56 36.32
C MET D 127 -33.12 -12.78 35.52
N LYS D 128 -34.02 -13.73 35.32
CA LYS D 128 -33.69 -15.00 34.71
C LYS D 128 -34.79 -15.44 33.76
N LEU D 129 -34.39 -16.14 32.69
CA LEU D 129 -35.32 -16.71 31.72
C LEU D 129 -35.08 -18.20 31.61
N TYR D 130 -36.16 -18.97 31.71
CA TYR D 130 -36.13 -20.41 31.55
C TYR D 130 -37.11 -20.80 30.44
N VAL D 131 -36.63 -21.60 29.49
CA VAL D 131 -37.49 -22.13 28.43
C VAL D 131 -37.82 -23.57 28.76
N ASN D 132 -39.07 -23.96 28.48
CA ASN D 132 -39.58 -25.32 28.74
C ASN D 132 -39.21 -25.81 30.14
N GLY D 133 -39.02 -24.88 31.07
CA GLY D 133 -38.60 -25.22 32.42
C GLY D 133 -37.11 -25.35 32.61
N ALA D 134 -36.31 -25.19 31.56
CA ALA D 134 -34.86 -25.32 31.64
C ALA D 134 -34.22 -23.93 31.62
N GLN D 135 -33.29 -23.70 32.54
CA GLN D 135 -32.67 -22.38 32.66
C GLN D 135 -31.79 -22.10 31.45
N VAL D 136 -31.98 -20.93 30.85
CA VAL D 136 -31.17 -20.52 29.70
C VAL D 136 -30.58 -19.14 29.84
N ALA D 137 -31.10 -18.25 30.70
CA ALA D 137 -30.52 -16.92 30.83
C ALA D 137 -30.60 -16.47 32.27
N THR D 138 -29.58 -15.74 32.72
CA THR D 138 -29.51 -15.26 34.09
C THR D 138 -28.61 -14.04 34.13
N SER D 139 -29.06 -12.99 34.83
CA SER D 139 -28.27 -11.78 34.99
C SER D 139 -28.74 -11.06 36.26
N GLY D 140 -28.01 -10.01 36.64
CA GLY D 140 -28.34 -9.28 37.84
C GLY D 140 -28.11 -7.78 37.76
N GLU D 141 -28.09 -7.23 36.54
CA GLU D 141 -27.72 -5.83 36.37
C GLU D 141 -28.75 -4.90 37.02
N GLN D 142 -30.03 -5.09 36.71
CA GLN D 142 -31.06 -4.27 37.34
C GLN D 142 -31.24 -4.69 38.80
N VAL D 143 -31.33 -3.71 39.69
CA VAL D 143 -31.42 -3.96 41.12
C VAL D 143 -32.58 -3.17 41.70
N GLY D 144 -33.05 -3.61 42.85
CA GLY D 144 -34.13 -2.94 43.54
C GLY D 144 -35.49 -3.23 42.94
N GLY D 145 -36.49 -2.56 43.48
CA GLY D 145 -37.85 -2.71 42.99
C GLY D 145 -38.01 -2.11 41.61
N ILE D 146 -38.98 -2.65 40.86
CA ILE D 146 -39.22 -2.16 39.51
C ILE D 146 -39.71 -0.72 39.54
N PHE D 147 -40.65 -0.41 40.43
CA PHE D 147 -41.16 0.95 40.51
C PHE D 147 -41.72 1.22 41.90
N SER D 148 -41.68 2.49 42.28
CA SER D 148 -42.30 2.91 43.53
C SER D 148 -43.82 2.79 43.41
N PRO D 149 -44.52 2.57 44.52
CA PRO D 149 -45.99 2.45 44.45
C PRO D 149 -46.68 3.69 43.91
N LEU D 150 -46.00 4.85 43.91
CA LEU D 150 -46.62 6.09 43.43
C LEU D 150 -47.10 5.94 41.99
N THR D 151 -46.29 5.34 41.13
CA THR D 151 -46.64 5.10 39.74
C THR D 151 -47.35 3.76 39.54
N GLN D 152 -48.01 3.25 40.59
CA GLN D 152 -48.68 1.96 40.47
C GLN D 152 -49.79 1.98 39.43
N LYS D 153 -50.59 3.06 39.41
CA LYS D 153 -51.67 3.16 38.45
C LYS D 153 -51.17 3.47 37.04
N CYS D 154 -49.98 4.05 36.91
CA CYS D 154 -49.44 4.38 35.60
C CYS D 154 -48.89 3.16 34.86
N LYS D 155 -48.77 2.02 35.53
CA LYS D 155 -48.31 0.79 34.91
C LYS D 155 -49.50 0.02 34.36
N VAL D 156 -49.43 -0.35 33.08
CA VAL D 156 -50.46 -1.13 32.43
C VAL D 156 -49.81 -2.35 31.77
N LEU D 157 -50.38 -3.52 32.01
CA LEU D 157 -49.90 -4.74 31.38
C LEU D 157 -50.70 -4.99 30.11
N MET D 158 -50.02 -5.03 28.98
CA MET D 158 -50.66 -5.07 27.67
C MET D 158 -50.09 -6.25 26.90
N LEU D 159 -50.98 -7.08 26.35
CA LEU D 159 -50.63 -8.39 25.84
C LEU D 159 -50.95 -8.49 24.35
N GLY D 160 -50.24 -9.40 23.68
CA GLY D 160 -50.47 -9.72 22.28
C GLY D 160 -49.51 -9.06 21.31
N GLY D 161 -49.19 -7.79 21.55
CA GLY D 161 -48.28 -7.05 20.70
C GLY D 161 -48.05 -5.66 21.25
N SER D 162 -46.85 -5.11 21.07
CA SER D 162 -46.54 -3.82 21.64
C SER D 162 -47.39 -2.73 21.00
N ALA D 163 -47.38 -1.55 21.63
CA ALA D 163 -48.04 -0.40 21.06
C ALA D 163 -47.43 0.00 19.72
N LEU D 164 -46.20 -0.44 19.45
CA LEU D 164 -45.56 -0.26 18.15
C LEU D 164 -45.93 -1.35 17.16
N ASN D 165 -47.07 -2.02 17.38
CA ASN D 165 -47.56 -3.10 16.51
C ASN D 165 -46.54 -4.23 16.41
N HIS D 166 -45.89 -4.55 17.52
CA HIS D 166 -44.98 -5.70 17.59
C HIS D 166 -45.79 -6.93 17.99
N ASN D 167 -46.70 -7.31 17.12
CA ASN D 167 -47.68 -8.34 17.43
C ASN D 167 -47.02 -9.71 17.53
N TYR D 168 -47.80 -10.69 17.96
CA TYR D 168 -47.39 -12.08 18.03
C TYR D 168 -48.33 -12.92 17.17
N ARG D 169 -47.77 -13.90 16.47
CA ARG D 169 -48.55 -14.79 15.63
C ARG D 169 -48.44 -16.20 16.21
N GLY D 170 -49.59 -16.79 16.54
CA GLY D 170 -49.59 -18.14 17.08
C GLY D 170 -50.58 -18.36 18.21
N TYR D 171 -50.19 -19.18 19.19
CA TYR D 171 -51.10 -19.59 20.26
C TYR D 171 -50.48 -19.31 21.62
N ILE D 172 -51.30 -18.82 22.54
CA ILE D 172 -50.91 -18.56 23.93
C ILE D 172 -51.88 -19.32 24.84
N GLU D 173 -51.35 -19.92 25.90
CA GLU D 173 -52.15 -20.72 26.80
C GLU D 173 -51.64 -20.56 28.23
N HIS D 174 -52.59 -20.56 29.17
CA HIS D 174 -52.33 -20.54 30.61
C HIS D 174 -51.37 -19.41 30.99
N PHE D 175 -51.84 -18.19 30.77
CA PHE D 175 -51.11 -17.01 31.21
C PHE D 175 -51.10 -16.96 32.73
N SER D 176 -49.96 -17.29 33.34
CA SER D 176 -49.88 -17.37 34.78
C SER D 176 -48.76 -16.48 35.30
N LEU D 177 -48.98 -15.84 36.45
CA LEU D 177 -48.05 -14.86 36.98
C LEU D 177 -48.08 -14.90 38.50
N TRP D 178 -46.92 -15.14 39.09
CA TRP D 178 -46.71 -15.07 40.54
C TRP D 178 -46.08 -13.73 40.91
N LYS D 179 -46.36 -13.30 42.14
CA LYS D 179 -45.81 -12.07 42.70
C LYS D 179 -44.43 -12.25 43.31
N VAL D 180 -43.80 -13.41 43.10
CA VAL D 180 -42.48 -13.69 43.63
C VAL D 180 -41.62 -14.33 42.54
N ALA D 181 -40.31 -14.31 42.75
CA ALA D 181 -39.37 -14.95 41.84
C ALA D 181 -39.31 -16.43 42.22
N ARG D 182 -40.07 -17.25 41.50
CA ARG D 182 -40.09 -18.68 41.78
C ARG D 182 -38.75 -19.32 41.46
N THR D 183 -38.39 -20.32 42.26
CA THR D 183 -37.16 -21.04 42.03
C THR D 183 -37.31 -21.98 40.84
N GLN D 184 -36.18 -22.54 40.40
CA GLN D 184 -36.20 -23.45 39.25
C GLN D 184 -37.07 -24.66 39.52
N ARG D 185 -36.95 -25.25 40.71
CA ARG D 185 -37.77 -26.41 41.06
C ARG D 185 -39.25 -26.05 41.13
N GLU D 186 -39.57 -24.87 41.65
CA GLU D 186 -40.95 -24.43 41.69
C GLU D 186 -41.53 -24.33 40.28
N ILE D 187 -40.76 -23.77 39.35
CA ILE D 187 -41.24 -23.61 37.98
C ILE D 187 -41.36 -24.98 37.30
N LEU D 188 -40.44 -25.90 37.59
CA LEU D 188 -40.58 -27.25 37.07
C LEU D 188 -41.86 -27.91 37.57
N SER D 189 -42.17 -27.73 38.87
CA SER D 189 -43.41 -28.26 39.41
C SER D 189 -44.63 -27.62 38.74
N ASP D 190 -44.59 -26.29 38.54
CA ASP D 190 -45.70 -25.61 37.89
C ASP D 190 -45.89 -26.09 36.46
N MET D 191 -44.79 -26.36 35.76
CA MET D 191 -44.88 -26.99 34.44
C MET D 191 -45.52 -28.36 34.54
N GLU D 192 -45.15 -29.12 35.57
CA GLU D 192 -45.75 -30.44 35.78
C GLU D 192 -47.24 -30.33 36.04
N THR D 193 -47.70 -29.22 36.61
CA THR D 193 -49.13 -29.06 36.88
C THR D 193 -49.95 -29.13 35.60
N HIS D 194 -49.46 -28.49 34.53
CA HIS D 194 -50.09 -28.53 33.21
C HIS D 194 -51.53 -28.01 33.27
N GLY D 195 -51.65 -26.73 33.61
CA GLY D 195 -52.95 -26.08 33.62
C GLY D 195 -53.76 -26.27 34.88
N ALA D 196 -53.18 -26.84 35.93
CA ALA D 196 -53.90 -26.96 37.19
C ALA D 196 -54.17 -25.58 37.77
N HIS D 197 -55.43 -25.33 38.14
CA HIS D 197 -55.87 -24.03 38.61
C HIS D 197 -56.12 -24.08 40.11
N THR D 198 -55.43 -23.21 40.85
CA THR D 198 -55.59 -23.12 42.29
C THR D 198 -55.06 -21.75 42.73
N ALA D 199 -55.83 -21.06 43.56
CA ALA D 199 -55.43 -19.75 44.04
C ALA D 199 -54.37 -19.89 45.14
N LEU D 200 -53.27 -19.16 44.99
CA LEU D 200 -52.20 -19.13 45.97
C LEU D 200 -51.84 -17.69 46.30
N PRO D 201 -51.34 -17.43 47.51
CA PRO D 201 -51.04 -16.03 47.89
C PRO D 201 -50.02 -15.36 46.99
N GLN D 202 -49.03 -16.09 46.49
CA GLN D 202 -48.01 -15.50 45.64
C GLN D 202 -48.44 -15.43 44.17
N LEU D 203 -49.34 -16.31 43.75
CA LEU D 203 -49.80 -16.33 42.37
C LEU D 203 -50.74 -15.16 42.12
N LEU D 204 -50.25 -14.14 41.42
CA LEU D 204 -51.09 -12.98 41.12
C LEU D 204 -52.26 -13.36 40.22
N LEU D 205 -52.01 -14.16 39.19
CA LEU D 205 -53.04 -14.48 38.22
C LEU D 205 -52.79 -15.85 37.62
N GLN D 206 -53.89 -16.54 37.28
CA GLN D 206 -53.82 -17.85 36.65
C GLN D 206 -55.00 -17.94 35.68
N GLU D 207 -54.73 -17.61 34.41
CA GLU D 207 -55.78 -17.48 33.42
C GLU D 207 -56.03 -18.82 32.70
N ASN D 208 -57.30 -19.18 32.58
CA ASN D 208 -57.71 -20.36 31.82
C ASN D 208 -58.30 -19.99 30.46
N TRP D 209 -58.36 -18.71 30.13
CA TRP D 209 -58.96 -18.20 28.89
C TRP D 209 -60.43 -18.56 28.76
N ASP D 210 -61.06 -19.01 29.85
CA ASP D 210 -62.49 -19.27 29.80
C ASP D 210 -63.29 -17.97 29.71
N ASN D 211 -62.87 -16.95 30.47
CA ASN D 211 -63.48 -15.61 30.41
C ASN D 211 -62.33 -14.61 30.35
N VAL D 212 -61.88 -14.31 29.14
CA VAL D 212 -60.77 -13.36 28.98
C VAL D 212 -61.22 -11.95 29.30
N LYS D 213 -62.45 -11.59 28.90
CA LYS D 213 -62.94 -10.23 29.10
C LYS D 213 -63.06 -9.89 30.58
N HIS D 214 -63.18 -10.90 31.44
CA HIS D 214 -63.33 -10.63 32.87
C HIS D 214 -62.12 -9.90 33.43
N ALA D 215 -60.91 -10.29 33.01
CA ALA D 215 -59.69 -9.68 33.49
C ALA D 215 -58.90 -8.97 32.40
N TRP D 216 -59.41 -8.91 31.18
CA TRP D 216 -58.68 -8.29 30.08
C TRP D 216 -59.63 -7.44 29.24
N SER D 217 -59.07 -6.43 28.58
CA SER D 217 -59.81 -5.52 27.73
C SER D 217 -59.20 -5.50 26.34
N PRO D 218 -60.00 -5.63 25.29
CA PRO D 218 -59.44 -5.64 23.93
C PRO D 218 -59.01 -4.25 23.51
N MET D 219 -58.36 -4.20 22.35
CA MET D 219 -57.93 -2.93 21.77
C MET D 219 -59.13 -2.13 21.30
N LYS D 220 -58.84 -0.90 20.84
CA LYS D 220 -59.86 -0.13 20.16
C LYS D 220 -60.25 -0.83 18.86
N ASP D 221 -61.52 -0.68 18.48
CA ASP D 221 -62.14 -1.35 17.34
C ASP D 221 -62.25 -2.87 17.54
N GLY D 222 -62.05 -3.35 18.77
CA GLY D 222 -62.27 -4.75 19.08
C GLY D 222 -61.35 -5.72 18.38
N SER D 223 -60.05 -5.44 18.37
CA SER D 223 -59.07 -6.35 17.76
C SER D 223 -58.87 -7.52 18.71
N SER D 224 -59.79 -8.48 18.64
CA SER D 224 -59.83 -9.60 19.57
C SER D 224 -59.27 -10.85 18.92
N PRO D 225 -58.21 -11.43 19.45
CA PRO D 225 -57.72 -12.72 18.93
C PRO D 225 -58.73 -13.82 19.18
N LYS D 226 -58.68 -14.84 18.31
CA LYS D 226 -59.66 -15.92 18.39
C LYS D 226 -59.39 -16.81 19.61
N VAL D 227 -60.42 -17.53 20.03
CA VAL D 227 -60.35 -18.44 21.16
C VAL D 227 -60.61 -19.86 20.66
N GLU D 228 -59.71 -20.77 21.02
CA GLU D 228 -59.82 -22.18 20.61
C GLU D 228 -59.53 -23.04 21.83
N PHE D 229 -59.36 -24.34 21.59
CA PHE D 229 -59.07 -25.31 22.63
C PHE D 229 -57.62 -25.78 22.51
N SER D 230 -56.92 -25.82 23.64
CA SER D 230 -55.54 -26.29 23.65
C SER D 230 -55.52 -27.79 23.39
N ASN D 231 -54.75 -28.21 22.37
CA ASN D 231 -54.66 -29.62 22.03
C ASN D 231 -54.05 -30.42 23.17
N ALA D 232 -52.96 -29.91 23.74
CA ALA D 232 -52.28 -30.56 24.86
C ALA D 232 -51.21 -29.59 25.37
N HIS D 233 -50.96 -29.67 26.69
CA HIS D 233 -49.85 -28.91 27.25
C HIS D 233 -48.52 -29.37 26.68
N GLY D 234 -48.36 -30.67 26.49
CA GLY D 234 -47.17 -31.21 25.89
C GLY D 234 -47.42 -32.61 25.38
N PHE D 235 -46.37 -33.23 24.87
CA PHE D 235 -46.43 -34.60 24.35
C PHE D 235 -45.26 -35.37 24.92
N LEU D 236 -45.55 -36.40 25.71
CA LEU D 236 -44.50 -37.20 26.33
C LEU D 236 -43.72 -37.97 25.28
N LEU D 237 -42.44 -38.21 25.59
CA LEU D 237 -41.52 -38.96 24.72
C LEU D 237 -41.56 -38.43 23.28
N ASP D 238 -41.10 -37.19 23.16
CA ASP D 238 -41.09 -36.48 21.89
C ASP D 238 -40.40 -37.30 20.80
N THR D 239 -41.17 -37.69 19.78
CA THR D 239 -40.65 -38.54 18.71
C THR D 239 -39.71 -37.81 17.78
N SER D 240 -39.61 -36.48 17.87
CA SER D 240 -38.71 -35.71 17.02
C SER D 240 -37.29 -35.94 17.48
N LEU D 241 -36.57 -36.83 16.79
CA LEU D 241 -35.17 -37.07 17.05
C LEU D 241 -34.33 -36.35 16.00
N GLU D 242 -33.47 -35.45 16.45
CA GLU D 242 -32.74 -34.58 15.56
C GLU D 242 -31.44 -35.22 15.11
N PRO D 243 -31.20 -35.31 13.81
CA PRO D 243 -29.92 -35.83 13.35
C PRO D 243 -28.79 -34.92 13.77
N PRO D 244 -27.58 -35.45 13.93
CA PRO D 244 -26.46 -34.62 14.38
C PRO D 244 -26.03 -33.58 13.35
N LEU D 245 -24.95 -32.86 13.66
CA LEU D 245 -24.44 -31.83 12.76
C LEU D 245 -24.25 -32.36 11.34
N CYS D 246 -23.51 -33.46 11.21
CA CYS D 246 -23.39 -34.12 9.92
C CYS D 246 -24.61 -34.97 9.59
N GLY D 247 -25.49 -35.20 10.56
CA GLY D 247 -26.67 -36.00 10.30
C GLY D 247 -27.65 -35.27 9.41
N GLN D 248 -28.36 -36.05 8.59
CA GLN D 248 -29.39 -35.53 7.70
C GLN D 248 -30.73 -36.21 7.86
N THR D 249 -30.75 -37.49 8.20
CA THR D 249 -31.99 -38.26 8.40
C THR D 249 -31.90 -39.00 9.72
N LEU D 250 -32.96 -39.74 10.03
CA LEU D 250 -32.98 -40.56 11.24
C LEU D 250 -31.95 -41.68 11.19
N CYS D 251 -31.50 -42.07 10.00
CA CYS D 251 -30.47 -43.09 9.88
C CYS D 251 -29.17 -42.67 10.54
N ASP D 252 -28.94 -41.37 10.70
CA ASP D 252 -27.71 -40.86 11.29
C ASP D 252 -27.74 -40.86 12.81
N ASN D 253 -28.86 -41.24 13.43
CA ASN D 253 -28.91 -41.35 14.88
C ASN D 253 -28.04 -42.50 15.36
N THR D 254 -27.36 -42.29 16.49
CA THR D 254 -26.53 -43.33 17.05
C THR D 254 -27.36 -44.49 17.59
N GLU D 255 -28.53 -44.20 18.15
CA GLU D 255 -29.35 -45.24 18.75
C GLU D 255 -29.84 -46.23 17.69
N VAL D 256 -30.32 -45.73 16.56
CA VAL D 256 -30.85 -46.63 15.54
C VAL D 256 -29.74 -47.44 14.90
N ILE D 257 -28.56 -46.83 14.68
CA ILE D 257 -27.47 -47.57 14.07
C ILE D 257 -26.95 -48.63 15.04
N ALA D 258 -26.92 -48.33 16.34
CA ALA D 258 -26.55 -49.34 17.31
C ALA D 258 -27.57 -50.48 17.34
N SER D 259 -28.86 -50.15 17.28
CA SER D 259 -29.89 -51.18 17.27
C SER D 259 -29.76 -52.08 16.06
N TYR D 260 -29.50 -51.49 14.88
CA TYR D 260 -29.31 -52.29 13.69
C TYR D 260 -28.03 -53.10 13.75
N ASN D 261 -26.98 -52.58 14.38
CA ASN D 261 -25.76 -53.35 14.58
C ASN D 261 -26.01 -54.57 15.46
N GLN D 262 -26.85 -54.42 16.49
CA GLN D 262 -27.14 -55.55 17.36
C GLN D 262 -28.06 -56.56 16.68
N LEU D 263 -29.08 -56.07 15.98
CA LEU D 263 -30.14 -56.94 15.45
C LEU D 263 -29.76 -57.46 14.07
N SER D 264 -29.45 -58.76 13.99
CA SER D 264 -29.30 -59.40 12.69
C SER D 264 -30.63 -59.74 12.05
N SER D 265 -31.71 -59.81 12.85
CA SER D 265 -33.04 -59.95 12.28
C SER D 265 -33.41 -58.72 11.45
N PHE D 266 -33.03 -57.54 11.93
CA PHE D 266 -33.17 -56.33 11.12
C PHE D 266 -32.39 -56.43 9.83
N ARG D 267 -31.26 -57.14 9.85
CA ARG D 267 -30.40 -57.30 8.68
C ARG D 267 -30.49 -58.71 8.10
N GLN D 268 -31.69 -59.29 8.09
CA GLN D 268 -31.89 -60.52 7.36
C GLN D 268 -31.62 -60.25 5.88
N PRO D 269 -31.22 -61.29 5.10
CA PRO D 269 -30.64 -61.05 3.78
C PRO D 269 -31.34 -59.96 2.98
N LYS D 270 -30.61 -58.88 2.72
CA LYS D 270 -31.19 -57.65 2.20
C LYS D 270 -31.31 -57.77 0.69
N VAL D 271 -32.47 -58.25 0.24
CA VAL D 271 -32.76 -58.33 -1.18
C VAL D 271 -33.14 -56.93 -1.65
N VAL D 272 -32.31 -56.33 -2.50
CA VAL D 272 -32.54 -54.99 -3.01
C VAL D 272 -32.66 -55.07 -4.52
N ARG D 273 -33.77 -54.57 -5.05
CA ARG D 273 -34.05 -54.63 -6.48
C ARG D 273 -33.46 -53.38 -7.13
N TYR D 274 -32.38 -53.56 -7.88
CA TYR D 274 -31.70 -52.44 -8.53
C TYR D 274 -31.81 -52.60 -10.05
N ARG D 275 -32.10 -51.49 -10.73
CA ARG D 275 -32.40 -51.49 -12.16
C ARG D 275 -31.30 -50.77 -12.92
N VAL D 276 -30.79 -51.43 -13.95
CA VAL D 276 -29.81 -50.84 -14.87
C VAL D 276 -30.54 -50.44 -16.14
N VAL D 277 -30.43 -49.18 -16.51
CA VAL D 277 -31.11 -48.63 -17.68
C VAL D 277 -30.12 -48.57 -18.84
N ASN D 278 -30.53 -49.11 -19.99
CA ASN D 278 -29.68 -49.18 -21.17
C ASN D 278 -30.40 -48.53 -22.34
N LEU D 279 -29.61 -47.93 -23.24
CA LEU D 279 -30.11 -47.25 -24.42
C LEU D 279 -29.59 -47.93 -25.68
N TYR D 280 -30.49 -48.17 -26.62
CA TYR D 280 -30.19 -48.73 -27.92
C TYR D 280 -30.57 -47.72 -29.00
N GLU D 281 -30.38 -48.11 -30.25
CA GLU D 281 -30.88 -47.33 -31.37
C GLU D 281 -32.33 -47.74 -31.64
N ASP D 282 -32.91 -47.23 -32.73
CA ASP D 282 -34.29 -47.57 -33.05
C ASP D 282 -34.44 -49.07 -33.34
N ASP D 283 -33.46 -49.66 -34.01
CA ASP D 283 -33.47 -51.08 -34.34
C ASP D 283 -32.86 -51.94 -33.24
N HIS D 284 -32.82 -51.43 -31.99
CA HIS D 284 -32.30 -52.18 -30.85
C HIS D 284 -30.86 -52.62 -31.06
N LYS D 285 -30.00 -51.67 -31.45
CA LYS D 285 -28.58 -51.91 -31.61
C LYS D 285 -27.80 -50.83 -30.86
N ASN D 286 -26.48 -51.04 -30.78
CA ASN D 286 -25.55 -50.12 -30.14
C ASN D 286 -25.95 -49.87 -28.68
N PRO D 287 -25.83 -50.85 -27.81
CA PRO D 287 -26.15 -50.61 -26.39
C PRO D 287 -25.16 -49.65 -25.75
N THR D 288 -25.65 -48.90 -24.77
CA THR D 288 -24.76 -48.05 -23.99
C THR D 288 -23.75 -48.91 -23.22
N VAL D 289 -24.21 -50.03 -22.65
CA VAL D 289 -23.34 -51.00 -22.00
C VAL D 289 -23.77 -52.39 -22.47
N THR D 290 -22.80 -53.24 -22.77
CA THR D 290 -23.10 -54.59 -23.21
C THR D 290 -23.63 -55.42 -22.06
N ARG D 291 -24.37 -56.48 -22.40
CA ARG D 291 -24.93 -57.36 -21.39
C ARG D 291 -23.83 -58.06 -20.59
N GLU D 292 -22.70 -58.35 -21.23
CA GLU D 292 -21.58 -58.95 -20.50
C GLU D 292 -21.08 -58.01 -19.41
N GLN D 293 -21.00 -56.71 -19.71
CA GLN D 293 -20.63 -55.74 -18.69
C GLN D 293 -21.62 -55.73 -17.54
N VAL D 294 -22.92 -55.79 -17.85
CA VAL D 294 -23.94 -55.80 -16.81
C VAL D 294 -23.78 -57.02 -15.92
N ASP D 295 -23.61 -58.19 -16.53
CA ASP D 295 -23.49 -59.43 -15.76
C ASP D 295 -22.22 -59.42 -14.91
N PHE D 296 -21.09 -58.98 -15.48
CA PHE D 296 -19.85 -58.94 -14.72
C PHE D 296 -19.95 -57.96 -13.56
N GLN D 297 -20.53 -56.78 -13.79
CA GLN D 297 -20.67 -55.79 -12.73
C GLN D 297 -21.62 -56.28 -11.65
N HIS D 298 -22.70 -56.97 -12.05
CA HIS D 298 -23.62 -57.55 -11.08
C HIS D 298 -22.95 -58.62 -10.23
N HIS D 299 -22.12 -59.47 -10.86
CA HIS D 299 -21.40 -60.48 -10.09
C HIS D 299 -20.40 -59.83 -9.13
N GLN D 300 -19.74 -58.76 -9.57
CA GLN D 300 -18.84 -58.04 -8.67
C GLN D 300 -19.60 -57.46 -7.48
N LEU D 301 -20.78 -56.87 -7.74
CA LEU D 301 -21.60 -56.34 -6.67
C LEU D 301 -22.04 -57.44 -5.71
N ALA D 302 -22.46 -58.58 -6.25
CA ALA D 302 -22.88 -59.70 -5.40
C ALA D 302 -21.74 -60.19 -4.54
N GLU D 303 -20.54 -60.31 -5.11
CA GLU D 303 -19.38 -60.73 -4.32
C GLU D 303 -19.05 -59.70 -3.25
N ALA D 304 -19.17 -58.41 -3.59
CA ALA D 304 -18.83 -57.36 -2.65
C ALA D 304 -19.84 -57.22 -1.52
N PHE D 305 -21.09 -57.64 -1.73
CA PHE D 305 -22.12 -57.43 -0.72
C PHE D 305 -22.70 -58.71 -0.13
N LYS D 306 -22.23 -59.89 -0.55
CA LYS D 306 -22.70 -61.13 0.07
C LYS D 306 -22.28 -61.21 1.53
N GLN D 307 -21.04 -60.84 1.83
CA GLN D 307 -20.54 -60.89 3.20
C GLN D 307 -21.23 -59.89 4.10
N TYR D 308 -21.99 -58.95 3.55
CA TYR D 308 -22.76 -57.98 4.33
C TYR D 308 -24.25 -58.31 4.34
N ASN D 309 -24.61 -59.56 4.05
CA ASN D 309 -26.00 -60.03 4.08
C ASN D 309 -26.87 -59.23 3.13
N ILE D 310 -26.32 -58.89 1.96
CA ILE D 310 -27.02 -58.09 0.97
C ILE D 310 -26.97 -58.82 -0.37
N SER D 311 -28.14 -58.98 -0.99
CA SER D 311 -28.28 -59.58 -2.30
C SER D 311 -28.94 -58.57 -3.24
N TRP D 312 -28.52 -58.59 -4.51
CA TRP D 312 -28.93 -57.60 -5.48
C TRP D 312 -29.76 -58.28 -6.57
N GLU D 313 -31.05 -57.98 -6.60
CA GLU D 313 -31.92 -58.40 -7.71
C GLU D 313 -31.69 -57.47 -8.88
N LEU D 314 -31.03 -57.98 -9.92
CA LEU D 314 -30.68 -57.19 -11.08
C LEU D 314 -31.87 -57.16 -12.04
N ASP D 315 -32.49 -55.99 -12.20
CA ASP D 315 -33.52 -55.77 -13.19
C ASP D 315 -32.95 -54.87 -14.27
N VAL D 316 -33.13 -55.26 -15.53
CA VAL D 316 -32.58 -54.54 -16.66
C VAL D 316 -33.73 -53.91 -17.43
N LEU D 317 -33.67 -52.58 -17.59
CA LEU D 317 -34.65 -51.84 -18.38
C LEU D 317 -33.97 -51.29 -19.61
N GLU D 318 -34.63 -51.43 -20.76
CA GLU D 318 -34.07 -51.01 -22.03
C GLU D 318 -34.99 -49.99 -22.70
N VAL D 319 -34.36 -49.00 -23.34
CA VAL D 319 -35.09 -48.00 -24.13
C VAL D 319 -34.39 -47.87 -25.47
N SER D 320 -35.17 -47.80 -26.54
CA SER D 320 -34.66 -47.78 -27.90
C SER D 320 -35.02 -46.45 -28.56
N ASN D 321 -34.01 -45.67 -28.92
CA ASN D 321 -34.24 -44.40 -29.63
C ASN D 321 -32.95 -44.05 -30.36
N SER D 322 -32.98 -44.17 -31.70
CA SER D 322 -31.82 -43.79 -32.49
C SER D 322 -31.59 -42.28 -32.47
N SER D 323 -32.65 -41.49 -32.27
CA SER D 323 -32.51 -40.05 -32.18
C SER D 323 -31.77 -39.62 -30.92
N LEU D 324 -31.59 -40.51 -29.96
CA LEU D 324 -30.86 -40.20 -28.73
C LEU D 324 -29.57 -40.99 -28.57
N ARG D 325 -29.49 -42.21 -29.10
CA ARG D 325 -28.27 -42.99 -29.01
C ARG D 325 -27.11 -42.34 -29.78
N ARG D 326 -27.41 -41.60 -30.84
CA ARG D 326 -26.37 -40.95 -31.63
C ARG D 326 -25.77 -39.74 -30.93
N ARG D 327 -26.46 -39.16 -29.96
CA ARG D 327 -26.02 -37.92 -29.33
C ARG D 327 -25.03 -38.22 -28.20
N LEU D 328 -24.60 -37.19 -27.48
CA LEU D 328 -23.63 -37.30 -26.40
C LEU D 328 -24.27 -36.86 -25.09
N ILE D 329 -24.24 -37.73 -24.10
CA ILE D 329 -24.83 -37.43 -22.79
C ILE D 329 -23.70 -36.94 -21.89
N LEU D 330 -23.52 -35.62 -21.87
CA LEU D 330 -22.50 -35.00 -21.02
C LEU D 330 -22.89 -35.13 -19.55
N ALA D 331 -21.90 -35.39 -18.70
CA ALA D 331 -22.10 -35.44 -17.26
C ALA D 331 -21.41 -34.25 -16.60
N ASN D 332 -22.09 -33.66 -15.62
CA ASN D 332 -21.61 -32.49 -14.89
C ASN D 332 -21.33 -31.31 -15.82
N CYS D 333 -22.00 -31.26 -16.97
CA CYS D 333 -21.86 -30.18 -17.93
C CYS D 333 -23.22 -29.50 -18.07
N ASP D 334 -23.35 -28.31 -17.46
CA ASP D 334 -24.62 -27.59 -17.51
C ASP D 334 -24.85 -27.00 -18.90
N ILE D 335 -26.10 -27.04 -19.34
CA ILE D 335 -26.46 -26.45 -20.62
C ILE D 335 -26.25 -24.94 -20.58
N SER D 336 -26.55 -24.32 -19.45
CA SER D 336 -26.33 -22.88 -19.30
C SER D 336 -24.87 -22.52 -19.43
N LYS D 337 -23.97 -23.46 -19.18
CA LYS D 337 -22.54 -23.23 -19.33
C LYS D 337 -22.17 -23.32 -20.80
N ILE D 338 -20.87 -23.36 -21.08
CA ILE D 338 -20.32 -23.39 -22.44
C ILE D 338 -20.58 -22.06 -23.13
N GLY D 339 -19.52 -21.41 -23.61
CA GLY D 339 -19.64 -20.10 -24.19
C GLY D 339 -19.70 -18.97 -23.18
N ASP D 340 -19.43 -19.25 -21.91
CA ASP D 340 -19.47 -18.24 -20.85
C ASP D 340 -18.15 -17.49 -20.70
N GLU D 341 -17.31 -17.51 -21.74
CA GLU D 341 -16.03 -16.81 -21.79
C GLU D 341 -15.03 -17.29 -20.74
N ASN D 342 -15.32 -18.40 -20.07
CA ASN D 342 -14.43 -18.98 -19.06
C ASN D 342 -14.23 -20.46 -19.38
N CYS D 343 -12.97 -20.88 -19.41
CA CYS D 343 -12.65 -22.27 -19.74
C CYS D 343 -13.16 -23.21 -18.64
N ASP D 344 -13.90 -24.23 -19.04
CA ASP D 344 -14.45 -25.23 -18.12
C ASP D 344 -13.90 -26.60 -18.48
N PRO D 345 -12.92 -27.12 -17.73
CA PRO D 345 -12.36 -28.44 -18.08
C PRO D 345 -13.38 -29.56 -18.06
N GLU D 346 -14.35 -29.51 -17.12
CA GLU D 346 -15.40 -30.52 -17.11
C GLU D 346 -16.35 -30.38 -18.29
N CYS D 347 -16.37 -29.22 -18.94
CA CYS D 347 -17.17 -29.01 -20.14
C CYS D 347 -16.32 -28.91 -21.40
N ASN D 348 -14.99 -28.88 -21.27
CA ASN D 348 -14.11 -28.80 -22.41
C ASN D 348 -14.14 -30.12 -23.18
N HIS D 349 -14.69 -30.08 -24.40
CA HIS D 349 -14.77 -31.27 -25.23
C HIS D 349 -14.95 -30.85 -26.69
N THR D 350 -14.52 -31.73 -27.59
CA THR D 350 -14.62 -31.43 -29.01
C THR D 350 -16.07 -31.38 -29.47
N LEU D 351 -16.93 -32.24 -28.90
CA LEU D 351 -18.34 -32.18 -29.22
C LEU D 351 -19.03 -31.00 -28.58
N THR D 352 -18.38 -30.35 -27.61
CA THR D 352 -18.85 -29.09 -27.05
C THR D 352 -18.18 -27.89 -27.68
N GLY D 353 -17.35 -28.10 -28.71
CA GLY D 353 -16.57 -27.02 -29.30
C GLY D 353 -15.53 -26.45 -28.36
N HIS D 354 -14.90 -27.30 -27.56
CA HIS D 354 -13.92 -26.88 -26.55
C HIS D 354 -14.54 -25.83 -25.62
N ASP D 355 -15.58 -26.26 -24.91
CA ASP D 355 -16.38 -25.38 -24.04
C ASP D 355 -16.97 -24.23 -24.85
N GLY D 356 -17.35 -24.49 -26.10
CA GLY D 356 -17.91 -23.46 -26.95
C GLY D 356 -16.97 -22.30 -27.22
N GLY D 357 -15.68 -22.59 -27.36
CA GLY D 357 -14.69 -21.57 -27.64
C GLY D 357 -14.01 -20.98 -26.43
N ASP D 358 -14.55 -21.18 -25.23
CA ASP D 358 -13.91 -20.66 -24.03
C ASP D 358 -12.56 -21.33 -23.80
N CYS D 359 -12.48 -22.65 -24.02
CA CYS D 359 -11.24 -23.40 -23.84
C CYS D 359 -10.45 -23.53 -25.14
N ARG D 360 -10.64 -22.60 -26.07
CA ARG D 360 -9.93 -22.65 -27.36
C ARG D 360 -9.78 -21.21 -27.86
N HIS D 361 -8.60 -20.65 -27.67
CA HIS D 361 -8.29 -19.30 -28.12
C HIS D 361 -7.59 -19.35 -29.47
N LEU D 362 -8.05 -18.52 -30.40
CA LEU D 362 -7.48 -18.49 -31.75
C LEU D 362 -7.77 -17.13 -32.35
N ARG D 363 -7.10 -16.87 -33.48
CA ARG D 363 -7.21 -15.59 -34.18
C ARG D 363 -8.55 -15.57 -34.90
N HIS D 364 -9.59 -15.22 -34.12
CA HIS D 364 -10.97 -15.32 -34.60
C HIS D 364 -11.31 -14.39 -35.76
N PRO D 365 -11.00 -13.09 -35.72
CA PRO D 365 -11.57 -12.16 -36.71
C PRO D 365 -11.19 -12.46 -38.17
N ALA D 366 -10.26 -13.37 -38.42
CA ALA D 366 -9.95 -13.74 -39.81
C ALA D 366 -11.05 -14.59 -40.43
N PHE D 367 -11.97 -15.13 -39.63
CA PHE D 367 -13.03 -16.00 -40.13
C PHE D 367 -14.38 -15.30 -40.16
N VAL D 368 -14.40 -13.97 -40.10
CA VAL D 368 -15.64 -13.23 -40.25
C VAL D 368 -16.21 -13.40 -41.66
N LYS D 369 -15.33 -13.48 -42.66
CA LYS D 369 -15.79 -13.72 -44.03
C LYS D 369 -16.50 -15.06 -44.16
N LYS D 370 -16.16 -16.02 -43.31
CA LYS D 370 -16.85 -17.31 -43.33
C LYS D 370 -18.31 -17.17 -42.89
N GLN D 371 -18.64 -16.11 -42.17
CA GLN D 371 -20.01 -15.90 -41.73
C GLN D 371 -20.91 -15.54 -42.90
N HIS D 372 -22.23 -15.66 -42.67
CA HIS D 372 -23.29 -15.35 -43.63
C HIS D 372 -23.27 -16.24 -44.86
N ASN D 373 -22.44 -17.28 -44.89
CA ASN D 373 -22.37 -18.16 -46.06
C ASN D 373 -23.54 -19.13 -46.11
N GLY D 374 -24.22 -19.35 -45.00
CA GLY D 374 -25.29 -20.33 -44.95
C GLY D 374 -24.81 -21.77 -44.80
N VAL D 375 -23.51 -21.98 -44.64
CA VAL D 375 -22.93 -23.31 -44.48
C VAL D 375 -22.09 -23.31 -43.21
N CYS D 376 -22.18 -24.40 -42.44
CA CYS D 376 -21.48 -24.48 -41.17
C CYS D 376 -19.97 -24.37 -41.35
N ASP D 377 -19.33 -23.64 -40.45
CA ASP D 377 -17.88 -23.50 -40.42
C ASP D 377 -17.41 -23.73 -38.99
N MET D 378 -16.33 -24.51 -38.85
CA MET D 378 -15.82 -24.82 -37.52
C MET D 378 -15.37 -23.57 -36.78
N ASP D 379 -14.68 -22.66 -37.47
CA ASP D 379 -14.28 -21.40 -36.85
C ASP D 379 -15.49 -20.56 -36.50
N CYS D 380 -16.50 -20.55 -37.38
CA CYS D 380 -17.74 -19.86 -37.06
C CYS D 380 -18.54 -20.58 -35.99
N ASN D 381 -18.24 -21.85 -35.73
CA ASN D 381 -18.97 -22.65 -34.75
C ASN D 381 -18.43 -22.39 -33.34
N TYR D 382 -18.46 -21.13 -32.95
CA TYR D 382 -17.98 -20.71 -31.64
C TYR D 382 -18.85 -19.57 -31.14
N GLU D 383 -18.70 -19.25 -29.85
CA GLU D 383 -19.55 -18.24 -29.23
C GLU D 383 -19.34 -16.87 -29.87
N ARG D 384 -18.10 -16.55 -30.24
CA ARG D 384 -17.81 -15.23 -30.80
C ARG D 384 -18.58 -14.99 -32.08
N PHE D 385 -18.70 -16.01 -32.93
CA PHE D 385 -19.49 -15.93 -34.16
C PHE D 385 -20.88 -16.53 -33.97
N ASN D 386 -21.37 -16.56 -32.71
CA ASN D 386 -22.71 -17.05 -32.39
C ASN D 386 -22.93 -18.47 -32.91
N PHE D 387 -21.87 -19.27 -32.94
CA PHE D 387 -21.88 -20.61 -33.52
C PHE D 387 -22.47 -20.57 -34.93
N ASP D 388 -21.85 -19.73 -35.75
CA ASP D 388 -22.26 -19.50 -37.15
C ASP D 388 -23.69 -19.00 -37.24
N GLY D 389 -24.20 -18.39 -36.16
CA GLY D 389 -25.59 -17.98 -36.13
C GLY D 389 -26.55 -19.15 -36.22
N GLY D 390 -26.20 -20.30 -35.66
CA GLY D 390 -27.05 -21.46 -35.70
C GLY D 390 -27.00 -22.26 -36.98
N GLU D 391 -26.14 -21.90 -37.93
CA GLU D 391 -26.01 -22.67 -39.16
C GLU D 391 -25.52 -24.08 -38.88
N CYS D 392 -24.55 -24.22 -37.97
CA CYS D 392 -24.04 -25.54 -37.63
C CYS D 392 -25.07 -26.38 -36.90
N CYS D 393 -25.94 -25.74 -36.11
CA CYS D 393 -27.02 -26.46 -35.45
C CYS D 393 -28.24 -26.69 -36.33
N ASP D 394 -28.24 -26.15 -37.55
CA ASP D 394 -29.34 -26.38 -38.47
C ASP D 394 -29.19 -27.75 -39.11
N PRO D 395 -30.15 -28.66 -38.94
CA PRO D 395 -30.02 -29.99 -39.56
C PRO D 395 -29.94 -29.94 -41.08
N GLU D 396 -30.63 -28.99 -41.72
CA GLU D 396 -30.61 -28.92 -43.17
C GLU D 396 -29.26 -28.47 -43.69
N ILE D 397 -28.61 -27.53 -42.99
CA ILE D 397 -27.32 -27.03 -43.44
C ILE D 397 -26.24 -28.10 -43.30
N THR D 398 -26.22 -28.79 -42.17
CA THR D 398 -25.21 -29.81 -41.90
C THR D 398 -25.73 -30.74 -40.82
N ASN D 399 -24.95 -31.79 -40.54
CA ASN D 399 -25.30 -32.72 -39.48
C ASN D 399 -25.23 -32.04 -38.12
N VAL D 400 -26.21 -32.34 -37.27
CA VAL D 400 -26.26 -31.73 -35.95
C VAL D 400 -25.47 -32.53 -34.91
N THR D 401 -25.15 -33.79 -35.18
CA THR D 401 -24.45 -34.64 -34.21
C THR D 401 -22.99 -34.22 -34.03
N GLN D 402 -22.41 -33.48 -34.98
CA GLN D 402 -21.01 -33.11 -34.87
C GLN D 402 -20.75 -31.64 -35.14
N THR D 403 -21.78 -30.80 -35.22
CA THR D 403 -21.57 -29.38 -35.49
C THR D 403 -22.33 -28.50 -34.50
N CYS D 404 -23.40 -29.03 -33.91
CA CYS D 404 -24.26 -28.21 -33.05
C CYS D 404 -23.61 -27.95 -31.70
N PHE D 405 -22.66 -27.01 -31.66
CA PHE D 405 -22.07 -26.59 -30.40
C PHE D 405 -22.85 -25.47 -29.73
N ASP D 406 -23.87 -24.94 -30.40
CA ASP D 406 -24.67 -23.85 -29.83
C ASP D 406 -25.70 -24.42 -28.87
N PRO D 407 -25.71 -23.98 -27.61
CA PRO D 407 -26.61 -24.55 -26.60
C PRO D 407 -28.03 -23.95 -26.60
N ASP D 408 -28.61 -23.82 -27.79
CA ASP D 408 -29.97 -23.31 -27.90
C ASP D 408 -30.84 -24.23 -28.75
N SER D 409 -30.25 -24.89 -29.75
CA SER D 409 -31.00 -25.71 -30.67
C SER D 409 -31.56 -26.93 -29.97
N PRO D 410 -32.84 -27.26 -30.15
CA PRO D 410 -33.38 -28.51 -29.58
C PRO D 410 -32.74 -29.76 -30.15
N HIS D 411 -32.08 -29.67 -31.31
CA HIS D 411 -31.44 -30.80 -31.97
C HIS D 411 -29.96 -30.86 -31.68
N ARG D 412 -29.56 -30.50 -30.46
CA ARG D 412 -28.15 -30.43 -30.11
C ARG D 412 -27.50 -31.81 -30.19
N ALA D 413 -26.19 -31.80 -30.47
CA ALA D 413 -25.40 -33.02 -30.44
C ALA D 413 -25.25 -33.61 -29.06
N TYR D 414 -25.56 -32.84 -28.01
CA TYR D 414 -25.33 -33.29 -26.65
C TYR D 414 -26.49 -32.85 -25.77
N LEU D 415 -26.66 -33.59 -24.67
CA LEU D 415 -27.65 -33.28 -23.65
C LEU D 415 -27.01 -33.56 -22.29
N ASP D 416 -27.78 -33.30 -21.23
CA ASP D 416 -27.36 -33.61 -19.88
C ASP D 416 -28.21 -34.73 -19.31
N VAL D 417 -27.71 -35.36 -18.24
CA VAL D 417 -28.39 -36.52 -17.67
C VAL D 417 -29.75 -36.12 -17.11
N ASN D 418 -29.85 -34.92 -16.56
CA ASN D 418 -31.11 -34.50 -15.93
C ASN D 418 -32.24 -34.41 -16.95
N GLU D 419 -31.94 -33.89 -18.14
CA GLU D 419 -32.97 -33.81 -19.18
C GLU D 419 -33.42 -35.21 -19.62
N LEU D 420 -32.46 -36.15 -19.72
CA LEU D 420 -32.82 -37.52 -20.04
C LEU D 420 -33.71 -38.12 -18.96
N LYS D 421 -33.40 -37.85 -17.68
CA LYS D 421 -34.24 -38.33 -16.59
C LYS D 421 -35.64 -37.73 -16.69
N ASN D 422 -35.73 -36.44 -17.04
CA ASN D 422 -37.03 -35.82 -17.24
C ASN D 422 -37.81 -36.51 -18.35
N ILE D 423 -37.12 -36.89 -19.43
CA ILE D 423 -37.78 -37.63 -20.51
C ILE D 423 -38.28 -38.97 -20.01
N LEU D 424 -37.45 -39.69 -19.25
CA LEU D 424 -37.75 -41.08 -18.93
C LEU D 424 -38.98 -41.22 -18.04
N LYS D 425 -39.03 -40.47 -16.93
CA LYS D 425 -40.07 -40.61 -15.92
C LYS D 425 -40.16 -42.06 -15.44
N LEU D 426 -39.06 -42.53 -14.87
CA LEU D 426 -38.92 -43.92 -14.47
C LEU D 426 -39.56 -44.16 -13.10
N ASP D 427 -39.61 -45.44 -12.72
CA ASP D 427 -40.15 -45.84 -11.41
C ASP D 427 -38.98 -46.00 -10.42
N GLY D 428 -38.45 -44.85 -10.01
CA GLY D 428 -37.39 -44.85 -9.03
C GLY D 428 -37.81 -45.26 -7.64
N SER D 429 -39.12 -45.20 -7.35
CA SER D 429 -39.63 -45.58 -6.04
C SER D 429 -39.49 -47.07 -5.77
N THR D 430 -39.35 -47.88 -6.81
CA THR D 430 -39.25 -49.33 -6.66
C THR D 430 -37.90 -49.89 -7.12
N HIS D 431 -37.03 -49.06 -7.70
CA HIS D 431 -35.75 -49.53 -8.20
C HIS D 431 -34.75 -48.39 -8.22
N LEU D 432 -33.48 -48.74 -8.03
CA LEU D 432 -32.38 -47.78 -8.17
C LEU D 432 -31.98 -47.76 -9.63
N ASN D 433 -32.57 -46.84 -10.38
CA ASN D 433 -32.31 -46.77 -11.82
C ASN D 433 -30.87 -46.30 -12.06
N ILE D 434 -30.15 -47.06 -12.88
CA ILE D 434 -28.74 -46.79 -13.16
C ILE D 434 -28.64 -46.21 -14.57
N PHE D 435 -28.08 -45.02 -14.68
CA PHE D 435 -27.90 -44.34 -15.95
C PHE D 435 -26.42 -44.29 -16.31
N PHE D 436 -26.14 -43.86 -17.53
CA PHE D 436 -24.77 -43.85 -18.04
C PHE D 436 -24.49 -42.55 -18.76
N ALA D 437 -23.27 -42.03 -18.56
CA ALA D 437 -22.84 -40.80 -19.19
C ALA D 437 -21.32 -40.89 -19.38
N LYS D 438 -20.69 -39.76 -19.64
CA LYS D 438 -19.23 -39.69 -19.80
C LYS D 438 -18.63 -39.10 -18.54
N SER D 439 -17.69 -39.82 -17.94
CA SER D 439 -17.06 -39.38 -16.69
C SER D 439 -15.83 -38.55 -17.04
N SER D 440 -16.08 -37.26 -17.27
CA SER D 440 -14.98 -36.34 -17.54
C SER D 440 -14.06 -36.20 -16.33
N GLU D 441 -14.63 -36.18 -15.13
CA GLU D 441 -13.83 -36.09 -13.92
C GLU D 441 -13.01 -37.36 -13.71
N GLU D 442 -11.82 -37.18 -13.14
CA GLU D 442 -10.91 -38.29 -12.89
C GLU D 442 -11.00 -38.84 -11.47
N GLU D 443 -11.77 -38.21 -10.59
CA GLU D 443 -11.89 -38.67 -9.21
C GLU D 443 -13.03 -39.64 -9.00
N LEU D 444 -14.10 -39.53 -9.77
CA LEU D 444 -15.26 -40.40 -9.65
C LEU D 444 -15.76 -40.80 -11.03
N ALA D 445 -16.74 -41.69 -11.05
CA ALA D 445 -17.37 -42.15 -12.28
C ALA D 445 -18.73 -41.54 -12.52
N GLY D 446 -19.21 -40.69 -11.61
CA GLY D 446 -20.51 -40.06 -11.79
C GLY D 446 -20.98 -39.42 -10.50
N VAL D 447 -22.15 -38.81 -10.58
CA VAL D 447 -22.79 -38.15 -9.45
C VAL D 447 -24.12 -38.83 -9.19
N ALA D 448 -24.33 -39.26 -7.95
CA ALA D 448 -25.53 -39.98 -7.55
C ALA D 448 -26.28 -39.20 -6.48
N THR D 449 -27.61 -39.33 -6.51
CA THR D 449 -28.44 -38.65 -5.52
C THR D 449 -28.26 -39.28 -4.14
N TRP D 450 -28.19 -38.43 -3.12
CA TRP D 450 -28.08 -38.93 -1.76
C TRP D 450 -29.44 -39.46 -1.29
N PRO D 451 -29.45 -40.40 -0.35
CA PRO D 451 -30.74 -40.88 0.18
C PRO D 451 -31.57 -39.77 0.81
N TRP D 452 -30.92 -38.80 1.45
CA TRP D 452 -31.65 -37.68 2.04
C TRP D 452 -32.05 -36.63 1.01
N ASP D 453 -31.60 -36.76 -0.24
CA ASP D 453 -31.96 -35.80 -1.26
C ASP D 453 -33.44 -35.93 -1.64
N LYS D 454 -33.95 -34.88 -2.28
CA LYS D 454 -35.33 -34.86 -2.71
C LYS D 454 -35.60 -35.91 -3.79
N GLU D 455 -34.62 -36.19 -4.64
CA GLU D 455 -34.79 -37.04 -5.80
C GLU D 455 -34.46 -38.50 -5.52
N ALA D 456 -34.12 -38.86 -4.29
CA ALA D 456 -33.75 -40.24 -3.98
C ALA D 456 -34.88 -41.20 -4.32
N LEU D 457 -36.10 -40.88 -3.89
CA LEU D 457 -37.27 -41.66 -4.25
C LEU D 457 -37.98 -41.14 -5.50
N MET D 458 -37.56 -39.99 -6.02
CA MET D 458 -38.19 -39.40 -7.19
C MET D 458 -37.54 -39.95 -8.46
N HIS D 459 -38.26 -39.80 -9.57
CA HIS D 459 -37.77 -40.31 -10.85
C HIS D 459 -36.45 -39.65 -11.25
N LEU D 460 -36.22 -38.40 -10.83
CA LEU D 460 -35.03 -37.68 -11.24
C LEU D 460 -33.75 -38.28 -10.67
N GLY D 461 -33.82 -38.98 -9.55
CA GLY D 461 -32.63 -39.55 -8.95
C GLY D 461 -32.12 -40.75 -9.70
N GLY D 462 -30.90 -41.13 -9.36
CA GLY D 462 -30.26 -42.28 -9.98
C GLY D 462 -28.75 -42.14 -9.92
N ILE D 463 -28.09 -43.09 -10.58
CA ILE D 463 -26.63 -43.15 -10.63
C ILE D 463 -26.20 -43.10 -12.09
N VAL D 464 -25.27 -42.21 -12.39
CA VAL D 464 -24.69 -42.08 -13.73
C VAL D 464 -23.29 -42.65 -13.70
N LEU D 465 -22.91 -43.34 -14.78
CA LEU D 465 -21.64 -44.03 -14.84
C LEU D 465 -21.05 -43.91 -16.24
N ASN D 466 -19.76 -44.18 -16.34
CA ASN D 466 -19.08 -44.19 -17.63
C ASN D 466 -19.06 -45.61 -18.17
N PRO D 467 -19.61 -45.88 -19.37
CA PRO D 467 -19.51 -47.23 -19.94
C PRO D 467 -18.08 -47.68 -20.19
N SER D 468 -17.14 -46.75 -20.29
CA SER D 468 -15.74 -47.12 -20.49
C SER D 468 -15.18 -47.90 -19.31
N PHE D 469 -15.78 -47.76 -18.13
CA PHE D 469 -15.37 -48.52 -16.95
C PHE D 469 -16.41 -49.51 -16.45
N TYR D 470 -17.66 -49.40 -16.89
CA TYR D 470 -18.70 -50.31 -16.43
C TYR D 470 -18.43 -51.72 -16.96
N GLY D 471 -18.47 -52.71 -16.06
CA GLY D 471 -18.21 -54.08 -16.45
C GLY D 471 -16.79 -54.34 -16.90
N MET D 472 -15.86 -53.43 -16.60
CA MET D 472 -14.47 -53.60 -16.98
C MET D 472 -13.68 -54.18 -15.83
N PRO D 473 -13.00 -55.32 -16.02
CA PRO D 473 -12.13 -55.84 -14.96
C PRO D 473 -11.06 -54.83 -14.59
N GLY D 474 -10.76 -54.75 -13.29
CA GLY D 474 -9.88 -53.74 -12.77
C GLY D 474 -10.55 -52.44 -12.39
N HIS D 475 -11.69 -52.12 -13.01
CA HIS D 475 -12.50 -50.96 -12.65
C HIS D 475 -13.94 -51.44 -12.47
N THR D 476 -14.23 -51.95 -11.27
CA THR D 476 -15.57 -52.38 -10.92
C THR D 476 -16.02 -51.91 -9.54
N HIS D 477 -15.09 -51.57 -8.64
CA HIS D 477 -15.46 -51.11 -7.31
C HIS D 477 -15.78 -49.63 -7.27
N THR D 478 -15.52 -48.89 -8.35
CA THR D 478 -15.98 -47.50 -8.44
C THR D 478 -17.50 -47.44 -8.55
N MET D 479 -18.12 -48.44 -9.18
CA MET D 479 -19.57 -48.55 -9.17
C MET D 479 -20.10 -48.80 -7.76
N ILE D 480 -19.39 -49.62 -7.00
CA ILE D 480 -19.74 -49.84 -5.59
C ILE D 480 -19.58 -48.54 -4.81
N HIS D 481 -18.56 -47.75 -5.15
CA HIS D 481 -18.40 -46.43 -4.53
C HIS D 481 -19.58 -45.52 -4.83
N GLN D 482 -20.05 -45.53 -6.09
CA GLN D 482 -21.21 -44.71 -6.45
C GLN D 482 -22.47 -45.19 -5.75
N ILE D 483 -22.64 -46.51 -5.61
CA ILE D 483 -23.76 -47.02 -4.83
C ILE D 483 -23.67 -46.57 -3.37
N GLY D 484 -22.47 -46.66 -2.78
CA GLY D 484 -22.29 -46.18 -1.42
C GLY D 484 -22.65 -44.71 -1.28
N HIS D 485 -22.33 -43.92 -2.30
CA HIS D 485 -22.83 -42.55 -2.37
C HIS D 485 -24.35 -42.54 -2.33
N SER D 486 -24.99 -43.31 -3.21
CA SER D 486 -26.45 -43.37 -3.26
C SER D 486 -27.05 -44.06 -2.05
N LEU D 487 -26.26 -44.78 -1.27
CA LEU D 487 -26.70 -45.40 -0.03
C LEU D 487 -26.25 -44.63 1.21
N GLY D 488 -25.82 -43.38 1.02
CA GLY D 488 -25.59 -42.50 2.15
C GLY D 488 -24.22 -42.57 2.78
N LEU D 489 -23.28 -43.30 2.19
CA LEU D 489 -21.94 -43.34 2.74
C LEU D 489 -21.21 -42.04 2.47
N TYR D 490 -20.65 -41.45 3.52
CA TYR D 490 -19.65 -40.42 3.35
C TYR D 490 -18.31 -41.06 3.01
N HIS D 491 -17.46 -40.29 2.33
CA HIS D 491 -16.13 -40.79 1.99
C HIS D 491 -15.35 -41.10 3.26
N VAL D 492 -14.61 -42.21 3.23
CA VAL D 492 -13.81 -42.60 4.38
C VAL D 492 -12.74 -41.55 4.69
N PHE D 493 -12.40 -40.73 3.71
CA PHE D 493 -11.47 -39.63 3.91
C PHE D 493 -12.14 -38.33 4.31
N ARG D 494 -13.46 -38.33 4.50
CA ARG D 494 -14.15 -37.14 4.96
C ARG D 494 -13.68 -36.76 6.35
N GLY D 495 -13.65 -35.46 6.63
CA GLY D 495 -13.06 -34.94 7.85
C GLY D 495 -11.66 -34.39 7.68
N ILE D 496 -11.01 -34.70 6.56
CA ILE D 496 -9.67 -34.18 6.28
C ILE D 496 -9.68 -33.47 4.92
N SER D 497 -10.28 -34.11 3.92
CA SER D 497 -10.28 -33.59 2.56
C SER D 497 -11.59 -32.90 2.19
N GLU D 498 -12.73 -33.52 2.50
CA GLU D 498 -14.02 -32.96 2.14
C GLU D 498 -14.46 -31.82 3.05
N ILE D 499 -13.63 -31.43 4.02
CA ILE D 499 -14.03 -30.36 4.94
C ILE D 499 -14.06 -29.02 4.21
N GLN D 500 -14.91 -28.12 4.73
CA GLN D 500 -14.94 -26.75 4.21
C GLN D 500 -13.63 -26.04 4.50
N SER D 501 -13.07 -26.24 5.68
CA SER D 501 -11.80 -25.64 6.07
C SER D 501 -11.27 -26.43 7.27
N CYS D 502 -10.10 -26.02 7.77
CA CYS D 502 -9.53 -26.67 8.94
C CYS D 502 -10.33 -26.40 10.21
N SER D 503 -11.24 -25.43 10.19
CA SER D 503 -12.10 -25.13 11.34
C SER D 503 -13.48 -25.76 11.21
N ASP D 504 -13.63 -26.71 10.28
CA ASP D 504 -14.90 -27.39 10.08
C ASP D 504 -15.23 -28.19 11.33
N PRO D 505 -16.41 -27.99 11.94
CA PRO D 505 -16.68 -28.64 13.23
C PRO D 505 -16.87 -30.15 13.16
N CYS D 506 -16.64 -30.76 11.99
CA CYS D 506 -16.74 -32.20 11.86
C CYS D 506 -15.37 -32.83 11.67
N MET D 507 -14.37 -32.29 12.37
CA MET D 507 -13.02 -32.84 12.33
C MET D 507 -13.02 -34.32 12.74
N GLU D 508 -12.72 -35.19 11.78
CA GLU D 508 -12.49 -36.60 12.09
C GLU D 508 -11.00 -36.86 12.21
N THR D 509 -10.41 -36.24 13.24
CA THR D 509 -9.02 -36.53 13.57
C THR D 509 -8.87 -37.98 14.03
N GLU D 510 -9.90 -38.53 14.65
CA GLU D 510 -9.98 -39.93 15.06
C GLU D 510 -11.32 -40.51 14.64
N PRO D 511 -11.34 -41.80 14.28
CA PRO D 511 -12.58 -42.39 13.73
C PRO D 511 -13.72 -42.31 14.72
N SER D 512 -14.90 -41.91 14.23
CA SER D 512 -16.05 -41.70 15.10
C SER D 512 -17.33 -41.81 14.28
N PHE D 513 -18.44 -42.02 14.99
CA PHE D 513 -19.75 -42.10 14.37
C PHE D 513 -20.33 -40.74 14.03
N GLU D 514 -19.70 -39.65 14.45
CA GLU D 514 -20.28 -38.32 14.32
C GLU D 514 -19.39 -37.33 13.60
N THR D 515 -18.23 -37.76 13.11
CA THR D 515 -17.31 -36.86 12.39
C THR D 515 -16.86 -37.52 11.11
N GLY D 516 -16.62 -36.70 10.09
CA GLY D 516 -16.10 -37.22 8.82
C GLY D 516 -17.06 -38.21 8.19
N ASP D 517 -16.57 -39.43 7.97
CA ASP D 517 -17.39 -40.47 7.38
C ASP D 517 -18.44 -41.03 8.33
N LEU D 518 -18.45 -40.57 9.59
CA LEU D 518 -19.40 -41.02 10.61
C LEU D 518 -19.29 -42.52 10.86
N CYS D 519 -18.07 -43.05 10.79
CA CYS D 519 -17.80 -44.47 11.06
C CYS D 519 -16.65 -44.55 12.04
N ASN D 520 -16.90 -45.12 13.22
CA ASN D 520 -15.88 -45.26 14.26
C ASN D 520 -14.80 -46.26 13.88
N ASP D 521 -15.00 -47.05 12.82
CA ASP D 521 -14.09 -48.11 12.43
C ASP D 521 -13.37 -47.81 11.10
N THR D 522 -13.40 -46.57 10.64
CA THR D 522 -12.68 -46.17 9.44
C THR D 522 -11.63 -45.14 9.82
N ASN D 523 -10.37 -45.46 9.53
CA ASN D 523 -9.27 -44.59 9.92
C ASN D 523 -9.32 -43.28 9.14
N PRO D 524 -8.87 -42.18 9.76
CA PRO D 524 -8.83 -40.89 9.03
C PRO D 524 -7.83 -40.94 7.89
N ALA D 525 -8.26 -40.46 6.73
CA ALA D 525 -7.44 -40.49 5.52
C ALA D 525 -7.65 -39.20 4.74
N PRO D 526 -6.69 -38.82 3.90
CA PRO D 526 -6.92 -37.72 2.96
C PRO D 526 -7.49 -38.22 1.63
N LYS D 527 -7.67 -37.31 0.68
CA LYS D 527 -8.14 -37.70 -0.64
C LYS D 527 -7.01 -38.40 -1.40
N HIS D 528 -6.89 -39.71 -1.21
CA HIS D 528 -5.77 -40.49 -1.73
C HIS D 528 -6.27 -41.38 -2.86
N LYS D 529 -5.72 -41.17 -4.07
CA LYS D 529 -6.09 -42.01 -5.20
C LYS D 529 -5.46 -43.40 -5.12
N SER D 530 -4.20 -43.47 -4.70
CA SER D 530 -3.51 -44.75 -4.60
C SER D 530 -4.01 -45.52 -3.39
N CYS D 531 -3.82 -46.85 -3.43
CA CYS D 531 -4.34 -47.73 -2.41
C CYS D 531 -3.32 -48.07 -1.33
N GLY D 532 -2.40 -47.15 -1.04
CA GLY D 532 -1.45 -47.31 0.04
C GLY D 532 -1.67 -46.26 1.14
N ASP D 533 -0.94 -46.45 2.23
CA ASP D 533 -1.00 -45.48 3.31
C ASP D 533 -0.34 -44.18 2.87
N PRO D 534 -1.04 -43.04 2.95
CA PRO D 534 -0.44 -41.78 2.53
C PRO D 534 0.77 -41.42 3.37
N GLY D 535 1.77 -40.83 2.71
CA GLY D 535 2.99 -40.44 3.37
C GLY D 535 2.90 -39.03 3.93
N PRO D 536 4.04 -38.50 4.39
CA PRO D 536 4.04 -37.14 4.92
C PRO D 536 3.72 -36.12 3.82
N GLY D 537 3.10 -35.02 4.23
CA GLY D 537 2.70 -33.99 3.31
C GLY D 537 1.38 -34.22 2.61
N ASN D 538 0.71 -35.34 2.89
CA ASN D 538 -0.58 -35.64 2.29
C ASN D 538 -1.74 -35.05 3.08
N ASP D 539 -1.47 -34.37 4.19
CA ASP D 539 -2.52 -33.77 5.01
C ASP D 539 -2.85 -32.38 4.47
N THR D 540 -4.13 -32.16 4.18
CA THR D 540 -4.57 -30.85 3.70
C THR D 540 -4.33 -29.78 4.76
N CYS D 541 -4.71 -30.06 6.01
CA CYS D 541 -4.42 -29.13 7.10
C CYS D 541 -2.96 -29.22 7.54
N GLY D 542 -2.33 -30.39 7.39
CA GLY D 542 -0.96 -30.59 7.81
C GLY D 542 -0.76 -30.87 9.28
N PHE D 543 -1.85 -31.04 10.04
CA PHE D 543 -1.73 -31.23 11.48
C PHE D 543 -1.15 -32.60 11.83
N HIS D 544 -1.68 -33.65 11.21
CA HIS D 544 -1.32 -35.01 11.59
C HIS D 544 -1.15 -35.88 10.36
N SER D 545 -0.38 -36.96 10.52
CA SER D 545 -0.20 -37.95 9.46
C SER D 545 -1.35 -38.94 9.51
N PHE D 546 -1.26 -40.01 8.71
CA PHE D 546 -2.33 -40.99 8.60
C PHE D 546 -1.77 -42.39 8.66
N PHE D 547 -2.42 -43.26 9.43
CA PHE D 547 -2.00 -44.64 9.57
C PHE D 547 -3.20 -45.56 9.44
N ASN D 548 -2.97 -46.75 8.88
CA ASN D 548 -3.99 -47.78 8.73
C ASN D 548 -5.22 -47.26 7.99
N THR D 549 -5.00 -46.39 7.01
CA THR D 549 -6.11 -45.80 6.28
C THR D 549 -6.88 -46.89 5.53
N PRO D 550 -8.21 -46.81 5.47
CA PRO D 550 -9.01 -47.86 4.83
C PRO D 550 -8.99 -47.77 3.30
N TYR D 551 -7.80 -47.95 2.72
CA TYR D 551 -7.71 -48.08 1.27
C TYR D 551 -8.33 -49.38 0.80
N ASN D 552 -8.27 -50.43 1.62
CA ASN D 552 -8.95 -51.68 1.30
C ASN D 552 -10.46 -51.53 1.36
N ASN D 553 -10.97 -50.50 2.01
CA ASN D 553 -12.40 -50.25 2.04
C ASN D 553 -12.91 -49.88 0.64
N PHE D 554 -14.08 -50.41 0.29
CA PHE D 554 -14.67 -50.11 -1.02
C PHE D 554 -14.94 -48.62 -1.18
N MET D 555 -15.13 -47.90 -0.06
CA MET D 555 -15.58 -46.52 -0.11
C MET D 555 -14.46 -45.53 -0.39
N SER D 556 -13.21 -45.95 -0.28
CA SER D 556 -12.10 -45.03 -0.49
C SER D 556 -11.90 -44.72 -1.97
N TYR D 557 -11.24 -43.59 -2.23
CA TYR D 557 -10.77 -43.29 -3.58
C TYR D 557 -9.62 -44.16 -4.01
N ALA D 558 -9.21 -45.13 -3.20
CA ALA D 558 -8.14 -46.03 -3.58
C ALA D 558 -8.49 -46.80 -4.85
N ASP D 559 -7.48 -47.39 -5.46
CA ASP D 559 -7.68 -48.11 -6.71
C ASP D 559 -8.65 -49.27 -6.50
N ASP D 560 -9.45 -49.54 -7.55
CA ASP D 560 -10.55 -50.49 -7.41
C ASP D 560 -10.06 -51.88 -7.05
N ASP D 561 -8.83 -52.24 -7.43
CA ASP D 561 -8.30 -53.54 -7.06
C ASP D 561 -8.08 -53.64 -5.55
N CYS D 562 -7.56 -52.58 -4.93
CA CYS D 562 -7.27 -52.62 -3.50
C CYS D 562 -8.54 -52.44 -2.67
N THR D 563 -9.48 -51.62 -3.12
CA THR D 563 -10.72 -51.41 -2.41
C THR D 563 -11.52 -52.71 -2.40
N ASP D 564 -11.58 -53.39 -1.25
CA ASP D 564 -12.11 -54.74 -1.22
C ASP D 564 -13.02 -55.04 -0.03
N SER D 565 -13.46 -54.03 0.73
CA SER D 565 -14.22 -54.32 1.94
C SER D 565 -15.10 -53.13 2.30
N PHE D 566 -16.03 -53.38 3.23
CA PHE D 566 -16.83 -52.35 3.88
C PHE D 566 -16.76 -52.58 5.39
N THR D 567 -16.48 -51.54 6.14
CA THR D 567 -16.41 -51.67 7.59
C THR D 567 -17.81 -51.91 8.17
N PRO D 568 -17.90 -52.58 9.32
CA PRO D 568 -19.22 -52.90 9.89
C PRO D 568 -20.11 -51.69 10.12
N ASN D 569 -19.54 -50.52 10.46
CA ASN D 569 -20.35 -49.32 10.56
C ASN D 569 -20.99 -48.97 9.22
N GLN D 570 -20.24 -49.14 8.13
CA GLN D 570 -20.80 -48.93 6.80
C GLN D 570 -21.89 -49.95 6.50
N VAL D 571 -21.73 -51.17 6.99
CA VAL D 571 -22.75 -52.20 6.79
C VAL D 571 -24.04 -51.82 7.51
N ALA D 572 -23.91 -51.33 8.74
CA ALA D 572 -25.09 -50.85 9.47
C ALA D 572 -25.73 -49.65 8.78
N ARG D 573 -24.91 -48.76 8.22
CA ARG D 573 -25.44 -47.65 7.44
C ARG D 573 -26.24 -48.16 6.26
N MET D 574 -25.70 -49.16 5.55
CA MET D 574 -26.42 -49.78 4.44
C MET D 574 -27.77 -50.31 4.90
N HIS D 575 -27.78 -51.09 5.98
CA HIS D 575 -29.01 -51.70 6.45
C HIS D 575 -30.04 -50.65 6.82
N CYS D 576 -29.63 -49.62 7.57
CA CYS D 576 -30.57 -48.61 8.01
C CYS D 576 -31.10 -47.79 6.84
N TYR D 577 -30.23 -47.42 5.89
CA TYR D 577 -30.68 -46.60 4.78
C TYR D 577 -31.59 -47.39 3.85
N LEU D 578 -31.34 -48.68 3.68
CA LEU D 578 -32.28 -49.52 2.95
C LEU D 578 -33.61 -49.62 3.69
N ASP D 579 -33.57 -49.74 5.02
CA ASP D 579 -34.80 -49.92 5.79
C ASP D 579 -35.61 -48.64 5.91
N LEU D 580 -35.02 -47.47 5.66
CA LEU D 580 -35.76 -46.22 5.76
C LEU D 580 -36.01 -45.58 4.40
N VAL D 581 -34.95 -45.30 3.64
CA VAL D 581 -35.11 -44.49 2.43
C VAL D 581 -35.69 -45.32 1.29
N TYR D 582 -35.44 -46.63 1.28
CA TYR D 582 -35.74 -47.49 0.14
C TYR D 582 -36.76 -48.56 0.49
N GLN D 583 -37.85 -48.15 1.16
CA GLN D 583 -38.90 -49.10 1.51
C GLN D 583 -39.53 -49.73 0.26
N GLY D 584 -39.77 -48.92 -0.77
CA GLY D 584 -40.36 -49.44 -1.99
C GLY D 584 -39.42 -50.18 -2.91
N TRP D 585 -38.10 -50.03 -2.70
CA TRP D 585 -37.14 -50.70 -3.57
C TRP D 585 -37.10 -52.20 -3.33
N GLN D 586 -37.16 -52.61 -2.06
CA GLN D 586 -37.06 -54.03 -1.73
C GLN D 586 -38.30 -54.78 -2.20
N PRO D 587 -38.14 -56.07 -2.53
CA PRO D 587 -39.31 -56.88 -2.90
C PRO D 587 -40.17 -57.19 -1.68
N SER D 588 -41.25 -57.94 -1.90
CA SER D 588 -42.18 -58.32 -0.83
C SER D 588 -42.84 -57.09 -0.21
N ARG D 589 -43.78 -57.32 0.70
CA ARG D 589 -44.48 -56.23 1.38
C ARG D 589 -44.39 -56.35 2.89
N LYS D 590 -43.23 -56.75 3.41
CA LYS D 590 -43.06 -56.86 4.85
C LYS D 590 -43.15 -55.47 5.49
N PRO D 591 -43.95 -55.29 6.53
CA PRO D 591 -44.08 -53.96 7.15
C PRO D 591 -42.79 -53.54 7.83
N ALA D 592 -42.63 -52.22 7.95
CA ALA D 592 -41.46 -51.66 8.60
C ALA D 592 -41.53 -51.85 10.11
N PRO D 593 -40.42 -52.21 10.75
CA PRO D 593 -40.41 -52.36 12.20
C PRO D 593 -40.26 -51.01 12.89
N VAL D 594 -40.41 -51.04 14.22
CA VAL D 594 -40.19 -49.85 15.03
C VAL D 594 -38.68 -49.64 15.18
N ALA D 595 -38.23 -48.43 14.87
CA ALA D 595 -36.79 -48.18 14.77
C ALA D 595 -36.08 -48.37 16.10
N LEU D 596 -36.66 -47.87 17.19
CA LEU D 596 -35.98 -47.87 18.48
C LEU D 596 -36.80 -48.63 19.52
N ALA D 597 -36.12 -49.07 20.56
CA ALA D 597 -36.77 -49.83 21.62
C ALA D 597 -37.75 -48.94 22.38
N PRO D 598 -38.88 -49.50 22.83
CA PRO D 598 -39.84 -48.70 23.58
C PRO D 598 -39.28 -48.26 24.93
N GLN D 599 -39.80 -47.14 25.43
CA GLN D 599 -39.34 -46.54 26.67
C GLN D 599 -40.42 -46.68 27.74
N VAL D 600 -39.98 -46.95 28.97
CA VAL D 600 -40.90 -47.08 30.10
C VAL D 600 -41.32 -45.69 30.55
N LEU D 601 -42.63 -45.44 30.56
CA LEU D 601 -43.14 -44.15 31.00
C LEU D 601 -43.17 -44.06 32.53
N GLY D 602 -43.91 -44.96 33.15
CA GLY D 602 -44.01 -45.00 34.60
C GLY D 602 -44.51 -46.36 35.04
N HIS D 603 -44.53 -46.58 36.35
CA HIS D 603 -44.96 -47.86 36.89
C HIS D 603 -45.58 -47.67 38.26
N THR D 604 -46.79 -48.19 38.40
CA THR D 604 -47.47 -48.29 39.69
C THR D 604 -47.10 -49.62 40.34
N THR D 605 -47.84 -50.01 41.37
CA THR D 605 -47.55 -51.26 42.07
C THR D 605 -47.71 -52.47 41.14
N ASP D 606 -48.76 -52.48 40.32
CA ASP D 606 -49.07 -53.64 39.48
C ASP D 606 -49.37 -53.22 38.04
N SER D 607 -48.70 -52.18 37.55
CA SER D 607 -48.90 -51.74 36.17
C SER D 607 -47.68 -50.95 35.73
N VAL D 608 -47.43 -50.96 34.42
CA VAL D 608 -46.32 -50.20 33.85
C VAL D 608 -46.72 -49.76 32.45
N THR D 609 -46.41 -48.51 32.11
CA THR D 609 -46.81 -47.92 30.83
C THR D 609 -45.65 -47.98 29.85
N LEU D 610 -45.89 -48.54 28.67
CA LEU D 610 -44.91 -48.65 27.61
C LEU D 610 -45.44 -48.02 26.34
N GLU D 611 -44.62 -47.18 25.71
CA GLU D 611 -44.92 -46.60 24.42
C GLU D 611 -43.67 -46.72 23.54
N TRP D 612 -43.90 -46.79 22.23
CA TRP D 612 -42.83 -47.06 21.29
C TRP D 612 -42.85 -46.01 20.18
N PHE D 613 -41.80 -46.04 19.35
CA PHE D 613 -41.65 -45.12 18.24
C PHE D 613 -42.53 -45.53 17.07
N PRO D 614 -42.82 -44.60 16.17
CA PRO D 614 -43.55 -44.96 14.95
C PRO D 614 -42.64 -45.72 14.00
N PRO D 615 -43.17 -46.24 12.89
CA PRO D 615 -42.31 -46.88 11.90
C PRO D 615 -41.29 -45.90 11.34
N ILE D 616 -40.15 -46.44 10.92
CA ILE D 616 -39.03 -45.59 10.50
C ILE D 616 -39.44 -44.70 9.33
N ASP D 617 -40.24 -45.23 8.39
CA ASP D 617 -40.74 -44.41 7.31
C ASP D 617 -41.81 -43.43 7.78
N GLY D 618 -42.46 -43.73 8.90
CA GLY D 618 -43.49 -42.88 9.46
C GLY D 618 -44.89 -43.13 8.96
N HIS D 619 -45.07 -44.05 8.01
CA HIS D 619 -46.40 -44.33 7.48
C HIS D 619 -47.26 -45.04 8.51
N PHE D 620 -48.19 -44.31 9.12
CA PHE D 620 -49.05 -44.89 10.15
C PHE D 620 -50.16 -45.76 9.58
N PHE D 621 -50.44 -45.65 8.29
CA PHE D 621 -51.52 -46.39 7.66
C PHE D 621 -50.97 -47.30 6.57
N GLU D 622 -51.83 -48.20 6.09
CA GLU D 622 -51.41 -49.15 5.06
C GLU D 622 -51.03 -48.40 3.79
N ARG D 623 -50.00 -48.92 3.12
CA ARG D 623 -49.47 -48.28 1.91
C ARG D 623 -50.29 -48.71 0.70
N GLU D 624 -51.51 -48.18 0.63
CA GLU D 624 -52.37 -48.42 -0.53
C GLU D 624 -51.79 -47.68 -1.73
N LEU D 625 -51.35 -48.42 -2.73
CA LEU D 625 -50.79 -47.81 -3.93
C LEU D 625 -51.85 -46.98 -4.64
N GLY D 626 -51.49 -45.77 -5.03
CA GLY D 626 -52.43 -44.84 -5.65
C GLY D 626 -53.18 -43.96 -4.69
N SER D 627 -53.65 -44.53 -3.58
CA SER D 627 -54.36 -43.75 -2.58
C SER D 627 -53.41 -42.79 -1.88
N ALA D 628 -53.89 -41.57 -1.64
CA ALA D 628 -53.07 -40.56 -0.97
C ALA D 628 -52.79 -40.90 0.48
N CYS D 629 -53.48 -41.89 1.05
CA CYS D 629 -53.30 -42.24 2.45
C CYS D 629 -51.87 -42.67 2.77
N HIS D 630 -51.10 -43.07 1.77
CA HIS D 630 -49.71 -43.46 1.99
C HIS D 630 -48.87 -42.27 2.43
N LEU D 631 -49.46 -41.07 2.46
CA LEU D 631 -48.84 -39.90 3.06
C LEU D 631 -49.60 -39.37 4.26
N CYS D 632 -50.65 -40.05 4.70
CA CYS D 632 -51.41 -39.60 5.85
C CYS D 632 -50.59 -39.77 7.13
N LEU D 633 -50.85 -38.90 8.10
CA LEU D 633 -50.16 -38.91 9.38
C LEU D 633 -51.13 -39.27 10.50
N GLU D 634 -50.62 -39.23 11.74
CA GLU D 634 -51.42 -39.57 12.90
C GLU D 634 -52.56 -38.57 13.07
N GLY D 635 -53.66 -39.04 13.66
CA GLY D 635 -54.86 -38.24 13.72
C GLY D 635 -55.60 -38.17 12.41
N ARG D 636 -55.29 -39.07 11.48
CA ARG D 636 -55.91 -39.09 10.15
C ARG D 636 -55.76 -37.75 9.45
N ILE D 637 -54.57 -37.15 9.59
CA ILE D 637 -54.25 -35.89 8.94
C ILE D 637 -53.30 -36.18 7.78
N LEU D 638 -53.12 -35.20 6.91
CA LEU D 638 -52.31 -35.35 5.71
C LEU D 638 -51.29 -34.22 5.62
N VAL D 639 -50.08 -34.59 5.20
CA VAL D 639 -49.00 -33.64 5.00
C VAL D 639 -48.41 -33.89 3.61
N GLN D 640 -47.95 -32.81 2.98
CA GLN D 640 -47.34 -32.95 1.67
C GLN D 640 -46.37 -31.81 1.42
N TYR D 641 -45.51 -32.00 0.43
CA TYR D 641 -44.54 -31.01 -0.01
C TYR D 641 -44.92 -30.47 -1.37
N ALA D 642 -44.13 -29.50 -1.85
CA ALA D 642 -44.39 -28.89 -3.15
C ALA D 642 -44.18 -29.92 -4.25
N SER D 643 -45.24 -30.18 -5.01
CA SER D 643 -45.22 -31.22 -6.04
C SER D 643 -44.83 -30.67 -7.41
N ASN D 644 -45.56 -29.66 -7.89
CA ASN D 644 -45.31 -29.05 -9.19
C ASN D 644 -45.01 -27.58 -8.98
N ALA D 645 -44.15 -27.02 -9.83
CA ALA D 645 -43.77 -25.63 -9.74
C ALA D 645 -43.83 -24.97 -11.12
N SER D 646 -44.16 -23.68 -11.12
CA SER D 646 -44.21 -22.90 -12.35
C SER D 646 -44.10 -21.43 -11.98
N SER D 647 -43.83 -20.60 -12.98
CA SER D 647 -43.82 -19.16 -12.78
C SER D 647 -43.86 -18.46 -14.14
N PRO D 648 -44.44 -17.27 -14.22
CA PRO D 648 -44.44 -16.55 -15.50
C PRO D 648 -43.03 -16.15 -15.91
N MET D 649 -42.52 -16.75 -16.98
CA MET D 649 -41.26 -16.32 -17.55
C MET D 649 -41.33 -14.88 -18.01
N PRO D 650 -40.40 -14.03 -17.60
CA PRO D 650 -40.19 -12.74 -18.27
C PRO D 650 -39.74 -12.98 -19.70
N CYS D 651 -39.45 -11.87 -20.37
CA CYS D 651 -38.99 -11.79 -21.75
C CYS D 651 -40.12 -12.13 -22.71
N SER D 652 -41.28 -12.55 -22.22
CA SER D 652 -42.41 -12.98 -23.03
C SER D 652 -43.60 -13.21 -22.11
N PRO D 653 -44.81 -13.19 -22.65
CA PRO D 653 -45.98 -13.54 -21.85
C PRO D 653 -45.97 -14.99 -21.41
N SER D 654 -46.53 -15.23 -20.22
CA SER D 654 -46.66 -16.56 -19.63
C SER D 654 -45.30 -17.26 -19.53
N GLY D 655 -45.12 -18.32 -20.32
CA GLY D 655 -43.85 -19.03 -20.36
C GLY D 655 -43.80 -20.35 -19.62
N HIS D 656 -44.90 -20.76 -18.97
CA HIS D 656 -44.98 -22.05 -18.28
C HIS D 656 -43.87 -22.21 -17.26
N TRP D 657 -42.79 -22.90 -17.65
CA TRP D 657 -41.59 -23.10 -16.83
C TRP D 657 -41.86 -23.97 -15.61
N SER D 658 -40.82 -24.67 -15.14
CA SER D 658 -40.96 -25.59 -14.01
C SER D 658 -39.71 -25.54 -13.17
N PRO D 659 -39.71 -24.73 -12.11
CA PRO D 659 -38.55 -24.69 -11.20
C PRO D 659 -38.57 -25.83 -10.20
N ARG D 660 -38.02 -26.98 -10.59
CA ARG D 660 -38.06 -28.16 -9.75
C ARG D 660 -37.35 -27.95 -8.42
N GLU D 661 -36.48 -26.94 -8.33
CA GLU D 661 -35.83 -26.62 -7.05
C GLU D 661 -36.88 -26.25 -6.00
N ALA D 662 -37.87 -25.45 -6.39
CA ALA D 662 -38.90 -25.04 -5.45
C ALA D 662 -39.79 -26.22 -5.05
N GLU D 663 -39.83 -27.27 -5.87
CA GLU D 663 -40.65 -28.42 -5.56
C GLU D 663 -40.03 -29.24 -4.44
N GLY D 664 -40.74 -30.29 -4.03
CA GLY D 664 -40.22 -31.24 -3.07
C GLY D 664 -40.14 -30.70 -1.66
N HIS D 665 -39.34 -31.39 -0.84
CA HIS D 665 -39.10 -31.06 0.55
C HIS D 665 -37.97 -30.06 0.69
N PRO D 666 -37.92 -29.32 1.79
CA PRO D 666 -36.79 -28.41 2.01
C PRO D 666 -35.49 -29.19 2.14
N ASP D 667 -34.49 -28.77 1.37
CA ASP D 667 -33.23 -29.50 1.31
C ASP D 667 -32.02 -28.57 1.24
N VAL D 668 -32.14 -27.36 1.77
CA VAL D 668 -31.01 -26.44 1.84
C VAL D 668 -30.23 -26.74 3.11
N GLU D 669 -28.92 -27.00 2.95
CA GLU D 669 -28.10 -27.38 4.10
C GLU D 669 -27.81 -26.19 5.01
N GLN D 670 -27.85 -24.98 4.48
CA GLN D 670 -27.51 -23.78 5.24
C GLN D 670 -28.40 -22.62 4.79
N PRO D 671 -29.41 -22.26 5.57
CA PRO D 671 -30.26 -21.12 5.20
C PRO D 671 -29.54 -19.79 5.31
N CYS D 672 -30.25 -18.69 5.07
CA CYS D 672 -29.71 -17.34 5.12
C CYS D 672 -28.57 -17.12 4.14
N LYS D 673 -28.57 -17.87 3.03
CA LYS D 673 -27.55 -17.74 2.01
C LYS D 673 -28.13 -18.22 0.69
N SER D 674 -27.83 -17.50 -0.39
CA SER D 674 -28.34 -17.88 -1.70
C SER D 674 -27.84 -19.28 -2.09
N SER D 675 -28.76 -20.12 -2.53
CA SER D 675 -28.44 -21.50 -2.90
C SER D 675 -29.12 -21.84 -4.22
N VAL D 676 -28.43 -22.65 -5.04
CA VAL D 676 -28.95 -23.04 -6.33
C VAL D 676 -30.17 -23.95 -6.20
N ARG D 677 -30.33 -24.61 -5.06
CA ARG D 677 -31.43 -25.55 -4.83
C ARG D 677 -32.76 -24.85 -4.58
N THR D 678 -32.84 -23.55 -4.85
CA THR D 678 -34.04 -22.76 -4.59
C THR D 678 -34.44 -22.00 -5.84
N TRP D 679 -35.74 -21.71 -5.94
CA TRP D 679 -36.21 -20.81 -6.98
C TRP D 679 -35.80 -19.38 -6.67
N SER D 680 -35.63 -18.58 -7.72
CA SER D 680 -35.34 -17.17 -7.56
C SER D 680 -35.92 -16.42 -8.75
N PRO D 681 -36.33 -15.16 -8.55
CA PRO D 681 -36.66 -14.33 -9.72
C PRO D 681 -35.50 -14.17 -10.67
N ASN D 682 -34.27 -14.14 -10.15
CA ASN D 682 -33.08 -14.07 -11.00
C ASN D 682 -32.81 -15.41 -11.68
N SER D 683 -33.12 -16.51 -11.01
CA SER D 683 -32.87 -17.84 -11.55
C SER D 683 -33.89 -18.25 -12.61
N ALA D 684 -34.78 -17.35 -13.02
CA ALA D 684 -35.81 -17.65 -13.99
C ALA D 684 -35.50 -17.04 -15.37
N VAL D 685 -34.26 -16.61 -15.59
CA VAL D 685 -33.86 -15.97 -16.83
C VAL D 685 -32.62 -16.66 -17.37
N ASN D 686 -32.20 -16.24 -18.55
CA ASN D 686 -30.95 -16.71 -19.12
C ASN D 686 -29.79 -16.10 -18.34
N PRO D 687 -28.90 -16.90 -17.76
CA PRO D 687 -27.76 -16.32 -17.03
C PRO D 687 -26.88 -15.44 -17.91
N HIS D 688 -26.72 -15.78 -19.19
CA HIS D 688 -25.95 -14.96 -20.11
C HIS D 688 -26.86 -13.93 -20.78
N THR D 689 -27.59 -13.21 -19.94
CA THR D 689 -28.54 -12.19 -20.37
C THR D 689 -28.88 -11.33 -19.17
N VAL D 690 -29.08 -10.04 -19.40
CA VAL D 690 -29.50 -9.15 -18.31
C VAL D 690 -30.85 -9.63 -17.77
N PRO D 691 -30.99 -9.83 -16.47
CA PRO D 691 -32.27 -10.28 -15.92
C PRO D 691 -33.27 -9.13 -15.85
N PRO D 692 -34.44 -9.27 -16.47
CA PRO D 692 -35.47 -8.25 -16.32
C PRO D 692 -35.90 -8.10 -14.87
N ALA D 693 -36.14 -6.86 -14.46
CA ALA D 693 -36.60 -6.60 -13.11
C ALA D 693 -38.04 -7.07 -12.95
N CYS D 694 -38.34 -7.67 -11.80
CA CYS D 694 -39.70 -8.14 -11.55
C CYS D 694 -40.64 -6.93 -11.48
N PRO D 695 -41.90 -7.09 -11.90
CA PRO D 695 -42.76 -5.93 -12.13
C PRO D 695 -43.14 -5.14 -10.90
N GLU D 696 -43.94 -4.10 -11.12
CA GLU D 696 -44.41 -3.14 -10.12
C GLU D 696 -45.48 -3.81 -9.26
N PRO D 697 -46.08 -3.15 -8.23
CA PRO D 697 -46.75 -3.92 -7.18
C PRO D 697 -47.99 -4.68 -7.63
N GLN D 698 -47.83 -5.51 -8.65
CA GLN D 698 -48.74 -6.61 -8.90
C GLN D 698 -48.21 -7.90 -8.27
N GLY D 699 -46.88 -8.09 -8.31
CA GLY D 699 -46.26 -9.21 -7.65
C GLY D 699 -45.61 -10.21 -8.59
N CYS D 700 -44.28 -10.17 -8.65
CA CYS D 700 -43.55 -11.22 -9.34
C CYS D 700 -43.78 -12.54 -8.62
N TYR D 701 -44.50 -13.46 -9.25
CA TYR D 701 -45.09 -14.57 -8.51
C TYR D 701 -44.57 -15.92 -8.99
N LEU D 702 -44.56 -16.85 -8.03
CA LEU D 702 -44.20 -18.25 -8.25
C LEU D 702 -45.38 -19.10 -7.83
N GLU D 703 -45.85 -19.96 -8.73
CA GLU D 703 -47.00 -20.81 -8.46
C GLU D 703 -46.54 -22.23 -8.15
N LEU D 704 -47.16 -22.83 -7.13
CA LEU D 704 -46.89 -24.20 -6.73
C LEU D 704 -48.19 -24.98 -6.73
N GLU D 705 -48.10 -26.27 -7.02
CA GLU D 705 -49.25 -27.16 -7.07
C GLU D 705 -48.96 -28.42 -6.28
N PHE D 706 -50.01 -28.99 -5.69
CA PHE D 706 -49.89 -30.17 -4.85
C PHE D 706 -50.51 -31.37 -5.54
N LEU D 707 -49.96 -32.55 -5.23
CA LEU D 707 -50.45 -33.78 -5.86
C LEU D 707 -51.91 -34.05 -5.49
N TYR D 708 -52.25 -33.86 -4.23
CA TYR D 708 -53.59 -34.22 -3.74
C TYR D 708 -54.30 -32.99 -3.20
N PRO D 709 -55.31 -32.47 -3.90
CA PRO D 709 -56.12 -31.38 -3.33
C PRO D 709 -56.80 -31.83 -2.04
N LEU D 710 -56.88 -30.90 -1.09
CA LEU D 710 -57.33 -31.26 0.25
C LEU D 710 -57.73 -30.00 1.00
N VAL D 711 -58.54 -30.19 2.03
CA VAL D 711 -58.88 -29.10 2.94
C VAL D 711 -57.67 -28.88 3.84
N PRO D 712 -57.07 -27.70 3.83
CA PRO D 712 -55.81 -27.49 4.54
C PRO D 712 -56.02 -26.94 5.96
N GLU D 713 -54.98 -27.09 6.76
CA GLU D 713 -54.94 -26.50 8.09
C GLU D 713 -53.78 -25.54 8.28
N SER D 714 -52.58 -25.89 7.79
CA SER D 714 -51.44 -25.00 7.94
C SER D 714 -50.53 -25.13 6.73
N LEU D 715 -49.78 -24.06 6.48
CA LEU D 715 -48.87 -23.98 5.34
C LEU D 715 -47.53 -23.45 5.82
N THR D 716 -46.46 -23.90 5.15
CA THR D 716 -45.10 -23.53 5.54
C THR D 716 -44.26 -23.34 4.28
N ILE D 717 -43.45 -22.29 4.29
CA ILE D 717 -42.58 -21.94 3.17
C ILE D 717 -41.16 -21.80 3.69
N TRP D 718 -40.21 -22.47 3.04
CA TRP D 718 -38.80 -22.39 3.44
C TRP D 718 -38.11 -21.34 2.58
N VAL D 719 -38.19 -20.09 3.05
CA VAL D 719 -37.51 -18.99 2.38
C VAL D 719 -36.05 -18.99 2.82
N THR D 720 -35.18 -19.59 2.01
CA THR D 720 -33.78 -19.72 2.38
C THR D 720 -33.10 -18.36 2.48
N PHE D 721 -33.37 -17.47 1.54
CA PHE D 721 -32.71 -16.17 1.51
C PHE D 721 -33.75 -15.08 1.27
N VAL D 722 -33.42 -13.88 1.73
CA VAL D 722 -34.31 -12.73 1.61
C VAL D 722 -33.45 -11.48 1.47
N SER D 723 -34.02 -10.46 0.81
CA SER D 723 -33.35 -9.18 0.71
C SER D 723 -33.15 -8.55 2.09
N THR D 724 -31.99 -7.94 2.30
CA THR D 724 -31.61 -7.48 3.62
C THR D 724 -32.13 -6.07 3.93
N ASP D 725 -32.27 -5.23 2.90
CA ASP D 725 -32.37 -3.80 3.13
C ASP D 725 -33.80 -3.29 3.31
N TRP D 726 -34.66 -3.49 2.30
CA TRP D 726 -35.88 -2.71 2.20
C TRP D 726 -36.95 -3.21 3.17
N ASP D 727 -37.37 -2.32 4.07
CA ASP D 727 -38.57 -2.42 4.92
C ASP D 727 -38.70 -3.75 5.66
N SER D 728 -39.93 -4.07 6.07
CA SER D 728 -40.24 -5.29 6.80
C SER D 728 -41.44 -6.00 6.20
N SER D 729 -41.63 -5.86 4.88
CA SER D 729 -42.70 -6.56 4.19
C SER D 729 -42.36 -8.01 3.90
N GLY D 730 -41.27 -8.52 4.46
CA GLY D 730 -40.87 -9.90 4.27
C GLY D 730 -40.48 -10.20 2.84
N ALA D 731 -40.34 -9.15 2.03
CA ALA D 731 -40.05 -9.22 0.60
C ALA D 731 -41.14 -9.95 -0.18
N VAL D 732 -42.21 -10.38 0.48
CA VAL D 732 -43.32 -11.07 -0.18
C VAL D 732 -44.48 -10.09 -0.28
N ASN D 733 -44.98 -9.89 -1.50
CA ASN D 733 -46.08 -8.96 -1.69
C ASN D 733 -47.40 -9.56 -1.21
N ASP D 734 -47.64 -10.83 -1.52
CA ASP D 734 -48.94 -11.43 -1.26
C ASP D 734 -48.83 -12.95 -1.32
N ILE D 735 -49.83 -13.61 -0.73
CA ILE D 735 -50.00 -15.05 -0.81
C ILE D 735 -51.40 -15.32 -1.36
N LYS D 736 -51.48 -16.06 -2.46
CA LYS D 736 -52.75 -16.32 -3.14
C LYS D 736 -53.00 -17.82 -3.15
N LEU D 737 -53.86 -18.27 -2.24
CA LEU D 737 -54.33 -19.65 -2.26
C LEU D 737 -55.20 -19.89 -3.48
N LEU D 738 -54.99 -21.05 -4.12
CA LEU D 738 -55.75 -21.46 -5.30
C LEU D 738 -56.39 -22.80 -4.95
N ALA D 739 -57.65 -22.77 -4.54
CA ALA D 739 -58.38 -23.96 -4.16
C ALA D 739 -59.00 -24.61 -5.40
N VAL D 740 -59.67 -25.75 -5.18
CA VAL D 740 -60.36 -26.42 -6.28
C VAL D 740 -61.54 -25.61 -6.78
N SER D 741 -62.05 -24.67 -5.97
CA SER D 741 -63.14 -23.81 -6.39
C SER D 741 -62.72 -22.78 -7.44
N GLY D 742 -61.42 -22.64 -7.68
CA GLY D 742 -60.93 -21.66 -8.63
C GLY D 742 -60.78 -20.27 -8.09
N LYS D 743 -61.17 -20.02 -6.84
CA LYS D 743 -61.03 -18.69 -6.26
C LYS D 743 -59.58 -18.42 -5.90
N ASN D 744 -59.23 -17.13 -5.87
CA ASN D 744 -57.91 -16.67 -5.49
C ASN D 744 -57.99 -15.99 -4.14
N ILE D 745 -57.59 -16.70 -3.09
CA ILE D 745 -57.69 -16.22 -1.71
C ILE D 745 -56.40 -15.45 -1.41
N SER D 746 -56.49 -14.12 -1.37
CA SER D 746 -55.33 -13.30 -1.07
C SER D 746 -55.06 -13.28 0.43
N LEU D 747 -53.79 -13.31 0.80
CA LEU D 747 -53.37 -13.27 2.19
C LEU D 747 -52.55 -12.04 2.55
N GLY D 748 -52.09 -11.27 1.57
CA GLY D 748 -51.32 -10.08 1.85
C GLY D 748 -49.88 -10.37 2.14
N PRO D 749 -49.09 -9.33 2.42
CA PRO D 749 -47.67 -9.52 2.72
C PRO D 749 -47.48 -10.04 4.15
N GLN D 750 -46.47 -10.88 4.30
CA GLN D 750 -46.08 -11.42 5.60
C GLN D 750 -44.62 -11.06 5.88
N ASN D 751 -44.10 -11.56 6.99
CA ASN D 751 -42.73 -11.27 7.42
C ASN D 751 -41.90 -12.54 7.39
N VAL D 752 -40.62 -12.40 7.05
CA VAL D 752 -39.75 -13.52 6.75
C VAL D 752 -38.46 -13.41 7.55
N PHE D 753 -38.07 -14.52 8.18
CA PHE D 753 -36.73 -14.67 8.70
C PHE D 753 -35.91 -15.57 7.78
N CYS D 754 -34.61 -15.33 7.72
CA CYS D 754 -33.76 -15.99 6.74
C CYS D 754 -33.71 -17.50 6.92
N ASP D 755 -33.85 -17.99 8.15
CA ASP D 755 -33.79 -19.43 8.38
C ASP D 755 -35.11 -20.04 8.81
N VAL D 756 -35.83 -19.40 9.71
CA VAL D 756 -37.09 -19.97 10.21
C VAL D 756 -38.13 -19.94 9.08
N PRO D 757 -38.72 -21.07 8.70
CA PRO D 757 -39.70 -21.05 7.63
C PRO D 757 -40.99 -20.36 8.05
N LEU D 758 -41.62 -19.69 7.09
CA LEU D 758 -42.90 -19.05 7.34
C LEU D 758 -43.97 -20.09 7.58
N THR D 759 -44.72 -19.91 8.65
CA THR D 759 -45.84 -20.77 9.00
C THR D 759 -47.12 -19.93 9.05
N ILE D 760 -48.22 -20.53 8.61
CA ILE D 760 -49.50 -19.83 8.61
C ILE D 760 -50.61 -20.85 8.84
N ARG D 761 -51.60 -20.45 9.62
CA ARG D 761 -52.76 -21.30 9.88
C ARG D 761 -53.86 -21.01 8.85
N LEU D 762 -54.53 -22.07 8.41
CA LEU D 762 -55.51 -21.96 7.35
C LEU D 762 -56.89 -22.40 7.82
N TRP D 763 -57.30 -21.88 8.99
CA TRP D 763 -58.58 -22.28 9.58
C TRP D 763 -59.75 -21.91 8.69
N ASP D 764 -59.74 -20.71 8.11
CA ASP D 764 -60.88 -20.22 7.35
C ASP D 764 -61.07 -20.94 6.03
N VAL D 765 -60.09 -21.73 5.58
CA VAL D 765 -60.17 -22.42 4.30
C VAL D 765 -60.76 -23.80 4.56
N GLY D 766 -62.06 -23.93 4.34
CA GLY D 766 -62.73 -25.20 4.50
C GLY D 766 -62.96 -25.91 3.18
N GLU D 767 -62.21 -25.50 2.15
CA GLU D 767 -62.35 -26.05 0.81
C GLU D 767 -61.07 -26.78 0.42
N GLU D 768 -61.23 -27.75 -0.49
CA GLU D 768 -60.07 -28.48 -1.00
C GLU D 768 -59.14 -27.55 -1.75
N VAL D 769 -57.85 -27.64 -1.44
CA VAL D 769 -56.85 -26.72 -1.97
C VAL D 769 -55.75 -27.52 -2.65
N TYR D 770 -55.36 -27.07 -3.84
CA TYR D 770 -54.29 -27.72 -4.60
C TYR D 770 -53.10 -26.81 -4.89
N GLY D 771 -53.30 -25.49 -4.98
CA GLY D 771 -52.26 -24.62 -5.45
C GLY D 771 -52.06 -23.40 -4.56
N ILE D 772 -50.87 -22.81 -4.71
CA ILE D 772 -50.52 -21.59 -4.00
C ILE D 772 -49.76 -20.70 -4.98
N GLN D 773 -49.77 -19.40 -4.71
CA GLN D 773 -49.03 -18.42 -5.53
C GLN D 773 -48.38 -17.42 -4.60
N ILE D 774 -47.05 -17.44 -4.55
CA ILE D 774 -46.31 -16.48 -3.73
C ILE D 774 -45.91 -15.31 -4.60
N TYR D 775 -46.38 -14.11 -4.25
CA TYR D 775 -46.09 -12.89 -4.99
C TYR D 775 -45.07 -12.10 -4.20
N THR D 776 -43.89 -11.90 -4.78
CA THR D 776 -42.82 -11.13 -4.15
C THR D 776 -42.40 -9.99 -5.08
N LEU D 777 -41.89 -8.93 -4.46
CA LEU D 777 -41.30 -7.81 -5.20
C LEU D 777 -39.78 -7.81 -5.12
N ASP D 778 -39.19 -8.76 -4.41
CA ASP D 778 -37.74 -8.81 -4.28
C ASP D 778 -37.10 -9.27 -5.59
N GLU D 779 -35.93 -8.72 -5.88
CA GLU D 779 -35.13 -9.12 -7.03
C GLU D 779 -33.98 -10.03 -6.63
N HIS D 780 -33.95 -10.48 -5.37
CA HIS D 780 -32.90 -11.39 -4.91
C HIS D 780 -33.45 -12.50 -4.01
N LEU D 781 -34.76 -12.67 -3.94
CA LEU D 781 -35.36 -13.62 -3.02
C LEU D 781 -35.13 -15.05 -3.50
N GLU D 782 -35.17 -15.99 -2.55
CA GLU D 782 -35.06 -17.41 -2.83
C GLU D 782 -36.07 -18.19 -2.02
N ILE D 783 -36.63 -19.23 -2.64
CA ILE D 783 -37.59 -20.12 -1.98
C ILE D 783 -37.13 -21.55 -2.19
N ASP D 784 -36.89 -22.28 -1.10
CA ASP D 784 -36.42 -23.66 -1.22
C ASP D 784 -37.55 -24.61 -1.54
N ALA D 785 -38.55 -24.69 -0.67
CA ALA D 785 -39.63 -25.64 -0.84
C ALA D 785 -40.85 -25.17 -0.05
N ALA D 786 -41.94 -25.94 -0.18
CA ALA D 786 -43.19 -25.64 0.48
C ALA D 786 -43.73 -26.91 1.12
N MET D 787 -44.67 -26.73 2.05
CA MET D 787 -45.26 -27.87 2.74
C MET D 787 -46.62 -27.46 3.28
N LEU D 788 -47.53 -28.43 3.34
CA LEU D 788 -48.88 -28.19 3.83
C LEU D 788 -49.30 -29.35 4.73
N THR D 789 -50.04 -29.02 5.78
CA THR D 789 -50.63 -29.99 6.69
C THR D 789 -52.14 -29.80 6.73
N SER D 790 -52.87 -30.91 6.68
CA SER D 790 -54.31 -30.92 6.65
C SER D 790 -54.88 -30.80 8.07
N THR D 791 -56.20 -30.65 8.13
CA THR D 791 -56.90 -30.58 9.41
C THR D 791 -56.99 -31.97 10.03
N ALA D 792 -57.61 -32.03 11.20
CA ALA D 792 -57.76 -33.30 11.90
C ALA D 792 -58.82 -34.16 11.22
N ASP D 793 -58.48 -35.43 10.99
CA ASP D 793 -59.39 -36.41 10.40
C ASP D 793 -59.91 -35.96 9.03
N THR D 794 -58.97 -35.60 8.16
CA THR D 794 -59.33 -35.24 6.80
C THR D 794 -59.85 -36.49 6.07
N PRO D 795 -60.85 -36.34 5.20
CA PRO D 795 -61.49 -37.52 4.59
C PRO D 795 -60.55 -38.40 3.79
N LEU D 796 -59.40 -37.87 3.35
CA LEU D 796 -58.45 -38.68 2.60
C LEU D 796 -57.80 -39.77 3.44
N CYS D 797 -57.96 -39.73 4.76
CA CYS D 797 -57.38 -40.74 5.64
C CYS D 797 -58.42 -41.61 6.34
N LEU D 798 -59.70 -41.29 6.23
CA LEU D 798 -60.72 -42.10 6.89
C LEU D 798 -60.85 -43.48 6.26
N GLN D 799 -60.74 -43.57 4.93
CA GLN D 799 -61.01 -44.83 4.25
C GLN D 799 -59.96 -45.88 4.53
N CYS D 800 -58.81 -45.49 5.08
CA CYS D 800 -57.68 -46.38 5.25
C CYS D 800 -57.42 -46.64 6.73
N LYS D 801 -57.15 -47.91 7.05
CA LYS D 801 -56.86 -48.34 8.40
C LYS D 801 -55.43 -48.00 8.80
N PRO D 802 -55.17 -47.79 10.09
CA PRO D 802 -53.80 -47.62 10.56
C PRO D 802 -53.16 -48.95 10.96
N LEU D 803 -51.83 -48.96 10.96
CA LEU D 803 -51.10 -50.13 11.41
C LEU D 803 -51.32 -50.39 12.89
N LYS D 804 -51.23 -51.65 13.28
CA LYS D 804 -51.38 -52.07 14.67
C LYS D 804 -50.05 -52.63 15.16
N TYR D 805 -50.00 -52.96 16.45
CA TYR D 805 -48.80 -53.51 17.05
C TYR D 805 -49.16 -54.64 18.00
N LYS D 806 -48.21 -55.55 18.19
CA LYS D 806 -48.35 -56.64 19.15
C LYS D 806 -47.13 -56.62 20.06
N VAL D 807 -47.38 -56.54 21.37
CA VAL D 807 -46.32 -56.48 22.36
C VAL D 807 -46.05 -57.89 22.87
N VAL D 808 -44.80 -58.32 22.78
CA VAL D 808 -44.38 -59.64 23.24
C VAL D 808 -43.34 -59.46 24.33
N ARG D 809 -43.49 -60.22 25.41
CA ARG D 809 -42.67 -60.09 26.61
C ARG D 809 -42.02 -61.43 26.95
N ASP D 810 -40.84 -61.33 27.55
CA ASP D 810 -40.16 -62.46 28.16
C ASP D 810 -40.11 -62.24 29.67
N PRO D 811 -40.84 -63.00 30.48
CA PRO D 811 -41.74 -64.12 30.12
C PRO D 811 -43.01 -63.63 29.41
N PRO D 812 -43.72 -64.50 28.70
CA PRO D 812 -44.93 -64.06 27.99
C PRO D 812 -46.00 -63.57 28.97
N LEU D 813 -47.01 -62.91 28.40
CA LEU D 813 -48.10 -62.37 29.20
C LEU D 813 -48.79 -63.48 29.97
N GLN D 814 -49.05 -63.23 31.25
CA GLN D 814 -49.68 -64.24 32.09
C GLN D 814 -51.06 -64.62 31.56
N MET D 815 -51.90 -63.63 31.31
CA MET D 815 -53.17 -63.89 30.64
C MET D 815 -52.93 -64.13 29.16
N ASP D 816 -53.81 -64.94 28.55
CA ASP D 816 -53.68 -65.25 27.13
C ASP D 816 -54.10 -64.05 26.30
N VAL D 817 -53.30 -62.98 26.36
CA VAL D 817 -53.62 -61.75 25.65
C VAL D 817 -53.02 -61.81 24.25
N ALA D 818 -53.82 -61.50 23.24
CA ALA D 818 -53.36 -61.36 21.87
C ALA D 818 -52.83 -59.97 21.58
N SER D 819 -52.41 -59.25 22.64
CA SER D 819 -51.95 -57.86 22.62
C SER D 819 -53.07 -56.88 22.33
N ILE D 820 -54.32 -57.35 22.19
CA ILE D 820 -55.52 -56.55 21.96
C ILE D 820 -55.29 -55.44 20.95
N LEU D 821 -54.34 -55.66 20.02
CA LEU D 821 -53.93 -54.67 19.02
C LEU D 821 -53.39 -53.40 19.68
N HIS D 822 -52.83 -52.51 18.88
CA HIS D 822 -52.28 -51.26 19.40
C HIS D 822 -52.45 -50.19 18.35
N LEU D 823 -53.30 -49.20 18.63
CA LEU D 823 -53.51 -48.07 17.74
C LEU D 823 -53.06 -46.75 18.33
N ASN D 824 -52.90 -46.66 19.65
CA ASN D 824 -52.41 -45.45 20.30
C ASN D 824 -50.90 -45.49 20.57
N ARG D 825 -50.23 -46.54 20.12
CA ARG D 825 -48.80 -46.74 20.40
C ARG D 825 -48.52 -46.74 21.89
N LYS D 826 -49.46 -47.28 22.67
CA LYS D 826 -49.40 -47.23 24.11
C LYS D 826 -50.01 -48.48 24.70
N PHE D 827 -49.42 -48.97 25.79
CA PHE D 827 -49.99 -50.10 26.51
C PHE D 827 -49.62 -49.99 27.98
N VAL D 828 -50.41 -50.66 28.82
CA VAL D 828 -50.12 -50.79 30.24
C VAL D 828 -50.17 -52.26 30.60
N ASP D 829 -49.12 -52.76 31.25
CA ASP D 829 -48.97 -54.17 31.55
C ASP D 829 -49.49 -54.43 32.96
N MET D 830 -50.65 -55.09 33.06
CA MET D 830 -51.17 -55.49 34.36
C MET D 830 -50.27 -56.53 35.01
N ASP D 831 -49.76 -57.47 34.23
CA ASP D 831 -48.94 -58.57 34.75
C ASP D 831 -47.58 -58.02 35.19
N LEU D 832 -47.40 -57.85 36.50
CA LEU D 832 -46.15 -57.37 37.06
C LEU D 832 -45.89 -58.05 38.40
N ASN D 833 -44.62 -58.22 38.71
CA ASN D 833 -44.18 -58.76 39.99
C ASN D 833 -42.96 -58.00 40.46
N LEU D 834 -42.92 -57.67 41.75
CA LEU D 834 -41.82 -56.89 42.29
C LEU D 834 -40.51 -57.66 42.18
N GLY D 835 -39.48 -56.98 41.69
CA GLY D 835 -38.17 -57.59 41.51
C GLY D 835 -38.04 -58.46 40.28
N SER D 836 -39.15 -58.88 39.67
CA SER D 836 -39.08 -59.72 38.49
C SER D 836 -38.53 -58.93 37.30
N VAL D 837 -37.73 -59.60 36.49
CA VAL D 837 -37.11 -58.99 35.31
C VAL D 837 -37.95 -59.34 34.09
N TYR D 838 -38.29 -58.33 33.29
CA TYR D 838 -39.09 -58.52 32.10
C TYR D 838 -38.40 -57.89 30.90
N GLN D 839 -38.45 -58.60 29.77
CA GLN D 839 -37.95 -58.09 28.50
C GLN D 839 -39.15 -57.77 27.61
N TYR D 840 -39.17 -56.56 27.06
CA TYR D 840 -40.30 -56.09 26.27
C TYR D 840 -39.88 -55.84 24.83
N TRP D 841 -40.74 -56.21 23.88
CA TRP D 841 -40.53 -55.81 22.50
C TRP D 841 -41.88 -55.79 21.80
N VAL D 842 -41.89 -55.20 20.60
CA VAL D 842 -43.14 -55.03 19.86
C VAL D 842 -42.90 -55.39 18.40
N ILE D 843 -43.97 -55.83 17.74
CA ILE D 843 -43.97 -56.16 16.33
C ILE D 843 -45.04 -55.32 15.64
N THR D 844 -44.66 -54.64 14.57
CA THR D 844 -45.56 -53.74 13.85
C THR D 844 -46.34 -54.55 12.81
N ILE D 845 -47.59 -54.85 13.11
CA ILE D 845 -48.44 -55.64 12.21
C ILE D 845 -49.22 -54.67 11.32
N SER D 846 -49.01 -54.78 10.01
CA SER D 846 -49.76 -54.00 9.03
C SER D 846 -50.87 -54.89 8.49
N GLY D 847 -51.91 -55.08 9.30
CA GLY D 847 -52.99 -55.96 8.92
C GLY D 847 -52.73 -57.39 9.32
N THR D 848 -52.27 -58.20 8.37
CA THR D 848 -51.87 -59.56 8.63
C THR D 848 -50.37 -59.79 8.52
N GLU D 849 -49.65 -58.91 7.84
CA GLU D 849 -48.22 -59.08 7.65
C GLU D 849 -47.46 -58.75 8.93
N GLU D 850 -46.27 -59.35 9.07
CA GLU D 850 -45.48 -59.29 10.29
C GLU D 850 -44.16 -58.57 10.02
N SER D 851 -43.80 -57.65 10.90
CA SER D 851 -42.56 -56.90 10.79
C SER D 851 -41.50 -57.46 11.74
N GLU D 852 -40.30 -56.90 11.63
CA GLU D 852 -39.22 -57.30 12.53
C GLU D 852 -39.56 -56.89 13.96
N PRO D 853 -39.39 -57.78 14.94
CA PRO D 853 -39.64 -57.39 16.33
C PRO D 853 -38.71 -56.29 16.77
N SER D 854 -39.22 -55.39 17.61
CA SER D 854 -38.43 -54.29 18.12
C SER D 854 -37.37 -54.81 19.09
N PRO D 855 -36.31 -54.04 19.33
CA PRO D 855 -35.33 -54.43 20.34
C PRO D 855 -35.98 -54.54 21.71
N ALA D 856 -35.54 -55.53 22.47
CA ALA D 856 -36.10 -55.77 23.79
C ALA D 856 -35.54 -54.77 24.81
N VAL D 857 -36.34 -54.50 25.84
CA VAL D 857 -35.95 -53.65 26.96
C VAL D 857 -36.07 -54.47 28.22
N THR D 858 -35.00 -54.49 29.01
CA THR D 858 -34.94 -55.24 30.26
C THR D 858 -35.27 -54.30 31.41
N TYR D 859 -36.33 -54.60 32.15
CA TYR D 859 -36.77 -53.77 33.25
C TYR D 859 -37.03 -54.62 34.48
N ILE D 860 -36.66 -54.10 35.65
CA ILE D 860 -36.92 -54.74 36.93
C ILE D 860 -37.95 -53.89 37.66
N HIS D 861 -39.06 -54.52 38.05
CA HIS D 861 -40.10 -53.80 38.76
C HIS D 861 -39.62 -53.32 40.11
N GLY D 862 -40.02 -52.11 40.48
CA GLY D 862 -39.55 -51.51 41.72
C GLY D 862 -38.06 -51.22 41.73
N SER D 863 -37.51 -50.83 40.58
CA SER D 863 -36.09 -50.53 40.45
C SER D 863 -35.92 -49.22 39.70
N GLY D 864 -34.82 -48.52 40.01
CA GLY D 864 -34.52 -47.26 39.37
C GLY D 864 -34.37 -47.37 37.87
N TYR D 865 -35.07 -46.51 37.13
CA TYR D 865 -35.04 -46.50 35.68
C TYR D 865 -34.88 -45.06 35.19
N CYS D 866 -34.40 -44.93 33.96
CA CYS D 866 -34.21 -43.61 33.35
C CYS D 866 -35.53 -42.86 33.25
N GLY D 867 -35.65 -41.76 33.98
CA GLY D 867 -36.86 -40.97 33.99
C GLY D 867 -37.63 -40.95 35.28
N ASP D 868 -37.07 -41.47 36.37
CA ASP D 868 -37.74 -41.49 37.66
C ASP D 868 -37.33 -40.33 38.56
N GLY D 869 -36.62 -39.35 38.03
CA GLY D 869 -36.14 -38.25 38.84
C GLY D 869 -34.92 -38.58 39.68
N ILE D 870 -34.38 -39.78 39.55
CA ILE D 870 -33.20 -40.21 40.31
C ILE D 870 -32.17 -40.71 39.31
N ILE D 871 -30.94 -40.22 39.42
CA ILE D 871 -29.87 -40.60 38.51
C ILE D 871 -29.38 -42.00 38.88
N GLN D 872 -29.64 -42.97 38.01
CA GLN D 872 -29.12 -44.32 38.17
C GLN D 872 -27.80 -44.41 37.39
N LYS D 873 -26.73 -43.97 38.05
CA LYS D 873 -25.43 -43.92 37.39
C LYS D 873 -24.97 -45.30 36.95
N ASP D 874 -25.41 -46.36 37.65
CA ASP D 874 -25.08 -47.71 37.23
C ASP D 874 -25.62 -48.00 35.82
N GLN D 875 -26.78 -47.45 35.50
CA GLN D 875 -27.36 -47.58 34.16
C GLN D 875 -26.78 -46.60 33.16
N GLY D 876 -25.66 -45.95 33.49
CA GLY D 876 -25.06 -44.97 32.61
C GLY D 876 -25.75 -43.63 32.59
N GLU D 877 -26.68 -43.38 33.51
CA GLU D 877 -27.41 -42.13 33.53
C GLU D 877 -26.49 -40.98 33.97
N GLN D 878 -26.54 -39.88 33.22
CA GLN D 878 -25.82 -38.67 33.58
C GLN D 878 -26.72 -37.58 34.15
N CYS D 879 -28.02 -37.67 33.91
CA CYS D 879 -29.00 -36.75 34.48
C CYS D 879 -30.35 -37.44 34.49
N ASP D 880 -31.27 -36.91 35.29
CA ASP D 880 -32.64 -37.41 35.33
C ASP D 880 -33.56 -36.23 35.55
N ASP D 881 -34.20 -35.76 34.49
CA ASP D 881 -35.20 -34.70 34.58
C ASP D 881 -36.58 -35.23 34.90
N MET D 882 -36.73 -36.54 35.08
CA MET D 882 -38.03 -37.19 35.22
C MET D 882 -38.92 -36.93 34.01
N ASN D 883 -38.31 -36.63 32.87
CA ASN D 883 -39.02 -36.25 31.66
C ASN D 883 -38.42 -36.95 30.46
N LYS D 884 -39.28 -37.33 29.51
CA LYS D 884 -38.87 -38.04 28.31
C LYS D 884 -38.73 -37.10 27.11
N ILE D 885 -38.33 -35.84 27.35
CA ILE D 885 -38.22 -34.84 26.30
C ILE D 885 -36.78 -34.36 26.25
N ASN D 886 -36.26 -34.23 25.03
CA ASN D 886 -34.96 -33.62 24.82
C ASN D 886 -35.10 -32.11 24.70
N GLY D 887 -33.99 -31.41 24.94
CA GLY D 887 -33.99 -29.96 24.89
C GLY D 887 -34.28 -29.27 26.21
N ASP D 888 -34.67 -30.03 27.24
CA ASP D 888 -34.89 -29.47 28.56
C ASP D 888 -33.66 -29.58 29.46
N GLY D 889 -32.49 -29.74 28.86
CA GLY D 889 -31.24 -29.90 29.59
C GLY D 889 -30.77 -31.34 29.68
N CYS D 890 -31.69 -32.28 29.88
CA CYS D 890 -31.39 -33.69 29.97
C CYS D 890 -31.94 -34.39 28.73
N SER D 891 -31.09 -35.15 28.05
CA SER D 891 -31.51 -35.82 26.82
C SER D 891 -32.53 -36.91 27.12
N LEU D 892 -33.00 -37.55 26.05
CA LEU D 892 -34.02 -38.58 26.19
C LEU D 892 -33.49 -39.79 26.96
N PHE D 893 -32.18 -40.03 26.92
CA PHE D 893 -31.62 -41.22 27.54
C PHE D 893 -30.69 -40.88 28.71
N CYS D 894 -31.12 -39.94 29.55
CA CYS D 894 -30.47 -39.67 30.84
C CYS D 894 -29.01 -39.26 30.65
N ARG D 895 -28.74 -38.45 29.63
CA ARG D 895 -27.40 -37.92 29.39
C ARG D 895 -27.51 -36.41 29.23
N GLN D 896 -26.62 -35.69 29.92
CA GLN D 896 -26.68 -34.23 29.89
C GLN D 896 -26.48 -33.71 28.47
N GLU D 897 -27.34 -32.77 28.08
CA GLU D 897 -27.21 -32.16 26.76
C GLU D 897 -26.00 -31.25 26.72
N VAL D 898 -25.52 -30.98 25.49
CA VAL D 898 -24.32 -30.18 25.32
C VAL D 898 -24.57 -28.75 25.82
N SER D 899 -23.51 -28.13 26.33
CA SER D 899 -23.49 -26.76 26.82
C SER D 899 -24.39 -26.54 28.04
N PHE D 900 -24.97 -27.61 28.59
CA PHE D 900 -25.87 -27.51 29.73
C PHE D 900 -25.30 -28.30 30.90
N ASN D 901 -25.52 -27.79 32.10
CA ASN D 901 -25.10 -28.45 33.34
C ASN D 901 -26.34 -28.80 34.15
N CYS D 902 -26.41 -30.04 34.62
CA CYS D 902 -27.55 -30.54 35.37
C CYS D 902 -27.09 -31.04 36.73
N ILE D 903 -27.89 -30.73 37.76
CA ILE D 903 -27.62 -31.14 39.13
C ILE D 903 -28.93 -31.65 39.73
N ASP D 904 -28.87 -32.02 41.02
CA ASP D 904 -30.04 -32.36 41.81
C ASP D 904 -30.71 -33.64 41.31
N GLU D 905 -31.68 -34.15 42.09
CA GLU D 905 -32.49 -35.30 41.70
C GLU D 905 -33.94 -34.96 42.02
N PRO D 906 -34.76 -34.62 41.02
CA PRO D 906 -34.49 -34.63 39.56
C PRO D 906 -33.46 -33.58 39.13
N SER D 907 -32.77 -33.84 38.04
CA SER D 907 -31.64 -33.02 37.62
C SER D 907 -32.15 -31.75 36.95
N ARG D 908 -32.28 -30.68 37.73
CA ARG D 908 -32.51 -29.37 37.15
C ARG D 908 -31.27 -28.94 36.37
N CYS D 909 -31.48 -28.40 35.18
CA CYS D 909 -30.41 -28.05 34.27
C CYS D 909 -30.39 -26.55 34.02
N TYR D 910 -29.24 -26.08 33.54
CA TYR D 910 -29.06 -24.65 33.26
C TYR D 910 -27.98 -24.49 32.20
N PHE D 911 -28.10 -23.43 31.42
CA PHE D 911 -27.09 -23.07 30.43
C PHE D 911 -25.90 -22.49 31.16
N HIS D 912 -24.89 -23.33 31.41
CA HIS D 912 -23.75 -22.89 32.21
C HIS D 912 -22.98 -21.79 31.52
N ASP D 913 -22.79 -21.89 30.20
CA ASP D 913 -22.04 -20.87 29.48
C ASP D 913 -22.84 -19.57 29.41
N GLY D 914 -22.17 -18.46 29.68
CA GLY D 914 -22.75 -17.14 29.53
C GLY D 914 -23.73 -16.73 30.61
N ASP D 915 -23.99 -17.56 31.60
CA ASP D 915 -24.95 -17.20 32.64
C ASP D 915 -24.38 -16.17 33.60
N GLY D 916 -23.06 -16.17 33.79
CA GLY D 916 -22.41 -15.25 34.70
C GLY D 916 -21.36 -15.91 35.58
N VAL D 917 -21.50 -17.21 35.80
CA VAL D 917 -20.56 -17.98 36.62
C VAL D 917 -19.50 -18.56 35.69
N CYS D 918 -18.29 -18.74 36.22
CA CYS D 918 -17.14 -19.22 35.47
C CYS D 918 -16.50 -20.39 36.20
N GLU D 919 -16.28 -21.49 35.49
CA GLU D 919 -15.63 -22.68 36.04
C GLU D 919 -14.47 -23.09 35.14
N GLU D 920 -13.91 -24.27 35.44
CA GLU D 920 -12.62 -24.66 34.87
C GLU D 920 -12.70 -24.87 33.36
N PHE D 921 -13.75 -25.56 32.88
CA PHE D 921 -13.83 -25.83 31.45
C PHE D 921 -14.43 -24.66 30.68
N GLU D 922 -15.02 -23.69 31.37
CA GLU D 922 -15.45 -22.47 30.71
C GLU D 922 -14.30 -21.51 30.45
N GLN D 923 -13.15 -21.73 31.09
CA GLN D 923 -12.04 -20.81 30.93
C GLN D 923 -11.63 -20.69 29.46
N LYS D 924 -11.42 -21.83 28.81
CA LYS D 924 -11.03 -21.84 27.40
C LYS D 924 -12.18 -21.60 26.45
N THR D 925 -13.43 -21.63 26.92
CA THR D 925 -14.59 -21.49 26.06
C THR D 925 -15.39 -20.22 26.34
N SER D 926 -15.82 -20.02 27.58
CA SER D 926 -16.74 -18.92 27.91
C SER D 926 -15.95 -17.63 28.08
N ILE D 927 -15.71 -16.96 26.96
CA ILE D 927 -15.13 -15.62 27.03
C ILE D 927 -16.12 -14.64 27.65
N LYS D 928 -17.42 -14.90 27.49
CA LYS D 928 -18.43 -14.05 28.13
C LYS D 928 -18.33 -14.11 29.65
N ASP D 929 -18.10 -15.30 30.19
CA ASP D 929 -18.01 -15.46 31.65
C ASP D 929 -16.57 -15.36 32.15
N CYS D 930 -15.66 -16.12 31.54
CA CYS D 930 -14.29 -16.24 32.04
C CYS D 930 -13.34 -15.27 31.36
N GLY D 931 -13.79 -14.49 30.40
CA GLY D 931 -12.90 -13.58 29.70
C GLY D 931 -12.00 -14.31 28.71
N VAL D 932 -11.08 -13.53 28.14
CA VAL D 932 -10.09 -14.06 27.21
C VAL D 932 -9.03 -14.76 28.05
N TYR D 933 -9.01 -16.10 27.99
CA TYR D 933 -8.23 -16.90 28.92
C TYR D 933 -6.73 -16.79 28.71
N THR D 934 -6.27 -16.14 27.64
CA THR D 934 -4.85 -15.93 27.45
C THR D 934 -4.29 -15.16 28.63
N PRO D 935 -3.16 -15.59 29.22
CA PRO D 935 -2.70 -15.01 30.49
C PRO D 935 -2.62 -13.49 30.47
N GLN D 936 -3.11 -12.88 31.56
CA GLN D 936 -3.71 -13.62 32.66
C GLN D 936 -5.21 -13.31 32.73
N GLY D 937 -5.98 -14.01 31.91
CA GLY D 937 -7.39 -13.72 31.76
C GLY D 937 -7.62 -12.40 31.07
N PHE D 938 -6.53 -11.77 30.61
CA PHE D 938 -6.53 -10.42 30.04
C PHE D 938 -7.33 -9.47 30.92
N LEU D 939 -6.82 -9.29 32.14
CA LEU D 939 -7.43 -8.34 33.08
C LEU D 939 -7.44 -6.94 32.47
N ASP D 940 -8.56 -6.24 32.63
CA ASP D 940 -8.79 -4.97 31.97
C ASP D 940 -8.78 -3.85 33.00
N GLN D 941 -7.78 -2.98 32.92
CA GLN D 941 -7.80 -1.75 33.69
C GLN D 941 -8.81 -0.78 33.08
N TRP D 942 -9.51 -0.05 33.94
CA TRP D 942 -10.51 0.89 33.47
C TRP D 942 -10.11 2.31 33.87
N ALA D 943 -10.74 3.27 33.21
CA ALA D 943 -10.35 4.67 33.36
C ALA D 943 -10.59 5.17 34.78
N SER D 944 -9.64 5.92 35.30
CA SER D 944 -9.79 6.63 36.57
C SER D 944 -9.99 8.12 36.39
N ASN D 945 -9.49 8.69 35.30
CA ASN D 945 -9.77 10.06 34.90
C ASN D 945 -10.11 10.07 33.42
N ALA D 946 -10.90 11.07 33.01
CA ALA D 946 -11.34 11.13 31.62
C ALA D 946 -11.61 12.59 31.25
N SER D 947 -10.72 13.15 30.43
CA SER D 947 -10.94 14.47 29.85
C SER D 947 -11.45 14.31 28.43
N VAL D 948 -12.46 15.11 28.09
CA VAL D 948 -13.13 15.01 26.79
C VAL D 948 -13.13 16.38 26.13
N SER D 949 -13.33 16.37 24.82
CA SER D 949 -13.33 17.61 24.05
C SER D 949 -14.48 18.53 24.47
N HIS D 950 -15.67 17.96 24.67
CA HIS D 950 -16.86 18.73 25.00
C HIS D 950 -17.46 18.16 26.29
N GLN D 951 -17.01 18.69 27.43
CA GLN D 951 -17.52 18.27 28.73
C GLN D 951 -18.62 19.21 29.19
N ASP D 952 -19.64 18.64 29.83
CA ASP D 952 -20.78 19.42 30.28
C ASP D 952 -21.42 18.73 31.48
N GLN D 953 -22.27 19.48 32.18
CA GLN D 953 -23.04 18.88 33.27
C GLN D 953 -23.99 17.83 32.74
N GLN D 954 -24.62 18.08 31.59
CA GLN D 954 -25.50 17.08 30.99
C GLN D 954 -24.71 15.87 30.50
N CYS D 955 -23.61 16.10 29.79
CA CYS D 955 -22.83 15.03 29.16
C CYS D 955 -21.39 15.14 29.62
N PRO D 956 -21.09 14.70 30.83
CA PRO D 956 -19.72 14.82 31.35
C PRO D 956 -18.80 13.74 30.81
N GLY D 957 -17.50 13.99 30.94
CA GLY D 957 -16.51 13.00 30.55
C GLY D 957 -16.20 11.97 31.60
N TRP D 958 -16.45 12.27 32.87
CA TRP D 958 -16.12 11.35 33.94
C TRP D 958 -17.00 10.11 33.95
N VAL D 959 -18.03 10.06 33.10
CA VAL D 959 -18.78 8.82 32.93
C VAL D 959 -17.89 7.77 32.27
N ILE D 960 -16.88 8.19 31.51
CA ILE D 960 -15.93 7.26 30.92
C ILE D 960 -15.07 6.62 32.02
N ILE D 961 -14.92 7.30 33.15
CA ILE D 961 -14.12 6.78 34.25
C ILE D 961 -14.70 5.46 34.73
N GLY D 962 -13.88 4.42 34.76
CA GLY D 962 -14.30 3.12 35.23
C GLY D 962 -15.08 2.34 34.20
N GLN D 963 -15.38 1.10 34.54
CA GLN D 963 -16.17 0.25 33.66
C GLN D 963 -17.63 0.71 33.69
N PRO D 964 -18.23 0.99 32.54
CA PRO D 964 -19.64 1.38 32.52
C PRO D 964 -20.54 0.16 32.75
N ALA D 965 -21.81 0.45 33.04
CA ALA D 965 -22.78 -0.60 33.28
C ALA D 965 -22.94 -1.48 32.06
N ALA D 966 -22.84 -2.80 32.25
CA ALA D 966 -22.99 -3.72 31.14
C ALA D 966 -24.43 -3.80 30.63
N SER D 967 -25.39 -3.29 31.41
CA SER D 967 -26.77 -3.22 30.95
C SER D 967 -26.93 -2.25 29.79
N GLN D 968 -25.99 -1.33 29.60
CA GLN D 968 -26.03 -0.46 28.43
C GLN D 968 -25.63 -1.26 27.18
N VAL D 969 -26.50 -1.22 26.17
CA VAL D 969 -26.30 -1.96 24.93
C VAL D 969 -26.25 -0.97 23.79
N CYS D 970 -25.36 -1.22 22.82
CA CYS D 970 -25.17 -0.30 21.71
C CYS D 970 -26.46 -0.10 20.94
N ARG D 971 -26.82 1.16 20.73
CA ARG D 971 -27.99 1.52 19.93
C ARG D 971 -27.54 1.81 18.50
N THR D 972 -28.11 1.09 17.54
CA THR D 972 -27.72 1.21 16.15
C THR D 972 -28.67 2.14 15.40
N LYS D 973 -28.10 2.98 14.55
CA LYS D 973 -28.86 3.90 13.69
C LYS D 973 -29.77 4.80 14.54
N VAL D 974 -29.14 5.59 15.40
CA VAL D 974 -29.86 6.47 16.31
C VAL D 974 -30.31 7.72 15.58
N ILE D 975 -31.58 8.07 15.73
CA ILE D 975 -32.08 9.33 15.17
C ILE D 975 -31.45 10.51 15.91
N ASP D 976 -31.47 10.46 17.24
CA ASP D 976 -30.85 11.49 18.07
C ASP D 976 -30.32 10.83 19.33
N LEU D 977 -29.39 11.51 19.98
CA LEU D 977 -28.78 11.01 21.21
C LEU D 977 -29.56 11.54 22.41
N SER D 978 -30.18 10.64 23.16
CA SER D 978 -30.97 11.03 24.31
C SER D 978 -30.08 11.54 25.44
N GLU D 979 -30.66 12.36 26.31
CA GLU D 979 -29.92 12.87 27.45
C GLU D 979 -29.57 11.76 28.45
N GLY D 980 -30.41 10.73 28.54
CA GLY D 980 -30.09 9.60 29.41
C GLY D 980 -28.83 8.88 28.98
N ILE D 981 -28.57 8.83 27.67
CA ILE D 981 -27.31 8.30 27.16
C ILE D 981 -26.13 9.06 27.76
N SER D 982 -26.30 10.36 27.97
CA SER D 982 -25.25 11.18 28.57
C SER D 982 -24.96 10.76 30.02
N GLN D 983 -25.90 10.07 30.67
CA GLN D 983 -25.66 9.63 32.04
C GLN D 983 -24.57 8.57 32.11
N HIS D 984 -24.51 7.67 31.13
CA HIS D 984 -23.51 6.62 31.12
C HIS D 984 -22.34 6.89 30.17
N ALA D 985 -22.59 7.55 29.04
CA ALA D 985 -21.58 7.77 28.03
C ALA D 985 -21.46 9.25 27.71
N TRP D 986 -20.25 9.67 27.34
CA TRP D 986 -19.99 11.04 26.93
C TRP D 986 -20.23 11.18 25.44
N TYR D 987 -21.05 12.15 25.06
CA TYR D 987 -21.24 12.53 23.67
C TYR D 987 -21.37 14.04 23.62
N PRO D 988 -21.03 14.66 22.49
CA PRO D 988 -21.04 16.13 22.42
C PRO D 988 -22.45 16.71 22.46
N CYS D 989 -23.05 16.72 23.65
CA CYS D 989 -24.35 17.38 23.83
C CYS D 989 -24.23 18.89 23.88
N THR D 990 -23.02 19.43 24.05
CA THR D 990 -22.83 20.87 24.08
C THR D 990 -23.06 21.48 22.70
N ILE D 991 -22.49 20.86 21.67
CA ILE D 991 -22.54 21.42 20.33
C ILE D 991 -23.95 21.32 19.77
N SER D 992 -24.31 22.28 18.92
CA SER D 992 -25.57 22.24 18.19
C SER D 992 -25.43 21.28 17.01
N TYR D 993 -26.36 21.34 16.08
CA TYR D 993 -26.36 20.44 14.92
C TYR D 993 -26.44 21.26 13.62
N PRO D 994 -25.37 21.99 13.28
CA PRO D 994 -25.31 22.59 11.94
C PRO D 994 -24.68 21.64 10.95
N TYR D 995 -25.40 21.32 9.86
CA TYR D 995 -24.92 20.32 8.92
C TYR D 995 -23.71 20.78 8.12
N SER D 996 -23.35 22.07 8.19
CA SER D 996 -22.17 22.58 7.53
C SER D 996 -20.94 22.59 8.42
N GLN D 997 -21.09 22.22 9.69
CA GLN D 997 -19.97 22.24 10.63
C GLN D 997 -19.89 21.02 11.54
N LEU D 998 -20.79 20.05 11.41
CA LEU D 998 -20.77 18.88 12.28
C LEU D 998 -19.64 17.91 11.95
N ALA D 999 -19.16 17.89 10.71
CA ALA D 999 -18.14 16.95 10.29
C ALA D 999 -16.72 17.43 10.55
N GLN D 1000 -16.55 18.68 11.00
CA GLN D 1000 -15.22 19.23 11.24
C GLN D 1000 -14.81 19.19 12.71
N THR D 1001 -15.76 19.32 13.64
CA THR D 1001 -15.42 19.32 15.06
C THR D 1001 -15.06 17.91 15.50
N THR D 1002 -13.76 17.59 15.51
CA THR D 1002 -13.29 16.26 15.86
C THR D 1002 -13.36 16.11 17.38
N PHE D 1003 -14.52 15.66 17.86
CA PHE D 1003 -14.69 15.38 19.27
C PHE D 1003 -13.75 14.27 19.71
N TRP D 1004 -13.05 14.49 20.82
CA TRP D 1004 -12.08 13.54 21.33
C TRP D 1004 -12.31 13.31 22.82
N LEU D 1005 -11.94 12.12 23.27
CA LEU D 1005 -11.96 11.77 24.68
C LEU D 1005 -10.61 11.20 25.06
N ARG D 1006 -10.07 11.66 26.19
CA ARG D 1006 -8.80 11.17 26.72
C ARG D 1006 -9.09 10.50 28.05
N ALA D 1007 -9.25 9.18 28.01
CA ALA D 1007 -9.52 8.40 29.21
C ALA D 1007 -8.19 8.07 29.88
N TYR D 1008 -7.93 8.72 31.02
CA TYR D 1008 -6.75 8.41 31.81
C TYR D 1008 -7.03 7.22 32.71
N PHE D 1009 -5.95 6.57 33.15
CA PHE D 1009 -6.06 5.34 33.92
C PHE D 1009 -5.39 5.49 35.28
N SER D 1010 -5.77 4.58 36.19
CA SER D 1010 -5.34 4.70 37.58
C SER D 1010 -3.82 4.66 37.70
N GLN D 1011 -3.18 3.74 36.98
CA GLN D 1011 -1.74 3.68 36.95
C GLN D 1011 -1.31 3.46 35.49
N PRO D 1012 -0.44 4.31 34.95
CA PRO D 1012 -0.07 4.23 33.54
C PRO D 1012 0.64 2.91 33.23
N MET D 1013 0.12 2.17 32.25
CA MET D 1013 0.74 0.91 31.87
C MET D 1013 0.32 0.55 30.46
N VAL D 1014 1.17 -0.24 29.79
CA VAL D 1014 0.90 -0.66 28.43
C VAL D 1014 -0.22 -1.69 28.42
N ALA D 1015 -0.98 -1.74 27.32
CA ALA D 1015 -2.04 -2.70 27.15
C ALA D 1015 -1.86 -3.48 25.85
N ALA D 1016 -2.13 -4.78 25.91
CA ALA D 1016 -2.11 -5.58 24.69
C ALA D 1016 -3.19 -5.14 23.72
N ALA D 1017 -4.37 -4.82 24.24
CA ALA D 1017 -5.47 -4.34 23.42
C ALA D 1017 -6.21 -3.24 24.18
N VAL D 1018 -7.01 -2.47 23.44
CA VAL D 1018 -7.81 -1.40 24.01
C VAL D 1018 -9.28 -1.73 23.75
N ILE D 1019 -10.08 -1.72 24.82
CA ILE D 1019 -11.50 -2.01 24.73
C ILE D 1019 -12.27 -0.71 24.87
N VAL D 1020 -13.14 -0.44 23.91
CA VAL D 1020 -13.94 0.78 23.87
C VAL D 1020 -15.41 0.38 24.00
N HIS D 1021 -16.08 0.93 25.00
CA HIS D 1021 -17.49 0.64 25.24
C HIS D 1021 -18.33 1.71 24.56
N LEU D 1022 -19.05 1.31 23.52
CA LEU D 1022 -19.83 2.24 22.70
C LEU D 1022 -21.30 2.11 23.06
N VAL D 1023 -21.85 3.12 23.73
CA VAL D 1023 -23.29 3.15 23.95
C VAL D 1023 -24.02 3.42 22.64
N THR D 1024 -23.51 4.36 21.84
CA THR D 1024 -24.01 4.60 20.49
C THR D 1024 -22.84 4.53 19.51
N ASP D 1025 -23.01 3.76 18.43
CA ASP D 1025 -21.95 3.64 17.44
C ASP D 1025 -21.76 4.94 16.65
N GLY D 1026 -22.72 5.86 16.72
CA GLY D 1026 -22.65 7.11 16.00
C GLY D 1026 -23.24 7.07 14.61
N THR D 1027 -23.60 5.89 14.11
CA THR D 1027 -24.20 5.79 12.78
C THR D 1027 -25.60 6.35 12.79
N TYR D 1028 -25.91 7.20 11.80
CA TYR D 1028 -27.24 7.76 11.68
C TYR D 1028 -28.17 6.77 10.96
N TYR D 1029 -29.47 6.88 11.25
CA TYR D 1029 -30.43 5.98 10.63
C TYR D 1029 -30.50 6.17 9.12
N GLY D 1030 -30.46 7.41 8.66
CA GLY D 1030 -30.53 7.71 7.25
C GLY D 1030 -29.22 7.64 6.50
N ASP D 1031 -28.13 7.29 7.17
CA ASP D 1031 -26.82 7.20 6.54
C ASP D 1031 -26.24 5.81 6.74
N GLN D 1032 -25.66 5.27 5.67
CA GLN D 1032 -25.02 3.97 5.71
C GLN D 1032 -23.56 4.04 6.17
N LYS D 1033 -23.05 5.25 6.40
CA LYS D 1033 -21.66 5.40 6.82
C LYS D 1033 -21.48 4.99 8.28
N GLN D 1034 -20.46 4.17 8.52
CA GLN D 1034 -20.05 3.82 9.88
C GLN D 1034 -18.92 4.76 10.30
N GLU D 1035 -19.07 5.38 11.47
CA GLU D 1035 -18.14 6.41 11.90
C GLU D 1035 -16.76 5.84 12.16
N THR D 1036 -15.74 6.65 11.83
CA THR D 1036 -14.35 6.27 12.01
C THR D 1036 -13.74 7.06 13.14
N ILE D 1037 -13.00 6.38 14.00
CA ILE D 1037 -12.35 7.00 15.17
C ILE D 1037 -10.85 6.83 15.03
N SER D 1038 -10.12 7.89 15.35
CA SER D 1038 -8.66 7.87 15.31
C SER D 1038 -8.15 7.51 16.70
N VAL D 1039 -7.92 6.23 16.93
CA VAL D 1039 -7.46 5.75 18.23
C VAL D 1039 -5.96 6.03 18.35
N GLN D 1040 -5.57 6.65 19.46
CA GLN D 1040 -4.18 6.96 19.78
C GLN D 1040 -3.91 6.56 21.22
N LEU D 1041 -2.67 6.17 21.49
CA LEU D 1041 -2.24 5.77 22.83
C LEU D 1041 -1.31 6.84 23.39
N LEU D 1042 -1.65 7.38 24.55
CA LEU D 1042 -0.83 8.38 25.23
C LEU D 1042 -0.10 7.70 26.38
N ASP D 1043 1.22 7.86 26.41
CA ASP D 1043 2.05 7.15 27.38
C ASP D 1043 2.45 8.07 28.53
N THR D 1044 3.31 7.53 29.40
CA THR D 1044 3.93 8.36 30.43
C THR D 1044 4.74 9.50 29.81
N LYS D 1045 5.33 9.26 28.64
CA LYS D 1045 6.03 10.28 27.89
C LYS D 1045 5.10 11.24 27.18
N ASP D 1046 3.79 11.02 27.29
CA ASP D 1046 2.72 11.84 26.71
C ASP D 1046 2.68 11.76 25.19
N GLN D 1047 3.52 10.92 24.58
CA GLN D 1047 3.49 10.77 23.13
C GLN D 1047 2.17 10.16 22.69
N SER D 1048 1.53 10.78 21.69
CA SER D 1048 0.25 10.31 21.18
C SER D 1048 0.52 9.27 20.11
N HIS D 1049 0.67 8.01 20.53
CA HIS D 1049 0.90 6.93 19.59
C HIS D 1049 -0.39 6.61 18.85
N ASP D 1050 -0.60 7.26 17.70
CA ASP D 1050 -1.82 7.11 16.93
C ASP D 1050 -1.86 5.72 16.31
N LEU D 1051 -2.67 4.83 16.89
CA LEU D 1051 -2.87 3.53 16.26
C LEU D 1051 -3.56 3.66 14.91
N GLY D 1052 -4.47 4.63 14.78
CA GLY D 1052 -5.02 4.94 13.48
C GLY D 1052 -6.54 4.94 13.42
N LEU D 1053 -7.09 4.94 12.21
CA LEU D 1053 -8.52 5.05 12.01
C LEU D 1053 -9.16 3.66 12.02
N HIS D 1054 -10.23 3.53 12.80
CA HIS D 1054 -10.97 2.28 12.93
C HIS D 1054 -12.46 2.54 12.76
N VAL D 1055 -13.14 1.57 12.18
CA VAL D 1055 -14.56 1.70 11.84
C VAL D 1055 -15.40 1.18 13.00
N LEU D 1056 -16.38 1.97 13.42
CA LEU D 1056 -17.25 1.62 14.53
C LEU D 1056 -18.42 0.77 14.07
N SER D 1057 -18.96 -0.02 14.99
CA SER D 1057 -20.13 -0.86 14.73
C SER D 1057 -20.69 -1.33 16.07
N CYS D 1058 -22.02 -1.33 16.18
CA CYS D 1058 -22.66 -1.82 17.39
C CYS D 1058 -22.45 -3.31 17.58
N ARG D 1059 -22.30 -4.06 16.49
CA ARG D 1059 -22.07 -5.50 16.59
C ARG D 1059 -20.76 -5.81 17.30
N ASN D 1060 -19.71 -5.05 16.99
CA ASN D 1060 -18.40 -5.25 17.58
C ASN D 1060 -18.25 -4.59 18.95
N ASN D 1061 -19.26 -3.84 19.39
CA ASN D 1061 -19.21 -3.18 20.70
C ASN D 1061 -19.26 -4.21 21.82
N PRO D 1062 -18.35 -4.16 22.80
CA PRO D 1062 -17.25 -3.20 22.94
C PRO D 1062 -16.09 -3.53 22.01
N LEU D 1063 -15.62 -2.56 21.24
CA LEU D 1063 -14.60 -2.82 20.23
C LEU D 1063 -13.25 -3.06 20.89
N ILE D 1064 -12.62 -4.17 20.53
CA ILE D 1064 -11.30 -4.55 21.05
C ILE D 1064 -10.30 -4.36 19.92
N ILE D 1065 -9.41 -3.40 20.08
CA ILE D 1065 -8.42 -3.05 19.06
C ILE D 1065 -7.05 -3.50 19.57
N PRO D 1066 -6.35 -4.37 18.85
CA PRO D 1066 -5.00 -4.77 19.28
C PRO D 1066 -4.02 -3.64 19.10
N VAL D 1067 -2.82 -3.84 19.65
CA VAL D 1067 -1.75 -2.85 19.62
C VAL D 1067 -0.61 -3.40 18.78
N VAL D 1068 -0.19 -2.64 17.78
CA VAL D 1068 0.93 -3.00 16.91
C VAL D 1068 1.92 -1.85 16.90
N HIS D 1069 3.19 -2.16 17.08
CA HIS D 1069 4.26 -1.17 17.14
C HIS D 1069 5.57 -1.90 16.82
N ASP D 1070 6.67 -1.16 16.79
CA ASP D 1070 7.99 -1.77 16.60
C ASP D 1070 8.41 -2.46 17.88
N LEU D 1071 8.62 -3.78 17.81
CA LEU D 1071 9.05 -4.54 18.98
C LEU D 1071 10.51 -4.30 19.32
N SER D 1072 11.31 -3.80 18.37
CA SER D 1072 12.68 -3.43 18.68
C SER D 1072 12.71 -2.29 19.70
N GLN D 1073 11.93 -1.25 19.46
CA GLN D 1073 11.79 -0.18 20.43
C GLN D 1073 11.03 -0.68 21.66
N PRO D 1074 11.33 -0.14 22.84
CA PRO D 1074 10.55 -0.50 24.03
C PRO D 1074 9.12 0.02 23.91
N PHE D 1075 8.26 -0.48 24.79
CA PHE D 1075 6.87 -0.07 24.78
C PHE D 1075 6.72 1.30 25.43
N TYR D 1076 5.50 1.71 25.72
CA TYR D 1076 5.25 3.02 26.31
C TYR D 1076 4.08 2.90 27.27
N HIS D 1077 4.33 3.11 28.55
CA HIS D 1077 3.31 2.91 29.59
C HIS D 1077 2.14 3.86 29.39
N SER D 1078 1.02 3.33 28.92
CA SER D 1078 -0.13 4.14 28.53
C SER D 1078 -0.80 4.73 29.77
N GLN D 1079 -0.69 6.05 29.93
CA GLN D 1079 -1.41 6.73 30.99
C GLN D 1079 -2.83 7.08 30.59
N ALA D 1080 -3.09 7.18 29.28
CA ALA D 1080 -4.40 7.56 28.80
C ALA D 1080 -4.57 7.05 27.37
N VAL D 1081 -5.83 6.95 26.96
CA VAL D 1081 -6.19 6.60 25.59
C VAL D 1081 -6.98 7.76 25.00
N ARG D 1082 -6.53 8.26 23.86
CA ARG D 1082 -7.21 9.34 23.15
C ARG D 1082 -7.95 8.75 21.95
N VAL D 1083 -9.25 8.98 21.91
CA VAL D 1083 -10.09 8.58 20.79
C VAL D 1083 -10.70 9.83 20.19
N SER D 1084 -10.44 10.08 18.91
CA SER D 1084 -10.91 11.26 18.22
C SER D 1084 -11.76 10.84 17.03
N PHE D 1085 -12.87 11.56 16.81
CA PHE D 1085 -13.80 11.21 15.75
C PHE D 1085 -14.50 12.47 15.27
N SER D 1086 -15.07 12.39 14.06
CA SER D 1086 -15.81 13.49 13.47
C SER D 1086 -17.32 13.29 13.57
N SER D 1087 -17.77 12.33 14.39
CA SER D 1087 -19.19 12.01 14.47
C SER D 1087 -19.78 12.59 15.75
N PRO D 1088 -20.73 13.52 15.66
CA PRO D 1088 -21.38 14.00 16.89
C PRO D 1088 -22.29 12.98 17.54
N LEU D 1089 -22.65 11.92 16.84
CA LEU D 1089 -23.56 10.90 17.36
C LEU D 1089 -22.85 9.79 18.12
N VAL D 1090 -21.53 9.86 18.25
CA VAL D 1090 -20.77 8.82 18.94
C VAL D 1090 -20.79 9.09 20.44
N ALA D 1091 -21.22 8.10 21.21
CA ALA D 1091 -21.20 8.16 22.67
C ALA D 1091 -20.42 6.97 23.19
N ILE D 1092 -19.39 7.24 24.00
CA ILE D 1092 -18.52 6.20 24.55
C ILE D 1092 -18.59 6.28 26.06
N SER D 1093 -18.85 5.14 26.71
CA SER D 1093 -19.07 5.08 28.14
C SER D 1093 -17.86 4.57 28.93
N GLY D 1094 -16.79 4.17 28.25
CA GLY D 1094 -15.63 3.66 28.95
C GLY D 1094 -14.56 3.09 28.05
N VAL D 1095 -13.30 3.26 28.44
CA VAL D 1095 -12.15 2.75 27.70
C VAL D 1095 -11.37 1.83 28.63
N ALA D 1096 -11.04 0.64 28.16
CA ALA D 1096 -10.36 -0.38 28.97
C ALA D 1096 -9.02 -0.72 28.36
N LEU D 1097 -7.98 -0.70 29.19
CA LEU D 1097 -6.66 -1.17 28.80
C LEU D 1097 -6.59 -2.67 29.08
N ARG D 1098 -6.46 -3.46 28.02
CA ARG D 1098 -6.33 -4.91 28.14
C ARG D 1098 -4.84 -5.22 28.10
N SER D 1099 -4.22 -5.33 29.28
CA SER D 1099 -2.78 -5.38 29.41
C SER D 1099 -2.24 -6.79 29.15
N PHE D 1100 -0.90 -6.90 29.13
CA PHE D 1100 -0.23 -8.17 28.98
C PHE D 1100 -0.33 -8.99 30.27
N ASP D 1101 0.33 -10.13 30.27
CA ASP D 1101 0.45 -10.91 31.50
C ASP D 1101 1.60 -10.40 32.37
N ASN D 1102 2.84 -10.53 31.87
CA ASN D 1102 3.99 -10.20 32.71
C ASN D 1102 5.15 -9.52 31.98
N PHE D 1103 4.99 -9.12 30.72
CA PHE D 1103 6.13 -8.63 29.94
C PHE D 1103 5.96 -7.15 29.60
N ASP D 1104 7.06 -6.39 29.76
CA ASP D 1104 7.11 -4.97 29.45
C ASP D 1104 8.55 -4.52 29.20
N PRO D 1105 8.98 -4.46 27.94
CA PRO D 1105 10.38 -4.09 27.65
C PRO D 1105 10.75 -2.66 28.01
N VAL D 1106 9.82 -1.83 28.48
CA VAL D 1106 10.11 -0.42 28.74
C VAL D 1106 11.21 -0.28 29.78
N THR D 1107 10.93 -0.73 31.01
CA THR D 1107 11.94 -0.70 32.06
C THR D 1107 12.83 -1.93 32.03
N LEU D 1108 12.39 -2.99 31.36
CA LEU D 1108 13.23 -4.16 31.16
C LEU D 1108 14.48 -3.81 30.38
N SER D 1109 14.38 -2.84 29.47
CA SER D 1109 15.52 -2.47 28.64
C SER D 1109 16.70 -1.99 29.48
N SER D 1110 16.44 -1.40 30.63
CA SER D 1110 17.48 -0.91 31.53
C SER D 1110 17.45 -1.74 32.81
N CYS D 1111 18.15 -2.87 32.79
CA CYS D 1111 18.33 -3.70 33.96
C CYS D 1111 19.78 -4.16 34.05
N GLN D 1112 20.25 -4.34 35.27
CA GLN D 1112 21.60 -4.80 35.53
C GLN D 1112 21.57 -5.91 36.57
N ARG D 1113 22.69 -6.63 36.67
CA ARG D 1113 22.79 -7.70 37.66
C ARG D 1113 22.76 -7.11 39.06
N GLY D 1114 21.90 -7.68 39.90
CA GLY D 1114 21.64 -7.16 41.22
C GLY D 1114 20.25 -6.58 41.40
N GLU D 1115 19.55 -6.30 40.30
CA GLU D 1115 18.19 -5.78 40.35
C GLU D 1115 17.28 -6.68 39.53
N THR D 1116 16.01 -6.74 39.94
CA THR D 1116 15.07 -7.69 39.38
C THR D 1116 14.00 -6.94 38.58
N TYR D 1117 13.05 -7.71 38.04
CA TYR D 1117 11.94 -7.17 37.28
C TYR D 1117 10.67 -7.88 37.70
N SER D 1118 9.71 -7.14 38.23
CA SER D 1118 8.48 -7.74 38.73
C SER D 1118 7.64 -8.23 37.57
N PRO D 1119 7.31 -9.52 37.50
CA PRO D 1119 6.51 -10.03 36.37
C PRO D 1119 5.14 -9.38 36.25
N ALA D 1120 4.32 -9.50 37.30
CA ALA D 1120 2.93 -9.09 37.20
C ALA D 1120 2.80 -7.60 36.93
N GLU D 1121 3.57 -6.78 37.64
CA GLU D 1121 3.48 -5.34 37.50
C GLU D 1121 4.36 -4.79 36.38
N GLN D 1122 5.28 -5.60 35.85
CA GLN D 1122 5.96 -5.32 34.59
C GLN D 1122 6.81 -4.04 34.66
N SER D 1123 7.75 -4.02 35.60
CA SER D 1123 8.77 -2.98 35.65
C SER D 1123 9.99 -3.50 36.41
N CYS D 1124 11.13 -2.87 36.13
CA CYS D 1124 12.43 -3.34 36.61
C CYS D 1124 12.91 -2.43 37.74
N VAL D 1125 13.14 -3.01 38.91
CA VAL D 1125 13.48 -2.26 40.12
C VAL D 1125 14.63 -2.96 40.83
N HIS D 1126 15.40 -2.17 41.58
CA HIS D 1126 16.48 -2.72 42.40
C HIS D 1126 15.92 -3.65 43.46
N PHE D 1127 16.68 -4.70 43.77
CA PHE D 1127 16.24 -5.73 44.69
C PHE D 1127 17.31 -6.02 45.73
N ALA D 1128 16.89 -6.57 46.87
CA ALA D 1128 17.78 -6.85 47.99
C ALA D 1128 18.32 -8.28 47.95
N CYS D 1129 17.43 -9.28 47.94
CA CYS D 1129 17.85 -10.67 47.90
C CYS D 1129 18.22 -11.12 46.49
N GLU D 1130 18.21 -12.45 46.30
CA GLU D 1130 18.49 -13.23 45.09
C GLU D 1130 20.00 -13.27 44.85
N LYS D 1131 20.40 -13.92 43.75
CA LYS D 1131 21.80 -14.17 43.40
C LYS D 1131 22.62 -14.65 44.60
N THR D 1132 22.31 -15.84 45.11
CA THR D 1132 23.09 -16.47 46.19
C THR D 1132 23.45 -17.91 45.80
N ASP D 1133 24.54 -18.08 45.03
CA ASP D 1133 25.06 -19.42 44.75
C ASP D 1133 26.53 -19.28 44.32
N CYS D 1134 27.45 -19.53 45.26
CA CYS D 1134 28.89 -19.54 44.97
C CYS D 1134 29.56 -20.79 45.49
N PRO D 1135 29.58 -21.87 44.71
CA PRO D 1135 30.50 -22.97 44.99
C PRO D 1135 31.90 -22.63 44.52
N GLU D 1136 32.83 -23.57 44.59
CA GLU D 1136 34.17 -23.31 44.08
C GLU D 1136 34.13 -23.07 42.57
N LEU D 1137 34.70 -21.94 42.15
CA LEU D 1137 34.67 -21.55 40.74
C LEU D 1137 35.75 -22.32 39.99
N ALA D 1138 35.33 -23.31 39.22
CA ALA D 1138 36.25 -24.14 38.43
C ALA D 1138 35.95 -23.91 36.95
N VAL D 1139 36.94 -23.42 36.22
CA VAL D 1139 36.83 -23.19 34.78
C VAL D 1139 37.99 -23.91 34.09
N GLU D 1140 37.68 -24.72 33.10
CA GLU D 1140 38.70 -25.50 32.41
C GLU D 1140 39.50 -24.61 31.47
N ASN D 1141 40.81 -24.91 31.36
CA ASN D 1141 41.70 -24.23 30.42
C ASN D 1141 41.67 -22.71 30.61
N ALA D 1142 41.63 -22.28 31.86
CA ALA D 1142 41.54 -20.85 32.17
C ALA D 1142 42.32 -20.55 33.44
N SER D 1143 42.74 -19.29 33.56
CA SER D 1143 43.42 -18.80 34.75
C SER D 1143 42.43 -18.02 35.60
N LEU D 1144 42.41 -18.30 36.90
CA LEU D 1144 41.46 -17.69 37.83
C LEU D 1144 42.23 -16.78 38.77
N ASN D 1145 42.15 -15.47 38.52
CA ASN D 1145 42.74 -14.46 39.40
C ASN D 1145 41.63 -14.01 40.35
N CYS D 1146 41.54 -14.64 41.50
CA CYS D 1146 40.48 -14.33 42.46
C CYS D 1146 40.87 -13.14 43.30
N SER D 1147 39.98 -12.14 43.36
CA SER D 1147 40.22 -10.98 44.20
C SER D 1147 40.29 -11.37 45.67
N SER D 1148 39.39 -12.26 46.10
CA SER D 1148 39.38 -12.79 47.45
C SER D 1148 39.29 -14.30 47.40
N SER D 1149 40.12 -14.98 48.20
CA SER D 1149 40.10 -16.44 48.22
C SER D 1149 38.76 -16.96 48.74
N ASP D 1150 38.21 -16.31 49.76
CA ASP D 1150 36.92 -16.71 50.31
C ASP D 1150 35.82 -16.46 49.30
N ARG D 1151 34.80 -17.32 49.32
CA ARG D 1151 33.68 -17.27 48.40
C ARG D 1151 32.45 -16.59 49.01
N TYR D 1152 32.66 -15.57 49.83
CA TYR D 1152 31.56 -14.88 50.49
C TYR D 1152 30.84 -13.97 49.50
N HIS D 1153 29.90 -13.18 49.99
CA HIS D 1153 29.11 -12.31 49.14
C HIS D 1153 29.94 -11.11 48.68
N GLY D 1154 30.11 -10.98 47.37
CA GLY D 1154 30.93 -9.93 46.80
C GLY D 1154 32.29 -10.37 46.33
N ALA D 1155 32.61 -11.66 46.40
CA ALA D 1155 33.92 -12.14 45.96
C ALA D 1155 34.02 -12.07 44.43
N GLN D 1156 35.14 -11.56 43.95
CA GLN D 1156 35.39 -11.42 42.52
C GLN D 1156 36.53 -12.34 42.10
N CYS D 1157 36.38 -12.95 40.93
CA CYS D 1157 37.43 -13.77 40.33
C CYS D 1157 37.43 -13.52 38.83
N THR D 1158 38.56 -13.08 38.30
CA THR D 1158 38.72 -12.86 36.87
C THR D 1158 39.13 -14.17 36.21
N VAL D 1159 38.26 -14.71 35.36
CA VAL D 1159 38.57 -15.89 34.57
C VAL D 1159 39.11 -15.43 33.23
N SER D 1160 40.30 -15.89 32.88
CA SER D 1160 40.98 -15.49 31.64
C SER D 1160 41.27 -16.73 30.83
N CYS D 1161 40.81 -16.74 29.58
CA CYS D 1161 41.14 -17.86 28.68
C CYS D 1161 42.60 -17.80 28.29
N ARG D 1162 43.22 -18.98 28.22
CA ARG D 1162 44.64 -19.08 27.93
C ARG D 1162 44.87 -18.99 26.42
N THR D 1163 46.10 -19.32 25.99
CA THR D 1163 46.46 -19.22 24.59
C THR D 1163 45.58 -20.11 23.72
N GLY D 1164 45.05 -19.54 22.65
CA GLY D 1164 44.20 -20.29 21.73
C GLY D 1164 42.89 -20.74 22.35
N TYR D 1165 42.23 -19.87 23.12
CA TYR D 1165 40.99 -20.21 23.78
C TYR D 1165 39.98 -19.08 23.61
N VAL D 1166 38.72 -19.46 23.39
CA VAL D 1166 37.62 -18.53 23.22
C VAL D 1166 36.75 -18.59 24.46
N LEU D 1167 36.42 -17.42 25.00
CA LEU D 1167 35.65 -17.32 26.24
C LEU D 1167 34.17 -17.41 25.91
N GLN D 1168 33.55 -18.54 26.24
CA GLN D 1168 32.11 -18.72 26.08
C GLN D 1168 31.44 -18.48 27.43
N ILE D 1169 30.49 -17.55 27.45
CA ILE D 1169 29.79 -17.17 28.66
C ILE D 1169 28.41 -17.81 28.62
N ARG D 1170 28.22 -18.84 29.45
CA ARG D 1170 26.93 -19.47 29.65
C ARG D 1170 26.33 -18.94 30.94
N ARG D 1171 25.16 -18.33 30.83
CA ARG D 1171 24.38 -17.90 31.98
C ARG D 1171 23.19 -18.86 32.16
N ASP D 1172 22.28 -18.48 33.06
CA ASP D 1172 21.20 -19.38 33.46
C ASP D 1172 20.16 -19.66 32.37
N ASP D 1173 20.20 -18.95 31.25
CA ASP D 1173 19.20 -19.16 30.20
C ASP D 1173 19.90 -19.22 28.85
N GLU D 1174 19.09 -19.20 27.78
CA GLU D 1174 19.55 -19.50 26.43
C GLU D 1174 20.23 -18.30 25.77
N LEU D 1175 21.32 -17.85 26.38
CA LEU D 1175 22.13 -16.76 25.83
C LEU D 1175 23.60 -17.07 26.08
N ILE D 1176 24.25 -17.69 25.09
CA ILE D 1176 25.70 -17.88 25.11
C ILE D 1176 26.30 -16.72 24.34
N LYS D 1177 26.97 -15.82 25.06
CA LYS D 1177 27.57 -14.63 24.47
C LYS D 1177 29.09 -14.74 24.63
N SER D 1178 29.77 -15.05 23.53
CA SER D 1178 31.23 -15.14 23.54
C SER D 1178 31.84 -13.75 23.58
N GLN D 1179 32.18 -13.28 24.79
CA GLN D 1179 32.75 -11.94 24.92
C GLN D 1179 34.11 -11.86 24.24
N THR D 1180 34.36 -10.72 23.59
CA THR D 1180 35.63 -10.53 22.88
C THR D 1180 36.80 -10.56 23.85
N GLY D 1181 36.66 -9.92 25.01
CA GLY D 1181 37.69 -9.93 26.02
C GLY D 1181 37.94 -11.32 26.56
N PRO D 1182 39.19 -11.78 26.46
CA PRO D 1182 39.51 -13.13 26.98
C PRO D 1182 39.34 -13.25 28.48
N SER D 1183 39.36 -12.15 29.22
CA SER D 1183 39.24 -12.16 30.66
C SER D 1183 37.96 -11.44 31.09
N VAL D 1184 37.17 -12.09 31.92
CA VAL D 1184 35.97 -11.48 32.50
C VAL D 1184 35.94 -11.78 33.99
N THR D 1185 35.56 -10.78 34.79
CA THR D 1185 35.55 -10.91 36.24
C THR D 1185 34.15 -11.29 36.69
N VAL D 1186 33.97 -12.56 37.07
CA VAL D 1186 32.72 -13.02 37.65
C VAL D 1186 32.73 -12.72 39.14
N THR D 1187 31.69 -12.05 39.61
CA THR D 1187 31.62 -11.59 40.99
C THR D 1187 30.56 -12.38 41.75
N CYS D 1188 30.90 -12.77 42.98
CA CYS D 1188 29.92 -13.38 43.87
C CYS D 1188 28.97 -12.31 44.39
N THR D 1189 28.23 -11.66 43.49
CA THR D 1189 27.32 -10.60 43.87
C THR D 1189 26.26 -11.14 44.82
N GLU D 1190 26.35 -10.75 46.09
CA GLU D 1190 25.52 -11.32 47.15
C GLU D 1190 25.64 -12.84 47.18
N GLY D 1191 26.81 -13.33 46.78
CA GLY D 1191 27.11 -14.76 46.86
C GLY D 1191 26.65 -15.60 45.69
N LYS D 1192 26.68 -15.06 44.47
CA LYS D 1192 26.41 -15.85 43.27
C LYS D 1192 27.34 -15.40 42.16
N TRP D 1193 28.02 -16.36 41.52
CA TRP D 1193 28.76 -16.07 40.30
C TRP D 1193 27.76 -15.62 39.23
N ASN D 1194 27.80 -14.34 38.88
CA ASN D 1194 26.79 -13.79 37.97
C ASN D 1194 26.85 -14.41 36.59
N LYS D 1195 27.99 -14.96 36.18
CA LYS D 1195 28.13 -15.60 34.89
C LYS D 1195 28.87 -16.93 35.05
N GLN D 1196 28.50 -17.89 34.22
CA GLN D 1196 29.29 -19.11 34.06
C GLN D 1196 30.18 -18.94 32.83
N VAL D 1197 31.43 -19.36 32.94
CA VAL D 1197 32.39 -19.13 31.87
C VAL D 1197 33.12 -20.42 31.53
N ALA D 1198 33.56 -20.52 30.28
CA ALA D 1198 34.33 -21.66 29.82
C ALA D 1198 35.26 -21.21 28.71
N CYS D 1199 36.30 -22.00 28.46
CA CYS D 1199 37.25 -21.75 27.39
C CYS D 1199 37.18 -22.87 26.37
N GLU D 1200 36.97 -22.52 25.11
CA GLU D 1200 36.92 -23.48 24.01
C GLU D 1200 38.17 -23.39 23.17
N PRO D 1201 38.62 -24.50 22.58
CA PRO D 1201 39.83 -24.45 21.73
C PRO D 1201 39.60 -23.71 20.43
N VAL D 1202 40.65 -23.58 19.63
CA VAL D 1202 40.59 -22.86 18.36
C VAL D 1202 41.14 -23.75 17.26
N ASP D 1203 40.78 -23.40 16.02
CA ASP D 1203 41.24 -24.12 14.84
C ASP D 1203 41.67 -23.14 13.77
N CYS D 1204 42.55 -23.60 12.89
CA CYS D 1204 43.06 -22.79 11.80
C CYS D 1204 42.40 -23.12 10.47
N SER D 1205 41.31 -23.89 10.49
CA SER D 1205 40.58 -24.31 9.29
C SER D 1205 41.46 -25.17 8.38
N ILE D 1206 40.87 -25.74 7.34
CA ILE D 1206 41.64 -26.60 6.43
C ILE D 1206 42.52 -25.73 5.55
N PRO D 1207 43.76 -26.15 5.26
CA PRO D 1207 44.58 -25.40 4.31
C PRO D 1207 44.15 -25.69 2.88
N ASP D 1208 43.94 -24.63 2.10
CA ASP D 1208 43.51 -24.73 0.72
C ASP D 1208 44.69 -24.43 -0.21
N HIS D 1209 44.40 -24.40 -1.51
CA HIS D 1209 45.46 -24.24 -2.50
C HIS D 1209 46.20 -22.92 -2.35
N HIS D 1210 45.55 -21.91 -1.76
CA HIS D 1210 46.24 -20.64 -1.49
C HIS D 1210 47.42 -20.84 -0.54
N GLN D 1211 47.30 -21.78 0.40
CA GLN D 1211 48.42 -22.05 1.31
C GLN D 1211 49.61 -22.62 0.54
N VAL D 1212 49.39 -23.68 -0.24
CA VAL D 1212 50.41 -24.24 -1.11
C VAL D 1212 49.75 -24.56 -2.45
N TYR D 1213 50.29 -23.98 -3.52
CA TYR D 1213 49.74 -24.20 -4.85
C TYR D 1213 50.15 -25.56 -5.39
N ALA D 1214 49.30 -26.12 -6.24
CA ALA D 1214 49.54 -27.41 -6.89
C ALA D 1214 49.82 -28.51 -5.86
N ALA D 1215 49.03 -28.54 -4.80
CA ALA D 1215 49.20 -29.51 -3.73
C ALA D 1215 47.85 -29.94 -3.18
N SER D 1216 47.81 -31.14 -2.63
CA SER D 1216 46.64 -31.67 -1.95
C SER D 1216 46.95 -31.79 -0.46
N PHE D 1217 46.01 -31.33 0.37
CA PHE D 1217 46.23 -31.20 1.80
C PHE D 1217 45.51 -32.32 2.55
N SER D 1218 46.24 -33.01 3.42
CA SER D 1218 45.69 -34.07 4.26
C SER D 1218 45.83 -33.67 5.72
N CYS D 1219 44.75 -33.84 6.47
CA CYS D 1219 44.69 -33.45 7.89
C CYS D 1219 44.19 -34.65 8.69
N PRO D 1220 45.09 -35.60 8.99
CA PRO D 1220 44.65 -36.78 9.76
C PRO D 1220 44.11 -36.45 11.13
N GLU D 1221 44.65 -35.44 11.80
CA GLU D 1221 44.21 -35.06 13.13
C GLU D 1221 43.33 -33.82 13.13
N GLY D 1222 42.88 -33.36 11.96
CA GLY D 1222 42.02 -32.20 11.89
C GLY D 1222 42.80 -30.90 11.82
N THR D 1223 42.12 -29.82 12.19
CA THR D 1223 42.69 -28.48 12.18
C THR D 1223 42.65 -27.80 13.54
N THR D 1224 42.26 -28.51 14.59
CA THR D 1224 42.20 -27.92 15.92
C THR D 1224 43.60 -27.56 16.41
N PHE D 1225 43.66 -26.64 17.37
CA PHE D 1225 44.90 -26.08 17.87
C PHE D 1225 45.92 -27.18 18.20
N GLY D 1226 47.09 -27.08 17.56
CA GLY D 1226 48.14 -28.07 17.69
C GLY D 1226 48.26 -29.01 16.52
N SER D 1227 47.29 -28.99 15.59
CA SER D 1227 47.32 -29.91 14.46
C SER D 1227 48.39 -29.50 13.45
N GLN D 1228 48.81 -30.48 12.65
CA GLN D 1228 49.75 -30.26 11.56
C GLN D 1228 49.24 -30.98 10.33
N CYS D 1229 48.97 -30.24 9.26
CA CYS D 1229 48.45 -30.81 8.03
C CYS D 1229 49.56 -30.93 6.99
N SER D 1230 49.57 -32.04 6.26
CA SER D 1230 50.63 -32.32 5.30
C SER D 1230 50.13 -32.09 3.88
N PHE D 1231 50.88 -31.29 3.12
CA PHE D 1231 50.56 -31.06 1.73
C PHE D 1231 51.47 -31.90 0.84
N GLN D 1232 50.86 -32.58 -0.12
CA GLN D 1232 51.56 -33.44 -1.06
C GLN D 1232 51.49 -32.83 -2.44
N CYS D 1233 52.63 -32.73 -3.11
CA CYS D 1233 52.74 -32.06 -4.39
C CYS D 1233 52.13 -32.93 -5.48
N ARG D 1234 50.93 -32.56 -5.92
CA ARG D 1234 50.30 -33.26 -7.03
C ARG D 1234 51.14 -33.08 -8.29
N HIS D 1235 51.34 -34.18 -9.02
CA HIS D 1235 52.22 -34.14 -10.18
C HIS D 1235 51.70 -33.15 -11.22
N PRO D 1236 52.60 -32.45 -11.93
CA PRO D 1236 54.06 -32.62 -11.92
C PRO D 1236 54.78 -31.85 -10.82
N ALA D 1237 54.07 -31.28 -9.85
CA ALA D 1237 54.72 -30.56 -8.78
C ALA D 1237 55.55 -31.49 -7.90
N GLN D 1238 56.66 -30.97 -7.39
CA GLN D 1238 57.59 -31.71 -6.58
C GLN D 1238 57.90 -30.92 -5.32
N LEU D 1239 58.22 -31.64 -4.24
CA LEU D 1239 58.52 -31.01 -2.96
C LEU D 1239 59.93 -30.44 -2.97
N LYS D 1240 60.05 -29.17 -2.58
CA LYS D 1240 61.35 -28.52 -2.45
C LYS D 1240 61.35 -27.76 -1.13
N GLY D 1241 62.11 -28.24 -0.16
CA GLY D 1241 62.13 -27.59 1.15
C GLY D 1241 62.58 -28.56 2.23
N ASN D 1242 62.08 -28.32 3.43
CA ASN D 1242 62.46 -29.09 4.60
C ASN D 1242 61.32 -29.89 5.22
N ASN D 1243 60.10 -29.35 5.26
CA ASN D 1243 58.99 -30.03 5.90
C ASN D 1243 57.70 -29.72 5.16
N SER D 1244 56.82 -30.70 5.07
CA SER D 1244 55.50 -30.54 4.48
C SER D 1244 54.39 -30.45 5.52
N LEU D 1245 54.72 -30.56 6.80
CA LEU D 1245 53.73 -30.51 7.87
C LEU D 1245 53.58 -29.07 8.34
N LEU D 1246 52.54 -28.40 7.85
CA LEU D 1246 52.24 -27.04 8.27
C LEU D 1246 51.51 -27.08 9.61
N THR D 1247 52.00 -26.29 10.56
CA THR D 1247 51.52 -26.31 11.94
C THR D 1247 50.47 -25.23 12.15
N CYS D 1248 49.49 -25.54 13.00
CA CYS D 1248 48.42 -24.61 13.34
C CYS D 1248 48.73 -23.96 14.68
N MET D 1249 48.66 -22.63 14.73
CA MET D 1249 48.90 -21.89 15.95
C MET D 1249 47.57 -21.42 16.56
N GLU D 1250 47.66 -20.61 17.60
CA GLU D 1250 46.49 -20.04 18.24
C GLU D 1250 45.85 -18.93 17.42
N ASP D 1251 46.53 -18.43 16.38
CA ASP D 1251 46.03 -17.32 15.59
C ASP D 1251 44.88 -17.71 14.68
N GLY D 1252 44.54 -19.00 14.60
CA GLY D 1252 43.58 -19.43 13.60
C GLY D 1252 44.16 -19.46 12.20
N LEU D 1253 45.47 -19.66 12.08
CA LEU D 1253 46.14 -19.59 10.79
C LEU D 1253 47.37 -20.48 10.85
N TRP D 1254 47.71 -21.08 9.71
CA TRP D 1254 48.70 -22.14 9.66
C TRP D 1254 50.12 -21.56 9.59
N SER D 1255 51.10 -22.45 9.77
CA SER D 1255 52.49 -22.05 9.84
C SER D 1255 53.03 -21.67 8.46
N PHE D 1256 54.25 -21.16 8.45
CA PHE D 1256 54.91 -20.81 7.21
C PHE D 1256 55.19 -22.07 6.40
N PRO D 1257 55.18 -21.98 5.07
CA PRO D 1257 55.47 -23.16 4.24
C PRO D 1257 56.94 -23.54 4.29
N GLU D 1258 57.25 -24.64 5.00
CA GLU D 1258 58.62 -25.15 5.04
C GLU D 1258 59.03 -25.81 3.73
N ALA D 1259 58.09 -26.04 2.82
CA ALA D 1259 58.39 -26.61 1.52
C ALA D 1259 57.44 -26.03 0.49
N LEU D 1260 57.82 -26.17 -0.77
CA LEU D 1260 57.05 -25.67 -1.90
C LEU D 1260 56.78 -26.81 -2.87
N CYS D 1261 55.69 -26.67 -3.63
CA CYS D 1261 55.31 -27.64 -4.65
C CYS D 1261 55.58 -27.01 -6.01
N GLU D 1262 56.79 -27.23 -6.52
CA GLU D 1262 57.19 -26.64 -7.79
C GLU D 1262 56.55 -27.39 -8.95
N LEU D 1263 55.95 -26.65 -9.88
CA LEU D 1263 55.31 -27.23 -11.05
C LEU D 1263 56.17 -26.94 -12.27
N MET D 1264 56.86 -27.97 -12.77
CA MET D 1264 57.64 -27.84 -13.99
C MET D 1264 57.07 -28.76 -15.06
N CYS D 1265 57.13 -28.30 -16.30
CA CYS D 1265 56.80 -29.16 -17.43
C CYS D 1265 57.99 -30.06 -17.73
N LEU D 1266 57.70 -31.31 -18.05
CA LEU D 1266 58.74 -32.27 -18.37
C LEU D 1266 59.38 -31.91 -19.71
N ALA D 1267 60.34 -32.72 -20.14
CA ALA D 1267 60.98 -32.49 -21.43
C ALA D 1267 59.94 -32.58 -22.54
N PRO D 1268 59.78 -31.55 -23.36
CA PRO D 1268 58.74 -31.57 -24.38
C PRO D 1268 58.97 -32.70 -25.37
N PRO D 1269 57.90 -33.37 -25.81
CA PRO D 1269 58.05 -34.42 -26.82
C PRO D 1269 58.60 -33.85 -28.11
N PRO D 1270 59.46 -34.60 -28.81
CA PRO D 1270 59.98 -34.12 -30.09
C PRO D 1270 58.85 -33.92 -31.10
N VAL D 1271 58.70 -32.67 -31.54
CA VAL D 1271 57.67 -32.36 -32.53
C VAL D 1271 57.96 -33.13 -33.81
N PRO D 1272 56.98 -33.83 -34.40
CA PRO D 1272 57.27 -34.62 -35.60
C PRO D 1272 57.81 -33.76 -36.72
N ASN D 1273 58.83 -34.28 -37.41
CA ASN D 1273 59.51 -33.58 -38.50
C ASN D 1273 60.06 -32.22 -38.05
N ALA D 1274 60.55 -32.16 -36.81
CA ALA D 1274 61.12 -30.95 -36.28
C ALA D 1274 62.12 -31.31 -35.20
N ASP D 1275 63.18 -30.51 -35.09
CA ASP D 1275 64.24 -30.73 -34.11
C ASP D 1275 64.24 -29.59 -33.09
N LEU D 1276 64.41 -29.94 -31.82
CA LEU D 1276 64.43 -28.96 -30.75
C LEU D 1276 65.71 -28.13 -30.83
N GLN D 1277 65.56 -26.81 -30.90
CA GLN D 1277 66.71 -25.91 -30.98
C GLN D 1277 67.20 -25.44 -29.62
N THR D 1278 66.39 -25.60 -28.57
CA THR D 1278 66.76 -25.14 -27.24
C THR D 1278 67.47 -26.27 -26.51
N ALA D 1279 68.76 -26.08 -26.21
CA ALA D 1279 69.55 -27.13 -25.58
C ALA D 1279 69.07 -27.40 -24.15
N ARG D 1280 68.71 -26.35 -23.42
CA ARG D 1280 68.31 -26.53 -22.02
C ARG D 1280 67.00 -27.32 -21.89
N CYS D 1281 66.23 -27.43 -22.97
CA CYS D 1281 64.91 -28.04 -22.89
C CYS D 1281 64.93 -29.56 -22.90
N ARG D 1282 66.11 -30.18 -23.08
CA ARG D 1282 66.20 -31.63 -22.95
C ARG D 1282 65.94 -32.10 -21.52
N GLU D 1283 66.08 -31.20 -20.54
CA GLU D 1283 65.80 -31.55 -19.16
C GLU D 1283 64.29 -31.61 -18.92
N ASN D 1284 63.92 -32.20 -17.79
CA ASN D 1284 62.53 -32.21 -17.34
C ASN D 1284 62.22 -31.06 -16.39
N LYS D 1285 63.20 -30.24 -16.05
CA LYS D 1285 63.03 -29.12 -15.13
C LYS D 1285 62.79 -27.86 -15.96
N HIS D 1286 61.52 -27.52 -16.17
CA HIS D 1286 61.13 -26.34 -16.95
C HIS D 1286 59.96 -25.66 -16.24
N LYS D 1287 60.25 -24.57 -15.55
CA LYS D 1287 59.24 -23.86 -14.78
C LYS D 1287 58.11 -23.37 -15.69
N VAL D 1288 56.99 -22.99 -15.05
CA VAL D 1288 55.83 -22.52 -15.80
C VAL D 1288 56.22 -21.30 -16.62
N GLY D 1289 56.05 -21.38 -17.94
CA GLY D 1289 56.46 -20.33 -18.84
C GLY D 1289 57.76 -20.58 -19.56
N SER D 1290 58.42 -21.70 -19.31
CA SER D 1290 59.67 -22.01 -20.02
C SER D 1290 59.38 -22.23 -21.49
N PHE D 1291 60.30 -21.77 -22.34
CA PHE D 1291 60.12 -21.80 -23.79
C PHE D 1291 61.15 -22.73 -24.42
N CYS D 1292 60.69 -23.48 -25.43
CA CYS D 1292 61.55 -24.38 -26.21
C CYS D 1292 61.33 -24.07 -27.67
N LYS D 1293 62.42 -23.76 -28.38
CA LYS D 1293 62.34 -23.44 -29.80
C LYS D 1293 62.58 -24.69 -30.63
N TYR D 1294 61.66 -24.96 -31.56
CA TYR D 1294 61.78 -26.07 -32.49
C TYR D 1294 61.96 -25.51 -33.90
N LYS D 1295 62.65 -26.27 -34.74
CA LYS D 1295 62.84 -25.92 -36.14
C LYS D 1295 62.27 -27.05 -37.00
N CYS D 1296 61.43 -26.69 -37.96
CA CYS D 1296 60.90 -27.67 -38.89
C CYS D 1296 62.04 -28.22 -39.75
N LYS D 1297 62.01 -29.54 -39.99
CA LYS D 1297 63.04 -30.17 -40.78
C LYS D 1297 62.98 -29.68 -42.22
N PRO D 1298 64.08 -29.79 -42.97
CA PRO D 1298 64.08 -29.32 -44.36
C PRO D 1298 62.98 -29.99 -45.17
N GLY D 1299 62.31 -29.18 -45.99
CA GLY D 1299 61.12 -29.62 -46.68
C GLY D 1299 59.84 -29.55 -45.87
N TYR D 1300 59.90 -28.95 -44.68
CA TYR D 1300 58.74 -28.82 -43.81
C TYR D 1300 58.67 -27.40 -43.25
N HIS D 1301 57.46 -26.98 -42.90
CA HIS D 1301 57.25 -25.67 -42.31
C HIS D 1301 56.07 -25.73 -41.37
N VAL D 1302 55.97 -24.72 -40.50
CA VAL D 1302 54.88 -24.68 -39.51
C VAL D 1302 53.55 -24.52 -40.24
N PRO D 1303 52.50 -25.26 -39.86
CA PRO D 1303 51.19 -25.05 -40.50
C PRO D 1303 50.68 -23.63 -40.28
N GLY D 1304 50.02 -23.10 -41.30
CA GLY D 1304 49.49 -21.75 -41.25
C GLY D 1304 50.51 -20.67 -41.51
N SER D 1305 51.74 -21.01 -41.83
CA SER D 1305 52.77 -20.01 -42.09
C SER D 1305 52.49 -19.30 -43.42
N SER D 1306 53.02 -18.08 -43.52
CA SER D 1306 52.89 -17.32 -44.76
C SER D 1306 53.61 -18.04 -45.90
N ARG D 1307 53.00 -18.03 -47.08
CA ARG D 1307 53.57 -18.75 -48.21
C ARG D 1307 54.86 -18.11 -48.69
N LYS D 1308 54.93 -16.78 -48.68
CA LYS D 1308 56.14 -16.10 -49.14
C LYS D 1308 57.33 -16.42 -48.23
N SER D 1309 57.11 -16.41 -46.92
CA SER D 1309 58.13 -16.74 -45.93
C SER D 1309 57.57 -17.85 -45.05
N LYS D 1310 57.74 -19.09 -45.49
CA LYS D 1310 57.21 -20.23 -44.75
C LYS D 1310 58.05 -20.47 -43.50
N LYS D 1311 57.46 -20.23 -42.34
CA LYS D 1311 58.16 -20.35 -41.07
C LYS D 1311 58.63 -21.77 -40.83
N ARG D 1312 59.94 -21.98 -40.83
CA ARG D 1312 60.52 -23.26 -40.51
C ARG D 1312 60.89 -23.39 -39.04
N ALA D 1313 60.60 -22.36 -38.23
CA ALA D 1313 60.88 -22.38 -36.80
C ALA D 1313 59.67 -21.88 -36.04
N PHE D 1314 59.48 -22.44 -34.84
CA PHE D 1314 58.39 -22.05 -33.96
C PHE D 1314 58.83 -22.31 -32.52
N LYS D 1315 57.93 -22.02 -31.58
CA LYS D 1315 58.23 -22.18 -30.17
C LYS D 1315 57.07 -22.84 -29.45
N THR D 1316 57.38 -23.50 -28.34
CA THR D 1316 56.40 -24.05 -27.42
C THR D 1316 56.70 -23.53 -26.03
N GLN D 1317 55.66 -23.44 -25.20
CA GLN D 1317 55.80 -22.89 -23.87
C GLN D 1317 55.29 -23.88 -22.84
N CYS D 1318 55.90 -23.83 -21.65
CA CYS D 1318 55.50 -24.69 -20.54
C CYS D 1318 54.16 -24.19 -20.00
N THR D 1319 53.09 -24.93 -20.29
CA THR D 1319 51.76 -24.53 -19.89
C THR D 1319 51.62 -24.60 -18.37
N GLN D 1320 50.61 -23.90 -17.85
CA GLN D 1320 50.40 -23.85 -16.42
C GLN D 1320 50.04 -25.21 -15.84
N ASP D 1321 49.29 -26.03 -16.60
CA ASP D 1321 48.91 -27.35 -16.12
C ASP D 1321 50.07 -28.33 -16.11
N GLY D 1322 51.22 -27.97 -16.68
CA GLY D 1322 52.37 -28.84 -16.72
C GLY D 1322 52.66 -29.48 -18.06
N SER D 1323 51.89 -29.15 -19.10
CA SER D 1323 52.10 -29.69 -20.42
C SER D 1323 52.79 -28.65 -21.31
N TRP D 1324 52.93 -28.98 -22.59
CA TRP D 1324 53.54 -28.10 -23.58
C TRP D 1324 52.53 -27.80 -24.67
N GLN D 1325 52.53 -26.56 -25.16
CA GLN D 1325 51.57 -26.18 -26.18
C GLN D 1325 51.89 -26.89 -27.50
N GLU D 1326 50.86 -27.01 -28.34
CA GLU D 1326 50.95 -27.82 -29.54
C GLU D 1326 51.98 -27.26 -30.53
N GLY D 1327 52.66 -28.17 -31.22
CA GLY D 1327 53.61 -27.82 -32.25
C GLY D 1327 53.68 -28.86 -33.34
N ALA D 1328 53.74 -28.42 -34.59
CA ALA D 1328 53.72 -29.35 -35.72
C ALA D 1328 54.40 -28.69 -36.91
N CYS D 1329 54.70 -29.50 -37.93
CA CYS D 1329 55.27 -29.02 -39.17
C CYS D 1329 54.59 -29.75 -40.33
N VAL D 1330 53.96 -29.00 -41.23
CA VAL D 1330 53.32 -29.59 -42.40
C VAL D 1330 54.39 -29.87 -43.45
N PRO D 1331 54.17 -30.82 -44.36
CA PRO D 1331 55.22 -31.17 -45.34
C PRO D 1331 55.35 -30.16 -46.47
N VAL D 1332 54.81 -28.95 -46.29
CA VAL D 1332 54.78 -27.91 -47.32
C VAL D 1332 53.83 -28.35 -48.43
N THR D 1333 53.26 -27.39 -49.15
CA THR D 1333 52.28 -27.71 -50.19
C THR D 1333 52.44 -26.77 -51.36
N CYS D 1334 52.83 -27.31 -52.51
CA CYS D 1334 52.83 -26.54 -53.75
C CYS D 1334 51.41 -26.42 -54.29
N ASP D 1335 51.24 -25.52 -55.25
CA ASP D 1335 49.92 -25.29 -55.82
C ASP D 1335 49.46 -26.49 -56.65
N PRO D 1336 48.17 -26.81 -56.62
CA PRO D 1336 47.65 -27.90 -57.45
C PRO D 1336 47.79 -27.57 -58.93
N PRO D 1337 47.97 -28.57 -59.77
CA PRO D 1337 48.07 -28.32 -61.22
C PRO D 1337 46.78 -27.74 -61.76
N PRO D 1338 46.85 -27.02 -62.88
CA PRO D 1338 45.66 -26.33 -63.38
C PRO D 1338 44.57 -27.31 -63.72
N PRO D 1339 43.30 -26.90 -63.59
CA PRO D 1339 42.18 -27.81 -63.90
C PRO D 1339 42.10 -28.23 -65.35
N LYS D 1340 42.85 -27.59 -66.25
CA LYS D 1340 42.89 -28.04 -67.64
C LYS D 1340 43.43 -29.46 -67.75
N PHE D 1341 44.32 -29.85 -66.85
CA PHE D 1341 44.87 -31.19 -66.81
C PHE D 1341 44.14 -32.11 -65.84
N HIS D 1342 43.03 -31.64 -65.26
CA HIS D 1342 42.31 -32.42 -64.26
C HIS D 1342 41.86 -33.76 -64.83
N GLY D 1343 42.10 -34.83 -64.06
CA GLY D 1343 41.82 -36.17 -64.50
C GLY D 1343 42.86 -36.79 -65.40
N LEU D 1344 43.95 -36.08 -65.70
CA LEU D 1344 45.00 -36.59 -66.55
C LEU D 1344 46.35 -36.77 -65.86
N TYR D 1345 46.52 -36.22 -64.65
CA TYR D 1345 47.76 -36.32 -63.91
C TYR D 1345 47.52 -37.04 -62.59
N GLN D 1346 48.54 -37.78 -62.15
CA GLN D 1346 48.54 -38.44 -60.85
C GLN D 1346 49.73 -37.94 -60.04
N CYS D 1347 49.50 -37.67 -58.76
CA CYS D 1347 50.51 -37.15 -57.87
C CYS D 1347 50.90 -38.21 -56.85
N THR D 1348 52.22 -38.43 -56.72
CA THR D 1348 52.70 -39.44 -55.78
C THR D 1348 52.46 -38.99 -54.34
N ASN D 1349 52.84 -37.75 -54.01
CA ASN D 1349 52.69 -37.21 -52.66
C ASN D 1349 51.71 -36.04 -52.64
N GLY D 1350 50.70 -36.09 -53.50
CA GLY D 1350 49.76 -34.98 -53.58
C GLY D 1350 50.46 -33.72 -54.05
N PHE D 1351 50.25 -32.63 -53.31
CA PHE D 1351 50.90 -31.36 -53.59
C PHE D 1351 51.99 -31.03 -52.59
N GLN D 1352 52.42 -31.99 -51.79
CA GLN D 1352 53.42 -31.75 -50.76
C GLN D 1352 54.78 -31.44 -51.39
N PHE D 1353 55.76 -31.15 -50.54
CA PHE D 1353 57.10 -30.86 -51.00
C PHE D 1353 57.71 -32.10 -51.65
N ASN D 1354 58.40 -31.88 -52.78
CA ASN D 1354 59.02 -32.95 -53.56
C ASN D 1354 58.01 -33.96 -54.09
N SER D 1355 56.73 -33.60 -54.12
CA SER D 1355 55.72 -34.48 -54.69
C SER D 1355 55.89 -34.56 -56.20
N GLU D 1356 55.76 -35.78 -56.72
CA GLU D 1356 55.93 -36.04 -58.15
C GLU D 1356 54.56 -36.19 -58.78
N CYS D 1357 54.16 -35.21 -59.59
CA CYS D 1357 52.90 -35.26 -60.32
C CYS D 1357 53.22 -35.45 -61.81
N ARG D 1358 52.76 -36.57 -62.36
CA ARG D 1358 53.02 -36.90 -63.76
C ARG D 1358 51.70 -36.97 -64.51
N ILE D 1359 51.66 -36.34 -65.68
CA ILE D 1359 50.49 -36.38 -66.54
C ILE D 1359 50.65 -37.53 -67.54
N LYS D 1360 49.57 -38.26 -67.76
CA LYS D 1360 49.61 -39.43 -68.62
C LYS D 1360 49.40 -39.04 -70.07
N CYS D 1361 50.35 -39.41 -70.92
CA CYS D 1361 50.30 -39.11 -72.34
C CYS D 1361 50.77 -40.32 -73.13
N GLU D 1362 50.31 -40.43 -74.37
CA GLU D 1362 50.64 -41.53 -75.25
C GLU D 1362 51.07 -40.99 -76.61
N ASP D 1363 51.97 -41.73 -77.27
CA ASP D 1363 52.45 -41.38 -78.61
C ASP D 1363 53.05 -39.97 -78.63
N SER D 1364 53.81 -39.64 -77.59
CA SER D 1364 54.51 -38.36 -77.50
C SER D 1364 55.94 -38.66 -77.07
N ASP D 1365 56.81 -38.86 -78.04
CA ASP D 1365 58.19 -39.24 -77.78
C ASP D 1365 58.96 -38.08 -77.13
N ALA D 1366 59.91 -38.44 -76.27
CA ALA D 1366 60.74 -37.45 -75.60
C ALA D 1366 61.88 -36.92 -76.48
N SER D 1367 62.15 -37.57 -77.61
CA SER D 1367 63.20 -37.09 -78.50
C SER D 1367 62.86 -35.75 -79.12
N GLN D 1368 61.56 -35.50 -79.39
CA GLN D 1368 61.15 -34.21 -79.95
C GLN D 1368 61.30 -33.07 -78.96
N GLY D 1369 61.33 -33.37 -77.66
CA GLY D 1369 61.49 -32.34 -76.65
C GLY D 1369 60.34 -31.36 -76.56
N LEU D 1370 59.11 -31.86 -76.61
CA LEU D 1370 57.92 -31.01 -76.49
C LEU D 1370 57.51 -30.82 -75.03
N GLY D 1371 58.47 -30.42 -74.21
CA GLY D 1371 58.22 -30.22 -72.80
C GLY D 1371 58.38 -31.48 -71.98
N SER D 1372 57.96 -31.39 -70.72
CA SER D 1372 58.05 -32.49 -69.78
C SER D 1372 56.68 -32.79 -69.21
N ASN D 1373 56.43 -34.08 -68.95
CA ASN D 1373 55.16 -34.54 -68.41
C ASN D 1373 55.19 -34.77 -66.90
N VAL D 1374 56.31 -34.50 -66.25
CA VAL D 1374 56.48 -34.76 -64.82
C VAL D 1374 56.92 -33.47 -64.14
N ILE D 1375 56.29 -33.15 -63.01
CA ILE D 1375 56.60 -31.97 -62.23
C ILE D 1375 56.88 -32.39 -60.79
N HIS D 1376 57.74 -31.63 -60.13
CA HIS D 1376 58.16 -31.93 -58.76
C HIS D 1376 58.13 -30.64 -57.94
N CYS D 1377 57.50 -30.71 -56.77
CA CYS D 1377 57.40 -29.54 -55.90
C CYS D 1377 58.76 -29.22 -55.29
N ARG D 1378 59.00 -27.93 -55.08
CA ARG D 1378 60.28 -27.44 -54.57
C ARG D 1378 60.11 -26.85 -53.18
N LYS D 1379 61.24 -26.46 -52.58
CA LYS D 1379 61.23 -25.91 -51.23
C LYS D 1379 60.48 -24.59 -51.18
N ASP D 1380 60.70 -23.72 -52.17
CA ASP D 1380 60.12 -22.38 -52.15
C ASP D 1380 58.61 -22.39 -52.30
N GLY D 1381 58.02 -23.48 -52.76
CA GLY D 1381 56.59 -23.58 -52.94
C GLY D 1381 56.11 -23.60 -54.38
N THR D 1382 56.94 -24.04 -55.33
CA THR D 1382 56.56 -24.14 -56.73
C THR D 1382 57.04 -25.46 -57.30
N TRP D 1383 56.43 -25.85 -58.41
CA TRP D 1383 56.80 -27.09 -59.09
C TRP D 1383 58.01 -26.85 -59.97
N ASN D 1384 58.95 -27.81 -59.96
CA ASN D 1384 60.18 -27.66 -60.74
C ASN D 1384 59.88 -27.62 -62.23
N GLY D 1385 58.82 -28.30 -62.68
CA GLY D 1385 58.42 -28.29 -64.07
C GLY D 1385 56.97 -27.89 -64.21
N SER D 1386 56.51 -27.88 -65.46
CA SER D 1386 55.13 -27.54 -65.79
C SER D 1386 54.56 -28.59 -66.72
N PHE D 1387 53.28 -28.91 -66.54
CA PHE D 1387 52.62 -29.85 -67.43
C PHE D 1387 52.45 -29.23 -68.81
N HIS D 1388 52.72 -30.04 -69.84
CA HIS D 1388 52.65 -29.60 -71.23
C HIS D 1388 51.48 -30.29 -71.92
N VAL D 1389 50.78 -29.53 -72.76
CA VAL D 1389 49.63 -30.06 -73.48
C VAL D 1389 50.11 -31.07 -74.52
N CYS D 1390 49.59 -32.28 -74.43
CA CYS D 1390 49.95 -33.33 -75.37
C CYS D 1390 49.04 -33.30 -76.59
N GLN D 1391 49.44 -34.04 -77.63
CA GLN D 1391 48.76 -33.97 -78.91
C GLN D 1391 47.41 -34.70 -78.89
N GLU D 1392 47.26 -35.71 -78.03
CA GLU D 1392 46.06 -36.54 -78.03
C GLU D 1392 44.97 -35.95 -77.13
N MET D 1393 44.64 -34.69 -77.40
CA MET D 1393 43.56 -34.00 -76.67
C MET D 1393 42.97 -32.97 -77.62
N GLN D 1394 41.83 -33.32 -78.23
CA GLN D 1394 41.16 -32.43 -79.17
C GLN D 1394 39.70 -32.84 -79.28
N GLY D 1395 38.89 -31.93 -79.84
CA GLY D 1395 37.49 -32.18 -80.09
C GLY D 1395 36.63 -31.09 -79.49
N GLN D 1396 35.33 -31.35 -79.45
CA GLN D 1396 34.34 -30.44 -78.89
C GLN D 1396 33.68 -31.11 -77.68
N CYS D 1397 32.66 -30.44 -77.14
CA CYS D 1397 31.95 -30.93 -75.98
C CYS D 1397 30.45 -30.99 -76.27
N SER D 1398 29.76 -31.91 -75.61
CA SER D 1398 28.33 -32.06 -75.80
C SER D 1398 27.59 -30.88 -75.20
N VAL D 1399 26.43 -30.57 -75.77
CA VAL D 1399 25.59 -29.50 -75.24
C VAL D 1399 25.04 -29.93 -73.88
N PRO D 1400 25.21 -29.13 -72.83
CA PRO D 1400 24.73 -29.55 -71.50
C PRO D 1400 23.21 -29.37 -71.36
N ASN D 1401 22.47 -30.22 -72.07
CA ASN D 1401 21.01 -30.16 -71.97
C ASN D 1401 20.52 -30.55 -70.59
N GLU D 1402 21.30 -31.34 -69.85
CA GLU D 1402 20.97 -31.60 -68.45
C GLU D 1402 21.31 -30.38 -67.61
N LEU D 1403 20.32 -29.85 -66.90
CA LEU D 1403 20.49 -28.63 -66.15
C LEU D 1403 19.40 -28.54 -65.09
N ASN D 1404 19.73 -27.95 -63.94
CA ASN D 1404 18.74 -27.69 -62.92
C ASN D 1404 17.83 -26.55 -63.37
N SER D 1405 16.65 -26.45 -62.74
CA SER D 1405 15.67 -25.45 -63.13
C SER D 1405 16.23 -24.05 -62.96
N ASN D 1406 16.82 -23.76 -61.80
CA ASN D 1406 17.42 -22.45 -61.58
C ASN D 1406 18.77 -22.33 -62.28
N LEU D 1407 19.52 -23.42 -62.38
CA LEU D 1407 20.84 -23.37 -62.98
C LEU D 1407 20.76 -23.11 -64.47
N LYS D 1408 21.64 -22.23 -64.96
CA LYS D 1408 21.76 -21.91 -66.37
C LYS D 1408 23.23 -21.89 -66.75
N LEU D 1409 23.50 -22.25 -68.01
CA LEU D 1409 24.86 -22.32 -68.53
C LEU D 1409 24.94 -21.41 -69.75
N GLN D 1410 25.75 -20.35 -69.66
CA GLN D 1410 25.97 -19.43 -70.75
C GLN D 1410 27.31 -19.73 -71.38
N CYS D 1411 27.32 -19.96 -72.69
CA CYS D 1411 28.49 -20.44 -73.42
C CYS D 1411 28.80 -19.52 -74.59
N PRO D 1412 29.41 -18.36 -74.31
CA PRO D 1412 29.91 -17.53 -75.43
C PRO D 1412 30.98 -18.22 -76.25
N ASP D 1413 31.75 -19.12 -75.64
CA ASP D 1413 32.82 -19.85 -76.31
C ASP D 1413 32.32 -21.13 -76.97
N GLY D 1414 31.01 -21.28 -77.15
CA GLY D 1414 30.48 -22.49 -77.75
C GLY D 1414 30.58 -23.68 -76.82
N TYR D 1415 30.81 -24.86 -77.41
CA TYR D 1415 30.89 -26.11 -76.67
C TYR D 1415 32.15 -26.87 -77.05
N ALA D 1416 33.28 -26.18 -77.05
CA ALA D 1416 34.56 -26.79 -77.36
C ALA D 1416 35.19 -27.39 -76.10
N ILE D 1417 36.12 -28.31 -76.31
CA ILE D 1417 36.85 -28.91 -75.20
C ILE D 1417 37.80 -27.87 -74.61
N GLY D 1418 37.72 -27.67 -73.31
CA GLY D 1418 38.49 -26.65 -72.63
C GLY D 1418 37.80 -25.30 -72.53
N SER D 1419 36.73 -25.08 -73.30
CA SER D 1419 35.98 -23.84 -73.20
C SER D 1419 35.24 -23.78 -71.87
N GLU D 1420 35.19 -22.59 -71.29
CA GLU D 1420 34.56 -22.37 -70.00
C GLU D 1420 33.15 -21.82 -70.20
N CYS D 1421 32.16 -22.58 -69.76
CA CYS D 1421 30.77 -22.15 -69.81
C CYS D 1421 30.38 -21.61 -68.44
N ALA D 1422 29.97 -20.35 -68.40
CA ALA D 1422 29.64 -19.71 -67.14
C ALA D 1422 28.37 -20.30 -66.54
N THR D 1423 28.40 -20.56 -65.24
CA THR D 1423 27.26 -21.09 -64.51
C THR D 1423 26.59 -19.94 -63.76
N SER D 1424 25.29 -19.76 -64.00
CA SER D 1424 24.52 -18.69 -63.37
C SER D 1424 23.19 -19.25 -62.89
N CYS D 1425 22.39 -18.39 -62.28
CA CYS D 1425 21.07 -18.76 -61.78
C CYS D 1425 20.04 -17.75 -62.25
N LEU D 1426 18.80 -18.22 -62.42
CA LEU D 1426 17.72 -17.32 -62.81
C LEU D 1426 17.50 -16.24 -61.77
N ASP D 1427 17.52 -16.62 -60.49
CA ASP D 1427 17.46 -15.65 -59.42
C ASP D 1427 18.83 -15.01 -59.22
N HIS D 1428 18.88 -13.67 -59.23
CA HIS D 1428 20.15 -12.97 -59.12
C HIS D 1428 20.80 -13.21 -57.77
N ASN D 1429 20.01 -13.49 -56.74
CA ASN D 1429 20.53 -13.79 -55.40
C ASN D 1429 20.59 -15.28 -55.15
N SER D 1430 20.90 -16.07 -56.18
CA SER D 1430 21.10 -17.50 -56.06
C SER D 1430 22.47 -17.86 -56.63
N GLU D 1431 23.16 -18.79 -55.97
CA GLU D 1431 24.51 -19.17 -56.35
C GLU D 1431 24.53 -20.62 -56.83
N SER D 1432 25.25 -20.86 -57.92
CA SER D 1432 25.43 -22.21 -58.45
C SER D 1432 26.57 -22.87 -57.68
N ILE D 1433 26.25 -23.93 -56.93
CA ILE D 1433 27.22 -24.61 -56.09
C ILE D 1433 27.08 -26.12 -56.29
N ILE D 1434 28.06 -26.85 -55.78
CA ILE D 1434 28.06 -28.31 -55.76
C ILE D 1434 28.01 -28.74 -54.31
N LEU D 1435 26.90 -29.37 -53.91
CA LEU D 1435 26.82 -29.94 -52.59
C LEU D 1435 27.50 -31.30 -52.55
N PRO D 1436 28.02 -31.70 -51.39
CA PRO D 1436 28.57 -33.06 -51.26
C PRO D 1436 27.47 -34.09 -51.51
N MET D 1437 27.89 -35.26 -52.01
CA MET D 1437 26.94 -36.30 -52.39
C MET D 1437 26.10 -36.78 -51.20
N ASN D 1438 26.57 -36.54 -49.98
CA ASN D 1438 25.82 -36.92 -48.78
C ASN D 1438 24.89 -35.82 -48.28
N VAL D 1439 24.90 -34.64 -48.91
CA VAL D 1439 24.07 -33.52 -48.49
C VAL D 1439 23.29 -33.01 -49.70
N THR D 1440 21.97 -32.93 -49.56
CA THR D 1440 21.11 -32.46 -50.62
C THR D 1440 20.71 -31.00 -50.38
N VAL D 1441 19.88 -30.48 -51.27
CA VAL D 1441 19.47 -29.08 -51.21
C VAL D 1441 18.71 -28.76 -49.93
N ARG D 1442 18.15 -29.76 -49.27
CA ARG D 1442 17.44 -29.57 -48.01
C ARG D 1442 18.17 -30.22 -46.83
N ASP D 1443 19.48 -30.47 -46.97
CA ASP D 1443 20.25 -31.15 -45.93
C ASP D 1443 21.54 -30.42 -45.59
N ILE D 1444 21.61 -29.11 -45.84
CA ILE D 1444 22.83 -28.35 -45.58
C ILE D 1444 22.92 -27.99 -44.10
N PRO D 1445 23.95 -28.43 -43.39
CA PRO D 1445 24.16 -27.92 -42.04
C PRO D 1445 24.58 -26.46 -42.06
N HIS D 1446 24.28 -25.76 -40.96
CA HIS D 1446 24.60 -24.34 -40.90
C HIS D 1446 26.10 -24.07 -40.96
N TRP D 1447 26.93 -25.06 -40.63
CA TRP D 1447 28.37 -24.91 -40.71
C TRP D 1447 28.95 -25.32 -42.05
N LEU D 1448 28.13 -25.85 -42.96
CA LEU D 1448 28.61 -26.29 -44.26
C LEU D 1448 28.78 -25.09 -45.19
N ASN D 1449 29.89 -25.07 -45.93
CA ASN D 1449 30.20 -24.02 -46.90
C ASN D 1449 30.42 -24.67 -48.25
N PRO D 1450 29.38 -24.88 -49.05
CA PRO D 1450 29.56 -25.49 -50.37
C PRO D 1450 30.44 -24.63 -51.27
N THR D 1451 31.21 -25.29 -52.11
CA THR D 1451 32.07 -24.58 -53.05
C THR D 1451 31.23 -23.87 -54.11
N ARG D 1452 31.62 -22.64 -54.43
CA ARG D 1452 30.90 -21.84 -55.40
C ARG D 1452 31.39 -22.16 -56.81
N VAL D 1453 30.46 -22.40 -57.72
CA VAL D 1453 30.77 -22.74 -59.10
C VAL D 1453 30.47 -21.53 -59.98
N GLU D 1454 31.48 -21.09 -60.74
CA GLU D 1454 31.33 -19.97 -61.64
C GLU D 1454 31.36 -20.37 -63.11
N ARG D 1455 32.07 -21.44 -63.45
CA ARG D 1455 32.16 -21.90 -64.83
C ARG D 1455 32.54 -23.38 -64.83
N VAL D 1456 32.30 -24.01 -65.97
CA VAL D 1456 32.62 -25.42 -66.19
C VAL D 1456 33.54 -25.52 -67.40
N VAL D 1457 34.59 -26.34 -67.26
CA VAL D 1457 35.58 -26.55 -68.31
C VAL D 1457 35.49 -28.01 -68.74
N CYS D 1458 35.04 -28.23 -69.98
CA CYS D 1458 34.89 -29.59 -70.47
C CYS D 1458 36.25 -30.27 -70.63
N THR D 1459 36.32 -31.53 -70.23
CA THR D 1459 37.55 -32.30 -70.36
C THR D 1459 37.58 -33.01 -71.72
N ALA D 1460 38.56 -33.88 -71.90
CA ALA D 1460 38.71 -34.61 -73.16
C ALA D 1460 37.75 -35.79 -73.27
N GLY D 1461 37.00 -36.10 -72.22
CA GLY D 1461 36.11 -37.24 -72.23
C GLY D 1461 34.71 -36.93 -72.74
N LEU D 1462 34.57 -35.79 -73.43
CA LEU D 1462 33.30 -35.35 -74.01
C LEU D 1462 32.23 -35.11 -72.96
N LYS D 1463 32.63 -34.88 -71.71
CA LYS D 1463 31.72 -34.62 -70.61
C LYS D 1463 32.10 -33.33 -69.90
N TRP D 1464 31.10 -32.55 -69.51
CA TRP D 1464 31.34 -31.30 -68.82
C TRP D 1464 31.87 -31.57 -67.41
N TYR D 1465 32.91 -30.84 -67.02
CA TYR D 1465 33.45 -30.94 -65.67
C TYR D 1465 33.60 -29.52 -65.12
N PRO D 1466 32.95 -29.19 -64.00
CA PRO D 1466 32.04 -30.04 -63.20
C PRO D 1466 30.74 -30.33 -63.93
N HIS D 1467 30.17 -31.51 -63.71
CA HIS D 1467 28.98 -31.91 -64.45
C HIS D 1467 27.80 -31.02 -64.08
N PRO D 1468 27.03 -30.53 -65.05
CA PRO D 1468 25.88 -29.67 -64.71
C PRO D 1468 24.85 -30.35 -63.83
N ALA D 1469 24.71 -31.68 -63.94
CA ALA D 1469 23.78 -32.38 -63.06
C ALA D 1469 24.20 -32.28 -61.61
N LEU D 1470 25.51 -32.41 -61.33
CA LEU D 1470 26.00 -32.28 -59.98
C LEU D 1470 25.92 -30.85 -59.45
N ILE D 1471 25.84 -29.87 -60.34
CA ILE D 1471 25.77 -28.46 -59.97
C ILE D 1471 24.30 -28.06 -59.85
N HIS D 1472 23.99 -27.28 -58.81
CA HIS D 1472 22.63 -26.77 -58.67
C HIS D 1472 22.69 -25.40 -58.03
N CYS D 1473 21.66 -24.60 -58.30
CA CYS D 1473 21.57 -23.24 -57.79
C CYS D 1473 20.78 -23.23 -56.49
N VAL D 1474 21.42 -22.76 -55.42
CA VAL D 1474 20.81 -22.62 -54.12
C VAL D 1474 20.63 -21.14 -53.83
N LYS D 1475 19.47 -20.78 -53.29
CA LYS D 1475 19.18 -19.39 -52.96
C LYS D 1475 20.25 -18.83 -52.04
N GLY D 1476 20.79 -17.67 -52.41
CA GLY D 1476 21.83 -17.04 -51.63
C GLY D 1476 21.27 -16.29 -50.44
N CYS D 1477 22.17 -15.59 -49.75
CA CYS D 1477 21.83 -14.84 -48.56
C CYS D 1477 21.83 -13.34 -48.85
N GLU D 1478 20.97 -12.62 -48.13
CA GLU D 1478 20.71 -11.23 -48.43
C GLU D 1478 21.95 -10.37 -48.17
N PRO D 1479 22.03 -9.19 -48.81
CA PRO D 1479 23.13 -8.27 -48.53
C PRO D 1479 23.11 -7.68 -47.13
N PHE D 1480 22.20 -8.13 -46.27
CA PHE D 1480 22.10 -7.68 -44.88
C PHE D 1480 23.22 -8.22 -44.00
N MET D 1481 24.30 -8.83 -44.49
CA MET D 1481 25.37 -9.23 -43.58
C MET D 1481 26.03 -8.00 -42.97
N GLY D 1482 26.26 -8.05 -41.66
CA GLY D 1482 26.91 -6.95 -40.98
C GLY D 1482 26.05 -5.73 -40.73
N ASP D 1483 24.74 -5.83 -40.86
CA ASP D 1483 23.85 -4.70 -40.62
C ASP D 1483 23.23 -4.72 -39.23
N ASN D 1484 23.73 -5.58 -38.34
CA ASN D 1484 23.23 -5.74 -36.97
C ASN D 1484 21.84 -6.35 -36.93
N TYR D 1485 21.26 -6.63 -38.10
CA TYR D 1485 19.96 -7.27 -38.19
C TYR D 1485 20.18 -8.77 -38.34
N CYS D 1486 19.78 -9.54 -37.32
CA CYS D 1486 19.98 -10.98 -37.31
C CYS D 1486 18.82 -11.65 -38.04
N ASP D 1487 19.03 -11.93 -39.32
CA ASP D 1487 18.11 -12.72 -40.12
C ASP D 1487 18.68 -14.13 -40.33
N ALA D 1488 17.77 -15.11 -40.36
CA ALA D 1488 18.21 -16.51 -40.40
C ALA D 1488 18.92 -16.85 -41.71
N ILE D 1489 18.52 -16.21 -42.81
CA ILE D 1489 19.08 -16.58 -44.11
C ILE D 1489 20.56 -16.28 -44.17
N ASN D 1490 20.97 -15.09 -43.71
CA ASN D 1490 22.38 -14.72 -43.77
C ASN D 1490 23.21 -15.46 -42.73
N ASN D 1491 22.58 -15.90 -41.64
CA ASN D 1491 23.30 -16.55 -40.55
C ASN D 1491 23.70 -17.96 -40.95
N ARG D 1492 24.68 -18.06 -41.85
CA ARG D 1492 25.15 -19.33 -42.35
C ARG D 1492 26.65 -19.25 -42.61
N ALA D 1493 27.31 -20.41 -42.57
CA ALA D 1493 28.74 -20.45 -42.87
C ALA D 1493 29.03 -20.02 -44.30
N PHE D 1494 28.03 -20.05 -45.18
CA PHE D 1494 28.24 -19.64 -46.57
C PHE D 1494 28.60 -18.16 -46.66
N CYS D 1495 27.94 -17.31 -45.87
CA CYS D 1495 28.26 -15.88 -45.83
C CYS D 1495 28.45 -15.43 -44.38
N ASN D 1496 29.67 -15.66 -43.86
CA ASN D 1496 30.19 -15.01 -42.66
C ASN D 1496 29.22 -15.02 -41.49
N TYR D 1497 28.29 -15.96 -41.48
CA TYR D 1497 27.25 -16.05 -40.46
C TYR D 1497 26.57 -14.69 -40.26
N ASP D 1498 25.98 -14.18 -41.34
CA ASP D 1498 25.30 -12.88 -41.33
C ASP D 1498 26.27 -11.74 -40.99
N GLY D 1499 27.55 -11.94 -41.22
CA GLY D 1499 28.53 -10.94 -40.82
C GLY D 1499 28.59 -10.72 -39.33
N GLY D 1500 28.11 -11.67 -38.54
CA GLY D 1500 28.12 -11.55 -37.10
C GLY D 1500 26.93 -10.84 -36.50
N ASP D 1501 25.85 -10.65 -37.27
CA ASP D 1501 24.67 -9.98 -36.73
C ASP D 1501 23.87 -10.87 -35.78
N CYS D 1502 24.06 -12.18 -35.84
CA CYS D 1502 23.29 -13.12 -35.02
C CYS D 1502 24.04 -13.58 -33.78
N CYS D 1503 25.25 -13.07 -33.54
CA CYS D 1503 26.00 -13.38 -32.33
C CYS D 1503 26.24 -12.08 -31.56
N THR D 1504 25.92 -12.10 -30.26
CA THR D 1504 26.02 -10.89 -29.46
C THR D 1504 27.46 -10.41 -29.36
N SER D 1505 28.41 -11.33 -29.18
CA SER D 1505 29.81 -10.94 -29.05
C SER D 1505 30.36 -10.37 -30.36
N THR D 1506 29.79 -10.77 -31.50
CA THR D 1506 30.31 -10.34 -32.79
C THR D 1506 29.67 -9.04 -33.28
N VAL D 1507 28.37 -8.84 -33.01
CA VAL D 1507 27.69 -7.65 -33.48
C VAL D 1507 28.29 -6.42 -32.81
N LYS D 1508 28.53 -5.37 -33.60
CA LYS D 1508 29.19 -4.19 -33.08
C LYS D 1508 28.36 -3.50 -32.01
N THR D 1509 27.04 -3.67 -32.03
CA THR D 1509 26.19 -3.11 -30.99
C THR D 1509 26.22 -3.94 -29.71
N LYS D 1510 26.87 -5.10 -29.73
CA LYS D 1510 26.96 -5.99 -28.57
C LYS D 1510 25.56 -6.39 -28.08
N LYS D 1511 24.63 -6.50 -29.02
CA LYS D 1511 23.27 -6.94 -28.76
C LYS D 1511 22.63 -7.33 -30.07
N VAL D 1512 21.91 -8.45 -30.08
CA VAL D 1512 21.36 -9.03 -31.30
C VAL D 1512 19.88 -8.70 -31.38
N THR D 1513 19.49 -8.05 -32.47
CA THR D 1513 18.07 -7.83 -32.76
C THR D 1513 17.64 -8.70 -33.94
N PRO D 1514 16.79 -9.69 -33.72
CA PRO D 1514 16.36 -10.54 -34.84
C PRO D 1514 15.48 -9.78 -35.81
N PHE D 1515 15.58 -10.14 -37.09
CA PHE D 1515 14.79 -9.54 -38.16
C PHE D 1515 13.97 -10.60 -38.86
N PRO D 1516 12.67 -10.71 -38.57
CA PRO D 1516 11.88 -9.93 -37.60
C PRO D 1516 12.12 -10.38 -36.17
N MET D 1517 11.60 -9.64 -35.18
CA MET D 1517 11.83 -10.03 -33.79
C MET D 1517 11.12 -11.33 -33.44
N SER D 1518 10.13 -11.74 -34.24
CA SER D 1518 9.44 -13.00 -34.00
C SER D 1518 10.37 -14.19 -34.13
N CYS D 1519 11.47 -14.06 -34.86
CA CYS D 1519 12.46 -15.12 -34.95
C CYS D 1519 13.04 -15.40 -33.56
N ASP D 1520 13.11 -16.67 -33.19
CA ASP D 1520 13.58 -17.04 -31.87
C ASP D 1520 15.08 -16.77 -31.75
N LEU D 1521 15.48 -16.16 -30.64
CA LEU D 1521 16.89 -15.90 -30.38
C LEU D 1521 17.67 -17.17 -30.11
N GLN D 1522 16.99 -18.30 -29.89
CA GLN D 1522 17.64 -19.59 -29.71
C GLN D 1522 17.41 -20.55 -30.87
N GLY D 1523 16.62 -20.15 -31.87
CA GLY D 1523 16.37 -20.99 -33.02
C GLY D 1523 17.34 -20.74 -34.16
N ASP D 1524 16.82 -20.50 -35.36
CA ASP D 1524 17.69 -20.22 -36.50
C ASP D 1524 18.39 -18.88 -36.35
N CYS D 1525 17.89 -17.99 -35.50
CA CYS D 1525 18.52 -16.70 -35.25
C CYS D 1525 19.54 -16.78 -34.11
N ALA D 1526 19.77 -17.95 -33.54
CA ALA D 1526 20.76 -18.10 -32.49
C ALA D 1526 22.17 -17.93 -33.06
N CYS D 1527 23.12 -17.67 -32.15
CA CYS D 1527 24.51 -17.53 -32.55
C CYS D 1527 25.02 -18.84 -33.13
N ARG D 1528 25.25 -18.86 -34.44
CA ARG D 1528 25.71 -20.06 -35.14
C ARG D 1528 27.20 -20.05 -35.42
N ASP D 1529 27.93 -19.02 -34.97
CA ASP D 1529 29.34 -18.89 -35.26
C ASP D 1529 30.14 -19.61 -34.17
N PRO D 1530 30.82 -20.70 -34.47
CA PRO D 1530 31.63 -21.38 -33.44
C PRO D 1530 32.75 -20.54 -32.89
N GLN D 1531 33.34 -19.65 -33.71
CA GLN D 1531 34.45 -18.83 -33.26
C GLN D 1531 34.01 -17.79 -32.24
N ALA D 1532 32.72 -17.53 -32.12
CA ALA D 1532 32.24 -16.57 -31.13
C ALA D 1532 32.49 -17.07 -29.72
N GLN D 1533 32.71 -16.13 -28.80
CA GLN D 1533 32.97 -16.50 -27.41
C GLN D 1533 31.77 -17.17 -26.78
N GLU D 1534 30.56 -16.90 -27.27
CA GLU D 1534 29.37 -17.57 -26.74
C GLU D 1534 29.44 -19.07 -26.96
N HIS D 1535 29.89 -19.50 -28.14
CA HIS D 1535 30.09 -20.92 -28.38
C HIS D 1535 31.23 -21.47 -27.52
N SER D 1536 32.25 -20.67 -27.27
CA SER D 1536 33.38 -21.09 -26.44
C SER D 1536 32.97 -21.21 -24.98
#